data_8P82
#
_entry.id   8P82
#
_cell.length_a   1.00
_cell.length_b   1.00
_cell.length_c   1.00
_cell.angle_alpha   90.00
_cell.angle_beta   90.00
_cell.angle_gamma   90.00
#
_symmetry.space_group_name_H-M   'P 1'
#
loop_
_entity.id
_entity.type
_entity.pdbx_description
1 polymer 'E3 ubiquitin-protein ligase UBR5'
2 non-polymer 'ZINC ION'
#
_entity_poly.entity_id   1
_entity_poly.type   'polypeptide(L)'
_entity_poly.pdbx_seq_one_letter_code
;MDYKDDDDKLAAANSSIDLISTSLYKKAGFRTMTSIHFVVHPLPGTEDQLNDRLREVSEKLNKYNLNSHPPLNVLEQATI
KQCVVGPNHAAFLLEDGRVCRIGFSVQPDRLELGKPDNNDGSKLNSNSGAGRTSRPGRTSDSPWFLSGSETLGRLAGNTL
GSRWSSGVGGSGGGSSGRSSAGARDSRRQTRVIRTGRDRGSGLLGSQPQPVIPASVIPEELISQAQVVLQGKSRSVIIRE
LQRTNLDVNLAVNNLLSRDDEDGDDGDDTASESYLPGEDLMSLLDADIHSAHPSVIIDADAMFSEDISYFGYPSFRRSSL
SRLGSSRVLLLPLERDSELLRERESVLRLRERRWLDGASFDNERGSTSKEGEPNLDKKNTPVQSPVSLGEDLQWWPDKDG
TKFICIGALYSELLAVSSKGELYQWKWSESEPYRNAQNPSLHHPRATFLGLTNEKIVLLSANSIRATVATENNKVATWVD
ETLSSVASKLEHTAQTYSELQGERIVSLHCCALYTCAQLENSLYWWGVVPFSQRKKMLEKARAKNKKPKSSAGISSMPNI
TVGTQVCLRNNPLYHAGAVAFSISAGIPKVGVLMESVWNMNDSCRFQLRSPESLKNMEKASKTTEAKPESKQEPVKTEMG
PPPSPASTCSDASSIASSASMPYKRRRSTPAPKEEEKVNEEQWSLREVVFVEDVKNVPVGKVLKVDGAYVAVKFPGTSSN
TNCQNSSGPDADPSSLLQDCRLLRIDELQVVKTGGTPKVPDCFQRTPKKLCIPEKTEILAVNVDSKGVHAVLKTGNWVRY
CIFDLATGKAEQENNFPTSSIAFLGQNERNVAIFTAGQESPIILRDGNGTIYPMAKDCMGGIRDPDWLDLPPISSLGMGV
HSLINLPANSTIKKKAAVIIMAVEKQTLMQHILRCDYEACRQYLMNLEQAVVLEQNLQMLQTFISHRCDGNRNILHACVS
VCFPTSNKETKEEEEAERSERNTFAERLSAVEAIANAISVVSSNGPGNRAGSSSSRSLRLREMMRRSLRAAGLGRHEAGA
SSSDHQDPVSPPIAPPSWVPDPPAMDPDGDIDFILAPAVGSLTTAATGTGQGPSTSTIPGPSTEPSVVESKDRKANAHFI
LKLLCDSVVLQPYLRELLSAKDARGMTPFMSAVSGRAYPAAITILETAQKIAKAEISSSEKEEDVFMGMVCPSGTNPDDS
PLYVLCCNDTCSFTWTGAEHINQDIFECRTCGLLESLCCCTECARVCHKGHDCKLKRTSPTAYCDCWEKCKCKTLIAGQK
SARLDLLYRLLTATNLVTLPNSRGEHLLLFLVQTVARQTVEHCQYRPPRIREDRNRKTASPEDSDMPDHDLEPPRFAQLA
LERVLQDWNALKSMIMFGSQENKDPLSASSRIGHLLPEEQVYLNQQSGTIRLDCFTHCLIVKCTADILLLDTLLGTLVKE
LQNKYTPGRREEAIAVTMRFLRSVARVFVILSVEMASSKKKNNFIPQPIGKCKRVFQALLPYAVEELCNVAESLIVPVRM
GIARPTAPFTLASTSIDAMQGSEELFSVEPLPPRPSSDQSSSSSQSQSSYIIRNPQQRRISQSQPVRGRDEEQDDIVSAD
VEEVEVVEGVAGEEDHHDEQEEHGEENAEAEGQHDEHDEDGSDMELDLLAAAETESDSESNHSNQDNASGRRSVVTAATA
GSEAGASSVPAFFSEDDSQSNDSSDSDSSSSQSDDIEQETFMLDEPLERTTNSSHANGAAQAPRSMQWAVRNTQHQRAAS
TAPSSTSTPAASSAGLIYIDPSNLRRSGTISTSAAAAAAALEASNASSYLTSASSLARAYSIVIRQISDLMGLIPKYNHL
VYSQIPAAVKLTYQDAVNLQNYVEEKLIPTWNWMVSIMDSTEAQLRYGSALASAGDPGHPNHPLHASQNSARRERMTARE
EASLRTLEGRRRATLLSARQGMMSARGDFLNYALSLMRSHNDEHSDVLPVLDVCSLKHVAYVFQALIYWIKAMNQQTTLD
TPQLERKRTRELLELGIDNEDSEHENDDDTNQSATLNDKDDDSLPAETGQNHPFFRRSDSMTFLGCIPPNPFEVPLAEAI
PLADQPHLLQPNARKEDLFGRPSQGLYSSSASSGKCLMEVTVDRNCLEVLPTKMSYAANLKNVMNMQNRQKKEGEEQPVL
PEETESSKPGPSAHDLAAQLKSSLLAEIGLTESEGPPLTSFRPQCSFMGMVISHDMLLGRWRLSLELFGRVFMEDVGAEP
GSILTELGGFEVKESKFRREMEKLRNQQSRDLSLEVDRDRDLLIQQTMRQLNNHFGRRCATTPMAVHRVKVTFKDEPGEG
SGVARSFYTAIAQAFLSNEKLPNLECIQNANKGTHTSLMQRLRNRGERDREREREREMRRSSGLRAGSRRDRDRDFRRQL
SIDTRPFRPASEGNPSDDPEPLPAHRQALGERLYPRVQAMQPAFASKITGMLLELSPAQLLLLLASEDSLRARVDEAMEL
IIAHGRENGADSILDLGLVDSSEKVQQENRKRHGSSRSVVDMDLDDTDDGDDNAPLFYQPGKRGFYTPRPGKNTEARLNC
FRNIGRILGLCLLQNELCPITLNRHVIKVLLGRKVNWHDFAFFDPVMYESLRQLILASQSSDADAVFSAMDLAFAIDLCK
EEGGGQVELIPNGVNIPVTPQNVYEYVRKYAEHRMLVVAEQPLHAMRKGLLDVLPKNSLEDLTAEDFRLLVNGCGEVNVQ
MLISFTSFNDESGENAEKLLQFKRWFWSIVEKMSMTERQDLVYFWTSSPSLPASEEGFQPMPSITIRPPDDQHLPTANTC
ISRLYVPLYSSKQILKQKLLLAIKTKNFGFV
;
_entity_poly.pdbx_strand_id   A,B
#
loop_
_chem_comp.id
_chem_comp.type
_chem_comp.name
_chem_comp.formula
ZN non-polymer 'ZINC ION' 'Zn 2'
#
# COMPACT_ATOMS: atom_id res chain seq x y z
N MET A 33 -72.10 55.29 -21.86
CA MET A 33 -71.72 56.29 -22.90
C MET A 33 -70.27 56.11 -23.33
N THR A 34 -69.96 56.55 -24.55
CA THR A 34 -68.62 56.42 -25.11
C THR A 34 -68.16 57.77 -25.64
N SER A 35 -66.87 57.84 -25.95
CA SER A 35 -66.27 59.04 -26.54
C SER A 35 -65.47 58.64 -27.78
N ILE A 36 -65.37 59.55 -28.74
CA ILE A 36 -64.70 59.27 -30.01
C ILE A 36 -63.38 60.05 -30.06
N HIS A 37 -62.29 59.32 -30.27
CA HIS A 37 -60.96 59.90 -30.31
C HIS A 37 -60.27 59.58 -31.63
N PHE A 38 -59.50 60.55 -32.14
CA PHE A 38 -58.84 60.41 -33.44
C PHE A 38 -57.33 60.35 -33.27
N VAL A 39 -56.71 59.38 -33.94
CA VAL A 39 -55.26 59.14 -33.83
C VAL A 39 -54.66 59.06 -35.24
N VAL A 40 -53.44 59.57 -35.41
CA VAL A 40 -52.77 59.61 -36.71
C VAL A 40 -51.34 59.09 -36.57
N HIS A 41 -50.89 58.28 -37.54
CA HIS A 41 -49.57 57.65 -37.46
C HIS A 41 -48.92 57.49 -38.85
N PRO A 42 -47.74 58.09 -39.10
CA PRO A 42 -47.08 57.97 -40.42
C PRO A 42 -46.70 56.55 -40.77
N LEU A 43 -46.62 56.28 -42.08
CA LEU A 43 -46.36 54.93 -42.59
C LEU A 43 -45.27 54.93 -43.66
N PRO A 44 -44.29 54.00 -43.60
CA PRO A 44 -44.04 53.04 -42.50
C PRO A 44 -43.63 53.73 -41.19
N GLY A 45 -43.81 52.99 -40.09
CA GLY A 45 -43.43 53.42 -38.74
C GLY A 45 -43.17 52.16 -37.89
N THR A 46 -43.42 52.25 -36.57
CA THR A 46 -43.11 51.13 -35.67
C THR A 46 -44.20 50.90 -34.62
N GLU A 47 -44.22 49.67 -34.09
CA GLU A 47 -45.22 49.31 -33.08
C GLU A 47 -45.11 50.19 -31.83
N ASP A 48 -43.89 50.41 -31.35
CA ASP A 48 -43.75 51.25 -30.16
C ASP A 48 -44.07 52.72 -30.45
N GLN A 49 -43.80 53.22 -31.65
CA GLN A 49 -44.31 54.55 -32.01
C GLN A 49 -45.81 54.59 -31.86
N LEU A 50 -46.48 53.54 -32.38
CA LEU A 50 -47.93 53.46 -32.30
C LEU A 50 -48.39 53.36 -30.84
N ASN A 51 -47.74 52.51 -30.05
CA ASN A 51 -48.04 52.40 -28.62
C ASN A 51 -47.86 53.75 -27.95
N ASP A 52 -46.88 54.54 -28.40
CA ASP A 52 -46.70 55.87 -27.83
C ASP A 52 -47.78 56.83 -28.29
N ARG A 53 -48.28 56.71 -29.53
CA ARG A 53 -49.50 57.46 -29.87
C ARG A 53 -50.60 57.15 -28.87
N LEU A 54 -50.84 55.86 -28.64
CA LEU A 54 -51.92 55.46 -27.72
C LEU A 54 -51.63 55.96 -26.31
N ARG A 55 -50.37 55.91 -25.90
CA ARG A 55 -49.95 56.44 -24.61
C ARG A 55 -50.25 57.94 -24.53
N GLU A 56 -49.83 58.70 -25.55
CA GLU A 56 -50.09 60.14 -25.61
C GLU A 56 -51.58 60.42 -25.46
N VAL A 57 -52.40 59.68 -26.20
CA VAL A 57 -53.85 59.80 -26.08
C VAL A 57 -54.28 59.48 -24.65
N SER A 58 -53.74 58.39 -24.09
CA SER A 58 -54.14 57.92 -22.77
C SER A 58 -53.87 58.95 -21.68
N GLU A 59 -52.84 59.80 -21.85
CA GLU A 59 -52.62 60.91 -20.90
C GLU A 59 -53.86 61.78 -20.77
N LYS A 60 -54.43 62.18 -21.92
CA LYS A 60 -55.36 63.31 -21.97
C LYS A 60 -56.63 63.01 -21.20
N LEU A 61 -57.10 61.77 -21.29
CA LEU A 61 -58.29 61.32 -20.57
C LEU A 61 -58.15 61.50 -19.06
N ASN A 62 -56.91 61.44 -18.53
CA ASN A 62 -56.68 61.59 -17.09
C ASN A 62 -56.02 62.90 -16.70
N LYS A 63 -55.73 63.78 -17.65
CA LYS A 63 -55.12 65.07 -17.35
C LYS A 63 -55.99 66.26 -17.71
N TYR A 64 -56.69 66.19 -18.82
CA TYR A 64 -57.45 67.35 -19.31
C TYR A 64 -58.94 67.22 -19.07
N ASN A 65 -59.50 66.01 -19.25
CA ASN A 65 -60.93 65.76 -19.06
C ASN A 65 -61.77 66.80 -19.81
N LEU A 66 -61.40 67.05 -21.05
CA LEU A 66 -62.02 68.11 -21.84
C LEU A 66 -63.34 67.64 -22.43
N ASN A 67 -64.24 68.61 -22.66
CA ASN A 67 -65.54 68.32 -23.24
C ASN A 67 -65.40 67.96 -24.72
N SER A 68 -66.14 66.94 -25.14
CA SER A 68 -66.10 66.49 -26.53
C SER A 68 -66.71 67.53 -27.46
N HIS A 69 -66.17 67.60 -28.68
CA HIS A 69 -66.63 68.57 -29.67
C HIS A 69 -68.06 68.29 -30.13
N PRO A 70 -68.87 69.33 -30.32
CA PRO A 70 -70.33 69.19 -30.62
C PRO A 70 -70.65 68.23 -31.76
N PRO A 71 -69.94 68.31 -32.89
CA PRO A 71 -70.35 67.55 -34.09
C PRO A 71 -70.61 66.07 -33.86
N LEU A 72 -69.86 65.44 -32.98
CA LEU A 72 -70.02 64.02 -32.69
C LEU A 72 -70.57 63.76 -31.31
N ASN A 73 -71.04 64.78 -30.61
CA ASN A 73 -71.59 64.56 -29.28
C ASN A 73 -72.92 63.80 -29.33
N VAL A 74 -73.59 63.86 -30.47
CA VAL A 74 -74.82 63.10 -30.67
C VAL A 74 -74.55 61.60 -30.59
N LEU A 75 -73.31 61.20 -30.85
CA LEU A 75 -72.97 59.78 -30.86
C LEU A 75 -72.50 59.27 -29.51
N GLU A 76 -72.40 60.14 -28.50
CA GLU A 76 -71.95 59.68 -27.19
C GLU A 76 -72.96 58.74 -26.56
N GLN A 77 -74.25 59.03 -26.73
CA GLN A 77 -75.31 58.19 -26.18
C GLN A 77 -75.76 57.14 -27.17
N ALA A 78 -75.23 57.17 -28.38
CA ALA A 78 -75.58 56.21 -29.41
C ALA A 78 -74.70 54.98 -29.29
N THR A 79 -75.20 53.87 -29.81
CA THR A 79 -74.46 52.61 -29.84
C THR A 79 -73.90 52.39 -31.24
N ILE A 80 -72.58 52.27 -31.34
CA ILE A 80 -71.88 52.16 -32.62
C ILE A 80 -71.54 50.70 -32.88
N LYS A 81 -71.96 50.21 -34.04
CA LYS A 81 -71.66 48.83 -34.44
C LYS A 81 -70.39 48.74 -35.29
N GLN A 82 -70.16 49.72 -36.17
CA GLN A 82 -69.01 49.67 -37.06
C GLN A 82 -68.60 51.10 -37.42
N CYS A 83 -67.29 51.29 -37.64
CA CYS A 83 -66.74 52.61 -37.96
C CYS A 83 -65.71 52.45 -39.08
N VAL A 84 -65.69 53.37 -40.06
CA VAL A 84 -64.80 53.22 -41.23
C VAL A 84 -64.26 54.57 -41.71
N VAL A 85 -63.16 54.49 -42.47
CA VAL A 85 -62.50 55.65 -43.07
C VAL A 85 -62.46 55.48 -44.59
N GLY A 86 -63.09 56.41 -45.33
CA GLY A 86 -62.81 56.59 -46.74
C GLY A 86 -61.71 57.64 -46.94
N PRO A 87 -61.28 57.89 -48.19
CA PRO A 87 -60.08 58.75 -48.39
C PRO A 87 -60.25 60.20 -47.94
N ASN A 88 -61.48 60.70 -47.74
CA ASN A 88 -61.69 62.07 -47.26
C ASN A 88 -62.81 62.18 -46.23
N HIS A 89 -63.50 61.09 -45.93
CA HIS A 89 -64.64 61.08 -45.01
C HIS A 89 -64.54 59.91 -44.04
N ALA A 90 -64.92 60.14 -42.79
CA ALA A 90 -65.28 59.05 -41.89
C ALA A 90 -66.75 58.64 -42.12
N ALA A 91 -67.11 57.43 -41.69
CA ALA A 91 -68.52 57.04 -41.66
C ALA A 91 -68.79 56.05 -40.52
N PHE A 92 -70.02 56.07 -40.00
CA PHE A 92 -70.40 55.28 -38.82
C PHE A 92 -71.71 54.55 -39.05
N LEU A 93 -71.78 53.31 -38.58
CA LEU A 93 -73.03 52.55 -38.50
C LEU A 93 -73.43 52.36 -37.05
N LEU A 94 -74.69 52.66 -36.75
CA LEU A 94 -75.24 52.51 -35.41
C LEU A 94 -76.05 51.22 -35.31
N GLU A 95 -76.13 50.68 -34.09
CA GLU A 95 -76.89 49.46 -33.87
C GLU A 95 -78.38 49.67 -34.11
N ASP A 96 -78.83 50.92 -34.08
CA ASP A 96 -80.23 51.23 -34.36
C ASP A 96 -80.53 51.24 -35.85
N GLY A 97 -79.54 50.96 -36.69
CA GLY A 97 -79.71 50.87 -38.13
C GLY A 97 -79.37 52.13 -38.89
N ARG A 98 -79.14 53.24 -38.21
CA ARG A 98 -78.83 54.50 -38.89
C ARG A 98 -77.38 54.56 -39.34
N VAL A 99 -77.14 55.31 -40.42
CA VAL A 99 -75.80 55.50 -40.97
C VAL A 99 -75.57 57.00 -41.21
N CYS A 100 -74.32 57.43 -41.04
CA CYS A 100 -73.96 58.81 -41.39
C CYS A 100 -72.48 58.88 -41.77
N ARG A 101 -72.11 59.97 -42.47
CA ARG A 101 -70.75 60.18 -42.96
C ARG A 101 -70.35 61.65 -42.74
N ILE A 102 -69.03 61.90 -42.69
CA ILE A 102 -68.55 63.27 -42.48
C ILE A 102 -67.13 63.46 -43.01
N GLY A 103 -66.92 64.57 -43.73
CA GLY A 103 -65.58 64.89 -44.26
C GLY A 103 -64.62 65.33 -43.15
N PHE A 104 -63.32 65.09 -43.35
CA PHE A 104 -62.32 65.34 -42.30
C PHE A 104 -61.09 66.08 -42.81
N SER A 105 -60.32 66.64 -41.87
CA SER A 105 -59.06 67.35 -42.17
C SER A 105 -57.98 66.98 -41.16
N VAL A 106 -56.76 66.72 -41.64
CA VAL A 106 -55.61 66.53 -40.74
C VAL A 106 -55.13 67.90 -40.27
N GLN A 107 -54.90 68.05 -38.98
CA GLN A 107 -54.40 69.33 -38.45
C GLN A 107 -52.92 69.50 -38.82
N PRO A 108 -52.52 70.68 -39.34
CA PRO A 108 -51.08 70.89 -39.62
C PRO A 108 -50.23 70.73 -38.37
N ASP A 109 -50.83 71.03 -37.21
CA ASP A 109 -50.23 70.79 -35.89
C ASP A 109 -49.72 69.35 -35.71
N ARG A 110 -50.16 68.37 -36.53
CA ARG A 110 -49.44 67.10 -36.62
C ARG A 110 -49.26 66.59 -38.05
N LEU A 111 -49.49 67.42 -39.08
CA LEU A 111 -48.77 67.22 -40.34
C LEU A 111 -47.29 67.43 -40.11
N GLU A 112 -46.96 68.34 -39.18
CA GLU A 112 -45.63 68.43 -38.57
C GLU A 112 -45.23 67.11 -37.90
N SER A 384 -55.41 68.53 -30.93
CA SER A 384 -55.76 67.32 -31.70
C SER A 384 -54.99 67.26 -33.04
N PRO A 385 -54.61 66.05 -33.48
CA PRO A 385 -54.05 65.90 -34.83
C PRO A 385 -55.12 65.92 -35.93
N VAL A 386 -56.41 65.88 -35.58
CA VAL A 386 -57.50 65.81 -36.56
C VAL A 386 -58.55 66.87 -36.24
N SER A 387 -59.11 67.48 -37.29
CA SER A 387 -60.24 68.41 -37.14
C SER A 387 -61.37 68.01 -38.10
N LEU A 388 -62.59 68.00 -37.58
CA LEU A 388 -63.79 67.66 -38.32
C LEU A 388 -64.56 68.91 -38.72
N GLY A 389 -65.35 68.77 -39.79
CA GLY A 389 -66.34 69.77 -40.11
C GLY A 389 -67.52 69.70 -39.15
N GLU A 390 -68.30 70.77 -39.10
CA GLU A 390 -69.48 70.77 -38.25
C GLU A 390 -70.71 70.21 -38.96
N ASP A 391 -70.59 69.91 -40.24
CA ASP A 391 -71.70 69.41 -41.06
C ASP A 391 -71.62 67.89 -41.14
N LEU A 392 -72.51 67.22 -40.41
CA LEU A 392 -72.62 65.78 -40.45
C LEU A 392 -73.81 65.37 -41.31
N GLN A 393 -73.62 64.37 -42.16
CA GLN A 393 -74.63 63.97 -43.15
C GLN A 393 -75.21 62.61 -42.78
N TRP A 394 -76.51 62.58 -42.45
CA TRP A 394 -77.20 61.32 -42.19
C TRP A 394 -77.68 60.73 -43.51
N TRP A 395 -77.64 59.40 -43.58
CA TRP A 395 -78.05 58.72 -44.81
C TRP A 395 -79.42 59.22 -45.27
N PRO A 396 -79.54 59.68 -46.52
CA PRO A 396 -80.84 60.08 -47.08
C PRO A 396 -81.82 58.91 -47.15
N ASP A 397 -82.26 58.44 -45.98
CA ASP A 397 -83.13 57.27 -45.89
C ASP A 397 -84.58 57.68 -46.18
N LYS A 398 -84.88 57.77 -47.47
CA LYS A 398 -86.25 58.09 -47.88
C LYS A 398 -87.15 56.87 -47.89
N ASP A 399 -86.56 55.68 -47.80
CA ASP A 399 -87.33 54.44 -47.78
C ASP A 399 -87.71 54.02 -46.38
N GLY A 400 -86.95 54.46 -45.38
CA GLY A 400 -87.16 53.98 -44.02
C GLY A 400 -86.58 52.60 -43.82
N THR A 401 -85.51 52.28 -44.54
CA THR A 401 -84.88 50.96 -44.50
C THR A 401 -83.57 51.04 -43.73
N LYS A 402 -83.44 50.17 -42.73
CA LYS A 402 -82.26 50.16 -41.86
C LYS A 402 -81.14 49.33 -42.46
N PHE A 403 -79.91 49.61 -42.02
CA PHE A 403 -78.72 48.96 -42.54
C PHE A 403 -78.12 47.97 -41.54
N ILE A 404 -77.44 46.95 -42.09
CA ILE A 404 -76.84 45.90 -41.27
C ILE A 404 -75.30 45.92 -41.28
N CYS A 405 -74.65 46.43 -42.35
CA CYS A 405 -73.19 46.63 -42.33
C CYS A 405 -72.79 47.62 -43.43
N ILE A 406 -71.54 48.12 -43.36
CA ILE A 406 -71.01 49.13 -44.30
C ILE A 406 -69.56 48.77 -44.70
N GLY A 407 -69.05 49.44 -45.75
CA GLY A 407 -67.69 49.21 -46.24
C GLY A 407 -67.26 50.33 -47.19
N ALA A 408 -66.02 50.25 -47.71
CA ALA A 408 -65.47 51.39 -48.45
C ALA A 408 -64.67 51.03 -49.70
N LEU A 409 -64.79 51.89 -50.73
CA LEU A 409 -63.98 51.84 -51.95
C LEU A 409 -63.49 53.25 -52.27
N TYR A 410 -62.47 53.33 -53.13
CA TYR A 410 -61.80 54.60 -53.40
C TYR A 410 -62.76 55.69 -53.88
N SER A 411 -63.65 55.36 -54.83
CA SER A 411 -64.63 56.32 -55.34
C SER A 411 -65.91 56.42 -54.50
N GLU A 412 -66.20 55.46 -53.62
CA GLU A 412 -67.57 55.40 -53.10
C GLU A 412 -67.68 54.69 -51.74
N LEU A 413 -68.67 55.12 -50.95
CA LEU A 413 -69.11 54.37 -49.78
C LEU A 413 -69.99 53.19 -50.21
N LEU A 414 -69.93 52.09 -49.46
CA LEU A 414 -70.78 50.92 -49.69
C LEU A 414 -71.61 50.63 -48.45
N ALA A 415 -72.84 50.14 -48.65
CA ALA A 415 -73.68 49.75 -47.52
C ALA A 415 -74.60 48.59 -47.91
N VAL A 416 -74.95 47.75 -46.93
CA VAL A 416 -75.86 46.63 -47.12
C VAL A 416 -77.07 46.82 -46.20
N SER A 417 -78.26 46.88 -46.80
CA SER A 417 -79.48 47.06 -46.03
C SER A 417 -79.93 45.74 -45.40
N SER A 418 -80.84 45.87 -44.42
CA SER A 418 -81.44 44.69 -43.80
C SER A 418 -82.26 43.87 -44.79
N LYS A 419 -82.61 44.46 -45.94
CA LYS A 419 -83.26 43.73 -47.01
C LYS A 419 -82.27 42.99 -47.89
N GLY A 420 -80.97 43.08 -47.60
CA GLY A 420 -79.92 42.50 -48.43
C GLY A 420 -79.59 43.30 -49.66
N GLU A 421 -80.18 44.48 -49.82
CA GLU A 421 -79.94 45.33 -50.99
C GLU A 421 -78.57 46.00 -50.90
N LEU A 422 -77.92 46.13 -52.07
CA LEU A 422 -76.61 46.76 -52.16
C LEU A 422 -76.76 48.23 -52.51
N TYR A 423 -76.13 49.11 -51.73
CA TYR A 423 -76.21 50.55 -51.94
C TYR A 423 -74.87 51.14 -52.37
N GLN A 424 -74.92 52.04 -53.34
CA GLN A 424 -73.77 52.79 -53.81
C GLN A 424 -73.96 54.27 -53.49
N TRP A 425 -72.93 54.88 -52.89
CA TRP A 425 -72.97 56.32 -52.60
C TRP A 425 -71.56 56.89 -52.78
N LYS A 426 -71.36 57.62 -53.87
CA LYS A 426 -70.05 58.20 -54.12
C LYS A 426 -69.78 59.33 -53.14
N TRP A 427 -68.51 59.46 -52.74
CA TRP A 427 -68.18 60.45 -51.71
C TRP A 427 -68.47 61.88 -52.18
N SER A 428 -68.38 62.13 -53.49
CA SER A 428 -68.68 63.42 -54.11
C SER A 428 -70.18 63.66 -54.33
N GLU A 429 -71.03 62.66 -54.11
CA GLU A 429 -72.48 62.79 -54.29
C GLU A 429 -73.18 63.13 -52.98
N SER A 430 -74.24 63.93 -53.07
CA SER A 430 -75.03 64.27 -51.90
C SER A 430 -76.03 63.17 -51.54
N GLU A 431 -76.31 62.27 -52.48
CA GLU A 431 -77.27 61.20 -52.25
C GLU A 431 -76.80 59.88 -52.84
N PRO A 432 -77.24 58.77 -52.27
CA PRO A 432 -76.92 57.44 -52.81
C PRO A 432 -77.61 57.18 -54.13
N TYR A 433 -77.03 56.29 -54.92
CA TYR A 433 -77.57 55.95 -56.23
C TYR A 433 -78.91 55.23 -56.11
N ARG A 434 -79.85 55.59 -56.98
CA ARG A 434 -81.16 54.95 -57.03
C ARG A 434 -81.57 54.74 -58.47
N ASN A 435 -82.10 53.56 -58.77
CA ASN A 435 -82.57 53.26 -60.12
C ASN A 435 -84.07 53.57 -60.21
N ALA A 436 -84.41 54.61 -60.97
CA ALA A 436 -85.82 55.01 -61.09
C ALA A 436 -86.66 53.90 -61.68
N GLN A 437 -86.06 53.02 -62.49
CA GLN A 437 -86.78 51.91 -63.10
C GLN A 437 -86.76 50.66 -62.23
N ASN A 438 -86.10 50.71 -61.10
CA ASN A 438 -86.02 49.57 -60.20
C ASN A 438 -85.75 50.05 -58.78
N PRO A 439 -86.81 50.19 -57.97
CA PRO A 439 -86.69 50.83 -56.66
C PRO A 439 -85.85 50.05 -55.66
N SER A 440 -85.58 48.79 -55.92
CA SER A 440 -84.76 47.96 -55.05
C SER A 440 -83.32 47.88 -55.51
N LEU A 441 -82.98 48.56 -56.59
CA LEU A 441 -81.63 48.55 -57.15
C LEU A 441 -80.95 49.86 -56.77
N HIS A 442 -80.06 49.78 -55.79
CA HIS A 442 -79.36 50.94 -55.28
C HIS A 442 -77.87 50.91 -55.62
N HIS A 443 -77.49 50.05 -56.54
CA HIS A 443 -76.13 49.94 -57.02
C HIS A 443 -76.17 49.57 -58.51
N PRO A 444 -75.59 50.42 -59.36
CA PRO A 444 -75.79 50.29 -60.82
C PRO A 444 -75.26 49.01 -61.42
N ARG A 445 -74.35 48.33 -60.74
CA ARG A 445 -73.79 47.09 -61.25
C ARG A 445 -74.32 45.86 -60.51
N ALA A 446 -75.32 46.05 -59.65
CA ALA A 446 -75.90 44.91 -58.94
C ALA A 446 -76.51 43.90 -59.92
N THR A 447 -77.05 44.39 -61.05
CA THR A 447 -77.60 43.47 -62.05
C THR A 447 -76.50 42.58 -62.62
N PHE A 448 -75.37 43.18 -62.99
CA PHE A 448 -74.26 42.40 -63.52
C PHE A 448 -73.84 41.32 -62.53
N LEU A 449 -73.77 41.67 -61.25
CA LEU A 449 -73.36 40.72 -60.21
C LEU A 449 -74.45 39.70 -59.88
N GLY A 450 -75.66 39.84 -60.43
CA GLY A 450 -76.80 38.99 -60.06
C GLY A 450 -77.41 39.33 -58.71
N LEU A 451 -76.84 40.30 -57.98
CA LEU A 451 -77.21 40.60 -56.59
C LEU A 451 -78.57 41.30 -56.47
N THR A 452 -79.24 41.60 -57.58
CA THR A 452 -80.58 42.17 -57.52
C THR A 452 -81.62 41.14 -57.12
N ASN A 453 -81.25 39.86 -57.17
CA ASN A 453 -82.14 38.76 -56.81
C ASN A 453 -81.57 37.94 -55.66
N GLU A 454 -80.41 38.33 -55.12
CA GLU A 454 -79.73 37.62 -54.03
C GLU A 454 -79.62 38.55 -52.82
N LYS A 455 -80.09 38.08 -51.67
CA LYS A 455 -79.95 38.81 -50.41
C LYS A 455 -78.50 38.78 -49.94
N ILE A 456 -77.81 39.94 -49.91
CA ILE A 456 -76.46 39.99 -49.34
C ILE A 456 -76.55 39.90 -47.81
N VAL A 457 -75.61 39.19 -47.19
CA VAL A 457 -75.57 39.08 -45.72
C VAL A 457 -74.20 39.39 -45.12
N LEU A 458 -73.11 39.38 -45.90
CA LEU A 458 -71.79 39.79 -45.43
C LEU A 458 -71.04 40.52 -46.55
N LEU A 459 -70.20 41.47 -46.14
CA LEU A 459 -69.42 42.30 -47.06
C LEU A 459 -68.01 42.51 -46.51
N SER A 460 -67.02 42.53 -47.39
CA SER A 460 -65.70 43.09 -47.05
C SER A 460 -65.17 43.83 -48.28
N ALA A 461 -64.68 45.05 -48.07
CA ALA A 461 -64.21 45.87 -49.20
C ALA A 461 -63.19 46.89 -48.70
N ASN A 462 -62.03 46.96 -49.38
CA ASN A 462 -60.94 47.87 -48.99
C ASN A 462 -60.38 48.51 -50.28
N SER A 463 -60.77 49.78 -50.52
CA SER A 463 -60.29 50.63 -51.63
C SER A 463 -60.52 50.05 -53.02
N ILE A 464 -59.84 48.96 -53.34
CA ILE A 464 -59.72 48.41 -54.70
C ILE A 464 -60.76 47.31 -54.96
N ARG A 465 -60.95 46.42 -53.99
CA ARG A 465 -61.75 45.21 -54.16
C ARG A 465 -62.93 45.20 -53.18
N ALA A 466 -64.04 44.59 -53.61
CA ALA A 466 -65.20 44.36 -52.74
C ALA A 466 -65.75 42.95 -52.98
N THR A 467 -65.93 42.18 -51.91
CA THR A 467 -66.45 40.81 -51.98
C THR A 467 -67.64 40.66 -51.04
N VAL A 468 -68.67 39.92 -51.47
CA VAL A 468 -69.87 39.71 -50.65
C VAL A 468 -70.23 38.22 -50.59
N ALA A 469 -70.89 37.86 -49.50
CA ALA A 469 -71.56 36.57 -49.37
C ALA A 469 -73.07 36.82 -49.36
N THR A 470 -73.80 36.05 -50.15
CA THR A 470 -75.26 36.09 -50.14
C THR A 470 -75.79 35.09 -49.09
N GLU A 471 -77.05 35.27 -48.71
CA GLU A 471 -77.70 34.27 -47.85
C GLU A 471 -77.67 32.89 -48.51
N ASN A 472 -77.71 32.84 -49.84
CA ASN A 472 -77.65 31.61 -50.62
C ASN A 472 -76.20 31.09 -50.81
N ASN A 473 -75.27 31.47 -49.91
CA ASN A 473 -73.86 31.07 -49.94
C ASN A 473 -73.11 31.44 -51.23
N LYS A 474 -73.77 32.09 -52.20
CA LYS A 474 -73.06 32.57 -53.39
C LYS A 474 -72.09 33.68 -53.01
N VAL A 475 -70.83 33.52 -53.43
CA VAL A 475 -69.83 34.57 -53.40
C VAL A 475 -70.07 35.47 -54.61
N ALA A 476 -69.82 36.77 -54.46
CA ALA A 476 -69.69 37.66 -55.62
C ALA A 476 -68.55 38.64 -55.33
N THR A 477 -67.94 39.18 -56.38
CA THR A 477 -66.83 40.14 -56.17
C THR A 477 -66.77 41.17 -57.29
N TRP A 478 -66.61 42.43 -56.90
CA TRP A 478 -66.46 43.53 -57.84
C TRP A 478 -65.29 44.43 -57.42
N VAL A 479 -64.93 45.37 -58.29
CA VAL A 479 -63.81 46.28 -58.04
C VAL A 479 -64.22 47.73 -58.32
N ASP A 480 -63.41 48.66 -57.82
CA ASP A 480 -63.67 50.09 -57.99
C ASP A 480 -63.78 50.48 -59.47
N GLU A 481 -64.59 51.52 -59.75
CA GLU A 481 -64.90 51.89 -61.15
C GLU A 481 -63.65 52.15 -61.99
N THR A 482 -62.61 52.72 -61.38
CA THR A 482 -61.40 53.03 -62.13
C THR A 482 -60.67 51.78 -62.60
N LEU A 483 -61.05 50.63 -62.05
CA LEU A 483 -60.44 49.34 -62.39
C LEU A 483 -61.30 48.57 -63.39
N SER A 484 -62.36 49.19 -63.91
CA SER A 484 -63.31 48.49 -64.78
C SER A 484 -62.63 47.95 -66.03
N SER A 485 -61.51 48.54 -66.43
CA SER A 485 -60.79 48.10 -67.62
C SER A 485 -60.00 46.81 -67.39
N VAL A 486 -59.72 46.49 -66.13
CA VAL A 486 -59.07 45.23 -65.77
C VAL A 486 -60.02 44.31 -65.02
N ALA A 487 -61.19 44.82 -64.65
CA ALA A 487 -62.15 44.09 -63.84
C ALA A 487 -62.63 42.83 -64.54
N SER A 488 -62.57 42.79 -65.87
CA SER A 488 -63.11 41.65 -66.61
C SER A 488 -62.43 40.33 -66.23
N LYS A 489 -61.23 40.39 -65.66
CA LYS A 489 -60.53 39.19 -65.22
C LYS A 489 -60.47 39.04 -63.71
N LEU A 490 -61.03 40.00 -62.97
CA LEU A 490 -60.95 40.02 -61.51
C LEU A 490 -62.29 39.80 -60.86
N GLU A 491 -63.37 40.22 -61.52
CA GLU A 491 -64.71 40.15 -60.96
C GLU A 491 -65.41 38.85 -61.32
N HIS A 492 -66.35 38.47 -60.46
CA HIS A 492 -67.19 37.30 -60.71
C HIS A 492 -68.58 37.51 -60.11
N THR A 493 -69.58 36.97 -60.80
CA THR A 493 -70.98 37.12 -60.41
C THR A 493 -71.31 36.20 -59.22
N ALA A 494 -72.54 36.33 -58.69
CA ALA A 494 -73.01 35.49 -57.59
C ALA A 494 -72.89 33.98 -57.90
N GLN A 495 -71.90 33.29 -57.31
CA GLN A 495 -71.59 31.88 -57.58
C GLN A 495 -71.30 31.15 -56.26
N THR A 496 -71.85 29.93 -56.05
CA THR A 496 -71.52 29.13 -54.84
C THR A 496 -70.49 28.06 -55.21
N TYR A 497 -69.21 28.39 -55.05
CA TYR A 497 -68.10 27.46 -55.33
C TYR A 497 -68.21 26.15 -54.55
N SER A 498 -67.93 25.03 -55.22
CA SER A 498 -67.98 23.71 -54.57
C SER A 498 -67.02 23.65 -53.39
N GLU A 499 -65.92 24.38 -53.45
CA GLU A 499 -64.97 24.41 -52.34
C GLU A 499 -65.55 25.08 -51.11
N LEU A 500 -66.60 25.89 -51.27
CA LEU A 500 -67.24 26.58 -50.15
C LEU A 500 -68.56 25.94 -49.74
N GLN A 501 -69.17 25.17 -50.64
CA GLN A 501 -70.30 24.31 -50.26
C GLN A 501 -69.88 23.38 -49.11
N GLY A 502 -70.82 23.15 -48.18
CA GLY A 502 -70.55 22.38 -46.97
C GLY A 502 -70.22 23.20 -45.73
N GLU A 503 -69.93 24.50 -45.86
CA GLU A 503 -69.81 25.40 -44.71
C GLU A 503 -70.41 26.78 -45.03
N ARG A 504 -70.92 27.45 -44.00
CA ARG A 504 -71.38 28.84 -44.14
C ARG A 504 -70.19 29.81 -44.03
N ILE A 505 -70.24 30.90 -44.81
CA ILE A 505 -69.23 31.96 -44.64
C ILE A 505 -69.56 32.74 -43.37
N VAL A 506 -68.65 32.70 -42.40
CA VAL A 506 -68.84 33.40 -41.12
C VAL A 506 -68.27 34.83 -41.17
N SER A 507 -67.19 35.07 -41.93
CA SER A 507 -66.72 36.44 -42.18
C SER A 507 -65.84 36.49 -43.44
N LEU A 508 -65.59 37.72 -43.92
CA LEU A 508 -64.82 37.96 -45.14
C LEU A 508 -63.65 38.91 -44.87
N HIS A 509 -62.51 38.68 -45.54
CA HIS A 509 -61.28 39.48 -45.33
C HIS A 509 -60.67 39.82 -46.69
N CYS A 510 -61.10 40.96 -47.21
CA CYS A 510 -60.76 41.43 -48.54
C CYS A 510 -59.48 42.28 -48.54
N CYS A 511 -58.75 42.28 -49.66
CA CYS A 511 -57.61 43.17 -49.87
C CYS A 511 -57.43 43.39 -51.38
N ALA A 512 -56.47 44.26 -51.76
CA ALA A 512 -56.27 44.60 -53.18
C ALA A 512 -56.04 43.37 -54.08
N LEU A 513 -55.29 42.37 -53.60
CA LEU A 513 -54.93 41.20 -54.43
C LEU A 513 -55.90 40.02 -54.31
N TYR A 514 -56.52 39.81 -53.14
CA TYR A 514 -57.29 38.58 -52.91
C TYR A 514 -58.33 38.80 -51.80
N THR A 515 -59.20 37.80 -51.62
CA THR A 515 -60.10 37.75 -50.46
C THR A 515 -59.99 36.39 -49.81
N CYS A 516 -60.04 36.37 -48.49
CA CYS A 516 -60.20 35.13 -47.74
C CYS A 516 -61.60 35.12 -47.14
N ALA A 517 -62.23 33.95 -47.15
CA ALA A 517 -63.47 33.73 -46.42
C ALA A 517 -63.19 32.86 -45.21
N GLN A 518 -63.71 33.28 -44.06
CA GLN A 518 -63.59 32.51 -42.83
C GLN A 518 -64.90 31.73 -42.65
N LEU A 519 -64.82 30.41 -42.72
CA LEU A 519 -65.99 29.54 -42.66
C LEU A 519 -66.05 28.78 -41.33
N GLU A 520 -67.20 28.15 -41.10
CA GLU A 520 -67.58 27.65 -39.77
C GLU A 520 -66.48 26.81 -39.10
N ASN A 521 -65.74 26.03 -39.90
CA ASN A 521 -64.70 25.16 -39.36
C ASN A 521 -63.43 25.17 -40.21
N SER A 522 -63.27 26.13 -41.11
CA SER A 522 -62.12 26.14 -42.00
C SER A 522 -61.92 27.52 -42.62
N LEU A 523 -60.77 27.69 -43.27
CA LEU A 523 -60.42 28.92 -43.99
C LEU A 523 -60.19 28.63 -45.47
N TYR A 524 -60.75 29.48 -46.33
CA TYR A 524 -60.57 29.39 -47.78
C TYR A 524 -60.27 30.76 -48.37
N TRP A 525 -59.50 30.77 -49.46
CA TRP A 525 -59.13 32.04 -50.09
C TRP A 525 -58.97 31.90 -51.61
N TRP A 526 -59.13 33.02 -52.32
CA TRP A 526 -58.98 33.06 -53.77
C TRP A 526 -58.61 34.46 -54.25
N GLY A 527 -58.11 34.56 -55.49
CA GLY A 527 -57.64 35.82 -56.07
C GLY A 527 -56.16 35.75 -56.46
N VAL A 528 -55.51 36.90 -56.62
CA VAL A 528 -54.08 36.93 -56.95
C VAL A 528 -53.26 36.65 -55.68
N VAL A 529 -52.29 35.74 -55.77
CA VAL A 529 -51.41 35.37 -54.64
C VAL A 529 -50.66 36.60 -54.12
N PRO A 530 -50.39 36.76 -52.79
CA PRO A 530 -49.56 37.87 -52.26
C PRO A 530 -48.21 38.03 -52.96
N CYS A 762 -50.77 33.48 -61.65
CA CYS A 762 -50.76 33.98 -60.27
C CYS A 762 -52.17 33.97 -59.65
N PHE A 763 -53.17 33.57 -60.43
CA PHE A 763 -54.58 33.55 -59.99
C PHE A 763 -54.91 32.23 -59.30
N GLN A 764 -55.22 32.30 -57.99
CA GLN A 764 -55.91 31.21 -57.33
C GLN A 764 -57.38 31.32 -57.75
N ARG A 765 -57.71 30.62 -58.83
CA ARG A 765 -59.01 30.81 -59.50
C ARG A 765 -60.16 30.26 -58.67
N THR A 766 -59.90 29.22 -57.89
CA THR A 766 -60.93 28.64 -57.04
C THR A 766 -60.46 28.64 -55.59
N PRO A 767 -61.39 28.73 -54.64
CA PRO A 767 -61.02 28.81 -53.21
C PRO A 767 -60.08 27.70 -52.80
N LYS A 768 -58.99 28.07 -52.13
CA LYS A 768 -58.00 27.11 -51.67
C LYS A 768 -58.05 26.96 -50.15
N LYS A 769 -58.13 25.71 -49.68
CA LYS A 769 -58.13 25.40 -48.24
C LYS A 769 -56.74 25.64 -47.64
N LEU A 770 -56.69 26.15 -46.40
CA LEU A 770 -55.42 26.33 -45.68
C LEU A 770 -55.18 25.18 -44.69
N CYS A 771 -53.91 24.97 -44.32
CA CYS A 771 -53.49 23.83 -43.49
C CYS A 771 -53.76 24.12 -42.00
N ILE A 772 -55.03 24.08 -41.65
CA ILE A 772 -55.50 24.35 -40.28
C ILE A 772 -55.28 23.10 -39.43
N PRO A 773 -54.66 23.21 -38.25
CA PRO A 773 -54.50 22.01 -37.40
C PRO A 773 -55.83 21.56 -36.82
N GLU A 774 -55.94 20.24 -36.66
CA GLU A 774 -57.19 19.59 -36.31
C GLU A 774 -57.57 19.83 -34.85
N LYS A 775 -58.88 19.86 -34.58
CA LYS A 775 -59.44 20.13 -33.25
C LYS A 775 -59.07 21.53 -32.72
N THR A 776 -58.71 22.47 -33.60
CA THR A 776 -58.37 23.84 -33.15
C THR A 776 -59.52 24.80 -33.43
N GLU A 777 -59.65 25.80 -32.56
CA GLU A 777 -60.65 26.84 -32.69
C GLU A 777 -59.96 28.13 -33.14
N ILE A 778 -60.53 28.80 -34.14
CA ILE A 778 -59.94 30.00 -34.71
C ILE A 778 -60.68 31.20 -34.12
N LEU A 779 -59.93 32.11 -33.47
CA LEU A 779 -60.54 33.22 -32.73
C LEU A 779 -60.77 34.45 -33.61
N ALA A 780 -59.80 34.80 -34.45
CA ALA A 780 -59.94 35.91 -35.39
C ALA A 780 -58.89 35.80 -36.50
N VAL A 781 -59.12 36.53 -37.61
CA VAL A 781 -58.27 36.45 -38.81
C VAL A 781 -58.21 37.83 -39.48
N ASN A 782 -57.09 38.14 -40.15
CA ASN A 782 -57.03 39.32 -41.03
C ASN A 782 -55.89 39.17 -42.04
N VAL A 783 -55.84 40.12 -43.00
CA VAL A 783 -54.97 40.01 -44.19
C VAL A 783 -54.16 41.28 -44.46
N ASP A 784 -53.00 41.10 -45.11
CA ASP A 784 -52.15 42.18 -45.62
C ASP A 784 -51.29 41.59 -46.74
N SER A 785 -50.63 42.46 -47.51
CA SER A 785 -49.61 42.05 -48.50
C SER A 785 -48.64 40.97 -47.98
N LYS A 786 -48.36 40.94 -46.67
CA LYS A 786 -47.49 39.93 -46.07
C LYS A 786 -48.10 38.53 -46.05
N GLY A 787 -49.43 38.42 -46.13
CA GLY A 787 -50.12 37.13 -46.01
C GLY A 787 -51.27 37.19 -45.02
N VAL A 788 -51.62 36.03 -44.43
CA VAL A 788 -52.71 35.93 -43.44
C VAL A 788 -52.14 35.98 -42.03
N HIS A 789 -52.84 36.69 -41.14
CA HIS A 789 -52.55 36.68 -39.71
C HIS A 789 -53.79 36.12 -38.99
N ALA A 790 -53.59 35.20 -38.04
CA ALA A 790 -54.73 34.63 -37.33
C ALA A 790 -54.33 34.22 -35.91
N VAL A 791 -55.30 34.21 -35.00
CA VAL A 791 -55.07 33.80 -33.61
C VAL A 791 -55.74 32.45 -33.38
N LEU A 792 -54.93 31.44 -33.03
CA LEU A 792 -55.39 30.06 -32.88
C LEU A 792 -55.43 29.66 -31.41
N LYS A 793 -56.57 29.14 -30.99
CA LYS A 793 -56.66 28.46 -29.70
C LYS A 793 -56.29 26.97 -29.87
N THR A 794 -55.88 26.33 -28.77
CA THR A 794 -55.69 24.86 -28.77
C THR A 794 -55.88 24.38 -27.33
N GLY A 795 -57.07 23.85 -27.03
CA GLY A 795 -57.40 23.57 -25.63
C GLY A 795 -57.35 24.86 -24.81
N ASN A 796 -56.46 24.91 -23.82
CA ASN A 796 -56.21 26.11 -23.01
C ASN A 796 -55.17 27.06 -23.61
N TRP A 797 -54.44 26.64 -24.65
CA TRP A 797 -53.36 27.47 -25.21
C TRP A 797 -53.88 28.44 -26.27
N VAL A 798 -53.11 29.52 -26.48
CA VAL A 798 -53.34 30.49 -27.55
C VAL A 798 -52.00 30.83 -28.18
N ARG A 799 -51.94 30.87 -29.52
CA ARG A 799 -50.73 31.27 -30.22
C ARG A 799 -51.08 32.18 -31.39
N TYR A 800 -50.18 33.10 -31.70
CA TYR A 800 -50.36 34.06 -32.80
C TYR A 800 -49.59 33.54 -34.02
N CYS A 801 -50.25 33.55 -35.19
CA CYS A 801 -49.76 32.79 -36.35
C CYS A 801 -49.78 33.63 -37.63
N ILE A 802 -48.68 33.60 -38.39
CA ILE A 802 -48.66 34.11 -39.77
C ILE A 802 -48.73 32.91 -40.71
N PHE A 803 -49.70 32.95 -41.64
CA PHE A 803 -49.84 31.88 -42.63
C PHE A 803 -49.40 32.34 -44.01
N ASP A 804 -48.72 31.42 -44.70
CA ASP A 804 -48.21 31.62 -46.06
C ASP A 804 -49.12 30.89 -47.04
N LEU A 805 -49.67 31.61 -48.04
CA LEU A 805 -50.60 30.95 -48.98
C LEU A 805 -49.90 29.97 -49.92
N ALA A 806 -48.58 30.07 -50.07
CA ALA A 806 -47.84 29.15 -50.95
C ALA A 806 -47.80 27.74 -50.35
N THR A 807 -47.30 27.61 -49.12
CA THR A 807 -47.33 26.30 -48.45
C THR A 807 -48.71 26.00 -47.87
N GLY A 808 -49.48 27.03 -47.56
CA GLY A 808 -50.77 26.89 -46.88
C GLY A 808 -50.64 26.67 -45.39
N LYS A 809 -49.41 26.57 -44.87
CA LYS A 809 -49.09 26.35 -43.47
C LYS A 809 -48.65 27.64 -42.77
N ALA A 810 -48.62 27.58 -41.44
CA ALA A 810 -48.11 28.72 -40.67
C ALA A 810 -46.61 28.87 -40.91
N GLU A 811 -46.18 30.06 -41.32
CA GLU A 811 -44.76 30.35 -41.53
C GLU A 811 -44.08 30.82 -40.24
N GLN A 812 -44.86 31.39 -39.32
CA GLN A 812 -44.39 31.66 -37.96
C GLN A 812 -45.52 31.44 -36.95
N GLU A 813 -45.18 30.87 -35.78
CA GLU A 813 -46.02 30.97 -34.59
C GLU A 813 -45.22 31.52 -33.42
N ASN A 814 -45.90 32.27 -32.54
CA ASN A 814 -45.33 32.74 -31.28
C ASN A 814 -46.32 32.51 -30.14
N ASN A 815 -45.79 32.18 -28.95
CA ASN A 815 -46.59 32.28 -27.72
C ASN A 815 -46.62 33.72 -27.23
N PHE A 816 -47.70 34.08 -26.50
CA PHE A 816 -47.71 35.36 -25.80
C PHE A 816 -46.91 35.26 -24.49
N PRO A 817 -46.28 36.36 -24.04
CA PRO A 817 -45.55 36.32 -22.76
C PRO A 817 -46.45 36.32 -21.54
N THR A 818 -47.69 36.83 -21.67
CA THR A 818 -48.65 36.84 -20.56
C THR A 818 -49.28 35.44 -20.35
N SER A 819 -50.11 35.33 -19.32
CA SER A 819 -51.04 34.20 -19.23
C SER A 819 -51.92 34.13 -20.48
N SER A 820 -52.25 32.91 -20.93
CA SER A 820 -53.21 32.76 -22.03
C SER A 820 -54.62 33.15 -21.60
N ILE A 821 -55.04 32.73 -20.40
CA ILE A 821 -56.39 33.02 -19.92
C ILE A 821 -56.63 34.52 -19.90
N ALA A 822 -55.61 35.29 -19.51
CA ALA A 822 -55.72 36.75 -19.52
C ALA A 822 -56.05 37.29 -20.92
N PHE A 823 -55.46 36.69 -21.97
CA PHE A 823 -55.77 37.13 -23.33
C PHE A 823 -57.20 36.72 -23.72
N LEU A 824 -57.63 35.53 -23.32
CA LEU A 824 -58.99 35.06 -23.62
C LEU A 824 -60.08 35.88 -22.90
N GLY A 825 -59.75 36.55 -21.79
CA GLY A 825 -60.69 37.49 -21.11
C GLY A 825 -62.01 36.85 -20.66
N GLN A 826 -63.01 37.72 -20.44
CA GLN A 826 -64.32 37.30 -19.94
C GLN A 826 -65.28 36.87 -21.05
N ASN A 827 -65.09 37.37 -22.27
CA ASN A 827 -65.90 36.95 -23.42
C ASN A 827 -64.97 36.81 -24.63
N GLU A 828 -64.64 35.56 -24.98
CA GLU A 828 -63.66 35.28 -26.04
C GLU A 828 -64.02 35.94 -27.35
N ARG A 829 -65.33 36.07 -27.64
CA ARG A 829 -65.80 36.65 -28.90
C ARG A 829 -65.29 38.07 -29.13
N ASN A 830 -64.88 38.77 -28.06
CA ASN A 830 -64.32 40.11 -28.21
C ASN A 830 -63.01 40.11 -29.01
N VAL A 831 -62.30 38.97 -29.08
CA VAL A 831 -60.99 38.93 -29.75
C VAL A 831 -61.13 39.40 -31.20
N ALA A 832 -60.11 40.10 -31.68
CA ALA A 832 -60.12 40.67 -33.02
C ALA A 832 -58.69 40.79 -33.52
N ILE A 833 -58.54 41.43 -34.67
CA ILE A 833 -57.22 41.79 -35.17
C ILE A 833 -57.40 42.92 -36.17
N PHE A 834 -57.80 44.09 -35.68
CA PHE A 834 -57.99 45.23 -36.56
C PHE A 834 -56.68 45.54 -37.28
N THR A 835 -56.75 45.92 -38.55
CA THR A 835 -55.56 46.28 -39.31
C THR A 835 -55.89 47.41 -40.29
N ALA A 836 -54.90 48.26 -40.57
CA ALA A 836 -55.15 49.44 -41.39
C ALA A 836 -55.45 49.12 -42.86
N GLY A 837 -54.97 47.98 -43.36
CA GLY A 837 -55.13 47.58 -44.76
C GLY A 837 -53.85 46.92 -45.23
N GLN A 838 -53.29 47.41 -46.35
CA GLN A 838 -51.94 47.02 -46.75
C GLN A 838 -50.89 47.75 -45.89
N GLU A 839 -49.67 47.18 -45.84
CA GLU A 839 -48.48 47.84 -45.23
C GLU A 839 -48.70 48.22 -43.76
N SER A 840 -49.55 47.46 -43.05
CA SER A 840 -50.31 48.05 -41.95
C SER A 840 -49.67 47.86 -40.56
N PRO A 841 -49.97 48.78 -39.64
CA PRO A 841 -49.89 48.47 -38.20
C PRO A 841 -51.03 47.53 -37.83
N ILE A 842 -50.89 46.91 -36.66
CA ILE A 842 -51.84 45.91 -36.16
C ILE A 842 -52.35 46.35 -34.80
N ILE A 843 -53.56 45.91 -34.46
CA ILE A 843 -54.12 46.11 -33.12
C ILE A 843 -54.81 44.80 -32.71
N LEU A 844 -54.13 43.96 -31.92
CA LEU A 844 -54.86 42.87 -31.26
C LEU A 844 -55.86 43.45 -30.25
N ARG A 845 -56.83 42.62 -29.84
CA ARG A 845 -57.75 43.01 -28.77
C ARG A 845 -58.03 41.80 -27.87
N ASP A 846 -58.09 42.02 -26.56
CA ASP A 846 -58.30 40.89 -25.64
C ASP A 846 -59.79 40.60 -25.42
N GLY A 847 -60.06 39.53 -24.67
CA GLY A 847 -61.43 39.10 -24.35
C GLY A 847 -62.25 40.04 -23.47
N ASN A 848 -61.73 41.23 -23.14
CA ASN A 848 -62.47 42.27 -22.43
C ASN A 848 -62.60 43.57 -23.24
N GLY A 849 -61.81 43.72 -24.31
CA GLY A 849 -61.83 44.91 -25.16
C GLY A 849 -60.59 45.80 -25.07
N THR A 850 -59.56 45.36 -24.35
CA THR A 850 -58.25 46.03 -24.26
C THR A 850 -57.54 46.07 -25.60
N ILE A 851 -56.87 47.18 -25.94
CA ILE A 851 -55.79 47.04 -26.93
C ILE A 851 -54.63 46.33 -26.26
N TYR A 852 -54.25 45.17 -26.80
CA TYR A 852 -53.09 44.46 -26.27
C TYR A 852 -51.81 45.09 -26.83
N PRO A 853 -50.90 45.60 -25.97
CA PRO A 853 -49.81 46.51 -26.43
C PRO A 853 -48.61 45.77 -27.00
N MET A 854 -48.79 45.18 -28.19
CA MET A 854 -47.73 44.37 -28.79
C MET A 854 -46.49 45.18 -29.19
N ALA A 855 -45.34 44.51 -29.10
CA ALA A 855 -44.14 44.86 -29.87
C ALA A 855 -43.28 43.62 -30.05
N LYS A 856 -42.54 43.54 -31.16
CA LYS A 856 -41.52 42.49 -31.29
C LYS A 856 -40.40 42.70 -30.26
N ASP A 857 -39.78 41.60 -29.82
CA ASP A 857 -38.48 41.72 -29.16
C ASP A 857 -37.35 41.69 -30.21
N CYS A 858 -36.11 41.91 -29.78
CA CYS A 858 -34.99 41.94 -30.75
C CYS A 858 -34.53 40.55 -31.20
N MET A 859 -35.18 39.47 -30.74
CA MET A 859 -35.09 38.17 -31.41
C MET A 859 -36.15 38.01 -32.49
N GLY A 860 -37.23 38.80 -32.44
CA GLY A 860 -38.39 38.59 -33.30
C GLY A 860 -39.53 37.84 -32.64
N GLY A 861 -39.43 37.52 -31.34
CA GLY A 861 -40.55 37.11 -30.51
C GLY A 861 -41.34 38.32 -30.05
N ILE A 862 -42.06 38.16 -28.92
CA ILE A 862 -42.99 39.19 -28.42
C ILE A 862 -42.46 39.79 -27.12
N ARG A 863 -42.29 41.13 -27.08
CA ARG A 863 -41.92 41.84 -25.85
C ARG A 863 -43.02 41.76 -24.79
N ASP A 864 -42.63 41.91 -23.51
CA ASP A 864 -43.62 42.04 -22.43
C ASP A 864 -44.56 43.23 -22.69
N PRO A 865 -45.82 43.17 -22.18
CA PRO A 865 -46.81 44.22 -22.47
C PRO A 865 -46.52 45.55 -21.80
N ASP A 866 -46.07 46.49 -22.62
CA ASP A 866 -45.80 47.87 -22.24
C ASP A 866 -47.12 48.64 -22.02
N TRP A 867 -47.70 48.51 -20.81
CA TRP A 867 -49.11 48.92 -20.59
C TRP A 867 -49.38 50.38 -20.92
N LEU A 868 -50.66 50.64 -21.25
CA LEU A 868 -51.16 51.90 -21.81
C LEU A 868 -52.24 52.56 -20.94
N ASP A 869 -52.76 51.88 -19.92
CA ASP A 869 -53.73 52.42 -18.95
C ASP A 869 -55.01 52.95 -19.61
N LEU A 870 -55.71 52.09 -20.39
CA LEU A 870 -56.90 52.53 -21.15
C LEU A 870 -58.18 51.76 -20.81
N PRO A 871 -59.34 52.43 -20.77
CA PRO A 871 -60.65 51.71 -20.79
C PRO A 871 -60.77 50.87 -22.05
N PRO A 872 -61.68 49.88 -22.06
CA PRO A 872 -61.87 49.06 -23.26
C PRO A 872 -62.38 49.89 -24.42
N ILE A 873 -62.08 49.44 -25.64
CA ILE A 873 -62.56 50.09 -26.85
C ILE A 873 -63.73 49.29 -27.40
N SER A 874 -64.91 49.91 -27.39
CA SER A 874 -66.14 49.23 -27.82
C SER A 874 -66.08 48.85 -29.29
N SER A 875 -65.60 49.77 -30.14
CA SER A 875 -65.28 49.44 -31.53
C SER A 875 -64.23 50.42 -32.02
N LEU A 876 -63.50 50.01 -33.07
CA LEU A 876 -62.38 50.80 -33.57
C LEU A 876 -62.37 50.80 -35.10
N GLY A 877 -62.27 51.99 -35.70
CA GLY A 877 -62.10 52.13 -37.13
C GLY A 877 -60.63 52.36 -37.47
N MET A 878 -60.22 51.92 -38.67
CA MET A 878 -58.89 52.21 -39.19
C MET A 878 -58.99 52.55 -40.68
N GLY A 879 -57.98 53.28 -41.19
CA GLY A 879 -57.87 53.46 -42.64
C GLY A 879 -56.55 54.06 -43.04
N VAL A 880 -56.19 53.88 -44.32
CA VAL A 880 -54.94 54.44 -44.88
C VAL A 880 -55.27 55.72 -45.63
N HIS A 881 -54.48 56.77 -45.37
CA HIS A 881 -54.68 58.09 -45.95
C HIS A 881 -53.41 58.54 -46.68
N SER A 882 -53.57 58.99 -47.93
CA SER A 882 -52.45 59.61 -48.65
C SER A 882 -52.13 60.98 -48.07
N LEU A 883 -50.83 61.30 -48.02
CA LEU A 883 -50.33 62.58 -47.52
C LEU A 883 -49.59 63.38 -48.61
N ILE A 884 -49.93 63.15 -49.88
CA ILE A 884 -49.41 63.98 -50.98
C ILE A 884 -49.76 65.47 -50.79
N ASN A 885 -50.71 65.76 -49.90
CA ASN A 885 -51.07 67.13 -49.49
C ASN A 885 -49.93 67.87 -48.77
N LEU A 886 -48.91 67.17 -48.29
CA LEU A 886 -47.75 67.79 -47.62
C LEU A 886 -46.86 68.57 -48.60
N PRO A 887 -46.03 69.49 -48.10
CA PRO A 887 -44.89 70.00 -48.90
C PRO A 887 -43.90 68.86 -49.15
N ALA A 888 -43.29 68.86 -50.35
CA ALA A 888 -42.46 67.73 -50.81
C ALA A 888 -41.19 67.51 -49.96
N ASN A 889 -40.82 68.45 -49.08
CA ASN A 889 -39.64 68.35 -48.22
C ASN A 889 -39.89 67.54 -46.93
N SER A 890 -41.08 66.97 -46.74
CA SER A 890 -41.56 66.56 -45.41
C SER A 890 -40.81 65.37 -44.79
N THR A 891 -40.76 65.37 -43.44
CA THR A 891 -40.26 64.23 -42.66
C THR A 891 -41.34 63.16 -42.45
N ILE A 892 -42.59 63.57 -42.22
CA ILE A 892 -43.73 62.64 -42.29
C ILE A 892 -43.87 62.18 -43.74
N LYS A 893 -44.10 60.87 -43.94
CA LYS A 893 -44.08 60.23 -45.27
C LYS A 893 -45.40 60.46 -46.04
N LYS A 894 -45.45 60.01 -47.31
CA LYS A 894 -46.66 60.20 -48.15
C LYS A 894 -47.88 59.37 -47.70
N LYS A 895 -47.82 58.69 -46.55
CA LYS A 895 -48.92 57.87 -46.05
C LYS A 895 -49.04 58.00 -44.54
N ALA A 896 -50.27 57.92 -44.02
CA ALA A 896 -50.49 57.68 -42.59
C ALA A 896 -51.75 56.85 -42.41
N ALA A 897 -51.81 56.13 -41.28
CA ALA A 897 -53.07 55.56 -40.83
C ALA A 897 -53.88 56.61 -40.07
N VAL A 898 -55.20 56.59 -40.27
CA VAL A 898 -56.15 57.30 -39.40
C VAL A 898 -56.91 56.26 -38.61
N ILE A 899 -56.96 56.44 -37.29
CA ILE A 899 -57.61 55.47 -36.42
C ILE A 899 -58.65 56.20 -35.59
N ILE A 900 -59.83 55.59 -35.49
CA ILE A 900 -61.00 56.21 -34.87
C ILE A 900 -61.45 55.28 -33.75
N MET A 901 -61.51 55.80 -32.52
CA MET A 901 -61.67 54.93 -31.35
C MET A 901 -62.91 55.30 -30.55
N ALA A 902 -63.86 54.36 -30.47
CA ALA A 902 -65.02 54.50 -29.60
C ALA A 902 -64.64 54.04 -28.18
N VAL A 903 -63.91 54.93 -27.47
CA VAL A 903 -63.40 54.65 -26.13
C VAL A 903 -64.54 54.76 -25.11
N GLU A 904 -64.62 53.77 -24.21
CA GLU A 904 -65.74 53.69 -23.26
C GLU A 904 -65.49 54.55 -22.02
N LYS A 905 -66.55 55.15 -21.45
CA LYS A 905 -66.37 56.09 -20.33
C LYS A 905 -66.51 55.36 -19.00
N GLN A 906 -65.37 55.07 -18.37
CA GLN A 906 -65.34 54.47 -17.03
C GLN A 906 -65.12 55.60 -16.02
N THR A 907 -66.23 56.21 -15.56
CA THR A 907 -66.16 57.48 -14.83
C THR A 907 -65.38 57.37 -13.52
N LEU A 908 -65.70 56.37 -12.70
CA LEU A 908 -65.00 56.25 -11.41
C LEU A 908 -63.57 55.73 -11.58
N MET A 909 -63.36 54.88 -12.58
CA MET A 909 -62.00 54.42 -12.88
C MET A 909 -61.12 55.62 -13.21
N GLN A 910 -61.67 56.57 -13.96
CA GLN A 910 -60.90 57.77 -14.29
C GLN A 910 -60.62 58.60 -13.06
N HIS A 911 -61.56 58.73 -12.13
CA HIS A 911 -61.23 59.52 -10.94
C HIS A 911 -60.10 58.87 -10.13
N ILE A 912 -60.15 57.54 -9.97
CA ILE A 912 -59.03 56.84 -9.31
C ILE A 912 -57.72 57.15 -10.02
N LEU A 913 -57.71 57.03 -11.35
CA LEU A 913 -56.46 57.26 -12.10
C LEU A 913 -56.05 58.72 -12.06
N ARG A 914 -57.01 59.64 -11.97
CA ARG A 914 -56.74 61.06 -11.87
C ARG A 914 -56.33 61.49 -10.46
N CYS A 915 -56.38 60.59 -9.48
CA CYS A 915 -56.11 60.93 -8.07
C CYS A 915 -57.01 62.05 -7.53
N ASP A 916 -58.21 62.20 -8.09
CA ASP A 916 -59.18 63.18 -7.56
C ASP A 916 -59.91 62.57 -6.35
N TYR A 917 -59.27 62.69 -5.18
CA TYR A 917 -59.78 62.08 -3.95
C TYR A 917 -61.23 62.49 -3.66
N GLU A 918 -61.54 63.79 -3.81
CA GLU A 918 -62.89 64.28 -3.56
C GLU A 918 -63.88 63.70 -4.55
N ALA A 919 -63.49 63.62 -5.82
CA ALA A 919 -64.39 63.03 -6.82
C ALA A 919 -64.66 61.56 -6.50
N CYS A 920 -63.62 60.82 -6.11
CA CYS A 920 -63.82 59.43 -5.72
C CYS A 920 -64.76 59.34 -4.53
N ARG A 921 -64.54 60.18 -3.51
CA ARG A 921 -65.40 60.19 -2.34
C ARG A 921 -66.85 60.48 -2.72
N GLN A 922 -67.07 61.49 -3.58
CA GLN A 922 -68.44 61.83 -3.98
C GLN A 922 -69.09 60.69 -4.73
N TYR A 923 -68.34 60.02 -5.60
CA TYR A 923 -68.90 58.89 -6.33
C TYR A 923 -69.27 57.77 -5.38
N LEU A 924 -68.41 57.50 -4.39
CA LEU A 924 -68.74 56.47 -3.41
C LEU A 924 -69.96 56.86 -2.59
N MET A 925 -70.09 58.15 -2.26
CA MET A 925 -71.27 58.61 -1.52
C MET A 925 -72.55 58.43 -2.34
N ASN A 926 -72.46 58.71 -3.64
CA ASN A 926 -73.61 58.53 -4.52
C ASN A 926 -73.91 57.05 -4.73
N LEU A 927 -72.88 56.21 -4.84
CA LEU A 927 -73.08 54.77 -4.99
C LEU A 927 -73.56 54.14 -3.68
N GLU A 928 -73.21 54.75 -2.55
CA GLU A 928 -73.75 54.36 -1.25
C GLU A 928 -75.26 54.66 -1.20
N GLN A 929 -75.65 55.86 -1.60
CA GLN A 929 -77.08 56.18 -1.71
C GLN A 929 -77.77 55.22 -2.68
N ALA A 930 -77.11 54.89 -3.78
CA ALA A 930 -77.67 53.96 -4.75
C ALA A 930 -77.95 52.60 -4.11
N VAL A 931 -77.03 52.13 -3.25
CA VAL A 931 -77.24 50.86 -2.55
C VAL A 931 -78.41 50.97 -1.58
N VAL A 932 -78.44 52.04 -0.78
CA VAL A 932 -79.51 52.22 0.21
C VAL A 932 -80.87 52.35 -0.46
N LEU A 933 -80.92 53.07 -1.57
CA LEU A 933 -82.16 53.32 -2.28
C LEU A 933 -82.51 52.21 -3.25
N GLU A 934 -81.67 51.17 -3.34
CA GLU A 934 -81.88 50.06 -4.26
C GLU A 934 -82.08 50.54 -5.69
N GLN A 935 -81.24 51.48 -6.13
CA GLN A 935 -81.32 52.03 -7.47
C GLN A 935 -79.94 52.07 -8.09
N ASN A 936 -79.89 51.96 -9.42
CA ASN A 936 -78.61 51.97 -10.14
C ASN A 936 -77.67 50.92 -9.57
N LEU A 937 -78.22 49.78 -9.18
CA LEU A 937 -77.39 48.71 -8.65
C LEU A 937 -76.56 48.07 -9.75
N GLN A 938 -77.12 48.04 -10.97
CA GLN A 938 -76.36 47.56 -12.11
C GLN A 938 -75.17 48.46 -12.38
N MET A 939 -75.31 49.75 -12.11
CA MET A 939 -74.18 50.67 -12.30
C MET A 939 -73.03 50.31 -11.37
N LEU A 940 -73.35 49.96 -10.13
CA LEU A 940 -72.34 49.47 -9.20
C LEU A 940 -71.69 48.18 -9.70
N GLN A 941 -72.51 47.17 -10.06
CA GLN A 941 -71.93 45.91 -10.57
C GLN A 941 -71.08 46.17 -11.81
N THR A 942 -71.51 47.11 -12.66
CA THR A 942 -70.78 47.41 -13.88
C THR A 942 -69.41 48.00 -13.55
N PHE A 943 -69.38 48.93 -12.61
CA PHE A 943 -68.11 49.51 -12.16
C PHE A 943 -67.19 48.44 -11.57
N ILE A 944 -67.72 47.56 -10.70
CA ILE A 944 -66.92 46.47 -10.12
C ILE A 944 -66.36 45.57 -11.20
N SER A 945 -67.12 45.36 -12.28
CA SER A 945 -66.69 44.56 -13.42
C SER A 945 -65.82 45.35 -14.40
N HIS A 946 -65.63 46.65 -14.22
CA HIS A 946 -64.75 47.41 -15.11
C HIS A 946 -63.35 46.78 -15.14
N ARG A 947 -62.71 46.87 -16.30
CA ARG A 947 -61.29 46.53 -16.45
C ARG A 947 -60.65 47.59 -17.34
N CYS A 948 -59.36 47.80 -17.16
CA CYS A 948 -58.53 48.43 -18.19
C CYS A 948 -57.55 47.37 -18.72
N ASP A 949 -56.52 47.82 -19.45
CA ASP A 949 -55.58 46.88 -20.08
C ASP A 949 -54.76 46.09 -19.05
N GLY A 950 -54.25 44.92 -19.48
CA GLY A 950 -53.58 43.99 -18.58
C GLY A 950 -54.49 43.28 -17.61
N ASN A 951 -55.80 43.35 -17.82
CA ASN A 951 -56.82 42.73 -16.96
C ASN A 951 -56.79 43.28 -15.52
N ARG A 952 -56.30 44.52 -15.37
CA ARG A 952 -56.23 45.19 -14.06
C ARG A 952 -57.63 45.63 -13.60
N ASN A 953 -58.05 45.21 -12.40
CA ASN A 953 -59.25 45.79 -11.80
C ASN A 953 -58.90 47.07 -11.03
N ILE A 954 -59.88 47.71 -10.40
CA ILE A 954 -59.62 49.01 -9.75
C ILE A 954 -58.45 48.95 -8.77
N LEU A 955 -58.35 47.90 -7.96
CA LEU A 955 -57.29 47.89 -6.94
C LEU A 955 -55.91 47.76 -7.58
N HIS A 956 -55.78 47.03 -8.69
CA HIS A 956 -54.53 47.07 -9.46
C HIS A 956 -54.23 48.48 -9.97
N ALA A 957 -55.27 49.24 -10.37
CA ALA A 957 -55.03 50.60 -10.84
C ALA A 957 -54.51 51.49 -9.71
N CYS A 958 -55.16 51.41 -8.54
CA CYS A 958 -54.66 52.17 -7.38
C CYS A 958 -53.21 51.84 -7.12
N VAL A 959 -52.91 50.55 -7.01
CA VAL A 959 -51.55 50.11 -6.68
C VAL A 959 -50.55 50.61 -7.70
N SER A 960 -50.87 50.54 -9.00
CA SER A 960 -49.95 51.05 -10.01
C SER A 960 -49.70 52.54 -9.82
N VAL A 961 -50.75 53.28 -9.46
CA VAL A 961 -50.60 54.72 -9.23
C VAL A 961 -49.64 54.99 -8.08
N CYS A 962 -49.69 54.17 -7.02
CA CYS A 962 -48.88 54.39 -5.82
C CYS A 962 -47.40 54.16 -6.06
N PHE A 963 -47.00 53.69 -7.23
CA PHE A 963 -45.61 53.35 -7.46
C PHE A 963 -44.72 54.59 -7.41
N PRO A 964 -43.53 54.47 -6.83
CA PRO A 964 -42.54 55.56 -6.85
C PRO A 964 -41.92 55.69 -8.25
N THR A 965 -41.38 56.87 -8.53
CA THR A 965 -40.77 57.12 -9.83
C THR A 965 -39.30 57.54 -9.80
N SER A 966 -38.76 57.95 -8.65
CA SER A 966 -37.38 58.40 -8.60
C SER A 966 -36.78 58.24 -7.21
N ASN A 967 -35.45 58.09 -7.14
CA ASN A 967 -34.76 58.09 -5.85
C ASN A 967 -34.67 59.48 -5.27
N LYS A 968 -34.76 60.51 -6.11
CA LYS A 968 -34.79 61.86 -5.59
C LYS A 968 -35.97 62.03 -4.65
N GLU A 969 -37.08 61.37 -4.97
CA GLU A 969 -38.27 61.45 -4.13
C GLU A 969 -38.01 60.87 -2.75
N THR A 970 -37.34 59.71 -2.70
CA THR A 970 -37.06 59.08 -1.42
C THR A 970 -35.95 59.82 -0.68
N LYS A 971 -34.99 60.36 -1.43
CA LYS A 971 -33.92 61.13 -0.80
C LYS A 971 -34.47 62.40 -0.17
N GLU A 972 -35.38 63.07 -0.87
CA GLU A 972 -36.01 64.26 -0.30
C GLU A 972 -36.83 63.93 0.93
N GLU A 973 -37.55 62.81 0.89
CA GLU A 973 -38.34 62.39 2.05
C GLU A 973 -37.44 62.14 3.25
N VAL A 1107 -54.00 69.63 -13.25
CA VAL A 1107 -53.35 68.34 -13.02
C VAL A 1107 -52.79 68.25 -11.60
N VAL A 1108 -52.84 67.04 -11.03
CA VAL A 1108 -52.41 66.82 -9.64
C VAL A 1108 -50.89 66.78 -9.57
N GLU A 1109 -50.32 67.49 -8.60
CA GLU A 1109 -48.88 67.47 -8.39
C GLU A 1109 -48.42 66.12 -7.88
N SER A 1110 -47.16 65.78 -8.20
CA SER A 1110 -46.64 64.45 -7.84
C SER A 1110 -46.69 64.21 -6.33
N LYS A 1111 -46.44 65.25 -5.54
CA LYS A 1111 -46.51 65.11 -4.08
C LYS A 1111 -47.94 64.77 -3.65
N ASP A 1112 -48.89 65.54 -4.17
CA ASP A 1112 -50.30 65.26 -3.89
C ASP A 1112 -50.74 63.99 -4.59
N ARG A 1113 -50.14 63.67 -5.72
CA ARG A 1113 -50.50 62.47 -6.46
C ARG A 1113 -50.32 61.24 -5.58
N LYS A 1114 -49.15 61.09 -4.95
CA LYS A 1114 -48.95 59.92 -4.09
C LYS A 1114 -49.87 59.98 -2.88
N ALA A 1115 -49.93 61.15 -2.23
CA ALA A 1115 -50.76 61.30 -1.04
C ALA A 1115 -52.22 60.92 -1.35
N ASN A 1116 -52.81 61.60 -2.34
CA ASN A 1116 -54.17 61.31 -2.77
C ASN A 1116 -54.34 59.84 -3.16
N ALA A 1117 -53.41 59.28 -3.93
CA ALA A 1117 -53.54 57.88 -4.32
C ALA A 1117 -53.64 56.98 -3.09
N HIS A 1118 -52.80 57.24 -2.08
CA HIS A 1118 -52.85 56.43 -0.87
C HIS A 1118 -54.16 56.67 -0.10
N PHE A 1119 -54.61 57.93 -0.03
CA PHE A 1119 -55.91 58.20 0.61
C PHE A 1119 -57.04 57.52 -0.15
N ILE A 1120 -56.98 57.50 -1.48
CA ILE A 1120 -57.99 56.82 -2.30
C ILE A 1120 -57.97 55.33 -2.02
N LEU A 1121 -56.78 54.73 -2.01
CA LEU A 1121 -56.66 53.30 -1.69
C LEU A 1121 -57.30 53.03 -0.32
N LYS A 1122 -56.98 53.85 0.67
CA LYS A 1122 -57.54 53.65 2.01
C LYS A 1122 -59.06 53.81 2.00
N LEU A 1123 -59.54 54.87 1.36
CA LEU A 1123 -60.97 55.13 1.20
C LEU A 1123 -61.69 53.95 0.54
N LEU A 1124 -61.13 53.44 -0.56
CA LEU A 1124 -61.73 52.28 -1.25
C LEU A 1124 -61.77 51.07 -0.33
N CYS A 1125 -60.66 50.80 0.39
CA CYS A 1125 -60.63 49.69 1.34
C CYS A 1125 -61.63 49.87 2.47
N ASP A 1126 -62.00 51.11 2.79
CA ASP A 1126 -62.91 51.40 3.91
C ASP A 1126 -64.38 51.46 3.51
N SER A 1127 -64.70 51.75 2.25
CA SER A 1127 -66.07 52.11 1.86
C SER A 1127 -67.04 50.92 1.91
N VAL A 1128 -68.20 51.13 2.57
CA VAL A 1128 -69.28 50.12 2.60
C VAL A 1128 -69.84 49.84 1.20
N VAL A 1129 -69.58 50.72 0.22
CA VAL A 1129 -69.85 50.39 -1.19
C VAL A 1129 -69.06 49.15 -1.60
N LEU A 1130 -67.75 49.15 -1.35
CA LEU A 1130 -66.87 48.11 -1.88
C LEU A 1130 -66.74 46.87 -0.99
N GLN A 1131 -67.13 46.94 0.30
CA GLN A 1131 -66.80 45.85 1.24
C GLN A 1131 -67.09 44.44 0.72
N PRO A 1132 -68.26 44.12 0.15
CA PRO A 1132 -68.49 42.74 -0.31
C PRO A 1132 -67.58 42.33 -1.46
N TYR A 1133 -67.00 43.28 -2.21
CA TYR A 1133 -66.26 43.01 -3.45
C TYR A 1133 -64.75 43.01 -3.25
N LEU A 1134 -64.27 43.49 -2.10
CA LEU A 1134 -62.82 43.57 -1.89
C LEU A 1134 -62.14 42.20 -2.02
N ARG A 1135 -62.74 41.14 -1.44
CA ARG A 1135 -62.09 39.82 -1.57
C ARG A 1135 -61.88 39.47 -3.03
N GLU A 1136 -62.92 39.66 -3.85
CA GLU A 1136 -62.78 39.34 -5.26
C GLU A 1136 -61.69 40.20 -5.90
N LEU A 1137 -61.75 41.52 -5.68
CA LEU A 1137 -60.79 42.42 -6.32
C LEU A 1137 -59.35 42.12 -5.91
N LEU A 1138 -59.14 41.67 -4.66
CA LEU A 1138 -57.81 41.33 -4.16
C LEU A 1138 -57.36 39.91 -4.49
N SER A 1139 -58.29 39.02 -4.86
CA SER A 1139 -57.91 37.67 -5.28
C SER A 1139 -57.85 37.55 -6.81
N ALA A 1140 -58.40 38.51 -7.53
CA ALA A 1140 -58.27 38.57 -8.98
C ALA A 1140 -56.81 38.74 -9.41
N LYS A 1141 -56.41 38.07 -10.50
CA LYS A 1141 -55.02 38.06 -10.98
C LYS A 1141 -54.88 38.87 -12.27
N ASP A 1142 -53.83 39.70 -12.35
CA ASP A 1142 -53.56 40.44 -13.59
C ASP A 1142 -52.98 39.53 -14.67
N ALA A 1143 -52.62 40.14 -15.81
CA ALA A 1143 -52.09 39.43 -16.98
C ALA A 1143 -50.78 38.67 -16.71
N ARG A 1144 -50.11 38.90 -15.58
CA ARG A 1144 -48.90 38.18 -15.19
C ARG A 1144 -49.15 37.30 -13.96
N GLY A 1145 -50.41 37.14 -13.56
CA GLY A 1145 -50.81 36.25 -12.48
C GLY A 1145 -50.83 36.89 -11.09
N MET A 1146 -50.55 38.19 -10.99
CA MET A 1146 -50.32 38.83 -9.69
C MET A 1146 -51.60 39.45 -9.13
N THR A 1147 -51.87 39.20 -7.83
CA THR A 1147 -52.93 39.97 -7.14
C THR A 1147 -52.47 41.42 -6.99
N PRO A 1148 -53.38 42.34 -6.60
CA PRO A 1148 -52.93 43.72 -6.30
C PRO A 1148 -51.86 43.75 -5.23
N PHE A 1149 -51.96 42.90 -4.20
CA PHE A 1149 -50.92 42.84 -3.18
C PHE A 1149 -49.55 42.54 -3.80
N MET A 1150 -49.46 41.42 -4.53
CA MET A 1150 -48.19 41.04 -5.16
C MET A 1150 -47.69 42.14 -6.10
N SER A 1151 -48.61 42.90 -6.69
CA SER A 1151 -48.21 44.01 -7.56
C SER A 1151 -47.60 45.14 -6.75
N ALA A 1152 -48.18 45.42 -5.58
CA ALA A 1152 -47.64 46.46 -4.72
C ALA A 1152 -46.21 46.13 -4.29
N VAL A 1153 -45.96 44.84 -4.01
CA VAL A 1153 -44.59 44.43 -3.68
C VAL A 1153 -43.67 44.57 -4.90
N SER A 1154 -44.12 44.10 -6.06
CA SER A 1154 -43.31 44.15 -7.28
C SER A 1154 -42.93 45.59 -7.67
N GLY A 1155 -43.78 46.56 -7.37
CA GLY A 1155 -43.57 47.96 -7.70
C GLY A 1155 -42.92 48.77 -6.62
N ARG A 1156 -42.48 48.12 -5.53
CA ARG A 1156 -41.81 48.79 -4.41
C ARG A 1156 -42.74 49.76 -3.66
N ALA A 1157 -44.06 49.64 -3.85
CA ALA A 1157 -45.01 50.45 -3.11
C ALA A 1157 -45.29 49.83 -1.75
N TYR A 1158 -44.24 49.71 -0.93
CA TYR A 1158 -44.37 49.01 0.36
C TYR A 1158 -45.49 49.54 1.25
N PRO A 1159 -45.76 50.85 1.37
CA PRO A 1159 -46.91 51.27 2.21
C PRO A 1159 -48.24 50.80 1.65
N ALA A 1160 -48.39 50.76 0.32
CA ALA A 1160 -49.60 50.19 -0.27
C ALA A 1160 -49.68 48.69 -0.01
N ALA A 1161 -48.56 47.99 -0.14
CA ALA A 1161 -48.54 46.56 0.18
C ALA A 1161 -48.95 46.33 1.63
N ILE A 1162 -48.42 47.15 2.55
CA ILE A 1162 -48.81 47.08 3.96
C ILE A 1162 -50.31 47.32 4.12
N THR A 1163 -50.81 48.40 3.49
CA THR A 1163 -52.24 48.74 3.60
C THR A 1163 -53.11 47.56 3.16
N ILE A 1164 -52.78 46.99 2.01
CA ILE A 1164 -53.55 45.87 1.47
C ILE A 1164 -53.39 44.64 2.35
N LEU A 1165 -52.18 44.38 2.85
CA LEU A 1165 -51.91 43.16 3.63
C LEU A 1165 -52.67 43.18 4.96
N GLU A 1166 -52.67 44.34 5.65
CA GLU A 1166 -53.55 44.55 6.79
C GLU A 1166 -54.99 44.27 6.40
N THR A 1167 -55.44 44.88 5.28
CA THR A 1167 -56.83 44.73 4.85
C THR A 1167 -57.17 43.28 4.52
N ALA A 1168 -56.25 42.58 3.87
CA ALA A 1168 -56.45 41.17 3.51
C ALA A 1168 -56.62 40.31 4.76
N GLN A 1169 -55.85 40.60 5.81
CA GLN A 1169 -56.06 39.90 7.08
C GLN A 1169 -57.45 40.19 7.64
N LYS A 1170 -57.89 41.46 7.56
CA LYS A 1170 -59.25 41.80 8.01
C LYS A 1170 -60.30 41.01 7.23
N ILE A 1171 -60.15 40.96 5.91
CA ILE A 1171 -61.11 40.28 5.03
C ILE A 1171 -61.16 38.79 5.36
N ALA A 1172 -60.00 38.14 5.41
CA ALA A 1172 -59.97 36.72 5.79
C ALA A 1172 -60.60 36.50 7.17
N LYS A 1173 -60.34 37.41 8.12
CA LYS A 1173 -60.96 37.32 9.45
C LYS A 1173 -62.44 37.71 9.46
N ALA A 1174 -62.94 38.33 8.40
CA ALA A 1174 -64.36 38.67 8.32
C ALA A 1174 -65.17 37.47 7.80
N GLU A 1175 -64.60 36.69 6.87
CA GLU A 1175 -65.28 35.55 6.28
C GLU A 1175 -65.09 34.24 7.05
N ILE A 1176 -64.72 34.30 8.34
CA ILE A 1176 -64.60 33.09 9.18
C ILE A 1176 -65.93 32.33 9.30
N SER A 1177 -67.06 32.97 8.94
CA SER A 1177 -68.38 32.34 8.90
C SER A 1177 -68.55 31.37 7.73
N SER A 1178 -67.59 31.33 6.79
CA SER A 1178 -67.64 30.44 5.63
C SER A 1178 -67.13 29.03 5.97
N SER A 1179 -67.41 28.06 5.08
CA SER A 1179 -66.91 26.68 5.24
C SER A 1179 -65.47 26.49 4.74
N GLU A 1180 -64.78 27.58 4.39
CA GLU A 1180 -63.34 27.60 4.12
C GLU A 1180 -62.59 27.88 5.42
N LYS A 1181 -61.32 27.43 5.50
CA LYS A 1181 -60.46 27.87 6.61
C LYS A 1181 -59.97 29.30 6.35
N GLU A 1182 -59.84 30.07 7.45
CA GLU A 1182 -59.37 31.46 7.39
C GLU A 1182 -58.13 31.60 6.49
N GLU A 1183 -57.19 30.66 6.64
CA GLU A 1183 -55.95 30.70 5.88
C GLU A 1183 -56.20 30.58 4.37
N ASP A 1184 -57.17 29.78 3.93
CA ASP A 1184 -57.23 29.50 2.49
C ASP A 1184 -57.46 30.79 1.73
N VAL A 1185 -58.38 31.59 2.26
CA VAL A 1185 -58.75 32.91 1.76
C VAL A 1185 -57.55 33.84 1.83
N PHE A 1186 -56.86 33.84 2.98
CA PHE A 1186 -55.71 34.73 3.13
C PHE A 1186 -54.61 34.40 2.13
N MET A 1187 -54.22 33.12 2.06
CA MET A 1187 -53.22 32.68 1.08
C MET A 1187 -53.67 33.00 -0.34
N GLY A 1188 -54.96 32.81 -0.65
CA GLY A 1188 -55.48 33.19 -1.95
C GLY A 1188 -55.20 34.65 -2.30
N MET A 1189 -55.36 35.54 -1.32
CA MET A 1189 -55.17 36.97 -1.64
C MET A 1189 -53.69 37.35 -1.68
N VAL A 1190 -52.88 36.71 -0.86
CA VAL A 1190 -51.47 37.10 -0.72
C VAL A 1190 -50.58 36.41 -1.74
N CYS A 1191 -50.76 35.10 -1.92
CA CYS A 1191 -49.86 34.30 -2.77
C CYS A 1191 -50.63 33.07 -3.24
N PRO A 1192 -51.36 33.18 -4.37
CA PRO A 1192 -52.38 32.18 -4.69
C PRO A 1192 -51.80 30.82 -5.09
N SER A 1193 -52.56 29.77 -4.82
CA SER A 1193 -52.16 28.41 -5.20
C SER A 1193 -51.89 28.32 -6.70
N GLY A 1194 -50.83 27.58 -7.06
CA GLY A 1194 -50.35 27.55 -8.45
C GLY A 1194 -49.43 28.70 -8.85
N THR A 1195 -49.09 29.60 -7.91
CA THR A 1195 -48.06 30.61 -8.17
C THR A 1195 -46.70 29.96 -8.45
N ASN A 1196 -46.06 30.36 -9.54
CA ASN A 1196 -44.68 29.99 -9.81
C ASN A 1196 -43.79 30.43 -8.63
N PRO A 1197 -43.00 29.52 -8.02
CA PRO A 1197 -42.25 29.88 -6.79
C PRO A 1197 -41.38 31.12 -6.93
N ASP A 1198 -40.88 31.40 -8.13
CA ASP A 1198 -40.06 32.59 -8.38
C ASP A 1198 -40.81 33.91 -8.10
N ASP A 1199 -42.15 33.88 -8.02
CA ASP A 1199 -42.96 35.07 -7.74
C ASP A 1199 -43.53 35.10 -6.31
N SER A 1200 -43.16 34.17 -5.44
CA SER A 1200 -43.74 34.18 -4.09
C SER A 1200 -43.30 35.44 -3.33
N PRO A 1201 -44.24 36.22 -2.73
CA PRO A 1201 -43.91 37.59 -2.26
C PRO A 1201 -42.71 37.69 -1.34
N LEU A 1202 -42.61 36.81 -0.35
CA LEU A 1202 -41.52 36.91 0.62
C LEU A 1202 -40.17 36.83 -0.09
N TYR A 1203 -40.06 35.96 -1.10
CA TYR A 1203 -38.86 35.94 -1.94
C TYR A 1203 -38.70 37.25 -2.76
N VAL A 1204 -39.79 37.73 -3.38
CA VAL A 1204 -39.69 38.92 -4.23
C VAL A 1204 -39.19 40.13 -3.43
N LEU A 1205 -39.67 40.27 -2.20
CA LEU A 1205 -39.28 41.39 -1.33
C LEU A 1205 -37.77 41.42 -1.10
N CYS A 1206 -37.15 40.24 -0.99
CA CYS A 1206 -35.71 40.15 -0.80
C CYS A 1206 -34.95 40.46 -2.10
N CYS A 1207 -35.49 40.04 -3.25
CA CYS A 1207 -34.85 40.35 -4.52
C CYS A 1207 -34.83 41.84 -4.85
N ASN A 1208 -35.73 42.64 -4.27
CA ASN A 1208 -35.91 44.05 -4.61
C ASN A 1208 -34.79 44.99 -4.15
N ASP A 1209 -33.54 44.73 -4.52
CA ASP A 1209 -32.43 45.62 -4.17
C ASP A 1209 -32.20 46.65 -5.30
N THR A 1210 -31.33 47.65 -5.07
CA THR A 1210 -31.04 48.64 -6.12
C THR A 1210 -29.88 48.17 -6.99
N CYS A 1211 -29.86 48.66 -8.23
CA CYS A 1211 -28.72 48.41 -9.11
C CYS A 1211 -27.44 49.01 -8.51
N SER A 1212 -26.31 48.29 -8.64
CA SER A 1212 -25.05 48.81 -8.09
C SER A 1212 -24.78 50.24 -8.53
N PHE A 1213 -25.17 50.57 -9.77
CA PHE A 1213 -24.94 51.89 -10.34
C PHE A 1213 -25.49 53.02 -9.45
N THR A 1214 -26.51 52.76 -8.63
CA THR A 1214 -27.03 53.82 -7.76
C THR A 1214 -25.99 54.29 -6.74
N TRP A 1215 -25.00 53.45 -6.42
CA TRP A 1215 -23.93 53.85 -5.49
C TRP A 1215 -22.53 53.85 -6.11
N THR A 1216 -22.27 53.04 -7.15
CA THR A 1216 -20.98 53.11 -7.84
C THR A 1216 -20.93 54.19 -8.90
N GLY A 1217 -22.08 54.62 -9.41
CA GLY A 1217 -22.10 55.48 -10.60
C GLY A 1217 -21.36 54.79 -11.74
N ALA A 1218 -20.66 55.57 -12.57
CA ALA A 1218 -19.96 55.04 -13.75
C ALA A 1218 -18.55 54.50 -13.43
N GLU A 1219 -18.21 54.38 -12.15
CA GLU A 1219 -16.94 53.78 -11.73
C GLU A 1219 -16.97 52.27 -11.93
N HIS A 1220 -15.80 51.70 -12.15
CA HIS A 1220 -15.66 50.26 -12.39
C HIS A 1220 -15.22 49.56 -11.10
N ILE A 1221 -16.05 48.63 -10.63
CA ILE A 1221 -15.73 47.84 -9.44
C ILE A 1221 -15.81 46.35 -9.79
N ASN A 1222 -15.14 45.55 -8.98
CA ASN A 1222 -15.09 44.10 -9.18
C ASN A 1222 -16.38 43.48 -8.67
N GLN A 1223 -17.26 43.10 -9.60
CA GLN A 1223 -18.55 42.50 -9.24
C GLN A 1223 -18.92 41.44 -10.27
N ASP A 1224 -19.86 40.56 -9.90
CA ASP A 1224 -20.40 39.58 -10.85
C ASP A 1224 -21.22 40.27 -11.95
N ILE A 1225 -21.19 39.70 -13.16
CA ILE A 1225 -21.86 40.32 -14.32
C ILE A 1225 -22.47 39.27 -15.24
N PHE A 1226 -23.54 39.65 -15.94
CA PHE A 1226 -24.33 38.75 -16.78
C PHE A 1226 -24.56 39.37 -18.16
N GLU A 1227 -24.55 38.53 -19.19
CA GLU A 1227 -25.09 38.90 -20.50
C GLU A 1227 -26.57 38.51 -20.57
N CYS A 1228 -27.31 39.18 -21.46
CA CYS A 1228 -28.76 38.93 -21.62
C CYS A 1228 -29.11 38.91 -23.12
N ARG A 1229 -29.12 37.72 -23.72
CA ARG A 1229 -29.20 37.60 -25.18
C ARG A 1229 -30.57 37.99 -25.70
N THR A 1230 -31.63 37.68 -24.95
CA THR A 1230 -32.99 38.12 -25.28
C THR A 1230 -33.07 39.61 -25.57
N CYS A 1231 -32.16 40.40 -24.98
CA CYS A 1231 -32.24 41.86 -25.01
C CYS A 1231 -31.12 42.49 -25.85
N GLY A 1232 -30.34 41.69 -26.56
CA GLY A 1232 -29.20 42.20 -27.32
C GLY A 1232 -28.02 42.64 -26.47
N LEU A 1233 -28.06 42.42 -25.14
CA LEU A 1233 -26.90 42.61 -24.27
C LEU A 1233 -25.95 41.41 -24.43
N LEU A 1234 -25.37 41.34 -25.62
CA LEU A 1234 -24.40 40.30 -25.99
C LEU A 1234 -23.01 40.60 -25.37
N GLU A 1235 -22.06 39.69 -25.59
CA GLU A 1235 -20.93 39.44 -24.67
C GLU A 1235 -20.03 40.66 -24.37
N SER A 1236 -19.96 41.68 -25.23
CA SER A 1236 -19.21 42.91 -24.85
C SER A 1236 -19.94 43.68 -23.74
N LEU A 1237 -21.27 43.74 -23.80
CA LEU A 1237 -22.12 44.46 -22.84
C LEU A 1237 -22.46 43.57 -21.62
N CYS A 1238 -23.07 44.15 -20.57
CA CYS A 1238 -23.54 43.31 -19.45
C CYS A 1238 -24.41 44.10 -18.44
N CYS A 1239 -25.06 43.33 -17.55
CA CYS A 1239 -25.72 43.89 -16.37
C CYS A 1239 -25.23 43.20 -15.09
N CYS A 1240 -25.37 43.91 -13.96
CA CYS A 1240 -25.04 43.38 -12.62
C CYS A 1240 -26.09 42.37 -12.15
N THR A 1241 -25.77 41.65 -11.05
CA THR A 1241 -26.63 40.56 -10.57
C THR A 1241 -28.08 40.98 -10.35
N GLU A 1242 -28.32 42.15 -9.72
CA GLU A 1242 -29.71 42.52 -9.41
C GLU A 1242 -30.53 42.76 -10.67
N CYS A 1243 -29.95 43.46 -11.66
CA CYS A 1243 -30.68 43.64 -12.90
C CYS A 1243 -31.00 42.28 -13.52
N ALA A 1244 -30.03 41.38 -13.50
CA ALA A 1244 -30.25 40.07 -14.11
C ALA A 1244 -31.39 39.33 -13.41
N ARG A 1245 -31.47 39.48 -12.08
CA ARG A 1245 -32.52 38.81 -11.31
C ARG A 1245 -33.89 39.45 -11.49
N VAL A 1246 -33.99 40.76 -11.73
CA VAL A 1246 -35.30 41.41 -11.76
C VAL A 1246 -35.58 42.11 -13.10
N CYS A 1247 -34.65 42.93 -13.57
CA CYS A 1247 -34.88 43.63 -14.84
C CYS A 1247 -34.91 42.66 -16.02
N HIS A 1248 -34.21 41.53 -15.91
CA HIS A 1248 -34.18 40.55 -17.00
C HIS A 1248 -34.75 39.22 -16.57
N LYS A 1249 -35.63 39.23 -15.57
CA LYS A 1249 -36.24 37.99 -15.10
C LYS A 1249 -36.95 37.28 -16.26
N GLY A 1250 -36.69 35.98 -16.40
CA GLY A 1250 -37.29 35.17 -17.46
C GLY A 1250 -36.64 35.25 -18.83
N HIS A 1251 -35.64 36.11 -19.02
CA HIS A 1251 -34.87 36.16 -20.26
C HIS A 1251 -33.80 35.07 -20.30
N ASP A 1252 -33.21 34.88 -21.49
CA ASP A 1252 -31.91 34.19 -21.59
C ASP A 1252 -30.83 35.09 -20.98
N CYS A 1253 -30.36 34.74 -19.77
CA CYS A 1253 -29.21 35.39 -19.15
C CYS A 1253 -28.19 34.37 -18.70
N LYS A 1254 -26.90 34.69 -18.87
CA LYS A 1254 -25.80 33.79 -18.53
C LYS A 1254 -24.71 34.54 -17.79
N LEU A 1255 -24.05 33.86 -16.86
CA LEU A 1255 -22.96 34.47 -16.09
C LEU A 1255 -21.75 34.69 -17.00
N LYS A 1256 -21.31 35.95 -17.15
CA LYS A 1256 -20.32 36.33 -18.16
C LYS A 1256 -18.89 36.02 -17.68
N ARG A 1257 -17.95 35.89 -18.64
CA ARG A 1257 -16.59 35.45 -18.34
C ARG A 1257 -15.54 36.56 -18.47
N THR A 1258 -15.95 37.78 -18.83
CA THR A 1258 -15.00 38.88 -18.93
C THR A 1258 -14.60 39.38 -17.53
N SER A 1259 -13.69 40.35 -17.53
CA SER A 1259 -13.20 40.92 -16.28
C SER A 1259 -14.34 41.52 -15.46
N PRO A 1260 -14.32 41.34 -14.14
CA PRO A 1260 -15.41 41.81 -13.26
C PRO A 1260 -15.42 43.31 -13.03
N THR A 1261 -14.38 44.02 -13.44
CA THR A 1261 -14.24 45.46 -13.19
C THR A 1261 -15.11 46.23 -14.17
N ALA A 1262 -16.41 46.33 -13.86
CA ALA A 1262 -17.36 46.94 -14.79
C ALA A 1262 -18.54 47.55 -14.04
N TYR A 1263 -19.11 48.62 -14.61
CA TYR A 1263 -20.46 49.06 -14.24
C TYR A 1263 -21.50 48.32 -15.10
N CYS A 1264 -22.77 48.66 -14.90
CA CYS A 1264 -23.91 47.89 -15.41
C CYS A 1264 -24.68 48.71 -16.47
N ASP A 1265 -24.76 48.19 -17.72
CA ASP A 1265 -25.31 48.94 -18.86
C ASP A 1265 -26.85 49.05 -18.86
N CYS A 1266 -27.50 48.29 -17.99
CA CYS A 1266 -28.96 48.11 -18.04
C CYS A 1266 -29.75 49.42 -17.89
N TRP A 1267 -29.27 50.39 -17.09
CA TRP A 1267 -30.00 51.67 -17.00
C TRP A 1267 -29.97 52.44 -18.31
N GLU A 1268 -28.97 52.19 -19.15
CA GLU A 1268 -28.80 52.96 -20.39
C GLU A 1268 -29.45 52.30 -21.59
N LYS A 1269 -29.41 50.97 -21.66
CA LYS A 1269 -29.89 50.22 -22.81
C LYS A 1269 -31.34 49.77 -22.72
N CYS A 1270 -31.97 49.90 -21.54
CA CYS A 1270 -33.27 49.28 -21.29
C CYS A 1270 -34.02 50.09 -20.21
N LYS A 1271 -35.29 49.71 -19.96
CA LYS A 1271 -36.09 50.40 -18.94
C LYS A 1271 -35.90 49.72 -17.59
N CYS A 1272 -34.75 50.05 -16.99
CA CYS A 1272 -34.23 49.45 -15.75
C CYS A 1272 -35.10 49.69 -14.51
N LYS A 1273 -35.62 48.59 -13.92
CA LYS A 1273 -36.58 48.61 -12.81
C LYS A 1273 -35.93 48.56 -11.44
N THR A 1274 -34.61 48.50 -11.38
CA THR A 1274 -33.88 48.45 -10.12
C THR A 1274 -33.27 49.79 -9.73
N LEU A 1275 -33.54 50.85 -10.51
CA LEU A 1275 -33.01 52.18 -10.17
C LEU A 1275 -33.63 52.78 -8.91
N ILE A 1276 -34.84 52.38 -8.53
CA ILE A 1276 -35.57 53.04 -7.43
C ILE A 1276 -35.46 52.25 -6.12
N ALA A 1277 -34.98 52.91 -5.06
CA ALA A 1277 -34.82 52.28 -3.75
C ALA A 1277 -36.17 52.06 -3.06
N GLY A 1278 -37.05 53.05 -3.12
CA GLY A 1278 -38.29 53.06 -2.35
C GLY A 1278 -38.05 53.50 -0.92
N GLN A 1279 -39.04 53.23 -0.06
CA GLN A 1279 -38.94 53.60 1.35
C GLN A 1279 -38.36 52.44 2.15
N LYS A 1280 -37.13 52.61 2.64
CA LYS A 1280 -36.40 51.52 3.28
C LYS A 1280 -37.09 51.04 4.55
N SER A 1281 -37.60 51.97 5.36
CA SER A 1281 -38.25 51.58 6.61
C SER A 1281 -39.51 50.77 6.34
N ALA A 1282 -40.22 51.11 5.26
CA ALA A 1282 -41.41 50.35 4.91
C ALA A 1282 -41.06 48.98 4.38
N ARG A 1283 -39.95 48.88 3.63
CA ARG A 1283 -39.49 47.57 3.12
C ARG A 1283 -39.21 46.62 4.28
N LEU A 1284 -38.58 47.15 5.33
CA LEU A 1284 -38.24 46.31 6.48
C LEU A 1284 -39.48 45.95 7.30
N ASP A 1285 -40.38 46.91 7.48
CA ASP A 1285 -41.61 46.62 8.22
C ASP A 1285 -42.42 45.54 7.52
N LEU A 1286 -42.52 45.64 6.20
CA LEU A 1286 -43.26 44.64 5.42
C LEU A 1286 -42.64 43.27 5.58
N LEU A 1287 -41.31 43.19 5.56
CA LEU A 1287 -40.65 41.90 5.77
C LEU A 1287 -41.05 41.27 7.10
N TYR A 1288 -40.98 42.07 8.17
CA TYR A 1288 -41.33 41.54 9.49
C TYR A 1288 -42.75 40.96 9.48
N ARG A 1289 -43.68 41.73 8.89
CA ARG A 1289 -45.08 41.30 8.86
C ARG A 1289 -45.23 39.99 8.11
N LEU A 1290 -44.61 39.88 6.93
CA LEU A 1290 -44.73 38.66 6.13
C LEU A 1290 -44.21 37.45 6.89
N LEU A 1291 -43.07 37.61 7.58
CA LEU A 1291 -42.47 36.49 8.30
C LEU A 1291 -43.41 35.94 9.35
N THR A 1292 -44.18 36.81 9.99
CA THR A 1292 -45.14 36.30 10.98
C THR A 1292 -46.53 35.99 10.43
N ALA A 1293 -46.89 36.56 9.27
CA ALA A 1293 -48.22 36.34 8.71
C ALA A 1293 -48.33 35.01 7.95
N THR A 1294 -47.24 34.57 7.29
CA THR A 1294 -47.34 33.52 6.26
C THR A 1294 -46.32 32.40 6.48
N ASN A 1295 -46.60 31.22 5.90
CA ASN A 1295 -45.66 30.10 5.91
C ASN A 1295 -44.68 30.14 4.72
N LEU A 1296 -44.62 31.27 3.98
CA LEU A 1296 -43.82 31.33 2.75
C LEU A 1296 -42.33 31.08 2.98
N VAL A 1297 -41.85 31.25 4.21
CA VAL A 1297 -40.44 31.00 4.50
C VAL A 1297 -40.03 29.57 4.17
N THR A 1298 -40.98 28.64 4.17
CA THR A 1298 -40.67 27.22 3.94
C THR A 1298 -40.42 26.87 2.48
N LEU A 1299 -40.78 27.75 1.51
CA LEU A 1299 -40.63 27.35 0.09
C LEU A 1299 -39.20 27.54 -0.40
N PRO A 1300 -38.68 26.65 -1.24
CA PRO A 1300 -37.47 26.95 -2.01
C PRO A 1300 -37.82 27.82 -3.22
N ASN A 1301 -36.82 28.54 -3.72
CA ASN A 1301 -37.00 29.31 -4.95
C ASN A 1301 -36.90 28.38 -6.19
N SER A 1302 -36.89 28.98 -7.38
CA SER A 1302 -36.87 28.26 -8.67
C SER A 1302 -35.53 27.56 -8.97
N ARG A 1303 -34.53 27.65 -8.08
CA ARG A 1303 -33.28 26.92 -8.21
C ARG A 1303 -33.04 26.01 -7.00
N GLY A 1304 -34.10 25.74 -6.23
CA GLY A 1304 -34.00 24.89 -5.04
C GLY A 1304 -33.33 25.55 -3.85
N GLU A 1305 -32.98 26.83 -3.92
CA GLU A 1305 -32.36 27.53 -2.79
C GLU A 1305 -33.44 27.89 -1.77
N HIS A 1306 -33.32 27.34 -0.55
CA HIS A 1306 -34.13 27.83 0.57
C HIS A 1306 -33.77 29.28 0.84
N LEU A 1307 -34.75 30.05 1.35
CA LEU A 1307 -34.57 31.49 1.49
C LEU A 1307 -33.29 31.85 2.24
N LEU A 1308 -32.99 31.13 3.32
CA LEU A 1308 -31.80 31.41 4.10
C LEU A 1308 -30.52 31.25 3.28
N LEU A 1309 -30.43 30.17 2.50
CA LEU A 1309 -29.23 29.94 1.68
C LEU A 1309 -29.07 31.06 0.65
N PHE A 1310 -30.19 31.64 0.22
CA PHE A 1310 -30.17 32.78 -0.69
C PHE A 1310 -29.65 34.04 0.02
N LEU A 1311 -30.18 34.34 1.21
CA LEU A 1311 -29.74 35.52 1.95
C LEU A 1311 -28.26 35.45 2.30
N VAL A 1312 -27.78 34.30 2.81
CA VAL A 1312 -26.38 34.25 3.24
C VAL A 1312 -25.43 34.36 2.06
N GLN A 1313 -25.78 33.76 0.90
CA GLN A 1313 -24.95 34.04 -0.28
C GLN A 1313 -24.98 35.52 -0.64
N THR A 1314 -26.13 36.18 -0.46
CA THR A 1314 -26.22 37.60 -0.80
C THR A 1314 -25.28 38.43 0.07
N VAL A 1315 -25.30 38.16 1.38
CA VAL A 1315 -24.46 38.92 2.32
C VAL A 1315 -22.99 38.70 1.99
N ALA A 1316 -22.60 37.44 1.75
CA ALA A 1316 -21.21 37.15 1.38
C ALA A 1316 -20.80 37.91 0.12
N ARG A 1317 -21.71 38.03 -0.85
CA ARG A 1317 -21.36 38.74 -2.10
C ARG A 1317 -21.24 40.24 -1.88
N GLN A 1318 -22.21 40.81 -1.16
CA GLN A 1318 -22.19 42.23 -0.87
C GLN A 1318 -20.95 42.61 -0.09
N THR A 1319 -20.50 41.74 0.82
CA THR A 1319 -19.35 42.06 1.67
C THR A 1319 -18.16 42.46 0.83
N VAL A 1320 -17.97 41.79 -0.32
CA VAL A 1320 -16.84 42.12 -1.19
C VAL A 1320 -17.16 43.35 -2.03
N GLU A 1321 -18.38 43.42 -2.56
CA GLU A 1321 -18.69 44.52 -3.47
C GLU A 1321 -18.75 45.87 -2.75
N HIS A 1322 -19.31 45.89 -1.54
CA HIS A 1322 -19.54 47.16 -0.85
C HIS A 1322 -18.26 47.73 -0.26
N CYS A 1323 -17.23 46.93 -0.09
CA CYS A 1323 -15.96 47.43 0.40
C CYS A 1323 -15.22 48.27 -0.63
N GLN A 1324 -15.70 48.27 -1.86
CA GLN A 1324 -15.13 49.08 -2.93
C GLN A 1324 -15.81 50.43 -3.05
N TYR A 1325 -16.80 50.69 -2.21
CA TYR A 1325 -17.53 51.95 -2.24
C TYR A 1325 -16.72 53.07 -1.60
N ARG A 1326 -16.78 54.25 -2.21
CA ARG A 1326 -16.13 55.42 -1.65
C ARG A 1326 -17.07 56.63 -1.64
N PRO A 1327 -16.99 57.45 -0.58
CA PRO A 1327 -17.71 58.72 -0.57
C PRO A 1327 -17.20 59.64 -1.66
N PRO A 1328 -18.03 60.61 -2.10
CA PRO A 1328 -17.66 61.60 -3.13
C PRO A 1328 -16.71 62.69 -2.60
N ASP A 1345 -28.84 63.37 -18.39
CA ASP A 1345 -29.56 62.18 -18.86
C ASP A 1345 -29.23 60.94 -18.02
N MET A 1346 -28.11 61.00 -17.29
CA MET A 1346 -27.63 59.86 -16.52
C MET A 1346 -28.39 59.71 -15.18
N PRO A 1347 -28.76 58.48 -14.77
CA PRO A 1347 -29.53 58.27 -13.52
C PRO A 1347 -28.80 58.75 -12.27
N ASP A 1348 -29.59 58.99 -11.22
CA ASP A 1348 -29.07 59.41 -9.92
C ASP A 1348 -28.03 58.42 -9.40
N HIS A 1349 -26.80 58.90 -9.20
CA HIS A 1349 -25.74 58.08 -8.60
C HIS A 1349 -25.36 58.65 -7.23
N ASP A 1350 -24.25 58.16 -6.65
CA ASP A 1350 -23.73 58.63 -5.35
C ASP A 1350 -24.67 58.33 -4.17
N LEU A 1351 -25.49 57.26 -4.24
CA LEU A 1351 -26.30 56.85 -3.10
C LEU A 1351 -25.51 55.90 -2.19
N GLU A 1352 -25.97 55.73 -0.93
CA GLU A 1352 -25.27 54.80 -0.02
C GLU A 1352 -25.68 53.33 -0.30
N PRO A 1353 -24.74 52.37 -0.27
CA PRO A 1353 -25.09 50.96 -0.61
C PRO A 1353 -26.12 50.37 0.33
N PRO A 1354 -26.87 49.34 -0.13
CA PRO A 1354 -27.96 48.72 0.67
C PRO A 1354 -27.45 47.79 1.77
N ARG A 1355 -28.00 47.92 2.98
CA ARG A 1355 -27.72 46.97 4.06
C ARG A 1355 -28.89 46.05 4.36
N PHE A 1356 -29.86 46.00 3.45
CA PHE A 1356 -31.07 45.24 3.73
C PHE A 1356 -30.80 43.74 3.86
N ALA A 1357 -29.95 43.17 3.01
CA ALA A 1357 -29.69 41.73 3.10
C ALA A 1357 -29.15 41.35 4.48
N GLN A 1358 -28.28 42.17 5.06
CA GLN A 1358 -27.73 41.83 6.37
C GLN A 1358 -28.80 41.92 7.46
N LEU A 1359 -29.63 42.97 7.40
CA LEU A 1359 -30.71 43.13 8.35
C LEU A 1359 -31.72 41.99 8.22
N ALA A 1360 -32.04 41.63 6.98
CA ALA A 1360 -33.00 40.57 6.73
C ALA A 1360 -32.45 39.23 7.19
N LEU A 1361 -31.16 38.98 6.94
CA LEU A 1361 -30.55 37.73 7.36
C LEU A 1361 -30.58 37.60 8.88
N GLU A 1362 -30.21 38.69 9.56
CA GLU A 1362 -30.22 38.71 11.03
C GLU A 1362 -31.62 38.44 11.60
N ARG A 1363 -32.65 39.03 10.99
CA ARG A 1363 -34.03 38.83 11.50
C ARG A 1363 -34.55 37.43 11.19
N VAL A 1364 -34.34 36.96 9.96
CA VAL A 1364 -34.84 35.64 9.56
C VAL A 1364 -34.23 34.55 10.44
N LEU A 1365 -32.95 34.70 10.77
CA LEU A 1365 -32.24 33.73 11.62
C LEU A 1365 -32.81 33.64 13.03
N GLN A 1366 -33.67 34.58 13.42
CA GLN A 1366 -34.32 34.55 14.72
C GLN A 1366 -35.62 33.77 14.72
N ASP A 1367 -36.08 33.38 13.54
CA ASP A 1367 -37.35 32.67 13.39
C ASP A 1367 -37.09 31.16 13.42
N TRP A 1368 -37.64 30.51 14.44
CA TRP A 1368 -37.49 29.06 14.60
C TRP A 1368 -37.91 28.32 13.34
N ASN A 1369 -39.02 28.73 12.74
CA ASN A 1369 -39.54 28.02 11.57
C ASN A 1369 -38.56 28.12 10.41
N ALA A 1370 -38.01 29.31 10.18
CA ALA A 1370 -37.03 29.48 9.12
C ALA A 1370 -35.81 28.58 9.36
N LEU A 1371 -35.33 28.55 10.60
CA LEU A 1371 -34.13 27.80 10.94
C LEU A 1371 -34.37 26.31 10.84
N LYS A 1372 -35.47 25.84 11.43
CA LYS A 1372 -35.83 24.42 11.35
C LYS A 1372 -36.02 24.02 9.89
N SER A 1373 -36.76 24.83 9.13
CA SER A 1373 -37.01 24.55 7.72
C SER A 1373 -35.71 24.48 6.92
N MET A 1374 -34.71 25.32 7.25
CA MET A 1374 -33.43 25.24 6.54
C MET A 1374 -32.62 24.01 6.97
N ILE A 1375 -32.53 23.73 8.27
CA ILE A 1375 -31.69 22.61 8.70
C ILE A 1375 -32.28 21.27 8.26
N MET A 1376 -33.61 21.11 8.31
CA MET A 1376 -34.23 19.86 7.84
C MET A 1376 -34.27 19.74 6.32
N PHE A 1377 -33.79 20.74 5.58
CA PHE A 1377 -33.77 20.66 4.12
C PHE A 1377 -33.01 19.43 3.63
N GLY A 1378 -33.56 18.72 2.63
CA GLY A 1378 -32.97 17.49 2.12
C GLY A 1378 -33.39 16.22 2.85
N SER A 1379 -34.14 16.34 3.95
CA SER A 1379 -34.81 15.19 4.55
C SER A 1379 -35.92 14.65 3.64
N GLN A 1380 -36.35 13.40 3.88
CA GLN A 1380 -37.41 12.76 3.08
C GLN A 1380 -38.71 13.56 3.09
N GLU A 1381 -39.02 14.18 4.23
CA GLU A 1381 -40.17 15.09 4.34
C GLU A 1381 -39.95 16.36 3.52
N ASN A 1382 -38.81 17.02 3.75
CA ASN A 1382 -38.45 18.30 3.12
C ASN A 1382 -37.81 18.04 1.75
N LYS A 1383 -38.61 17.39 0.88
CA LYS A 1383 -38.19 16.93 -0.45
C LYS A 1383 -37.84 18.10 -1.38
N ASP A 1384 -36.57 18.24 -1.75
CA ASP A 1384 -36.15 19.31 -2.67
C ASP A 1384 -36.78 19.09 -4.05
N PRO A 1385 -37.57 20.04 -4.58
CA PRO A 1385 -38.24 19.80 -5.88
C PRO A 1385 -37.29 19.64 -7.04
N LEU A 1386 -36.13 20.29 -7.01
CA LEU A 1386 -35.35 20.50 -8.22
C LEU A 1386 -33.95 19.92 -8.11
N SER A 1387 -33.49 19.34 -9.23
CA SER A 1387 -32.15 18.78 -9.39
C SER A 1387 -31.78 17.70 -8.36
N ALA A 1388 -32.76 17.03 -7.75
CA ALA A 1388 -32.49 16.23 -6.54
C ALA A 1388 -33.35 14.96 -6.47
N SER A 1389 -33.18 14.07 -7.47
CA SER A 1389 -33.85 12.75 -7.50
C SER A 1389 -35.28 12.80 -6.96
N SER A 1390 -36.03 13.82 -7.38
CA SER A 1390 -37.34 14.13 -6.79
C SER A 1390 -38.48 13.33 -7.41
N ARG A 1391 -38.31 12.83 -8.64
CA ARG A 1391 -39.27 11.93 -9.30
C ARG A 1391 -38.71 10.50 -9.28
N ILE A 1392 -39.47 9.57 -8.70
CA ILE A 1392 -38.95 8.20 -8.45
C ILE A 1392 -40.00 7.11 -8.73
N GLY A 1393 -41.29 7.44 -8.64
CA GLY A 1393 -42.35 6.42 -8.70
C GLY A 1393 -42.35 5.55 -9.96
N HIS A 1394 -41.74 6.05 -11.05
CA HIS A 1394 -41.71 5.31 -12.32
C HIS A 1394 -40.61 4.24 -12.39
N LEU A 1395 -39.68 4.19 -11.44
CA LEU A 1395 -38.64 3.14 -11.42
C LEU A 1395 -39.12 1.88 -10.70
N LEU A 1396 -38.56 0.73 -11.09
CA LEU A 1396 -38.98 -0.56 -10.53
C LEU A 1396 -38.66 -0.66 -9.02
N PRO A 1397 -39.49 -1.39 -8.24
CA PRO A 1397 -39.51 -1.18 -6.77
C PRO A 1397 -38.17 -1.35 -6.07
N GLU A 1398 -37.34 -2.28 -6.56
CA GLU A 1398 -36.06 -2.53 -5.91
C GLU A 1398 -35.20 -1.26 -5.83
N GLU A 1399 -35.12 -0.53 -6.95
CA GLU A 1399 -34.30 0.68 -6.96
C GLU A 1399 -34.89 1.77 -6.07
N GLN A 1400 -36.21 1.76 -5.87
CA GLN A 1400 -36.79 2.71 -4.91
C GLN A 1400 -36.34 2.39 -3.49
N VAL A 1401 -36.39 1.11 -3.11
CA VAL A 1401 -36.09 0.78 -1.70
C VAL A 1401 -34.64 1.09 -1.36
N TYR A 1402 -33.72 0.96 -2.32
CA TYR A 1402 -32.37 1.52 -2.10
C TYR A 1402 -32.42 3.04 -2.04
N LEU A 1403 -32.95 3.67 -3.08
CA LEU A 1403 -32.72 5.10 -3.30
C LEU A 1403 -33.51 6.00 -2.33
N ASN A 1404 -34.54 5.48 -1.66
CA ASN A 1404 -35.20 6.20 -0.57
C ASN A 1404 -34.33 6.30 0.69
N GLN A 1405 -33.33 5.44 0.85
CA GLN A 1405 -32.70 5.28 2.16
C GLN A 1405 -31.73 6.42 2.50
N GLN A 1406 -30.98 6.91 1.51
CA GLN A 1406 -30.08 8.05 1.73
C GLN A 1406 -30.88 9.34 1.93
N SER A 1407 -30.18 10.38 2.41
CA SER A 1407 -30.75 11.72 2.60
C SER A 1407 -29.71 12.75 2.16
N GLY A 1408 -30.17 13.98 1.86
CA GLY A 1408 -29.31 14.99 1.25
C GLY A 1408 -28.74 15.99 2.25
N THR A 1409 -27.51 16.48 1.98
CA THR A 1409 -26.96 17.59 2.77
C THR A 1409 -26.20 18.61 1.94
N ILE A 1410 -26.12 18.47 0.61
CA ILE A 1410 -25.20 19.33 -0.16
C ILE A 1410 -25.50 20.80 0.11
N ARG A 1411 -26.79 21.16 0.17
CA ARG A 1411 -27.15 22.55 0.43
C ARG A 1411 -26.95 22.94 1.89
N LEU A 1412 -27.35 22.08 2.83
CA LEU A 1412 -27.09 22.39 4.25
C LEU A 1412 -25.59 22.57 4.51
N ASP A 1413 -24.75 21.73 3.89
CA ASP A 1413 -23.30 21.90 4.01
C ASP A 1413 -22.82 23.16 3.32
N CYS A 1414 -23.36 23.49 2.13
CA CYS A 1414 -22.92 24.71 1.45
C CYS A 1414 -23.30 25.98 2.22
N PHE A 1415 -24.48 25.99 2.84
CA PHE A 1415 -24.86 27.06 3.77
C PHE A 1415 -23.88 27.14 4.95
N THR A 1416 -23.71 26.03 5.68
CA THR A 1416 -22.89 26.05 6.89
C THR A 1416 -21.45 26.41 6.58
N HIS A 1417 -20.95 25.96 5.43
CA HIS A 1417 -19.66 26.40 4.93
C HIS A 1417 -19.62 27.91 4.74
N CYS A 1418 -20.58 28.44 3.97
CA CYS A 1418 -20.47 29.83 3.53
C CYS A 1418 -20.61 30.82 4.69
N LEU A 1419 -21.56 30.55 5.59
CA LEU A 1419 -21.73 31.36 6.81
C LEU A 1419 -20.43 31.47 7.62
N ILE A 1420 -19.64 30.40 7.68
CA ILE A 1420 -18.44 30.36 8.53
C ILE A 1420 -17.20 30.86 7.79
N VAL A 1421 -16.96 30.35 6.58
CA VAL A 1421 -15.71 30.63 5.86
C VAL A 1421 -15.78 31.93 5.06
N LYS A 1422 -16.99 32.37 4.66
CA LYS A 1422 -17.12 33.46 3.69
C LYS A 1422 -17.68 34.77 4.25
N CYS A 1423 -18.36 34.75 5.39
CA CYS A 1423 -18.57 35.99 6.16
C CYS A 1423 -17.28 36.42 6.86
N THR A 1424 -16.23 36.76 6.07
CA THR A 1424 -14.86 37.09 6.57
C THR A 1424 -14.77 38.46 7.26
N ALA A 1425 -15.90 39.12 7.53
CA ALA A 1425 -15.90 40.42 8.21
C ALA A 1425 -17.01 40.50 9.28
N ASP A 1426 -17.53 39.36 9.76
CA ASP A 1426 -18.68 39.36 10.67
C ASP A 1426 -18.66 38.16 11.61
N ILE A 1427 -19.40 38.29 12.73
CA ILE A 1427 -19.62 37.15 13.64
C ILE A 1427 -21.01 37.17 14.31
N LEU A 1428 -21.67 38.34 14.37
CA LEU A 1428 -22.98 38.43 15.02
C LEU A 1428 -24.03 37.51 14.38
N LEU A 1429 -23.94 37.28 13.06
CA LEU A 1429 -24.83 36.32 12.39
C LEU A 1429 -24.76 34.96 13.06
N LEU A 1430 -23.53 34.43 13.18
CA LEU A 1430 -23.31 33.11 13.80
C LEU A 1430 -23.79 33.11 15.25
N ASP A 1431 -23.49 34.18 16.00
CA ASP A 1431 -23.97 34.29 17.39
C ASP A 1431 -25.49 34.23 17.46
N THR A 1432 -26.18 34.90 16.53
CA THR A 1432 -27.65 34.90 16.53
C THR A 1432 -28.20 33.50 16.32
N LEU A 1433 -27.59 32.79 15.38
CA LEU A 1433 -27.97 31.41 15.09
C LEU A 1433 -27.83 30.54 16.35
N LEU A 1434 -26.66 30.60 16.99
CA LEU A 1434 -26.43 29.83 18.21
C LEU A 1434 -27.40 30.22 19.34
N GLY A 1435 -27.62 31.52 19.54
CA GLY A 1435 -28.58 31.95 20.55
C GLY A 1435 -29.96 31.36 20.31
N THR A 1436 -30.35 31.28 19.02
CA THR A 1436 -31.67 30.72 18.68
C THR A 1436 -31.73 29.24 19.03
N LEU A 1437 -30.69 28.49 18.64
CA LEU A 1437 -30.66 27.07 18.98
C LEU A 1437 -30.74 26.86 20.49
N VAL A 1438 -29.95 27.63 21.25
CA VAL A 1438 -29.91 27.48 22.71
C VAL A 1438 -31.28 27.78 23.32
N LYS A 1439 -31.92 28.88 22.88
CA LYS A 1439 -33.23 29.22 23.43
C LYS A 1439 -34.22 28.09 23.19
N GLU A 1440 -34.26 27.57 21.96
CA GLU A 1440 -35.22 26.51 21.67
C GLU A 1440 -34.88 25.21 22.40
N LEU A 1441 -33.58 24.90 22.55
CA LEU A 1441 -33.18 23.74 23.35
C LEU A 1441 -33.63 23.86 24.79
N GLN A 1442 -33.87 25.08 25.27
CA GLN A 1442 -34.36 25.32 26.62
C GLN A 1442 -35.88 25.56 26.66
N ASN A 1443 -36.57 25.35 25.54
CA ASN A 1443 -38.02 25.53 25.43
C ASN A 1443 -38.77 24.34 26.05
N LYS A 1444 -38.38 23.96 27.28
CA LYS A 1444 -38.90 22.73 27.94
C LYS A 1444 -40.42 22.75 28.13
N TYR A 1445 -41.00 23.94 28.27
CA TYR A 1445 -42.43 24.10 28.55
C TYR A 1445 -43.31 23.84 27.32
N THR A 1446 -42.73 23.71 26.12
CA THR A 1446 -43.49 23.44 24.89
C THR A 1446 -43.38 21.96 24.52
N PRO A 1447 -44.48 21.23 24.31
CA PRO A 1447 -44.38 19.78 24.09
C PRO A 1447 -43.72 19.44 22.75
N GLY A 1448 -42.93 18.38 22.74
CA GLY A 1448 -42.23 17.88 21.56
C GLY A 1448 -41.09 18.74 21.04
N ARG A 1449 -41.27 20.04 21.15
CA ARG A 1449 -40.30 21.06 20.73
C ARG A 1449 -38.87 20.76 21.21
N ARG A 1450 -38.75 20.21 22.42
CA ARG A 1450 -37.44 19.85 22.98
C ARG A 1450 -36.70 18.89 22.05
N GLU A 1451 -37.35 17.76 21.76
CA GLU A 1451 -36.74 16.70 20.97
C GLU A 1451 -36.50 17.14 19.54
N GLU A 1452 -37.47 17.84 18.97
CA GLU A 1452 -37.31 18.45 17.66
C GLU A 1452 -36.06 19.31 17.62
N ALA A 1453 -35.88 20.16 18.63
CA ALA A 1453 -34.70 21.03 18.67
C ALA A 1453 -33.41 20.21 18.76
N ILE A 1454 -33.41 19.14 19.56
CA ILE A 1454 -32.21 18.30 19.65
C ILE A 1454 -31.87 17.70 18.28
N ALA A 1455 -32.88 17.13 17.61
CA ALA A 1455 -32.68 16.54 16.29
C ALA A 1455 -32.13 17.58 15.29
N VAL A 1456 -32.75 18.78 15.27
CA VAL A 1456 -32.26 19.88 14.44
C VAL A 1456 -30.81 20.20 14.76
N THR A 1457 -30.50 20.36 16.05
CA THR A 1457 -29.16 20.74 16.48
C THR A 1457 -28.12 19.74 15.99
N MET A 1458 -28.38 18.45 16.21
CA MET A 1458 -27.41 17.42 15.80
C MET A 1458 -27.16 17.47 14.31
N ARG A 1459 -28.24 17.57 13.52
CA ARG A 1459 -28.08 17.61 12.07
C ARG A 1459 -27.24 18.82 11.64
N PHE A 1460 -27.39 19.94 12.33
CA PHE A 1460 -26.49 21.08 12.07
C PHE A 1460 -25.04 20.76 12.45
N LEU A 1461 -24.84 20.22 13.65
CA LEU A 1461 -23.48 20.00 14.18
C LEU A 1461 -22.64 19.11 13.28
N ARG A 1462 -23.22 18.04 12.72
CA ARG A 1462 -22.42 17.21 11.80
C ARG A 1462 -21.95 17.99 10.58
N SER A 1463 -22.77 18.92 10.09
CA SER A 1463 -22.33 19.80 9.01
C SER A 1463 -21.17 20.69 9.46
N VAL A 1464 -21.30 21.29 10.65
CA VAL A 1464 -20.20 22.09 11.20
C VAL A 1464 -18.93 21.25 11.26
N ALA A 1465 -19.06 20.01 11.75
CA ALA A 1465 -17.91 19.12 11.92
C ALA A 1465 -17.21 18.84 10.58
N ARG A 1466 -17.97 18.56 9.52
CA ARG A 1466 -17.35 18.39 8.20
C ARG A 1466 -16.57 19.64 7.79
N VAL A 1467 -17.20 20.82 7.91
CA VAL A 1467 -16.51 22.08 7.56
C VAL A 1467 -15.19 22.19 8.35
N PHE A 1468 -15.27 21.94 9.66
CA PHE A 1468 -14.10 22.03 10.54
C PHE A 1468 -12.98 21.10 10.11
N VAL A 1469 -13.29 19.81 9.90
CA VAL A 1469 -12.24 18.83 9.54
C VAL A 1469 -11.56 19.22 8.24
N ILE A 1470 -12.36 19.55 7.21
CA ILE A 1470 -11.81 19.92 5.91
C ILE A 1470 -10.79 21.07 6.08
N LEU A 1471 -11.19 22.13 6.78
CA LEU A 1471 -10.28 23.26 7.00
C LEU A 1471 -9.03 22.82 7.75
N SER A 1472 -9.21 22.09 8.84
CA SER A 1472 -8.09 21.72 9.72
C SER A 1472 -7.06 20.87 8.99
N VAL A 1473 -7.52 19.98 8.11
CA VAL A 1473 -6.61 19.11 7.35
C VAL A 1473 -5.81 19.90 6.33
N GLU A 1474 -6.41 20.95 5.74
CA GLU A 1474 -5.70 21.67 4.69
C GLU A 1474 -4.62 22.61 5.24
N MET A 1475 -4.95 23.39 6.26
CA MET A 1475 -4.01 24.38 6.78
C MET A 1475 -2.82 23.69 7.46
N ALA A 1476 -1.62 23.96 6.94
CA ALA A 1476 -0.39 23.41 7.52
C ALA A 1476 -0.14 23.96 8.94
N SER A 1477 0.12 23.06 9.89
CA SER A 1477 0.48 23.46 11.26
C SER A 1477 1.74 24.32 11.25
N SER A 1478 1.70 25.53 11.86
CA SER A 1478 2.88 26.40 11.81
C SER A 1478 3.99 25.84 12.71
N LYS A 1479 5.17 25.57 12.12
CA LYS A 1479 6.23 24.93 12.90
C LYS A 1479 6.80 25.86 13.96
N LYS A 1480 6.87 27.17 13.70
CA LYS A 1480 6.90 28.13 14.80
C LYS A 1480 5.52 28.17 15.46
N LYS A 1481 5.47 27.94 16.78
CA LYS A 1481 4.20 27.97 17.52
C LYS A 1481 3.61 29.38 17.49
N ASN A 1482 2.51 29.53 16.75
CA ASN A 1482 1.86 30.82 16.54
C ASN A 1482 0.36 30.67 16.79
N ASN A 1483 -0.28 31.78 17.17
CA ASN A 1483 -1.72 31.82 17.41
C ASN A 1483 -2.48 32.29 16.15
N PHE A 1484 -1.94 31.98 14.97
CA PHE A 1484 -2.58 32.37 13.70
C PHE A 1484 -4.00 31.83 13.62
N ILE A 1485 -4.18 30.55 14.02
CA ILE A 1485 -5.47 29.88 14.28
C ILE A 1485 -6.59 30.56 13.50
N PRO A 1486 -6.62 30.46 12.17
CA PRO A 1486 -7.39 31.42 11.36
C PRO A 1486 -8.86 31.43 11.71
N GLN A 1487 -9.48 32.61 11.58
CA GLN A 1487 -10.81 32.84 12.14
C GLN A 1487 -11.85 31.80 11.75
N PRO A 1488 -11.85 31.21 10.54
CA PRO A 1488 -12.78 30.08 10.27
C PRO A 1488 -12.73 29.02 11.37
N ILE A 1489 -11.52 28.58 11.71
CA ILE A 1489 -11.37 27.52 12.69
C ILE A 1489 -11.70 28.02 14.10
N GLY A 1490 -11.36 29.29 14.40
CA GLY A 1490 -11.76 29.87 15.68
C GLY A 1490 -13.28 29.87 15.86
N LYS A 1491 -14.00 30.22 14.79
CA LYS A 1491 -15.46 30.18 14.82
C LYS A 1491 -15.97 28.76 15.07
N CYS A 1492 -15.37 27.76 14.41
CA CYS A 1492 -15.75 26.37 14.69
C CYS A 1492 -15.61 26.05 16.18
N LYS A 1493 -14.47 26.42 16.76
CA LYS A 1493 -14.26 26.19 18.19
C LYS A 1493 -15.34 26.89 19.02
N ARG A 1494 -15.71 28.12 18.66
CA ARG A 1494 -16.77 28.83 19.36
C ARG A 1494 -18.07 28.04 19.37
N VAL A 1495 -18.47 27.51 18.20
CA VAL A 1495 -19.69 26.68 18.14
C VAL A 1495 -19.59 25.51 19.10
N PHE A 1496 -18.51 24.74 18.99
CA PHE A 1496 -18.38 23.55 19.83
C PHE A 1496 -18.33 23.91 21.32
N GLN A 1497 -17.70 25.04 21.67
CA GLN A 1497 -17.67 25.51 23.07
C GLN A 1497 -19.07 25.90 23.55
N ALA A 1498 -19.89 26.46 22.66
CA ALA A 1498 -21.25 26.86 23.04
C ALA A 1498 -22.22 25.68 23.13
N LEU A 1499 -22.00 24.62 22.35
CA LEU A 1499 -22.89 23.46 22.29
C LEU A 1499 -22.22 22.18 22.82
N LEU A 1500 -21.36 22.33 23.83
CA LEU A 1500 -20.38 21.31 24.25
C LEU A 1500 -20.91 19.87 24.36
N PRO A 1501 -21.91 19.56 25.21
CA PRO A 1501 -22.29 18.14 25.41
C PRO A 1501 -22.67 17.44 24.10
N TYR A 1502 -23.36 18.15 23.19
CA TYR A 1502 -23.70 17.56 21.90
C TYR A 1502 -22.49 17.47 20.99
N ALA A 1503 -21.69 18.54 20.97
CA ALA A 1503 -20.53 18.61 20.08
C ALA A 1503 -19.60 17.42 20.32
N VAL A 1504 -19.37 17.08 21.59
CA VAL A 1504 -18.51 15.93 21.93
C VAL A 1504 -19.01 14.65 21.24
N GLU A 1505 -20.30 14.35 21.37
CA GLU A 1505 -20.83 13.10 20.81
C GLU A 1505 -20.61 13.05 19.29
N GLU A 1506 -21.00 14.12 18.59
CA GLU A 1506 -20.83 14.07 17.13
C GLU A 1506 -19.35 13.96 16.75
N LEU A 1507 -18.46 14.59 17.51
CA LEU A 1507 -17.03 14.49 17.20
C LEU A 1507 -16.54 13.05 17.33
N CYS A 1508 -17.01 12.31 18.35
CA CYS A 1508 -16.64 10.88 18.43
C CYS A 1508 -16.98 10.17 17.13
N ASN A 1509 -18.19 10.43 16.63
CA ASN A 1509 -18.63 9.71 15.44
C ASN A 1509 -17.82 10.09 14.19
N VAL A 1510 -17.47 11.37 14.05
CA VAL A 1510 -16.59 11.75 12.93
C VAL A 1510 -15.24 11.06 13.06
N ALA A 1511 -14.65 11.07 14.26
CA ALA A 1511 -13.37 10.38 14.48
C ALA A 1511 -13.46 8.91 14.06
N GLU A 1512 -14.47 8.21 14.58
CA GLU A 1512 -14.69 6.80 14.27
C GLU A 1512 -14.78 6.56 12.78
N SER A 1513 -15.57 7.37 12.06
CA SER A 1513 -15.74 7.16 10.62
C SER A 1513 -14.44 7.37 9.85
N LEU A 1514 -13.55 8.24 10.36
CA LEU A 1514 -12.29 8.51 9.63
C LEU A 1514 -11.28 7.38 9.76
N ILE A 1515 -11.29 6.66 10.88
CA ILE A 1515 -10.20 5.67 11.11
C ILE A 1515 -10.48 4.27 10.54
N VAL A 1516 -11.74 3.83 10.48
CA VAL A 1516 -12.08 2.44 10.14
C VAL A 1516 -11.50 1.96 8.80
N PRO A 1517 -11.56 2.74 7.70
CA PRO A 1517 -10.94 2.27 6.44
C PRO A 1517 -9.47 1.92 6.57
N VAL A 1518 -8.74 2.57 7.47
CA VAL A 1518 -7.34 2.24 7.71
C VAL A 1518 -7.21 1.07 8.68
N ARG A 1519 -7.98 1.11 9.77
CA ARG A 1519 -7.89 0.08 10.80
C ARG A 1519 -8.29 -1.32 10.28
N MET A 1520 -9.11 -1.40 9.23
CA MET A 1520 -9.39 -2.67 8.55
C MET A 1520 -8.47 -2.95 7.35
N GLY A 1521 -7.56 -2.03 7.01
CA GLY A 1521 -6.63 -2.23 5.91
C GLY A 1521 -7.19 -1.99 4.51
N ILE A 1522 -8.38 -1.40 4.39
CA ILE A 1522 -9.14 -1.33 3.13
C ILE A 1522 -8.75 -0.14 2.21
N ALA A 1523 -8.31 0.98 2.79
CA ALA A 1523 -8.40 2.31 2.16
C ALA A 1523 -7.80 2.41 0.74
N ARG A 1524 -8.35 3.34 -0.06
CA ARG A 1524 -7.86 3.63 -1.43
C ARG A 1524 -6.42 4.15 -1.45
N PRO A 1525 -5.65 3.86 -2.50
CA PRO A 1525 -4.41 4.62 -2.77
C PRO A 1525 -4.71 6.03 -3.27
N THR A 1526 -3.79 6.97 -3.00
CA THR A 1526 -3.83 8.31 -3.60
C THR A 1526 -2.42 8.82 -3.77
N ALA A 1527 -2.26 9.81 -4.64
CA ALA A 1527 -1.02 10.60 -4.68
C ALA A 1527 -0.91 11.49 -3.41
N PRO A 1528 0.28 12.02 -3.10
CA PRO A 1528 0.43 12.92 -1.94
C PRO A 1528 0.05 14.37 -2.27
N PHE A 1529 -0.06 15.20 -1.23
CA PHE A 1529 -0.30 16.64 -1.43
C PHE A 1529 0.38 17.47 -0.34
N THR A 1530 0.80 18.70 -0.70
CA THR A 1530 1.35 19.64 0.29
C THR A 1530 0.24 20.27 1.12
N LEU A 1531 0.45 20.35 2.44
CA LEU A 1531 -0.44 21.16 3.27
C LEU A 1531 -0.33 22.63 2.90
N ALA A 1532 -1.44 23.37 2.94
CA ALA A 1532 -1.47 24.75 2.45
C ALA A 1532 -0.95 25.71 3.53
N SER A 1533 0.00 26.59 3.14
CA SER A 1533 0.65 27.50 4.09
C SER A 1533 -0.20 28.75 4.38
N THR A 1534 -0.67 29.44 3.33
CA THR A 1534 -1.50 30.64 3.52
C THR A 1534 -2.95 30.28 3.89
N SER A 1535 -3.61 31.16 4.65
CA SER A 1535 -5.05 30.99 4.88
C SER A 1535 -5.82 30.97 3.56
N ILE A 1536 -5.50 31.88 2.63
CA ILE A 1536 -6.23 32.01 1.36
C ILE A 1536 -6.22 30.69 0.58
N ASP A 1537 -5.03 30.14 0.32
CA ASP A 1537 -4.91 28.93 -0.48
C ASP A 1537 -5.42 27.69 0.24
N ALA A 1538 -5.44 27.71 1.58
CA ALA A 1538 -6.18 26.68 2.30
C ALA A 1538 -7.68 26.80 2.03
N MET A 1539 -8.24 28.00 2.19
CA MET A 1539 -9.68 28.20 2.08
C MET A 1539 -10.20 27.87 0.69
N GLN A 1540 -9.48 28.28 -0.37
CA GLN A 1540 -9.96 28.09 -1.74
C GLN A 1540 -10.31 26.63 -2.06
N GLY A 1541 -9.51 25.68 -1.61
CA GLY A 1541 -9.79 24.27 -1.91
C GLY A 1541 -11.15 23.82 -1.39
N SER A 1542 -11.56 24.34 -0.23
CA SER A 1542 -12.88 23.96 0.32
C SER A 1542 -14.02 24.58 -0.47
N GLU A 1543 -13.82 25.78 -1.06
CA GLU A 1543 -14.88 26.38 -1.90
C GLU A 1543 -15.26 25.43 -3.03
N GLU A 1544 -14.27 24.96 -3.78
CA GLU A 1544 -14.55 24.10 -4.93
C GLU A 1544 -15.16 22.77 -4.52
N LEU A 1545 -15.06 22.42 -3.24
CA LEU A 1545 -15.66 21.21 -2.72
C LEU A 1545 -17.08 21.43 -2.19
N PHE A 1546 -17.42 22.63 -1.70
CA PHE A 1546 -18.79 22.90 -1.24
C PHE A 1546 -19.66 23.65 -2.26
N SER A 1547 -19.07 24.17 -3.35
CA SER A 1547 -19.84 24.83 -4.44
C SER A 1547 -20.42 23.77 -5.40
N VAL A 1548 -21.43 23.03 -4.94
CA VAL A 1548 -21.87 21.82 -5.66
C VAL A 1548 -23.40 21.74 -5.70
N GLU A 1549 -23.94 21.22 -6.85
CA GLU A 1549 -25.38 20.93 -7.02
C GLU A 1549 -25.63 19.41 -7.00
N PRO A 1550 -26.68 18.92 -6.34
CA PRO A 1550 -27.04 17.49 -6.47
C PRO A 1550 -27.37 17.15 -7.91
N LEU A 1551 -27.19 15.87 -8.28
CA LEU A 1551 -27.37 15.43 -9.68
C LEU A 1551 -28.85 15.48 -10.13
N PRO A 1552 -29.20 16.18 -11.20
CA PRO A 1552 -30.64 16.43 -11.50
C PRO A 1552 -31.36 15.18 -11.95
N PRO A 1553 -32.69 15.10 -11.72
CA PRO A 1553 -33.47 13.95 -12.22
C PRO A 1553 -33.60 14.01 -13.73
N ARG A 1554 -33.82 12.83 -14.33
CA ARG A 1554 -33.95 12.69 -15.78
C ARG A 1554 -35.07 13.62 -16.30
N PRO A 1555 -34.81 14.44 -17.33
CA PRO A 1555 -35.80 15.42 -17.78
C PRO A 1555 -37.03 14.76 -18.39
N SER A 1556 -38.20 15.38 -18.18
CA SER A 1556 -39.46 14.87 -18.73
C SER A 1556 -39.38 14.90 -20.26
N SER A 1557 -39.50 13.73 -20.87
CA SER A 1557 -39.07 13.54 -22.27
C SER A 1557 -39.68 12.29 -22.88
N ALA A 1739 13.13 12.20 7.58
CA ALA A 1739 13.24 11.03 8.46
C ALA A 1739 14.71 10.75 8.84
N ALA A 1740 15.18 11.36 9.94
CA ALA A 1740 16.57 11.17 10.40
C ALA A 1740 16.83 9.69 10.70
N GLN A 1741 18.02 9.20 10.28
CA GLN A 1741 18.25 7.75 10.22
C GLN A 1741 18.64 7.14 11.58
N ALA A 1742 18.20 5.90 11.80
CA ALA A 1742 18.27 5.20 13.09
C ALA A 1742 19.72 4.78 13.46
N PRO A 1743 20.01 4.57 14.75
CA PRO A 1743 21.34 4.06 15.17
C PRO A 1743 21.50 2.56 14.86
N ARG A 1744 22.77 2.10 14.80
CA ARG A 1744 23.07 0.73 14.33
C ARG A 1744 22.34 -0.36 15.12
N SER A 1745 22.14 -0.19 16.43
CA SER A 1745 21.41 -1.21 17.21
C SER A 1745 19.98 -1.41 16.72
N MET A 1746 19.45 -0.52 15.87
CA MET A 1746 18.09 -0.64 15.35
C MET A 1746 18.01 -0.60 13.82
N GLN A 1747 19.12 -0.31 13.11
CA GLN A 1747 19.10 -0.20 11.64
C GLN A 1747 18.63 -1.49 10.95
N TRP A 1748 18.96 -2.66 11.49
CA TRP A 1748 18.55 -3.92 10.89
C TRP A 1748 17.03 -4.02 10.73
N ALA A 1749 16.27 -3.31 11.56
CA ALA A 1749 14.80 -3.35 11.55
C ALA A 1749 14.17 -2.35 10.56
N VAL A 1750 14.96 -1.70 9.70
CA VAL A 1750 14.45 -0.69 8.77
C VAL A 1750 14.68 -1.15 7.33
N ARG A 1751 13.70 -0.95 6.44
CA ARG A 1751 13.95 -1.16 5.01
C ARG A 1751 14.80 -0.01 4.47
N ASN A 1752 16.13 -0.17 4.50
CA ASN A 1752 17.08 0.86 4.06
C ASN A 1752 18.36 0.19 3.54
N THR A 1753 19.27 1.01 2.97
CA THR A 1753 20.31 0.55 2.00
C THR A 1753 21.57 -0.09 2.64
N GLN A 1754 21.55 -0.52 3.90
CA GLN A 1754 22.74 -1.17 4.50
C GLN A 1754 23.25 -2.35 3.67
N ASN A 1805 2.66 12.86 -9.38
CA ASN A 1805 3.23 11.68 -8.70
C ASN A 1805 2.32 10.45 -8.86
N ALA A 1806 2.89 9.26 -8.64
CA ALA A 1806 2.08 8.03 -8.54
C ALA A 1806 1.28 8.01 -7.24
N SER A 1807 0.15 7.28 -7.24
CA SER A 1807 -0.56 7.02 -5.99
C SER A 1807 0.14 5.94 -5.17
N SER A 1808 -0.10 5.96 -3.85
CA SER A 1808 0.30 4.83 -3.01
C SER A 1808 -0.73 4.63 -1.91
N TYR A 1809 -0.88 3.37 -1.49
CA TYR A 1809 -1.77 3.05 -0.37
C TYR A 1809 -1.33 3.79 0.90
N LEU A 1810 -0.03 3.76 1.16
CA LEU A 1810 0.50 4.27 2.43
C LEU A 1810 0.26 5.77 2.58
N THR A 1811 0.28 6.52 1.47
CA THR A 1811 -0.06 7.95 1.54
C THR A 1811 -1.41 8.15 2.21
N SER A 1812 -2.42 7.46 1.69
CA SER A 1812 -3.80 7.69 2.11
C SER A 1812 -4.03 7.12 3.51
N ALA A 1813 -3.42 5.96 3.80
CA ALA A 1813 -3.49 5.42 5.16
C ALA A 1813 -2.91 6.42 6.17
N SER A 1814 -1.78 7.05 5.81
CA SER A 1814 -1.14 8.00 6.72
C SER A 1814 -1.99 9.25 6.91
N SER A 1815 -2.45 9.83 5.82
CA SER A 1815 -3.17 11.11 5.92
C SER A 1815 -4.47 10.94 6.70
N LEU A 1816 -5.18 9.80 6.55
CA LEU A 1816 -6.35 9.58 7.41
C LEU A 1816 -5.96 9.50 8.89
N ALA A 1817 -4.81 8.88 9.21
CA ALA A 1817 -4.40 8.90 10.62
C ALA A 1817 -4.08 10.33 11.10
N ARG A 1818 -3.36 11.10 10.28
CA ARG A 1818 -3.12 12.52 10.58
C ARG A 1818 -4.44 13.22 10.88
N ALA A 1819 -5.43 13.07 10.00
CA ALA A 1819 -6.74 13.70 10.22
C ALA A 1819 -7.41 13.22 11.51
N TYR A 1820 -7.32 11.93 11.82
CA TYR A 1820 -7.94 11.40 13.05
C TYR A 1820 -7.38 12.09 14.30
N SER A 1821 -6.06 12.31 14.32
CA SER A 1821 -5.43 12.88 15.53
C SER A 1821 -6.06 14.22 15.90
N ILE A 1822 -6.37 15.05 14.88
CA ILE A 1822 -6.89 16.40 15.11
C ILE A 1822 -8.16 16.33 15.95
N VAL A 1823 -9.09 15.44 15.56
CA VAL A 1823 -10.36 15.32 16.26
C VAL A 1823 -10.14 14.85 17.70
N ILE A 1824 -9.21 13.90 17.89
CA ILE A 1824 -8.96 13.43 19.26
C ILE A 1824 -8.42 14.57 20.15
N ARG A 1825 -7.50 15.39 19.61
CA ARG A 1825 -7.04 16.55 20.36
C ARG A 1825 -8.21 17.48 20.70
N GLN A 1826 -9.03 17.81 19.70
CA GLN A 1826 -10.15 18.73 19.95
C GLN A 1826 -11.12 18.19 21.01
N ILE A 1827 -11.42 16.88 20.98
CA ILE A 1827 -12.28 16.29 22.02
C ILE A 1827 -11.65 16.46 23.39
N SER A 1828 -10.35 16.16 23.47
CA SER A 1828 -9.64 16.33 24.74
C SER A 1828 -9.71 17.77 25.23
N ASP A 1829 -9.51 18.73 24.32
CA ASP A 1829 -9.54 20.14 24.68
C ASP A 1829 -10.89 20.52 25.28
N LEU A 1830 -11.98 20.10 24.61
CA LEU A 1830 -13.32 20.38 25.14
C LEU A 1830 -13.53 19.72 26.51
N MET A 1831 -13.07 18.48 26.69
CA MET A 1831 -13.12 17.88 28.03
C MET A 1831 -12.29 18.70 29.01
N GLY A 1832 -11.20 19.30 28.53
CA GLY A 1832 -10.38 20.17 29.36
C GLY A 1832 -11.10 21.40 29.87
N LEU A 1833 -12.04 21.96 29.10
CA LEU A 1833 -12.75 23.16 29.55
C LEU A 1833 -13.78 22.88 30.65
N ILE A 1834 -14.26 21.64 30.79
CA ILE A 1834 -15.43 21.38 31.64
C ILE A 1834 -15.30 21.96 33.05
N PRO A 1835 -14.18 21.78 33.77
CA PRO A 1835 -14.16 22.28 35.17
C PRO A 1835 -14.39 23.78 35.27
N LYS A 1836 -13.84 24.56 34.35
CA LYS A 1836 -13.95 26.02 34.38
C LYS A 1836 -15.24 26.55 33.76
N TYR A 1837 -16.11 25.67 33.26
CA TYR A 1837 -17.17 26.11 32.34
C TYR A 1837 -18.15 27.13 32.94
N ASN A 1838 -18.55 26.95 34.22
CA ASN A 1838 -19.43 27.93 34.86
C ASN A 1838 -18.82 29.34 34.93
N HIS A 1839 -17.57 29.51 34.54
CA HIS A 1839 -16.97 30.82 34.31
C HIS A 1839 -16.74 31.06 32.82
N LEU A 1840 -16.22 30.07 32.11
CA LEU A 1840 -15.87 30.24 30.69
C LEU A 1840 -17.07 30.20 29.73
N VAL A 1841 -18.31 30.06 30.22
CA VAL A 1841 -19.49 30.44 29.46
C VAL A 1841 -19.69 31.95 29.58
N TYR A 1842 -20.13 32.37 30.77
CA TYR A 1842 -20.72 33.69 30.93
C TYR A 1842 -19.71 34.84 30.77
N SER A 1843 -18.43 34.58 31.05
CA SER A 1843 -17.38 35.59 30.84
C SER A 1843 -16.88 35.67 29.40
N GLN A 1844 -17.43 34.87 28.46
CA GLN A 1844 -16.88 34.78 27.10
C GLN A 1844 -17.91 34.90 25.99
N ILE A 1845 -19.08 34.28 26.12
CA ILE A 1845 -20.01 34.10 24.99
C ILE A 1845 -21.43 34.51 25.40
N PRO A 1846 -22.21 35.19 24.53
CA PRO A 1846 -23.58 35.62 24.91
C PRO A 1846 -24.48 34.48 25.37
N ALA A 1847 -24.39 33.29 24.75
CA ALA A 1847 -25.25 32.16 25.10
C ALA A 1847 -24.51 30.83 24.91
N ALA A 1848 -24.81 29.85 25.78
CA ALA A 1848 -24.27 28.49 25.67
C ALA A 1848 -25.10 27.53 26.53
N VAL A 1849 -24.96 26.22 26.25
CA VAL A 1849 -25.74 25.16 26.91
C VAL A 1849 -25.35 25.04 28.39
N LYS A 1850 -26.35 25.01 29.29
CA LYS A 1850 -26.06 24.66 30.70
C LYS A 1850 -25.75 23.17 30.81
N LEU A 1851 -24.76 22.82 31.65
CA LEU A 1851 -24.42 21.41 31.89
C LEU A 1851 -23.93 21.23 33.32
N THR A 1852 -23.88 19.96 33.77
CA THR A 1852 -23.76 19.63 35.19
C THR A 1852 -22.83 18.41 35.38
N TYR A 1853 -22.37 18.20 36.62
CA TYR A 1853 -21.41 17.12 36.89
C TYR A 1853 -21.91 15.77 36.37
N GLN A 1854 -23.18 15.46 36.64
CA GLN A 1854 -23.80 14.22 36.14
C GLN A 1854 -23.61 14.06 34.63
N ASP A 1855 -23.71 15.16 33.88
CA ASP A 1855 -23.57 15.10 32.43
C ASP A 1855 -22.12 14.84 32.04
N ALA A 1856 -21.19 15.46 32.75
CA ALA A 1856 -19.77 15.22 32.49
C ALA A 1856 -19.44 13.73 32.64
N VAL A 1857 -19.96 13.10 33.69
CA VAL A 1857 -19.79 11.65 33.88
C VAL A 1857 -20.22 10.90 32.64
N ASN A 1858 -21.45 11.15 32.19
CA ASN A 1858 -22.01 10.37 31.09
C ASN A 1858 -21.27 10.65 29.78
N LEU A 1859 -20.89 11.91 29.55
CA LEU A 1859 -20.03 12.21 28.41
C LEU A 1859 -18.75 11.40 28.47
N GLN A 1860 -18.09 11.39 29.62
CA GLN A 1860 -16.83 10.66 29.74
C GLN A 1860 -17.04 9.15 29.49
N ASN A 1861 -18.11 8.57 30.05
CA ASN A 1861 -18.42 7.16 29.77
C ASN A 1861 -18.51 6.93 28.26
N TYR A 1862 -19.28 7.78 27.59
CA TYR A 1862 -19.48 7.65 26.15
C TYR A 1862 -18.16 7.75 25.40
N VAL A 1863 -17.34 8.74 25.75
CA VAL A 1863 -16.10 8.99 25.02
C VAL A 1863 -15.15 7.80 25.15
N GLU A 1864 -15.05 7.22 26.35
CA GLU A 1864 -14.13 6.08 26.52
C GLU A 1864 -14.53 4.92 25.63
N GLU A 1865 -15.82 4.57 25.66
CA GLU A 1865 -16.28 3.43 24.87
C GLU A 1865 -15.88 3.59 23.40
N LYS A 1866 -16.13 4.77 22.84
CA LYS A 1866 -15.84 4.98 21.40
C LYS A 1866 -14.35 4.86 21.04
N LEU A 1867 -13.45 4.83 22.01
CA LEU A 1867 -12.01 4.76 21.74
C LEU A 1867 -11.45 3.35 21.91
N ILE A 1868 -12.13 2.49 22.68
CA ILE A 1868 -11.62 1.14 22.95
C ILE A 1868 -11.14 0.38 21.70
N PRO A 1869 -11.89 0.31 20.60
CA PRO A 1869 -11.39 -0.46 19.42
C PRO A 1869 -10.05 0.02 18.91
N THR A 1870 -9.92 1.33 18.68
CA THR A 1870 -8.64 1.86 18.18
C THR A 1870 -7.55 1.69 19.21
N TRP A 1871 -7.88 1.82 20.50
CA TRP A 1871 -6.90 1.56 21.55
C TRP A 1871 -6.36 0.14 21.47
N ASN A 1872 -7.25 -0.86 21.42
CA ASN A 1872 -6.79 -2.27 21.34
C ASN A 1872 -5.89 -2.46 20.13
N TRP A 1873 -6.31 -1.94 18.98
CA TRP A 1873 -5.51 -2.07 17.77
C TRP A 1873 -4.11 -1.45 17.94
N MET A 1874 -4.06 -0.23 18.49
CA MET A 1874 -2.76 0.39 18.77
C MET A 1874 -1.91 -0.48 19.69
N VAL A 1875 -2.47 -0.85 20.85
CA VAL A 1875 -1.69 -1.53 21.89
C VAL A 1875 -1.11 -2.84 21.36
N SER A 1876 -1.96 -3.65 20.73
CA SER A 1876 -1.51 -4.96 20.28
C SER A 1876 -0.35 -4.84 19.29
N ILE A 1877 -0.45 -3.89 18.36
CA ILE A 1877 0.66 -3.72 17.40
C ILE A 1877 1.93 -3.22 18.10
N MET A 1878 1.78 -2.25 19.01
CA MET A 1878 2.95 -1.71 19.69
C MET A 1878 3.69 -2.78 20.49
N ASP A 1879 2.97 -3.53 21.34
CA ASP A 1879 3.61 -4.62 22.08
C ASP A 1879 4.36 -5.56 21.15
N SER A 1880 3.69 -6.01 20.07
CA SER A 1880 4.34 -6.93 19.13
C SER A 1880 5.62 -6.32 18.55
N THR A 1881 5.60 -5.02 18.28
CA THR A 1881 6.78 -4.37 17.69
C THR A 1881 7.92 -4.28 18.70
N GLU A 1882 7.60 -3.86 19.92
CA GLU A 1882 8.63 -3.69 20.95
C GLU A 1882 9.30 -5.03 21.25
N ALA A 1883 8.50 -6.10 21.34
CA ALA A 1883 9.06 -7.44 21.54
C ALA A 1883 10.08 -7.78 20.46
N GLN A 1884 9.70 -7.60 19.19
CA GLN A 1884 10.63 -7.94 18.09
C GLN A 1884 11.92 -7.12 18.18
N LEU A 1885 11.82 -5.84 18.53
CA LEU A 1885 13.01 -5.00 18.65
C LEU A 1885 13.93 -5.46 19.79
N ARG A 1886 13.36 -5.70 20.97
CA ARG A 1886 14.18 -6.06 22.13
C ARG A 1886 14.85 -7.42 21.93
N TYR A 1887 14.12 -8.39 21.38
CA TYR A 1887 14.74 -9.67 21.07
C TYR A 1887 15.91 -9.51 20.09
N GLY A 1888 15.71 -8.76 19.00
CA GLY A 1888 16.82 -8.55 18.07
C GLY A 1888 18.04 -7.93 18.75
N SER A 1889 17.82 -7.02 19.71
CA SER A 1889 18.95 -6.46 20.48
C SER A 1889 19.63 -7.51 21.37
N ALA A 1890 18.85 -8.31 22.11
CA ALA A 1890 19.46 -9.35 22.94
C ALA A 1890 20.30 -10.32 22.09
N LEU A 1891 19.77 -10.72 20.95
CA LEU A 1891 20.53 -11.58 20.05
C LEU A 1891 21.81 -10.89 19.57
N ALA A 1892 21.75 -9.58 19.29
CA ALA A 1892 22.94 -8.85 18.89
C ALA A 1892 24.00 -8.84 19.98
N SER A 1893 23.58 -8.90 21.24
CA SER A 1893 24.53 -8.98 22.35
C SER A 1893 25.18 -10.35 22.49
N ALA A 1894 24.37 -11.42 22.43
CA ALA A 1894 24.87 -12.80 22.62
C ALA A 1894 25.61 -13.35 21.40
N GLY A 1895 25.25 -12.93 20.19
CA GLY A 1895 25.82 -13.50 18.96
C GLY A 1895 27.24 -13.02 18.68
N ASP A 1896 27.82 -13.55 17.58
CA ASP A 1896 29.17 -13.19 17.12
C ASP A 1896 29.14 -12.17 15.99
N PRO A 1897 29.61 -10.92 16.20
CA PRO A 1897 29.65 -9.93 15.10
C PRO A 1897 30.57 -10.31 13.94
N GLY A 1898 31.41 -11.33 14.09
CA GLY A 1898 32.20 -11.82 12.96
C GLY A 1898 31.35 -12.52 11.90
N HIS A 1899 30.16 -13.00 12.27
CA HIS A 1899 29.31 -13.72 11.32
C HIS A 1899 28.59 -12.74 10.37
N PRO A 1900 28.54 -13.01 9.06
CA PRO A 1900 27.93 -12.03 8.11
C PRO A 1900 26.45 -11.79 8.34
N ASN A 1901 25.76 -12.62 9.10
CA ASN A 1901 24.33 -12.43 9.39
C ASN A 1901 24.06 -11.68 10.70
N HIS A 1902 25.11 -11.23 11.41
CA HIS A 1902 24.89 -10.49 12.66
C HIS A 1902 24.26 -9.12 12.36
N PRO A 1903 23.30 -8.64 13.19
CA PRO A 1903 22.63 -7.36 12.91
C PRO A 1903 23.58 -6.17 12.75
N LEU A 1904 24.76 -6.22 13.36
CA LEU A 1904 25.74 -5.13 13.24
C LEU A 1904 26.62 -5.27 12.00
N HIS A 1905 26.72 -6.47 11.43
CA HIS A 1905 27.52 -6.67 10.22
C HIS A 1905 26.74 -6.24 8.98
N ALA A 1906 25.50 -6.70 8.86
CA ALA A 1906 24.67 -6.48 7.67
C ALA A 1906 24.31 -5.00 7.49
N GLN A 1940 19.31 -10.49 -10.56
CA GLN A 1940 18.84 -11.08 -9.30
C GLN A 1940 17.34 -10.83 -9.04
N GLY A 1941 16.79 -9.80 -9.68
CA GLY A 1941 15.50 -9.21 -9.33
C GLY A 1941 14.43 -10.15 -8.79
N MET A 1942 13.71 -10.85 -9.68
CA MET A 1942 12.58 -11.69 -9.27
C MET A 1942 12.94 -12.67 -8.17
N MET A 1943 14.10 -13.34 -8.30
CA MET A 1943 14.45 -14.38 -7.33
C MET A 1943 14.86 -13.76 -5.99
N SER A 1944 15.49 -12.59 -6.00
CA SER A 1944 15.76 -11.87 -4.75
C SER A 1944 14.45 -11.38 -4.12
N ALA A 1945 13.52 -10.90 -4.94
CA ALA A 1945 12.21 -10.47 -4.43
C ALA A 1945 11.44 -11.65 -3.84
N ARG A 1946 11.47 -12.81 -4.52
CA ARG A 1946 10.84 -14.02 -4.02
C ARG A 1946 11.58 -14.51 -2.78
N GLY A 1947 12.89 -14.25 -2.71
CA GLY A 1947 13.67 -14.44 -1.48
C GLY A 1947 13.11 -13.60 -0.35
N ASP A 1948 13.03 -12.28 -0.56
CA ASP A 1948 12.49 -11.35 0.44
C ASP A 1948 11.11 -11.81 0.91
N PHE A 1949 10.22 -12.08 -0.05
CA PHE A 1949 8.87 -12.49 0.33
C PHE A 1949 8.87 -13.81 1.11
N LEU A 1950 9.67 -14.79 0.67
CA LEU A 1950 9.70 -16.08 1.38
C LEU A 1950 10.32 -15.92 2.76
N ASN A 1951 11.41 -15.16 2.89
CA ASN A 1951 11.98 -14.87 4.20
C ASN A 1951 10.90 -14.31 5.12
N TYR A 1952 10.09 -13.39 4.58
CA TYR A 1952 9.03 -12.77 5.37
C TYR A 1952 7.98 -13.79 5.79
N ALA A 1953 7.45 -14.56 4.83
CA ALA A 1953 6.42 -15.56 5.13
C ALA A 1953 6.91 -16.60 6.13
N LEU A 1954 8.16 -17.05 5.97
CA LEU A 1954 8.73 -18.03 6.88
C LEU A 1954 8.93 -17.43 8.28
N SER A 1955 9.41 -16.19 8.36
CA SER A 1955 9.52 -15.51 9.66
C SER A 1955 8.15 -15.35 10.30
N LEU A 1956 7.14 -15.01 9.51
CA LEU A 1956 5.77 -14.89 10.05
C LEU A 1956 5.30 -16.23 10.64
N MET A 1957 5.38 -17.31 9.85
CA MET A 1957 4.94 -18.62 10.34
C MET A 1957 5.72 -19.07 11.58
N ARG A 1958 7.04 -18.86 11.59
CA ARG A 1958 7.84 -19.23 12.76
C ARG A 1958 7.40 -18.48 14.00
N SER A 1959 7.19 -17.18 13.88
CA SER A 1959 6.98 -16.32 15.04
C SER A 1959 5.74 -16.71 15.84
N HIS A 1960 4.74 -17.31 15.19
CA HIS A 1960 3.46 -17.56 15.84
C HIS A 1960 3.57 -18.52 17.03
N ASN A 1961 4.54 -19.44 17.00
CA ASN A 1961 4.66 -20.50 18.00
C ASN A 1961 5.99 -20.44 18.76
N ASP A 1962 6.67 -19.30 18.73
CA ASP A 1962 8.00 -19.12 19.34
C ASP A 1962 9.04 -20.11 18.79
N GLU A 1963 8.88 -20.47 17.52
CA GLU A 1963 9.88 -21.27 16.80
C GLU A 1963 10.85 -20.37 16.03
N HIS A 1964 11.45 -19.37 16.72
CA HIS A 1964 12.24 -18.33 16.04
C HIS A 1964 13.53 -17.99 16.79
N SER A 1965 14.28 -18.98 17.28
CA SER A 1965 15.30 -18.65 18.29
C SER A 1965 16.64 -18.08 17.76
N ASP A 1966 17.01 -18.24 16.48
CA ASP A 1966 18.39 -17.89 16.13
C ASP A 1966 18.56 -17.13 14.81
N VAL A 1967 17.54 -16.39 14.38
CA VAL A 1967 17.65 -15.48 13.24
C VAL A 1967 16.84 -14.22 13.57
N LEU A 1968 17.28 -13.08 13.04
CA LEU A 1968 16.57 -11.81 13.24
C LEU A 1968 15.13 -11.90 12.72
N PRO A 1969 14.12 -11.40 13.46
CA PRO A 1969 12.76 -11.29 12.90
C PRO A 1969 12.75 -10.38 11.68
N VAL A 1970 12.05 -10.81 10.62
CA VAL A 1970 11.89 -9.96 9.44
C VAL A 1970 10.88 -8.87 9.75
N LEU A 1971 11.28 -7.60 9.59
CA LEU A 1971 10.48 -6.46 10.03
C LEU A 1971 10.89 -5.21 9.25
N ASP A 1972 9.93 -4.31 9.02
CA ASP A 1972 10.22 -2.91 8.67
C ASP A 1972 9.25 -2.01 9.42
N VAL A 1973 9.76 -0.90 9.97
CA VAL A 1973 8.92 0.03 10.74
C VAL A 1973 8.33 1.16 9.88
N CYS A 1974 8.89 1.43 8.70
CA CYS A 1974 8.43 2.58 7.90
C CYS A 1974 6.96 2.50 7.50
N SER A 1975 6.38 1.30 7.44
CA SER A 1975 4.94 1.18 7.17
C SER A 1975 4.10 1.71 8.34
N LEU A 1976 4.63 1.67 9.56
CA LEU A 1976 3.84 1.85 10.78
C LEU A 1976 3.51 3.33 11.09
N LYS A 1977 3.72 4.22 10.12
CA LYS A 1977 3.47 5.65 10.32
C LYS A 1977 2.06 5.92 10.86
N HIS A 1978 1.06 5.16 10.39
CA HIS A 1978 -0.31 5.36 10.89
C HIS A 1978 -0.47 4.98 12.37
N VAL A 1979 0.18 3.91 12.85
CA VAL A 1979 0.13 3.68 14.31
C VAL A 1979 0.91 4.74 15.08
N ALA A 1980 1.95 5.33 14.47
CA ALA A 1980 2.69 6.40 15.17
C ALA A 1980 1.77 7.60 15.43
N TYR A 1981 1.06 8.06 14.39
CA TYR A 1981 0.07 9.13 14.56
C TYR A 1981 -0.99 8.77 15.61
N VAL A 1982 -1.55 7.56 15.53
CA VAL A 1982 -2.61 7.18 16.47
C VAL A 1982 -2.07 7.13 17.89
N PHE A 1983 -0.90 6.52 18.08
CA PHE A 1983 -0.27 6.48 19.40
C PHE A 1983 -0.10 7.89 19.96
N GLN A 1984 0.50 8.79 19.17
CA GLN A 1984 0.74 10.16 19.63
C GLN A 1984 -0.57 10.80 20.11
N ALA A 1985 -1.63 10.63 19.34
CA ALA A 1985 -2.93 11.21 19.72
C ALA A 1985 -3.51 10.56 20.99
N LEU A 1986 -3.39 9.23 21.12
CA LEU A 1986 -3.98 8.56 22.29
C LEU A 1986 -3.24 8.93 23.58
N ILE A 1987 -1.92 9.19 23.48
CA ILE A 1987 -1.23 9.75 24.65
C ILE A 1987 -1.77 11.13 24.96
N TYR A 1988 -1.96 11.96 23.91
CA TYR A 1988 -2.50 13.30 24.15
C TYR A 1988 -3.72 13.25 25.06
N TRP A 1989 -4.67 12.38 24.72
CA TRP A 1989 -5.88 12.20 25.54
C TRP A 1989 -5.53 11.85 26.99
N ILE A 1990 -4.70 10.82 27.21
CA ILE A 1990 -4.41 10.42 28.60
C ILE A 1990 -3.61 11.50 29.34
N LYS A 1991 -2.71 12.18 28.65
CA LYS A 1991 -1.89 13.25 29.23
C LYS A 1991 -2.78 14.38 29.74
N ALA A 1992 -3.72 14.82 28.89
CA ALA A 1992 -4.71 15.81 29.32
C ALA A 1992 -5.50 15.32 30.55
N MET A 1993 -5.98 14.07 30.51
CA MET A 1993 -6.66 13.53 31.68
C MET A 1993 -5.78 13.60 32.92
N ASN A 1994 -4.51 13.27 32.78
CA ASN A 1994 -3.62 13.30 33.94
C ASN A 1994 -3.48 14.71 34.50
N GLN A 1995 -3.43 15.73 33.62
CA GLN A 1995 -3.41 17.11 34.12
C GLN A 1995 -4.67 17.43 34.92
N GLN A 1996 -5.83 16.87 34.54
CA GLN A 1996 -7.01 16.99 35.42
C GLN A 1996 -6.85 16.20 36.74
N THR A 1997 -6.15 15.05 36.72
CA THR A 1997 -5.97 14.30 37.97
C THR A 1997 -5.05 15.04 38.95
N THR A 1998 -3.97 15.67 38.47
CA THR A 1998 -3.01 16.30 39.39
C THR A 1998 -3.50 17.64 39.92
N LEU A 1999 -4.37 18.33 39.17
CA LEU A 1999 -4.95 19.60 39.63
C LEU A 1999 -5.99 19.35 40.72
N GLU A 2047 17.34 16.27 56.18
CA GLU A 2047 17.68 14.83 56.20
C GLU A 2047 19.18 14.61 55.94
N THR A 2048 19.77 13.56 56.54
CA THR A 2048 20.97 12.94 55.98
C THR A 2048 20.63 11.59 55.32
N GLY A 2049 19.37 11.37 54.95
CA GLY A 2049 19.00 10.13 54.29
C GLY A 2049 19.65 10.00 52.92
N GLN A 2050 19.80 8.76 52.42
CA GLN A 2050 20.08 8.61 50.98
C GLN A 2050 18.93 9.17 50.13
N ASN A 2051 17.77 9.41 50.76
CA ASN A 2051 16.63 10.04 50.10
C ASN A 2051 16.74 11.57 50.00
N HIS A 2052 17.78 12.19 50.59
CA HIS A 2052 17.91 13.66 50.50
C HIS A 2052 18.23 14.10 49.06
N PRO A 2053 17.69 15.24 48.59
CA PRO A 2053 17.89 15.67 47.17
C PRO A 2053 19.33 15.69 46.68
N PHE A 2054 20.33 15.85 47.54
CA PHE A 2054 21.71 15.81 47.08
C PHE A 2054 22.06 14.44 46.49
N PHE A 2055 21.57 13.35 47.09
CA PHE A 2055 21.91 12.00 46.65
C PHE A 2055 21.06 11.50 45.48
N ARG A 2056 19.91 12.11 45.23
CA ARG A 2056 19.00 11.68 44.15
C ARG A 2056 19.65 11.87 42.77
N ARG A 2057 19.27 11.00 41.83
CA ARG A 2057 19.69 11.16 40.42
C ARG A 2057 19.11 12.46 39.84
N SER A 2058 19.84 13.05 38.89
CA SER A 2058 19.53 14.41 38.40
C SER A 2058 19.07 14.41 36.93
N ASP A 2059 19.01 15.62 36.35
CA ASP A 2059 18.82 15.85 34.92
C ASP A 2059 19.67 14.90 34.06
N SER A 2060 19.06 14.42 32.96
CA SER A 2060 19.57 13.36 32.07
C SER A 2060 19.62 11.96 32.70
N MET A 2061 19.73 11.84 34.03
CA MET A 2061 19.97 10.54 34.68
C MET A 2061 18.69 9.73 34.96
N THR A 2062 17.56 10.39 35.19
CA THR A 2062 16.30 9.71 35.58
C THR A 2062 15.54 9.24 34.34
N PHE A 2063 15.73 7.97 33.98
CA PHE A 2063 15.11 7.41 32.76
C PHE A 2063 13.58 7.29 32.85
N LEU A 2064 12.94 7.12 31.68
CA LEU A 2064 11.49 7.20 31.50
C LEU A 2064 10.72 6.15 32.32
N GLY A 2065 10.00 6.63 33.35
CA GLY A 2065 9.29 5.75 34.29
C GLY A 2065 10.19 4.84 35.12
N CYS A 2066 11.50 5.11 35.18
CA CYS A 2066 12.48 4.21 35.82
C CYS A 2066 12.83 4.62 37.25
N ILE A 2067 13.49 3.71 37.97
CA ILE A 2067 13.94 3.90 39.37
C ILE A 2067 15.46 3.71 39.43
N PRO A 2068 16.22 4.51 40.20
CA PRO A 2068 17.71 4.54 40.04
C PRO A 2068 18.39 3.21 40.31
N PRO A 2069 19.41 2.83 39.50
CA PRO A 2069 20.44 1.91 39.99
C PRO A 2069 21.23 2.64 41.08
N ASN A 2070 20.96 2.28 42.33
CA ASN A 2070 21.39 3.11 43.47
C ASN A 2070 22.92 3.32 43.50
N PRO A 2071 23.41 4.58 43.54
CA PRO A 2071 24.86 4.84 43.40
C PRO A 2071 25.70 4.34 44.56
N PHE A 2072 25.09 4.06 45.72
CA PHE A 2072 25.81 3.50 46.86
C PHE A 2072 25.86 1.99 46.83
N GLU A 2073 25.01 1.35 46.03
CA GLU A 2073 25.12 -0.09 45.77
C GLU A 2073 25.86 -0.40 44.47
N VAL A 2074 25.84 0.50 43.48
CA VAL A 2074 26.43 0.23 42.16
C VAL A 2074 27.76 0.99 42.00
N PRO A 2075 28.83 0.38 41.45
CA PRO A 2075 30.13 1.09 41.29
C PRO A 2075 29.99 2.36 40.46
N LEU A 2076 30.81 3.39 40.76
CA LEU A 2076 30.76 4.61 39.95
C LEU A 2076 31.00 4.28 38.48
N ALA A 2077 32.07 3.52 38.21
CA ALA A 2077 32.38 2.95 36.91
C ALA A 2077 31.16 2.42 36.14
N GLU A 2078 30.20 1.83 36.87
CA GLU A 2078 29.04 1.18 36.26
C GLU A 2078 27.81 2.08 36.27
N ALA A 2079 27.64 2.86 37.35
CA ALA A 2079 26.49 3.77 37.47
C ALA A 2079 26.49 4.84 36.37
N ILE A 2080 27.66 5.35 36.00
CA ILE A 2080 27.76 6.39 34.96
C ILE A 2080 28.97 6.12 34.07
N PRO A 2081 28.83 5.34 32.99
CA PRO A 2081 29.97 5.10 32.07
C PRO A 2081 30.54 6.37 31.46
N LEU A 2082 29.74 7.44 31.34
CA LEU A 2082 30.30 8.73 30.97
C LEU A 2082 31.17 9.34 32.08
N ALA A 2083 30.74 9.28 33.36
CA ALA A 2083 31.59 9.80 34.44
C ALA A 2083 32.83 8.95 34.62
N ASP A 2084 32.72 7.65 34.31
CA ASP A 2084 33.87 6.76 34.25
C ASP A 2084 34.81 7.12 33.10
N GLN A 2085 34.27 7.31 31.90
CA GLN A 2085 35.05 7.53 30.69
C GLN A 2085 34.53 8.78 30.00
N PRO A 2086 35.23 9.92 30.13
CA PRO A 2086 34.65 11.21 29.72
C PRO A 2086 34.56 11.38 28.22
N HIS A 2087 35.40 10.67 27.48
CA HIS A 2087 35.51 10.79 26.02
C HIS A 2087 34.48 9.92 25.33
N LEU A 2088 33.63 9.26 26.12
CA LEU A 2088 32.58 8.40 25.61
C LEU A 2088 31.41 9.20 25.03
N LEU A 2089 31.24 10.46 25.45
CA LEU A 2089 30.17 11.32 24.92
C LEU A 2089 30.34 11.55 23.41
N GLN A 2090 29.26 11.35 22.66
CA GLN A 2090 29.18 11.59 21.22
C GLN A 2090 27.88 12.35 21.01
N PRO A 2091 27.72 13.05 19.88
CA PRO A 2091 26.46 13.83 19.69
C PRO A 2091 25.24 12.96 19.56
N ASN A 2092 25.41 11.77 18.95
CA ASN A 2092 24.32 10.86 18.61
C ASN A 2092 24.42 9.54 19.36
N ALA A 2093 25.14 9.52 20.49
CA ALA A 2093 25.11 8.37 21.40
C ALA A 2093 23.72 8.24 22.03
N ARG A 2094 23.32 6.99 22.34
CA ARG A 2094 22.07 6.75 23.06
C ARG A 2094 22.24 7.06 24.55
N LYS A 2095 21.27 7.80 25.09
CA LYS A 2095 21.29 8.29 26.47
C LYS A 2095 21.49 7.15 27.47
N GLU A 2096 20.90 6.00 27.17
CA GLU A 2096 21.04 4.74 27.93
C GLU A 2096 22.51 4.39 28.25
N ASP A 2097 23.42 4.53 27.27
CA ASP A 2097 24.84 4.24 27.50
C ASP A 2097 25.41 5.14 28.58
N LEU A 2098 25.25 6.45 28.40
CA LEU A 2098 26.04 7.45 29.11
C LEU A 2098 25.73 7.42 30.61
N PHE A 2099 24.48 7.18 30.98
CA PHE A 2099 24.04 7.14 32.38
C PHE A 2099 23.66 5.74 32.86
N GLY A 2100 24.07 4.70 32.13
CA GLY A 2100 23.84 3.30 32.50
C GLY A 2100 22.44 2.79 32.16
N ARG A 2101 22.35 1.62 31.53
CA ARG A 2101 21.08 1.07 31.07
C ARG A 2101 20.10 0.82 32.23
N PRO A 2102 18.81 1.24 32.12
CA PRO A 2102 17.81 0.98 33.18
C PRO A 2102 17.66 -0.52 33.48
N ASN A 2125 -1.45 -7.69 35.31
CA ASN A 2125 -1.44 -6.24 35.07
C ASN A 2125 -0.97 -5.91 33.63
N CYS A 2126 -1.64 -4.95 33.00
CA CYS A 2126 -1.46 -4.67 31.56
C CYS A 2126 -0.08 -4.10 31.22
N LEU A 2127 0.56 -3.38 32.15
CA LEU A 2127 1.83 -2.69 31.88
C LEU A 2127 3.04 -3.37 32.54
N GLU A 2128 2.82 -4.05 33.66
CA GLU A 2128 3.92 -4.66 34.42
C GLU A 2128 4.58 -5.81 33.65
N VAL A 2129 3.78 -6.70 33.07
CA VAL A 2129 4.30 -7.77 32.23
C VAL A 2129 4.84 -7.16 30.93
N LEU A 2130 6.08 -7.49 30.58
CA LEU A 2130 6.71 -6.89 29.39
C LEU A 2130 6.11 -7.44 28.09
N PRO A 2131 6.34 -6.72 26.94
CA PRO A 2131 6.01 -7.29 25.63
C PRO A 2131 6.94 -8.44 25.26
N THR A 2132 6.56 -9.65 25.70
CA THR A 2132 7.37 -10.86 25.49
C THR A 2132 7.09 -11.54 24.14
N LYS A 2133 5.80 -11.68 23.76
CA LYS A 2133 5.40 -12.42 22.56
C LYS A 2133 5.54 -11.57 21.29
N MET A 2134 5.91 -12.22 20.17
CA MET A 2134 6.15 -11.49 18.90
C MET A 2134 5.00 -11.58 17.88
N SER A 2135 3.87 -12.20 18.19
CA SER A 2135 3.03 -12.81 17.14
C SER A 2135 1.87 -11.95 16.61
N TYR A 2136 1.68 -10.71 17.07
CA TYR A 2136 0.43 -9.96 16.86
C TYR A 2136 -0.78 -10.63 17.53
N ALA A 2137 -1.16 -11.82 17.03
CA ALA A 2137 -2.43 -12.44 17.46
C ALA A 2137 -2.47 -12.71 18.96
N ALA A 2138 -1.41 -13.31 19.51
CA ALA A 2138 -1.43 -13.61 20.95
C ALA A 2138 -1.48 -12.32 21.76
N ASN A 2139 -0.76 -11.29 21.34
CA ASN A 2139 -0.86 -9.99 22.03
C ASN A 2139 -2.29 -9.47 22.00
N LEU A 2140 -2.96 -9.55 20.84
CA LEU A 2140 -4.34 -9.08 20.76
C LEU A 2140 -5.24 -9.85 21.74
N LYS A 2141 -5.10 -11.17 21.74
CA LYS A 2141 -5.91 -12.03 22.61
C LYS A 2141 -5.64 -11.69 24.08
N ASN A 2142 -4.37 -11.53 24.44
CA ASN A 2142 -4.00 -11.15 25.81
C ASN A 2142 -4.57 -9.78 26.16
N VAL A 2143 -4.47 -8.81 25.24
CA VAL A 2143 -5.02 -7.48 25.47
C VAL A 2143 -6.49 -7.58 25.83
N MET A 2144 -7.23 -8.36 25.06
CA MET A 2144 -8.67 -8.51 25.32
C MET A 2144 -8.93 -9.25 26.64
N ASN A 2145 -8.09 -10.24 26.98
CA ASN A 2145 -8.26 -10.92 28.26
C ASN A 2145 -7.97 -9.98 29.44
N MET A 2146 -6.93 -9.15 29.31
CA MET A 2146 -6.59 -8.18 30.35
C MET A 2146 -7.71 -7.14 30.50
N GLN A 2147 -8.25 -6.68 29.37
CA GLN A 2147 -9.42 -5.80 29.37
C GLN A 2147 -10.61 -6.48 30.05
N ASN A 2148 -10.76 -7.80 29.84
CA ASN A 2148 -11.79 -8.56 30.55
C ASN A 2148 -11.50 -8.66 32.06
N ARG A 2149 -10.23 -8.69 32.47
CA ARG A 2149 -9.93 -8.67 33.92
C ARG A 2149 -10.47 -7.39 34.58
N GLN A 2150 -10.27 -6.25 33.93
CA GLN A 2150 -10.84 -5.00 34.50
C GLN A 2150 -12.36 -4.96 34.36
N LYS A 2151 -12.92 -5.54 33.29
CA LYS A 2151 -14.38 -5.69 33.15
C LYS A 2151 -14.98 -6.49 34.31
N LYS A 2152 -14.35 -7.62 34.65
CA LYS A 2152 -14.80 -8.54 35.71
C LYS A 2152 -14.75 -7.91 37.10
N GLU A 2192 -27.90 22.31 37.34
CA GLU A 2192 -27.45 22.03 38.71
C GLU A 2192 -26.95 20.59 38.85
N SER A 2193 -25.86 20.39 39.59
CA SER A 2193 -25.54 19.06 40.11
C SER A 2193 -25.39 19.10 41.64
N GLU A 2194 -26.19 18.28 42.32
CA GLU A 2194 -26.05 18.09 43.76
C GLU A 2194 -24.65 17.58 44.09
N GLY A 2195 -24.16 17.91 45.29
CA GLY A 2195 -22.75 17.73 45.59
C GLY A 2195 -21.88 18.53 44.62
N PRO A 2196 -21.08 17.85 43.80
CA PRO A 2196 -20.00 18.55 43.01
C PRO A 2196 -20.53 19.53 41.97
N PRO A 2197 -20.07 20.79 42.00
CA PRO A 2197 -20.13 21.66 40.81
C PRO A 2197 -18.98 21.32 39.86
N LEU A 2198 -19.05 21.85 38.62
CA LEU A 2198 -18.07 21.47 37.58
C LEU A 2198 -16.63 21.73 38.02
N THR A 2199 -16.40 22.86 38.70
CA THR A 2199 -15.05 23.19 39.21
C THR A 2199 -14.47 22.09 40.10
N SER A 2200 -15.31 21.21 40.65
CA SER A 2200 -14.85 20.10 41.50
C SER A 2200 -14.81 18.75 40.78
N PHE A 2201 -14.93 18.75 39.44
CA PHE A 2201 -14.95 17.51 38.65
C PHE A 2201 -13.61 16.76 38.75
N ARG A 2202 -13.66 15.45 39.04
CA ARG A 2202 -12.46 14.63 39.29
C ARG A 2202 -12.34 13.49 38.29
N PRO A 2203 -12.11 13.79 37.01
CA PRO A 2203 -11.97 12.75 35.98
C PRO A 2203 -10.56 12.18 36.00
N GLN A 2204 -10.38 11.14 35.18
CA GLN A 2204 -9.12 10.41 35.07
C GLN A 2204 -9.20 9.57 33.81
N CYS A 2205 -8.14 8.83 33.52
CA CYS A 2205 -8.28 7.64 32.69
C CYS A 2205 -8.30 6.42 33.61
N SER A 2206 -9.42 5.71 33.64
CA SER A 2206 -9.50 4.42 34.34
C SER A 2206 -10.42 3.47 33.55
N PHE A 2207 -9.81 2.80 32.58
CA PHE A 2207 -10.23 1.55 31.94
C PHE A 2207 -9.05 1.10 31.08
N MET A 2208 -9.05 -0.18 30.67
CA MET A 2208 -7.91 -0.76 29.94
C MET A 2208 -6.73 -1.05 30.89
N GLY A 2209 -6.35 -0.06 31.70
CA GLY A 2209 -5.64 -0.29 32.95
C GLY A 2209 -6.36 0.44 34.07
N MET A 2210 -6.02 0.09 35.32
CA MET A 2210 -6.68 0.76 36.46
C MET A 2210 -6.22 2.22 36.60
N VAL A 2211 -4.93 2.48 36.43
CA VAL A 2211 -4.42 3.85 36.25
C VAL A 2211 -3.34 3.82 35.17
N ILE A 2212 -3.45 4.72 34.20
CA ILE A 2212 -2.37 4.95 33.24
C ILE A 2212 -1.78 6.33 33.51
N SER A 2213 -0.45 6.40 33.62
CA SER A 2213 0.25 7.67 33.49
C SER A 2213 1.28 7.49 32.39
N HIS A 2214 1.49 8.56 31.61
CA HIS A 2214 2.17 8.37 30.32
C HIS A 2214 3.62 7.92 30.50
N ASP A 2215 4.24 8.29 31.62
CA ASP A 2215 5.58 7.76 31.96
C ASP A 2215 5.64 6.24 31.91
N MET A 2216 4.61 5.53 32.40
CA MET A 2216 4.60 4.07 32.32
C MET A 2216 4.72 3.62 30.86
N LEU A 2217 3.90 4.21 29.99
CA LEU A 2217 3.89 3.79 28.59
C LEU A 2217 5.20 4.16 27.90
N LEU A 2218 5.74 5.34 28.20
CA LEU A 2218 7.09 5.67 27.73
C LEU A 2218 8.13 4.70 28.29
N GLY A 2219 7.84 4.03 29.40
CA GLY A 2219 8.71 2.97 29.92
C GLY A 2219 8.54 1.67 29.14
N ARG A 2220 7.29 1.35 28.82
CA ARG A 2220 6.97 0.09 28.14
C ARG A 2220 7.54 0.05 26.71
N TRP A 2221 7.16 1.01 25.85
CA TRP A 2221 7.52 0.95 24.43
C TRP A 2221 8.80 1.72 24.12
N ARG A 2222 9.74 1.69 25.06
CA ARG A 2222 10.92 2.55 25.05
C ARG A 2222 11.66 2.53 23.70
N LEU A 2223 11.91 1.35 23.13
CA LEU A 2223 12.71 1.31 21.90
C LEU A 2223 11.90 1.78 20.70
N SER A 2224 10.64 1.32 20.58
CA SER A 2224 9.78 1.78 19.50
C SER A 2224 9.72 3.30 19.50
N LEU A 2225 9.53 3.86 20.69
CA LEU A 2225 9.51 5.31 20.88
C LEU A 2225 10.81 5.95 20.41
N GLU A 2226 11.95 5.45 20.87
CA GLU A 2226 13.22 6.06 20.47
C GLU A 2226 13.41 6.00 18.95
N LEU A 2227 13.05 4.88 18.36
CA LEU A 2227 13.16 4.73 16.92
C LEU A 2227 12.23 5.70 16.18
N PHE A 2228 10.96 5.79 16.61
CA PHE A 2228 10.08 6.83 16.07
C PHE A 2228 10.72 8.20 16.26
N GLY A 2229 11.32 8.43 17.43
CA GLY A 2229 12.01 9.66 17.80
C GLY A 2229 13.25 9.96 16.98
N ARG A 2230 13.59 9.07 16.04
CA ARG A 2230 14.52 9.44 14.98
C ARG A 2230 13.83 9.48 13.61
N VAL A 2231 13.04 8.44 13.29
CA VAL A 2231 12.52 8.24 11.94
C VAL A 2231 11.36 9.18 11.61
N PHE A 2232 10.44 9.42 12.55
CA PHE A 2232 9.21 10.17 12.24
C PHE A 2232 9.23 11.63 12.72
N MET A 2233 10.38 12.10 13.21
CA MET A 2233 10.44 13.41 13.88
C MET A 2233 9.98 14.56 12.98
N GLU A 2234 10.26 14.49 11.69
CA GLU A 2234 9.92 15.60 10.78
C GLU A 2234 8.41 15.78 10.62
N ASP A 2235 7.64 14.72 10.89
CA ASP A 2235 6.22 14.65 10.51
C ASP A 2235 5.35 14.50 11.76
N VAL A 2236 5.39 13.35 12.43
CA VAL A 2236 4.60 13.21 13.67
C VAL A 2236 5.09 14.19 14.72
N GLY A 2237 6.37 14.58 14.67
CA GLY A 2237 6.91 15.62 15.55
C GLY A 2237 6.42 17.03 15.25
N ALA A 2238 5.73 17.23 14.12
CA ALA A 2238 5.14 18.54 13.78
C ALA A 2238 3.76 18.77 14.39
N GLU A 2239 3.13 17.74 14.94
CA GLU A 2239 1.92 17.94 15.75
C GLU A 2239 2.21 18.89 16.91
N PRO A 2240 1.23 19.72 17.32
CA PRO A 2240 1.49 20.71 18.40
C PRO A 2240 1.83 20.00 19.70
N GLY A 2241 3.03 20.29 20.23
CA GLY A 2241 3.49 19.63 21.45
C GLY A 2241 3.67 18.12 21.29
N SER A 2242 3.99 17.65 20.08
CA SER A 2242 4.13 16.22 19.81
C SER A 2242 5.10 15.57 20.79
N ILE A 2243 4.68 14.46 21.40
CA ILE A 2243 5.52 13.80 22.41
C ILE A 2243 6.84 13.29 21.84
N LEU A 2244 6.97 13.17 20.51
CA LEU A 2244 8.25 12.77 19.93
C LEU A 2244 9.37 13.78 20.23
N THR A 2245 9.08 15.09 20.28
CA THR A 2245 10.16 16.05 20.55
C THR A 2245 10.78 15.88 21.93
N GLU A 2246 10.06 15.23 22.86
CA GLU A 2246 10.63 15.00 24.20
C GLU A 2246 11.73 13.94 24.15
N LEU A 2247 11.69 13.06 23.15
CA LEU A 2247 12.78 12.16 22.82
C LEU A 2247 13.82 12.83 21.91
N GLY A 2248 13.69 14.15 21.70
CA GLY A 2248 14.63 14.89 20.86
C GLY A 2248 16.00 15.03 21.50
N GLY A 2249 17.04 14.50 20.85
CA GLY A 2249 18.40 14.55 21.36
C GLY A 2249 19.06 15.91 21.14
N PHE A 2250 20.39 15.87 21.12
CA PHE A 2250 21.22 17.07 20.93
C PHE A 2250 20.73 17.95 19.78
N GLU A 2251 20.52 17.37 18.60
CA GLU A 2251 20.28 18.19 17.40
C GLU A 2251 18.97 18.96 17.47
N VAL A 2252 17.95 18.42 18.15
CA VAL A 2252 16.70 19.15 18.33
C VAL A 2252 16.95 20.45 19.11
N LYS A 2253 17.66 20.32 20.24
CA LYS A 2253 18.02 21.50 21.02
C LYS A 2253 18.88 22.47 20.19
N GLU A 2254 19.83 21.94 19.41
CA GLU A 2254 20.66 22.80 18.57
C GLU A 2254 19.84 23.51 17.48
N SER A 2255 18.77 22.88 16.98
CA SER A 2255 17.90 23.53 16.01
C SER A 2255 17.27 24.77 16.60
N LYS A 2256 16.87 24.68 17.87
CA LYS A 2256 16.44 25.89 18.58
C LYS A 2256 17.60 26.86 18.83
N PHE A 2257 18.78 26.32 19.14
CA PHE A 2257 19.96 27.15 19.45
C PHE A 2257 20.29 28.11 18.31
N ARG A 2258 20.45 27.61 17.07
CA ARG A 2258 20.74 28.55 15.96
C ARG A 2258 19.66 29.63 15.87
N ARG A 2259 18.39 29.23 15.94
CA ARG A 2259 17.31 30.20 15.78
C ARG A 2259 17.37 31.29 16.85
N GLU A 2260 17.57 30.90 18.11
CA GLU A 2260 17.66 31.87 19.21
C GLU A 2260 18.94 32.71 19.13
N MET A 2261 20.09 32.08 18.88
CA MET A 2261 21.36 32.82 18.89
C MET A 2261 21.45 33.77 17.70
N GLU A 2262 21.01 33.33 16.51
CA GLU A 2262 20.97 34.21 15.34
C GLU A 2262 19.96 35.34 15.54
N LYS A 2263 18.80 35.05 16.16
CA LYS A 2263 17.84 36.09 16.54
C LYS A 2263 18.46 37.11 17.50
N LEU A 2264 19.23 36.65 18.49
CA LEU A 2264 19.89 37.55 19.43
C LEU A 2264 21.03 38.34 18.75
N ARG A 2265 21.75 37.70 17.81
CA ARG A 2265 22.82 38.34 17.04
C ARG A 2265 22.28 39.42 16.09
N ASN A 2266 21.24 39.09 15.32
CA ASN A 2266 20.69 39.99 14.30
C ASN A 2266 19.83 41.14 14.86
N GLN A 2267 19.50 41.14 16.15
CA GLN A 2267 18.76 42.28 16.73
C GLN A 2267 19.63 43.50 17.02
N GLN A 2268 20.96 43.36 16.98
CA GLN A 2268 21.87 44.47 17.28
C GLN A 2268 22.80 44.75 16.09
N SER A 2269 23.10 46.05 15.90
CA SER A 2269 23.99 46.55 14.84
C SER A 2269 25.36 46.96 15.37
N ARG A 2270 25.70 46.61 16.61
CA ARG A 2270 26.93 47.06 17.30
C ARG A 2270 27.89 45.89 17.51
N ASP A 2271 29.12 46.03 17.00
CA ASP A 2271 30.17 44.99 17.09
C ASP A 2271 30.97 45.00 18.39
N LEU A 2272 31.71 43.91 18.61
CA LEU A 2272 32.77 43.79 19.63
C LEU A 2272 34.10 43.69 18.89
N SER A 2273 35.04 44.59 19.18
CA SER A 2273 36.38 44.54 18.59
C SER A 2273 37.44 44.42 19.67
N LEU A 2274 38.30 43.42 19.54
CA LEU A 2274 39.39 43.18 20.50
C LEU A 2274 40.72 43.18 19.77
N GLU A 2275 41.64 44.03 20.22
CA GLU A 2275 43.00 44.08 19.69
C GLU A 2275 43.97 43.58 20.77
N VAL A 2276 44.57 42.42 20.54
CA VAL A 2276 45.37 41.76 21.56
C VAL A 2276 46.69 41.24 21.00
N ASP A 2277 47.62 41.00 21.92
CA ASP A 2277 48.87 40.32 21.59
C ASP A 2277 48.68 38.80 21.63
N ARG A 2278 49.69 38.06 21.14
CA ARG A 2278 49.75 36.60 21.29
C ARG A 2278 50.41 36.18 22.61
N ASP A 2279 51.20 37.07 23.22
CA ASP A 2279 51.87 36.77 24.49
C ASP A 2279 50.83 36.52 25.58
N ARG A 2280 51.03 35.45 26.36
CA ARG A 2280 50.02 35.03 27.34
C ARG A 2280 49.66 36.16 28.31
N ASP A 2281 50.69 36.83 28.86
CA ASP A 2281 50.42 37.84 29.89
C ASP A 2281 49.68 39.04 29.29
N LEU A 2282 50.18 39.51 28.15
CA LEU A 2282 49.54 40.63 27.47
C LEU A 2282 48.16 40.24 26.99
N LEU A 2283 48.02 39.01 26.49
CA LEU A 2283 46.75 38.56 25.96
C LEU A 2283 45.65 38.62 27.03
N ILE A 2284 45.93 38.09 28.21
CA ILE A 2284 44.92 38.10 29.27
C ILE A 2284 44.57 39.53 29.67
N GLN A 2285 45.59 40.34 29.97
CA GLN A 2285 45.29 41.70 30.46
C GLN A 2285 44.55 42.52 29.42
N GLN A 2286 45.00 42.45 28.16
CA GLN A 2286 44.40 43.26 27.10
C GLN A 2286 42.97 42.82 26.83
N THR A 2287 42.73 41.51 26.76
CA THR A 2287 41.39 41.02 26.51
C THR A 2287 40.42 41.48 27.58
N MET A 2288 40.81 41.29 28.85
CA MET A 2288 39.89 41.60 29.94
C MET A 2288 39.65 43.11 30.04
N ARG A 2289 40.69 43.91 29.81
CA ARG A 2289 40.51 45.36 29.88
C ARG A 2289 39.56 45.86 28.80
N GLN A 2290 39.73 45.37 27.57
CA GLN A 2290 38.86 45.83 26.49
C GLN A 2290 37.43 45.33 26.67
N LEU A 2291 37.26 44.12 27.22
CA LEU A 2291 35.92 43.64 27.51
C LEU A 2291 35.23 44.51 28.55
N ASN A 2292 35.98 45.00 29.56
CA ASN A 2292 35.38 45.88 30.57
C ASN A 2292 35.03 47.25 29.99
N ASN A 2293 35.88 47.79 29.12
CA ASN A 2293 35.56 49.07 28.50
C ASN A 2293 34.37 48.95 27.55
N HIS A 2294 34.23 47.80 26.88
CA HIS A 2294 33.09 47.56 26.01
C HIS A 2294 31.82 47.34 26.82
N PHE A 2295 31.92 46.51 27.88
CA PHE A 2295 30.79 46.18 28.75
C PHE A 2295 30.27 47.41 29.50
N GLY A 2296 31.17 48.18 30.11
CA GLY A 2296 30.80 49.26 31.01
C GLY A 2296 30.31 50.51 30.31
N ARG A 2297 30.62 50.67 29.04
CA ARG A 2297 30.17 51.81 28.26
C ARG A 2297 28.87 51.51 27.51
N ARG A 2298 28.38 50.28 27.68
CA ARG A 2298 27.08 49.75 27.28
C ARG A 2298 26.34 49.47 28.60
N CYS A 2299 25.00 49.41 28.61
CA CYS A 2299 24.34 49.21 29.91
C CYS A 2299 24.65 47.82 30.50
N ALA A 2300 25.21 47.81 31.72
CA ALA A 2300 25.69 46.60 32.40
C ALA A 2300 24.57 45.67 32.91
N THR A 2301 23.29 46.07 32.80
CA THR A 2301 22.15 45.24 33.20
C THR A 2301 21.43 44.63 32.00
N THR A 2302 21.94 44.87 30.79
CA THR A 2302 21.38 44.35 29.54
C THR A 2302 22.40 43.43 28.90
N PRO A 2303 21.98 42.29 28.32
CA PRO A 2303 22.96 41.39 27.71
C PRO A 2303 23.70 42.05 26.54
N MET A 2304 24.99 41.72 26.42
CA MET A 2304 25.87 42.26 25.39
C MET A 2304 25.61 41.69 24.00
N ALA A 2305 24.35 41.67 23.56
CA ALA A 2305 24.06 41.26 22.19
C ALA A 2305 24.80 42.16 21.19
N VAL A 2306 25.52 41.54 20.23
CA VAL A 2306 26.33 42.26 19.24
C VAL A 2306 26.05 41.71 17.84
N HIS A 2307 26.34 42.53 16.82
CA HIS A 2307 26.21 42.05 15.45
C HIS A 2307 27.33 41.05 15.17
N ARG A 2308 28.59 41.52 15.09
CA ARG A 2308 29.72 40.63 14.87
C ARG A 2308 30.80 40.79 15.95
N VAL A 2309 31.50 39.68 16.22
CA VAL A 2309 32.67 39.68 17.10
C VAL A 2309 33.90 39.65 16.21
N LYS A 2310 34.71 40.70 16.29
CA LYS A 2310 35.88 40.86 15.46
C LYS A 2310 37.13 40.93 16.33
N VAL A 2311 38.19 40.26 15.89
CA VAL A 2311 39.44 40.23 16.64
C VAL A 2311 40.63 40.52 15.72
N THR A 2312 41.58 41.33 16.21
CA THR A 2312 42.81 41.64 15.47
C THR A 2312 44.04 41.48 16.37
N PHE A 2313 45.11 40.89 15.84
CA PHE A 2313 46.33 40.76 16.61
C PHE A 2313 47.30 41.92 16.41
N LYS A 2314 48.04 42.26 17.47
CA LYS A 2314 49.09 43.26 17.33
C LYS A 2314 50.21 42.71 16.46
N ASP A 2315 50.71 43.53 15.56
CA ASP A 2315 51.71 43.15 14.57
C ASP A 2315 51.17 42.13 13.57
N GLU A 2316 49.85 41.83 13.59
CA GLU A 2316 49.17 40.90 12.67
C GLU A 2316 47.68 41.26 12.66
N PRO A 2317 47.29 42.52 12.36
CA PRO A 2317 45.92 42.98 12.63
C PRO A 2317 44.88 42.52 11.62
N GLY A 2318 45.08 41.37 10.97
CA GLY A 2318 44.01 40.69 10.25
C GLY A 2318 42.79 40.49 11.16
N GLU A 2319 41.60 40.34 10.58
CA GLU A 2319 40.38 40.66 11.32
C GLU A 2319 39.26 39.62 11.10
N GLY A 2320 38.27 39.63 12.02
CA GLY A 2320 37.05 38.85 11.83
C GLY A 2320 37.14 37.39 12.28
N SER A 2321 36.46 36.51 11.54
CA SER A 2321 36.05 35.19 12.05
C SER A 2321 37.22 34.27 12.39
N GLY A 2322 38.07 33.93 11.42
CA GLY A 2322 39.17 32.99 11.69
C GLY A 2322 40.15 33.53 12.72
N VAL A 2323 40.44 34.83 12.65
CA VAL A 2323 41.25 35.48 13.67
C VAL A 2323 40.57 35.35 15.04
N ALA A 2324 39.27 35.61 15.08
CA ALA A 2324 38.53 35.44 16.33
C ALA A 2324 38.52 33.99 16.82
N ARG A 2325 38.48 33.01 15.91
CA ARG A 2325 38.58 31.62 16.33
C ARG A 2325 39.95 31.33 16.93
N SER A 2326 41.01 31.81 16.25
CA SER A 2326 42.35 31.65 16.79
C SER A 2326 42.45 32.30 18.16
N PHE A 2327 41.76 33.42 18.36
CA PHE A 2327 41.73 34.10 19.65
C PHE A 2327 41.00 33.27 20.71
N TYR A 2328 39.78 32.77 20.42
CA TYR A 2328 39.07 31.98 21.42
C TYR A 2328 39.95 30.82 21.87
N THR A 2329 40.68 30.23 20.91
CA THR A 2329 41.59 29.13 21.23
C THR A 2329 42.72 29.60 22.15
N ALA A 2330 43.41 30.67 21.73
CA ALA A 2330 44.60 31.15 22.42
C ALA A 2330 44.26 31.69 23.81
N ILE A 2331 43.13 32.38 23.94
CA ILE A 2331 42.74 32.93 25.24
C ILE A 2331 42.39 31.79 26.20
N ALA A 2332 41.72 30.75 25.68
CA ALA A 2332 41.47 29.56 26.50
C ALA A 2332 42.79 28.90 26.92
N GLN A 2333 43.76 28.79 26.00
CA GLN A 2333 45.07 28.24 26.34
C GLN A 2333 45.76 29.08 27.40
N ALA A 2334 45.55 30.40 27.37
CA ALA A 2334 46.18 31.29 28.34
C ALA A 2334 45.62 31.08 29.73
N PHE A 2335 44.32 30.80 29.83
CA PHE A 2335 43.70 30.59 31.14
C PHE A 2335 44.06 29.24 31.74
N LEU A 2336 44.26 28.22 30.88
CA LEU A 2336 44.49 26.84 31.29
C LEU A 2336 45.96 26.54 31.54
N SER A 2337 46.84 27.53 31.32
CA SER A 2337 48.27 27.34 31.47
C SER A 2337 48.67 27.28 32.94
N ASN A 2338 49.71 26.52 33.22
CA ASN A 2338 50.22 26.39 34.59
C ASN A 2338 51.20 27.49 34.95
N GLU A 2339 51.42 28.44 34.05
CA GLU A 2339 52.29 29.56 34.32
C GLU A 2339 51.58 30.59 35.20
N LYS A 2340 52.38 31.39 35.90
CA LYS A 2340 51.82 32.39 36.79
C LYS A 2340 51.21 33.55 36.02
N LEU A 2341 50.13 34.11 36.57
CA LEU A 2341 49.45 35.22 35.93
C LEU A 2341 50.21 36.54 36.12
N PRO A 2342 49.96 37.50 35.23
CA PRO A 2342 50.27 38.90 35.51
C PRO A 2342 49.26 39.44 36.51
N ASN A 2343 49.59 40.59 37.12
CA ASN A 2343 48.68 41.16 38.11
C ASN A 2343 47.35 41.51 37.45
N LEU A 2344 46.27 40.87 37.91
CA LEU A 2344 44.95 41.08 37.33
C LEU A 2344 44.33 42.41 37.74
N GLU A 2345 44.95 43.11 38.69
CA GLU A 2345 44.46 44.43 39.09
C GLU A 2345 44.52 45.41 37.93
N CYS A 2346 45.36 45.12 36.93
CA CYS A 2346 45.43 45.96 35.73
C CYS A 2346 44.08 45.99 35.01
N ILE A 2347 43.25 44.96 35.21
CA ILE A 2347 41.96 44.85 34.54
C ILE A 2347 40.92 45.76 35.19
N GLN A 2348 41.18 46.21 36.42
CA GLN A 2348 40.21 47.05 37.12
C GLN A 2348 40.15 48.44 36.53
N ASN A 2349 41.23 48.90 35.89
CA ASN A 2349 41.27 50.25 35.31
C ASN A 2349 40.66 50.23 33.92
N ALA A 2350 39.35 49.99 33.88
CA ALA A 2350 38.62 49.88 32.61
C ALA A 2350 37.15 50.22 32.78
N ASP A 2531 50.30 40.07 44.97
CA ASP A 2531 49.44 40.07 43.78
C ASP A 2531 48.74 38.73 43.64
N ASP A 2532 47.46 38.77 43.22
CA ASP A 2532 46.65 37.56 43.07
C ASP A 2532 46.94 36.90 41.71
N ASN A 2533 48.10 36.28 41.62
CA ASN A 2533 48.60 35.74 40.36
C ASN A 2533 48.40 34.24 40.22
N ALA A 2534 47.59 33.63 41.06
CA ALA A 2534 47.37 32.19 40.95
C ALA A 2534 46.71 31.84 39.63
N PRO A 2535 47.10 30.73 39.01
CA PRO A 2535 46.47 30.30 37.75
C PRO A 2535 44.95 30.28 37.84
N LEU A 2536 44.30 30.64 36.73
CA LEU A 2536 42.85 30.83 36.74
C LEU A 2536 42.09 29.52 36.97
N PHE A 2537 42.56 28.42 36.40
CA PHE A 2537 41.83 27.14 36.49
C PHE A 2537 42.77 26.03 36.94
N TYR A 2538 42.19 25.01 37.55
CA TYR A 2538 42.94 23.80 37.88
C TYR A 2538 42.08 22.60 37.55
N GLN A 2539 42.70 21.41 37.54
CA GLN A 2539 41.94 20.20 37.29
C GLN A 2539 41.61 19.55 38.65
N PRO A 2540 40.38 19.68 39.17
CA PRO A 2540 40.04 18.94 40.39
C PRO A 2540 39.93 17.46 40.10
N GLY A 2541 40.43 16.71 41.03
CA GLY A 2541 40.24 15.28 41.03
C GLY A 2541 41.01 14.58 39.91
N LYS A 2542 40.63 13.33 39.69
CA LYS A 2542 41.35 12.47 38.75
C LYS A 2542 40.66 12.48 37.38
N ARG A 2543 40.33 13.73 36.96
CA ARG A 2543 40.09 14.16 35.57
C ARG A 2543 41.17 15.04 34.90
N GLY A 2544 41.24 14.95 33.56
CA GLY A 2544 41.81 15.98 32.68
C GLY A 2544 41.03 17.30 32.57
N PHE A 2545 40.04 17.56 33.44
CA PHE A 2545 38.96 18.55 33.22
C PHE A 2545 38.84 19.57 34.38
N TYR A 2546 38.44 20.82 34.06
CA TYR A 2546 38.83 22.01 34.85
C TYR A 2546 37.74 22.63 35.73
N THR A 2547 38.16 23.20 36.87
CA THR A 2547 37.38 24.09 37.75
C THR A 2547 38.22 25.32 38.13
N PRO A 2548 37.61 26.50 38.37
CA PRO A 2548 38.42 27.70 38.65
C PRO A 2548 39.20 27.57 39.95
N ARG A 2549 40.47 28.00 39.91
CA ARG A 2549 41.33 28.02 41.09
C ARG A 2549 41.13 29.36 41.82
N PRO A 2550 40.82 29.37 43.14
CA PRO A 2550 40.33 30.60 43.79
C PRO A 2550 41.40 31.65 44.07
N GLY A 2551 42.69 31.28 44.07
CA GLY A 2551 43.75 32.24 44.32
C GLY A 2551 43.59 32.96 45.66
N LYS A 2552 43.81 34.27 45.65
CA LYS A 2552 43.66 35.12 46.85
C LYS A 2552 42.28 35.73 46.97
N ASN A 2553 41.36 35.37 46.06
CA ASN A 2553 39.96 35.84 46.03
C ASN A 2553 39.83 37.38 46.04
N THR A 2554 40.74 38.07 45.35
CA THR A 2554 40.63 39.53 45.24
C THR A 2554 39.58 39.91 44.19
N GLU A 2555 39.11 41.15 44.26
CA GLU A 2555 38.10 41.61 43.30
C GLU A 2555 38.64 41.55 41.88
N ALA A 2556 39.92 41.86 41.69
CA ALA A 2556 40.50 41.82 40.35
C ALA A 2556 40.37 40.44 39.71
N ARG A 2557 40.50 39.39 40.54
CA ARG A 2557 40.34 38.02 40.06
C ARG A 2557 38.89 37.75 39.64
N LEU A 2558 37.94 38.10 40.51
CA LEU A 2558 36.52 37.94 40.16
C LEU A 2558 36.14 38.75 38.93
N ASN A 2559 36.75 39.93 38.77
CA ASN A 2559 36.50 40.76 37.59
C ASN A 2559 36.97 40.03 36.33
N CYS A 2560 38.15 39.43 36.41
CA CYS A 2560 38.64 38.60 35.31
C CYS A 2560 37.67 37.45 35.01
N PHE A 2561 37.23 36.74 36.06
CA PHE A 2561 36.31 35.60 35.86
C PHE A 2561 34.99 36.07 35.24
N ARG A 2562 34.48 37.23 35.67
CA ARG A 2562 33.25 37.77 35.11
C ARG A 2562 33.43 38.06 33.62
N ASN A 2563 34.62 38.50 33.23
CA ASN A 2563 34.87 38.67 31.80
C ASN A 2563 34.96 37.32 31.07
N ILE A 2564 35.54 36.30 31.71
CA ILE A 2564 35.62 34.97 31.08
C ILE A 2564 34.21 34.42 30.79
N GLY A 2565 33.29 34.63 31.74
CA GLY A 2565 31.90 34.26 31.48
C GLY A 2565 31.33 34.97 30.26
N ARG A 2566 31.71 36.25 30.09
CA ARG A 2566 31.25 36.96 28.88
C ARG A 2566 31.76 36.27 27.62
N ILE A 2567 33.00 35.76 27.66
CA ILE A 2567 33.56 35.08 26.48
C ILE A 2567 32.73 33.86 26.08
N LEU A 2568 32.27 33.06 27.08
CA LEU A 2568 31.36 31.95 26.75
C LEU A 2568 30.11 32.46 26.01
N GLY A 2569 29.46 33.48 26.58
CA GLY A 2569 28.26 34.02 25.95
C GLY A 2569 28.51 34.50 24.53
N LEU A 2570 29.65 35.16 24.31
CA LEU A 2570 30.00 35.69 22.98
C LEU A 2570 30.23 34.58 21.95
N CYS A 2571 31.00 33.55 22.32
CA CYS A 2571 31.27 32.47 21.36
C CYS A 2571 29.98 31.80 20.93
N LEU A 2572 29.12 31.46 21.90
CA LEU A 2572 27.84 30.82 21.59
C LEU A 2572 26.95 31.72 20.73
N LEU A 2573 26.88 33.02 21.06
CA LEU A 2573 26.05 33.94 20.29
C LEU A 2573 26.46 33.93 18.82
N GLN A 2574 27.75 33.80 18.55
CA GLN A 2574 28.31 33.74 17.20
C GLN A 2574 28.32 32.32 16.63
N ASN A 2575 27.90 31.32 17.40
CA ASN A 2575 28.01 29.90 17.00
C ASN A 2575 29.48 29.50 16.75
N GLU A 2576 30.41 30.10 17.52
CA GLU A 2576 31.85 29.81 17.43
C GLU A 2576 32.26 28.96 18.63
N LEU A 2577 33.23 28.05 18.46
CA LEU A 2577 33.62 27.18 19.56
C LEU A 2577 34.60 27.86 20.52
N CYS A 2578 34.48 27.51 21.79
CA CYS A 2578 35.36 27.99 22.85
C CYS A 2578 35.96 26.76 23.55
N PRO A 2579 37.28 26.48 23.44
CA PRO A 2579 37.80 25.18 23.91
C PRO A 2579 38.05 25.07 25.43
N ILE A 2580 37.11 25.54 26.28
CA ILE A 2580 37.28 25.54 27.73
C ILE A 2580 36.52 24.36 28.32
N THR A 2581 37.25 23.32 28.74
CA THR A 2581 36.63 22.03 29.12
C THR A 2581 36.30 22.03 30.63
N LEU A 2582 35.12 22.59 30.96
CA LEU A 2582 34.69 22.72 32.36
C LEU A 2582 34.00 21.46 32.90
N ASN A 2583 34.13 21.26 34.21
CA ASN A 2583 33.51 20.13 34.91
C ASN A 2583 31.98 20.27 35.06
N ARG A 2584 31.29 19.12 35.14
CA ARG A 2584 29.82 19.09 35.16
C ARG A 2584 29.20 19.95 36.27
N HIS A 2585 29.74 19.90 37.50
CA HIS A 2585 29.17 20.72 38.58
C HIS A 2585 29.37 22.22 38.31
N VAL A 2586 30.51 22.60 37.71
CA VAL A 2586 30.72 23.99 37.31
C VAL A 2586 29.64 24.40 36.31
N ILE A 2587 29.40 23.53 35.32
CA ILE A 2587 28.46 23.84 34.26
C ILE A 2587 27.02 23.89 34.79
N LYS A 2588 26.64 22.98 35.69
CA LYS A 2588 25.32 23.03 36.33
C LYS A 2588 25.13 24.36 37.06
N VAL A 2589 26.15 24.80 37.79
CA VAL A 2589 26.06 26.12 38.43
C VAL A 2589 25.90 27.23 37.38
N LEU A 2590 26.69 27.18 36.30
CA LEU A 2590 26.55 28.19 35.24
C LEU A 2590 25.12 28.21 34.67
N LEU A 2591 24.55 27.01 34.43
CA LEU A 2591 23.15 26.87 34.03
C LEU A 2591 22.18 27.33 35.10
N GLY A 2592 22.65 27.56 36.32
CA GLY A 2592 21.78 28.00 37.42
C GLY A 2592 20.87 26.91 37.99
N ARG A 2593 21.33 25.66 38.04
CA ARG A 2593 20.49 24.56 38.57
C ARG A 2593 21.33 23.55 39.39
N LYS A 2594 20.63 22.71 40.15
CA LYS A 2594 21.18 22.02 41.33
C LYS A 2594 22.24 20.96 41.03
N VAL A 2595 23.21 20.85 41.97
CA VAL A 2595 24.33 19.91 41.88
C VAL A 2595 24.14 18.80 42.91
N ASN A 2596 24.41 17.56 42.49
CA ASN A 2596 24.08 16.34 43.24
C ASN A 2596 25.34 15.50 43.47
N TRP A 2597 25.19 14.48 44.33
CA TRP A 2597 26.25 13.49 44.56
C TRP A 2597 26.85 12.97 43.24
N HIS A 2598 25.99 12.69 42.25
CA HIS A 2598 26.44 12.24 40.93
C HIS A 2598 27.42 13.21 40.26
N ASP A 2599 27.28 14.50 40.50
CA ASP A 2599 28.22 15.48 39.94
C ASP A 2599 29.57 15.45 40.65
N PHE A 2600 29.62 14.96 41.89
CA PHE A 2600 30.93 14.71 42.53
C PHE A 2600 31.73 13.66 41.77
N ALA A 2601 31.06 12.73 41.09
CA ALA A 2601 31.80 11.84 40.19
C ALA A 2601 32.44 12.62 39.05
N PHE A 2602 31.79 13.72 38.64
CA PHE A 2602 32.35 14.63 37.63
C PHE A 2602 33.33 15.64 38.21
N PHE A 2603 33.33 15.82 39.53
CA PHE A 2603 34.39 16.53 40.23
C PHE A 2603 35.63 15.65 40.38
N ASP A 2604 35.48 14.43 40.91
CA ASP A 2604 36.61 13.51 41.12
C ASP A 2604 36.12 12.06 41.15
N PRO A 2605 36.28 11.29 40.05
CA PRO A 2605 35.72 9.93 40.05
C PRO A 2605 36.39 9.00 41.07
N VAL A 2606 37.70 9.18 41.31
CA VAL A 2606 38.39 8.30 42.26
C VAL A 2606 37.97 8.61 43.69
N MET A 2607 37.83 9.89 44.04
CA MET A 2607 37.30 10.23 45.36
C MET A 2607 35.84 9.82 45.51
N TYR A 2608 35.00 10.06 44.51
CA TYR A 2608 33.61 9.57 44.59
C TYR A 2608 33.60 8.07 44.86
N GLU A 2609 34.37 7.29 44.09
CA GLU A 2609 34.38 5.85 44.34
C GLU A 2609 34.96 5.51 45.72
N SER A 2610 35.99 6.24 46.17
CA SER A 2610 36.54 5.94 47.51
C SER A 2610 35.50 6.21 48.59
N LEU A 2611 34.74 7.30 48.46
CA LEU A 2611 33.67 7.57 49.41
C LEU A 2611 32.54 6.55 49.27
N ARG A 2612 32.29 6.05 48.04
CA ARG A 2612 31.34 4.94 47.89
C ARG A 2612 31.85 3.72 48.66
N GLN A 2613 33.14 3.43 48.54
CA GLN A 2613 33.74 2.32 49.30
C GLN A 2613 33.65 2.58 50.81
N LEU A 2614 33.80 3.85 51.21
CA LEU A 2614 33.64 4.22 52.62
C LEU A 2614 32.21 3.96 53.08
N ILE A 2615 31.24 4.18 52.19
CA ILE A 2615 29.84 3.90 52.51
C ILE A 2615 29.57 2.39 52.50
N LEU A 2616 30.21 1.65 51.59
CA LEU A 2616 30.10 0.19 51.63
C LEU A 2616 30.70 -0.34 52.93
N ALA A 2617 31.78 0.28 53.39
CA ALA A 2617 32.36 -0.07 54.67
C ALA A 2617 31.41 0.29 55.82
N SER A 2618 30.61 1.35 55.67
CA SER A 2618 29.64 1.69 56.73
C SER A 2618 28.51 0.66 56.81
N GLN A 2619 28.38 -0.17 55.78
CA GLN A 2619 27.41 -1.26 55.72
C GLN A 2619 28.04 -2.63 56.04
N SER A 2620 29.32 -2.65 56.43
CA SER A 2620 30.03 -3.88 56.81
C SER A 2620 29.86 -4.16 58.32
N SER A 2621 29.92 -5.46 58.70
CA SER A 2621 29.73 -5.86 60.11
C SER A 2621 30.75 -5.25 61.09
N ASP A 2622 31.92 -4.81 60.59
CA ASP A 2622 32.97 -4.21 61.43
C ASP A 2622 33.07 -2.68 61.24
N ALA A 2623 31.98 -2.04 60.80
CA ALA A 2623 32.03 -0.61 60.45
C ALA A 2623 32.54 0.27 61.60
N ASP A 2624 32.15 -0.01 62.85
CA ASP A 2624 32.62 0.84 63.96
C ASP A 2624 34.14 0.72 64.15
N ALA A 2625 34.66 -0.51 64.00
CA ALA A 2625 36.10 -0.74 64.08
C ALA A 2625 36.83 -0.16 62.85
N VAL A 2626 36.26 -0.30 61.64
CA VAL A 2626 36.92 0.20 60.42
C VAL A 2626 36.97 1.74 60.42
N PHE A 2627 35.88 2.40 60.84
CA PHE A 2627 35.88 3.86 60.90
C PHE A 2627 36.76 4.34 62.06
N SER A 2628 36.89 3.55 63.14
CA SER A 2628 37.88 3.89 64.16
C SER A 2628 39.31 3.78 63.61
N ALA A 2629 39.60 2.73 62.83
CA ALA A 2629 40.95 2.49 62.29
C ALA A 2629 41.35 3.53 61.24
N MET A 2630 40.39 4.06 60.46
CA MET A 2630 40.71 5.06 59.42
C MET A 2630 41.06 6.45 59.98
N ASP A 2631 40.66 6.75 61.22
CA ASP A 2631 40.99 8.02 61.90
C ASP A 2631 40.48 9.27 61.15
N LEU A 2632 39.33 9.16 60.48
CA LEU A 2632 38.72 10.28 59.76
C LEU A 2632 37.95 11.22 60.71
N ALA A 2633 37.99 12.52 60.39
CA ALA A 2633 37.25 13.56 61.11
C ALA A 2633 36.58 14.47 60.08
N PHE A 2634 35.65 15.34 60.54
CA PHE A 2634 34.98 16.30 59.64
C PHE A 2634 35.89 17.47 59.25
N ALA A 2635 37.12 17.16 58.78
CA ALA A 2635 38.04 18.16 58.24
C ALA A 2635 38.79 17.56 57.04
N ILE A 2636 39.03 18.40 56.01
CA ILE A 2636 39.55 17.91 54.73
C ILE A 2636 40.79 18.72 54.32
N ASP A 2637 41.78 18.04 53.72
CA ASP A 2637 42.90 18.74 53.10
C ASP A 2637 42.51 19.25 51.72
N LEU A 2638 42.86 20.50 51.44
CA LEU A 2638 42.71 21.11 50.12
C LEU A 2638 44.10 21.22 49.46
N CYS A 2639 44.16 20.97 48.16
CA CYS A 2639 45.41 21.18 47.42
C CYS A 2639 45.67 22.70 47.23
N LYS A 2640 46.90 23.04 46.81
CA LYS A 2640 47.27 24.45 46.61
C LYS A 2640 46.35 25.15 45.61
N GLU A 2641 45.90 24.41 44.59
CA GLU A 2641 44.95 24.92 43.58
C GLU A 2641 43.54 25.13 44.13
N GLU A 2642 43.22 24.56 45.30
CA GLU A 2642 41.96 24.80 45.98
C GLU A 2642 42.11 25.77 47.17
N GLY A 2643 43.28 26.41 47.30
CA GLY A 2643 43.56 27.33 48.38
C GLY A 2643 44.35 26.76 49.55
N GLY A 2644 44.61 25.45 49.57
CA GLY A 2644 45.56 24.84 50.50
C GLY A 2644 45.06 24.63 51.93
N GLY A 2645 45.89 23.89 52.71
CA GLY A 2645 45.67 23.67 54.15
C GLY A 2645 44.54 22.67 54.46
N GLN A 2646 44.19 22.62 55.76
CA GLN A 2646 43.12 21.75 56.24
C GLN A 2646 41.90 22.59 56.66
N VAL A 2647 40.71 22.24 56.15
CA VAL A 2647 39.49 23.03 56.35
C VAL A 2647 38.42 22.15 57.00
N GLU A 2648 37.75 22.70 58.02
CA GLU A 2648 36.65 21.98 58.69
C GLU A 2648 35.36 22.04 57.87
N LEU A 2649 34.75 20.86 57.68
CA LEU A 2649 33.47 20.77 56.96
C LEU A 2649 32.30 21.32 57.78
N ILE A 2650 32.42 21.23 59.10
CA ILE A 2650 31.50 21.84 60.09
C ILE A 2650 32.36 22.42 61.22
N PRO A 2651 31.88 23.45 61.94
CA PRO A 2651 32.71 24.02 63.02
C PRO A 2651 33.12 22.96 64.05
N ASN A 2652 34.38 23.03 64.48
CA ASN A 2652 35.04 22.05 65.35
C ASN A 2652 35.18 20.66 64.68
N GLY A 2653 35.04 20.59 63.35
CA GLY A 2653 35.07 19.32 62.62
C GLY A 2653 36.33 18.47 62.80
N VAL A 2654 37.48 19.09 63.09
CA VAL A 2654 38.72 18.31 63.36
C VAL A 2654 38.52 17.35 64.54
N ASN A 2655 37.71 17.74 65.52
CA ASN A 2655 37.48 16.96 66.74
C ASN A 2655 36.22 16.09 66.66
N ILE A 2656 35.49 16.11 65.55
CA ILE A 2656 34.28 15.31 65.36
C ILE A 2656 34.63 14.12 64.46
N PRO A 2657 34.64 12.88 64.98
CA PRO A 2657 35.05 11.73 64.16
C PRO A 2657 33.95 11.29 63.21
N VAL A 2658 34.33 10.77 62.05
CA VAL A 2658 33.36 10.14 61.16
C VAL A 2658 33.00 8.76 61.72
N THR A 2659 31.68 8.50 61.84
CA THR A 2659 31.12 7.23 62.32
C THR A 2659 30.27 6.62 61.20
N PRO A 2660 30.01 5.30 61.24
CA PRO A 2660 29.13 4.71 60.21
C PRO A 2660 27.75 5.37 60.13
N GLN A 2661 27.30 6.04 61.19
CA GLN A 2661 25.98 6.70 61.22
C GLN A 2661 25.99 8.17 60.79
N ASN A 2662 27.09 8.92 60.99
CA ASN A 2662 27.18 10.29 60.45
C ASN A 2662 27.84 10.37 59.06
N VAL A 2663 28.35 9.25 58.52
CA VAL A 2663 29.12 9.28 57.26
C VAL A 2663 28.34 9.92 56.11
N TYR A 2664 27.02 9.77 56.06
CA TYR A 2664 26.24 10.34 54.96
C TYR A 2664 26.32 11.87 54.97
N GLU A 2665 26.35 12.49 56.14
CA GLU A 2665 26.59 13.92 56.24
C GLU A 2665 28.04 14.26 55.85
N TYR A 2666 29.00 13.47 56.32
CA TYR A 2666 30.40 13.73 56.00
C TYR A 2666 30.63 13.70 54.49
N VAL A 2667 30.17 12.64 53.82
CA VAL A 2667 30.33 12.49 52.38
C VAL A 2667 29.62 13.61 51.64
N ARG A 2668 28.43 14.00 52.12
CA ARG A 2668 27.72 15.15 51.55
C ARG A 2668 28.57 16.42 51.64
N LYS A 2669 29.00 16.78 52.86
CA LYS A 2669 29.72 18.04 53.08
C LYS A 2669 31.06 18.04 52.35
N TYR A 2670 31.76 16.90 52.35
CA TYR A 2670 32.98 16.75 51.55
C TYR A 2670 32.73 17.14 50.10
N ALA A 2671 31.70 16.53 49.49
CA ALA A 2671 31.41 16.78 48.08
C ALA A 2671 30.93 18.23 47.85
N GLU A 2672 29.96 18.69 48.64
CA GLU A 2672 29.43 20.07 48.50
C GLU A 2672 30.55 21.10 48.62
N HIS A 2673 31.41 20.94 49.64
CA HIS A 2673 32.47 21.90 49.87
C HIS A 2673 33.44 21.94 48.69
N ARG A 2674 33.88 20.76 48.24
CA ARG A 2674 34.89 20.71 47.19
C ARG A 2674 34.34 21.20 45.85
N MET A 2675 33.06 20.96 45.57
CA MET A 2675 32.51 21.40 44.28
C MET A 2675 32.09 22.87 44.28
N LEU A 2676 31.73 23.43 45.45
CA LEU A 2676 31.03 24.72 45.42
C LEU A 2676 31.66 25.74 46.36
N VAL A 2677 31.86 25.39 47.63
CA VAL A 2677 32.34 26.39 48.61
C VAL A 2677 33.73 26.90 48.21
N VAL A 2678 34.62 26.01 47.77
CA VAL A 2678 35.97 26.38 47.32
C VAL A 2678 35.95 27.43 46.21
N ALA A 2679 34.97 27.37 45.30
CA ALA A 2679 35.00 28.22 44.11
C ALA A 2679 33.77 29.13 43.97
N GLU A 2680 33.02 29.33 45.05
CA GLU A 2680 31.73 30.02 44.94
C GLU A 2680 31.88 31.42 44.32
N GLN A 2681 32.88 32.19 44.74
CA GLN A 2681 33.07 33.53 44.18
C GLN A 2681 33.53 33.49 42.71
N PRO A 2682 34.56 32.73 42.32
CA PRO A 2682 34.85 32.56 40.88
C PRO A 2682 33.64 32.11 40.06
N LEU A 2683 32.82 31.21 40.62
CA LEU A 2683 31.60 30.73 39.96
C LEU A 2683 30.57 31.84 39.82
N HIS A 2684 30.37 32.61 40.91
CA HIS A 2684 29.47 33.77 40.90
C HIS A 2684 29.91 34.77 39.84
N ALA A 2685 31.22 34.98 39.72
CA ALA A 2685 31.78 35.87 38.70
C ALA A 2685 31.53 35.34 37.29
N MET A 2686 31.95 34.10 36.99
CA MET A 2686 31.72 33.55 35.65
C MET A 2686 30.23 33.50 35.28
N ARG A 2687 29.36 33.10 36.21
CA ARG A 2687 27.93 33.06 35.89
C ARG A 2687 27.40 34.47 35.58
N LYS A 2688 27.76 35.45 36.42
CA LYS A 2688 27.42 36.84 36.08
C LYS A 2688 27.94 37.18 34.69
N GLY A 2689 29.17 36.74 34.39
CA GLY A 2689 29.77 37.01 33.08
C GLY A 2689 28.96 36.44 31.92
N LEU A 2690 28.41 35.24 32.09
CA LEU A 2690 27.61 34.62 31.04
C LEU A 2690 26.29 35.37 30.87
N LEU A 2691 25.63 35.67 31.99
CA LEU A 2691 24.40 36.47 31.97
C LEU A 2691 24.64 37.92 31.50
N ASP A 2692 25.87 38.42 31.63
CA ASP A 2692 26.21 39.75 31.08
C ASP A 2692 26.08 39.76 29.55
N VAL A 2693 26.11 38.59 28.89
CA VAL A 2693 26.08 38.50 27.43
C VAL A 2693 24.80 37.86 26.90
N LEU A 2694 24.28 36.83 27.59
CA LEU A 2694 23.13 36.06 27.08
C LEU A 2694 21.95 36.06 28.09
N PRO A 2695 20.70 36.09 27.60
CA PRO A 2695 19.53 36.05 28.51
C PRO A 2695 19.31 34.65 29.10
N LYS A 2696 18.74 34.64 30.32
CA LYS A 2696 18.61 33.40 31.10
C LYS A 2696 17.86 32.28 30.36
N ASN A 2697 16.81 32.64 29.61
CA ASN A 2697 15.98 31.64 28.92
C ASN A 2697 16.81 30.65 28.09
N SER A 2698 17.92 31.12 27.51
CA SER A 2698 18.79 30.27 26.67
C SER A 2698 19.41 29.10 27.44
N LEU A 2699 19.48 29.17 28.78
CA LEU A 2699 20.03 28.08 29.60
C LEU A 2699 19.01 26.94 29.77
N GLU A 2700 17.72 27.24 29.64
CA GLU A 2700 16.66 26.34 30.10
C GLU A 2700 16.59 25.04 29.30
N ASP A 2701 17.02 25.05 28.03
CA ASP A 2701 17.00 23.84 27.21
C ASP A 2701 18.04 22.80 27.64
N LEU A 2702 19.10 23.21 28.35
CA LEU A 2702 20.35 22.46 28.35
C LEU A 2702 20.65 21.78 29.69
N THR A 2703 21.22 20.57 29.61
CA THR A 2703 22.04 20.02 30.69
C THR A 2703 23.51 20.26 30.33
N ALA A 2704 24.39 19.91 31.26
CA ALA A 2704 25.83 20.15 31.04
C ALA A 2704 26.35 19.43 29.80
N GLU A 2705 25.85 18.22 29.52
CA GLU A 2705 26.26 17.46 28.33
C GLU A 2705 25.94 18.23 27.03
N ASP A 2706 24.77 18.88 27.00
CA ASP A 2706 24.34 19.62 25.82
C ASP A 2706 25.19 20.88 25.64
N PHE A 2707 25.32 21.64 26.73
CA PHE A 2707 26.21 22.80 26.84
C PHE A 2707 27.62 22.45 26.35
N ARG A 2708 28.11 21.24 26.69
CA ARG A 2708 29.42 20.77 26.22
C ARG A 2708 29.47 20.67 24.70
N LEU A 2709 28.44 20.07 24.10
CA LEU A 2709 28.43 19.91 22.63
C LEU A 2709 28.34 21.27 21.92
N LEU A 2710 27.67 22.26 22.53
CA LEU A 2710 27.54 23.59 21.91
C LEU A 2710 28.79 24.46 22.14
N VAL A 2711 29.33 24.44 23.35
CA VAL A 2711 30.50 25.26 23.72
C VAL A 2711 31.77 24.71 23.09
N ASN A 2712 32.05 23.44 23.38
CA ASN A 2712 33.32 22.82 23.00
C ASN A 2712 33.24 22.12 21.65
N GLY A 2713 32.01 21.87 21.16
CA GLY A 2713 31.89 20.99 19.98
C GLY A 2713 32.41 19.59 20.29
N CYS A 2714 32.71 18.85 19.22
CA CYS A 2714 33.38 17.55 19.33
C CYS A 2714 34.88 17.78 19.49
N GLY A 2715 35.39 17.52 20.70
CA GLY A 2715 36.84 17.56 20.89
C GLY A 2715 37.53 16.41 20.17
N GLU A 2716 36.94 15.22 20.22
CA GLU A 2716 37.40 14.10 19.38
C GLU A 2716 37.14 14.40 17.91
N VAL A 2717 38.21 14.51 17.11
CA VAL A 2717 38.08 14.67 15.66
C VAL A 2717 37.79 13.30 15.03
N ASN A 2718 36.49 12.98 14.94
CA ASN A 2718 36.01 11.81 14.19
C ASN A 2718 36.24 12.04 12.70
N VAL A 2719 37.09 11.20 12.10
CA VAL A 2719 37.53 11.44 10.71
C VAL A 2719 36.37 11.25 9.73
N GLN A 2720 35.50 10.27 10.00
CA GLN A 2720 34.30 10.04 9.18
C GLN A 2720 33.33 11.24 9.23
N MET A 2721 33.18 11.86 10.42
CA MET A 2721 32.43 13.11 10.57
C MET A 2721 33.05 14.24 9.73
N LEU A 2722 34.36 14.45 9.89
CA LEU A 2722 35.05 15.49 9.12
C LEU A 2722 34.91 15.24 7.61
N ILE A 2723 35.07 13.98 7.18
CA ILE A 2723 34.82 13.60 5.78
C ILE A 2723 33.44 14.08 5.33
N SER A 2724 32.39 13.76 6.12
CA SER A 2724 31.01 14.09 5.68
C SER A 2724 30.77 15.60 5.58
N PHE A 2725 31.45 16.42 6.38
CA PHE A 2725 31.31 17.87 6.22
C PHE A 2725 32.27 18.49 5.20
N THR A 2726 33.30 17.74 4.76
CA THR A 2726 34.30 18.29 3.82
C THR A 2726 33.84 18.21 2.36
N SER A 2727 34.07 19.30 1.62
CA SER A 2727 33.97 19.31 0.16
C SER A 2727 35.36 19.47 -0.46
N PHE A 2728 35.59 18.83 -1.60
CA PHE A 2728 36.85 18.98 -2.34
C PHE A 2728 36.61 19.78 -3.63
N ASN A 2729 37.48 20.76 -3.87
CA ASN A 2729 37.51 21.54 -5.11
C ASN A 2729 38.83 21.26 -5.82
N ASP A 2730 38.81 21.24 -7.16
CA ASP A 2730 40.05 20.98 -7.91
C ASP A 2730 40.48 22.19 -8.74
N GLU A 2731 41.71 22.67 -8.48
CA GLU A 2731 42.39 23.64 -9.33
C GLU A 2731 43.58 23.03 -10.09
N SER A 2732 43.84 21.74 -9.90
CA SER A 2732 45.06 21.13 -10.45
C SER A 2732 44.94 20.73 -11.93
N GLY A 2733 43.73 20.49 -12.45
CA GLY A 2733 43.54 20.03 -13.82
C GLY A 2733 43.87 18.56 -14.07
N GLU A 2734 44.18 17.80 -13.01
CA GLU A 2734 44.51 16.37 -13.11
C GLU A 2734 43.25 15.49 -13.07
N ASN A 2735 43.39 14.26 -13.57
CA ASN A 2735 42.26 13.36 -13.78
C ASN A 2735 41.62 12.88 -12.47
N ALA A 2736 40.30 12.63 -12.54
CA ALA A 2736 39.50 12.19 -11.39
C ALA A 2736 40.12 11.01 -10.61
N GLU A 2737 40.77 10.05 -11.28
CA GLU A 2737 41.38 8.93 -10.54
C GLU A 2737 42.56 9.37 -9.68
N LYS A 2738 43.48 10.18 -10.23
CA LYS A 2738 44.55 10.73 -9.39
C LYS A 2738 43.96 11.54 -8.26
N LEU A 2739 42.93 12.33 -8.55
CA LEU A 2739 42.27 13.12 -7.50
C LEU A 2739 41.68 12.22 -6.41
N LEU A 2740 41.01 11.12 -6.80
CA LEU A 2740 40.41 10.20 -5.82
C LEU A 2740 41.49 9.46 -5.02
N GLN A 2741 42.59 9.06 -5.68
CA GLN A 2741 43.75 8.48 -4.99
C GLN A 2741 44.39 9.49 -4.01
N PHE A 2742 44.51 10.76 -4.40
CA PHE A 2742 45.04 11.80 -3.50
C PHE A 2742 44.10 12.06 -2.33
N LYS A 2743 42.78 12.10 -2.59
CA LYS A 2743 41.79 12.22 -1.52
C LYS A 2743 41.89 11.03 -0.54
N ARG A 2744 42.01 9.80 -1.07
CA ARG A 2744 42.27 8.62 -0.23
C ARG A 2744 43.57 8.74 0.56
N TRP A 2745 44.65 9.18 -0.09
CA TRP A 2745 45.91 9.40 0.61
C TRP A 2745 45.72 10.38 1.78
N PHE A 2746 45.13 11.55 1.51
CA PHE A 2746 44.92 12.56 2.54
C PHE A 2746 44.16 11.98 3.74
N TRP A 2747 43.00 11.35 3.49
CA TRP A 2747 42.23 10.80 4.60
C TRP A 2747 42.94 9.66 5.32
N SER A 2748 43.71 8.82 4.60
CA SER A 2748 44.48 7.76 5.26
C SER A 2748 45.61 8.35 6.13
N ILE A 2749 46.16 9.50 5.74
CA ILE A 2749 47.12 10.22 6.61
C ILE A 2749 46.42 10.77 7.85
N VAL A 2750 45.27 11.44 7.65
CA VAL A 2750 44.52 12.02 8.78
C VAL A 2750 44.03 10.93 9.74
N GLU A 2751 43.64 9.78 9.20
CA GLU A 2751 43.31 8.61 10.04
C GLU A 2751 44.50 8.21 10.91
N LYS A 2752 45.71 8.19 10.32
CA LYS A 2752 46.92 7.81 11.06
C LYS A 2752 47.50 8.92 11.95
N MET A 2753 47.06 10.18 11.78
CA MET A 2753 47.38 11.23 12.77
C MET A 2753 46.88 10.85 14.17
N SER A 2754 47.68 11.19 15.18
CA SER A 2754 47.19 11.15 16.57
C SER A 2754 46.10 12.20 16.75
N MET A 2755 45.30 12.05 17.81
CA MET A 2755 44.19 12.98 18.02
C MET A 2755 44.69 14.43 18.10
N THR A 2756 45.85 14.63 18.75
CA THR A 2756 46.50 15.94 18.80
C THR A 2756 46.78 16.48 17.41
N GLU A 2757 47.36 15.66 16.53
CA GLU A 2757 47.68 16.12 15.17
C GLU A 2757 46.41 16.39 14.36
N ARG A 2758 45.34 15.61 14.59
CA ARG A 2758 44.06 15.94 13.97
C ARG A 2758 43.54 17.29 14.46
N GLN A 2759 43.62 17.52 15.78
CA GLN A 2759 43.17 18.79 16.34
C GLN A 2759 44.00 19.95 15.79
N ASP A 2760 45.31 19.76 15.66
CA ASP A 2760 46.16 20.76 15.01
C ASP A 2760 45.76 20.95 13.55
N LEU A 2761 45.40 19.88 12.85
CA LEU A 2761 44.97 20.01 11.46
C LEU A 2761 43.73 20.89 11.36
N VAL A 2762 42.69 20.59 12.16
CA VAL A 2762 41.49 21.44 12.11
C VAL A 2762 41.82 22.86 12.58
N TYR A 2763 42.71 23.00 13.58
CA TYR A 2763 43.11 24.34 14.02
C TYR A 2763 43.82 25.10 12.89
N PHE A 2764 44.68 24.41 12.13
CA PHE A 2764 45.35 25.05 10.99
C PHE A 2764 44.37 25.41 9.90
N TRP A 2765 43.48 24.47 9.58
CA TRP A 2765 42.51 24.59 8.50
C TRP A 2765 41.41 25.61 8.82
N THR A 2766 41.09 25.86 10.11
CA THR A 2766 39.91 26.64 10.50
C THR A 2766 40.15 27.66 11.60
N SER A 2767 41.32 27.67 12.25
CA SER A 2767 41.61 28.42 13.48
C SER A 2767 40.81 27.92 14.71
N SER A 2768 40.26 26.70 14.66
CA SER A 2768 39.72 26.03 15.87
C SER A 2768 40.06 24.54 15.84
N PRO A 2769 40.40 23.90 17.00
CA PRO A 2769 40.78 22.46 16.98
C PRO A 2769 39.60 21.47 17.01
N SER A 2770 38.53 21.76 17.77
CA SER A 2770 37.38 20.85 17.88
C SER A 2770 36.54 20.86 16.60
N LEU A 2771 36.00 19.69 16.22
CA LEU A 2771 34.97 19.70 15.18
C LEU A 2771 33.69 20.26 15.78
N PRO A 2772 32.89 21.02 15.01
CA PRO A 2772 31.52 21.30 15.46
C PRO A 2772 30.73 19.99 15.52
N ALA A 2773 29.78 19.90 16.45
CA ALA A 2773 29.13 18.62 16.71
C ALA A 2773 28.03 18.30 15.66
N SER A 2774 27.94 19.07 14.58
CA SER A 2774 26.90 18.87 13.57
C SER A 2774 27.26 19.68 12.32
N GLU A 2775 26.49 19.45 11.25
CA GLU A 2775 26.46 20.36 10.10
C GLU A 2775 26.10 21.78 10.54
N GLU A 2776 25.05 21.92 11.34
CA GLU A 2776 24.66 23.22 11.91
C GLU A 2776 25.78 23.88 12.71
N GLY A 2777 26.77 23.12 13.17
CA GLY A 2777 27.92 23.69 13.87
C GLY A 2777 28.90 24.46 12.99
N PHE A 2778 28.84 24.29 11.67
CA PHE A 2778 29.84 24.89 10.77
C PHE A 2778 29.36 26.21 10.15
N GLN A 2779 30.22 27.22 10.19
CA GLN A 2779 29.94 28.54 9.63
C GLN A 2779 31.26 29.20 9.20
N PRO A 2780 31.69 29.04 7.91
CA PRO A 2780 31.12 28.23 6.82
C PRO A 2780 31.61 26.77 6.90
N MET A 2781 31.33 25.98 5.86
CA MET A 2781 31.72 24.56 5.82
C MET A 2781 33.22 24.36 5.56
N PRO A 2782 33.81 23.26 6.08
CA PRO A 2782 35.21 22.96 5.77
C PRO A 2782 35.34 22.48 4.32
N SER A 2783 36.43 22.91 3.67
CA SER A 2783 36.66 22.51 2.28
C SER A 2783 38.15 22.41 1.98
N ILE A 2784 38.50 21.60 0.96
CA ILE A 2784 39.89 21.39 0.54
C ILE A 2784 39.99 21.72 -0.96
N THR A 2785 40.90 22.63 -1.31
CA THR A 2785 41.23 22.92 -2.70
C THR A 2785 42.54 22.23 -3.08
N ILE A 2786 42.49 21.38 -4.11
CA ILE A 2786 43.69 20.73 -4.64
C ILE A 2786 44.31 21.64 -5.70
N ARG A 2787 45.51 22.17 -5.40
CA ARG A 2787 46.26 23.05 -6.31
C ARG A 2787 47.17 22.23 -7.26
N PRO A 2788 47.66 22.83 -8.36
CA PRO A 2788 48.55 22.08 -9.32
C PRO A 2788 49.75 21.44 -8.64
N PRO A 2789 50.35 20.41 -9.25
CA PRO A 2789 51.40 19.62 -8.58
C PRO A 2789 52.60 20.47 -8.17
N ASP A 2790 52.92 20.42 -6.87
CA ASP A 2790 54.13 21.08 -6.35
C ASP A 2790 54.60 20.38 -5.08
N ASP A 2791 55.83 19.86 -5.10
CA ASP A 2791 56.42 19.18 -3.93
C ASP A 2791 57.25 20.12 -3.05
N GLN A 2792 57.49 21.37 -3.47
CA GLN A 2792 58.21 22.35 -2.62
C GLN A 2792 57.26 23.07 -1.66
N HIS A 2793 56.14 23.60 -2.17
CA HIS A 2793 55.20 24.42 -1.39
C HIS A 2793 54.52 23.64 -0.24
N LEU A 2794 54.17 24.35 0.85
CA LEU A 2794 53.35 23.78 1.95
C LEU A 2794 51.84 23.92 1.70
N PRO A 2795 50.99 23.14 2.41
CA PRO A 2795 49.54 23.41 2.41
C PRO A 2795 49.24 24.68 3.22
N THR A 2796 48.25 25.46 2.78
CA THR A 2796 47.90 26.73 3.45
C THR A 2796 46.39 26.84 3.58
N ALA A 2797 45.89 27.37 4.69
CA ALA A 2797 44.44 27.41 4.90
C ALA A 2797 43.96 28.78 5.34
N ASN A 2798 42.94 29.29 4.64
CA ASN A 2798 42.26 30.54 5.00
C ASN A 2798 41.26 30.23 6.11
N THR A 2799 41.71 30.34 7.37
CA THR A 2799 40.83 30.05 8.51
C THR A 2799 39.67 31.02 8.63
N CYS A 2800 39.79 32.23 8.07
CA CYS A 2800 38.65 33.15 7.99
C CYS A 2800 37.56 32.68 7.01
N ILE A 2801 37.81 31.62 6.22
CA ILE A 2801 36.75 30.88 5.53
C ILE A 2801 36.90 29.37 5.77
N SER A 2802 37.74 28.99 6.73
CA SER A 2802 38.00 27.58 7.09
C SER A 2802 38.30 26.67 5.89
N ARG A 2803 39.01 27.19 4.88
CA ARG A 2803 39.33 26.42 3.66
C ARG A 2803 40.83 26.15 3.56
N LEU A 2804 41.19 24.88 3.38
CA LEU A 2804 42.58 24.47 3.15
C LEU A 2804 42.86 24.38 1.65
N TYR A 2805 44.09 24.74 1.26
CA TYR A 2805 44.58 24.61 -0.12
C TYR A 2805 45.84 23.74 -0.08
N VAL A 2806 45.87 22.67 -0.88
CA VAL A 2806 46.94 21.66 -0.84
C VAL A 2806 47.54 21.47 -2.23
N PRO A 2807 48.87 21.49 -2.42
CA PRO A 2807 49.46 21.08 -3.71
C PRO A 2807 49.19 19.62 -3.99
N LEU A 2808 49.06 19.26 -5.28
CA LEU A 2808 48.96 17.84 -5.66
C LEU A 2808 50.36 17.19 -5.58
N TYR A 2809 50.75 16.83 -4.35
CA TYR A 2809 52.05 16.21 -4.07
C TYR A 2809 52.23 14.88 -4.82
N SER A 2810 53.47 14.61 -5.25
CA SER A 2810 53.74 13.43 -6.07
C SER A 2810 53.65 12.11 -5.29
N SER A 2811 53.76 12.15 -3.95
CA SER A 2811 53.67 10.92 -3.15
C SER A 2811 52.99 11.19 -1.81
N LYS A 2812 52.42 10.11 -1.26
CA LYS A 2812 51.79 10.13 0.05
C LYS A 2812 52.78 10.54 1.14
N GLN A 2813 54.05 10.12 1.01
CA GLN A 2813 55.09 10.53 1.95
C GLN A 2813 55.27 12.06 1.98
N ILE A 2814 55.35 12.70 0.81
CA ILE A 2814 55.53 14.16 0.75
C ILE A 2814 54.29 14.86 1.28
N LEU A 2815 53.10 14.40 0.88
CA LEU A 2815 51.85 14.93 1.42
C LEU A 2815 51.85 14.86 2.95
N LYS A 2816 52.22 13.70 3.52
CA LYS A 2816 52.27 13.56 4.98
C LYS A 2816 53.30 14.51 5.60
N GLN A 2817 54.52 14.52 5.07
CA GLN A 2817 55.61 15.36 5.63
C GLN A 2817 55.24 16.85 5.58
N LYS A 2818 54.75 17.32 4.42
CA LYS A 2818 54.38 18.73 4.25
C LYS A 2818 53.18 19.12 5.11
N LEU A 2819 52.15 18.27 5.13
CA LEU A 2819 50.98 18.53 5.96
C LEU A 2819 51.36 18.62 7.43
N LEU A 2820 52.05 17.58 7.95
CA LEU A 2820 52.42 17.56 9.36
C LEU A 2820 53.35 18.72 9.71
N LEU A 2821 54.29 19.06 8.82
CA LEU A 2821 55.16 20.21 9.08
C LEU A 2821 54.36 21.51 9.16
N ALA A 2822 53.37 21.70 8.27
CA ALA A 2822 52.54 22.91 8.31
C ALA A 2822 51.76 23.01 9.62
N ILE A 2823 50.97 21.98 9.95
CA ILE A 2823 50.12 22.05 11.16
C ILE A 2823 50.95 22.11 12.45
N LYS A 2824 52.18 21.56 12.44
CA LYS A 2824 53.09 21.65 13.60
C LYS A 2824 53.92 22.93 13.62
N THR A 2825 53.88 23.75 12.58
CA THR A 2825 54.46 25.11 12.64
C THR A 2825 53.42 26.02 13.32
N LYS A 2826 53.26 25.81 14.64
CA LYS A 2826 52.11 26.32 15.42
C LYS A 2826 51.95 27.84 15.48
N ASN A 2827 52.88 28.58 14.87
CA ASN A 2827 52.92 30.05 14.90
C ASN A 2827 51.91 30.67 13.92
N PHE A 2828 50.73 30.06 13.75
CA PHE A 2828 49.88 30.34 12.57
C PHE A 2828 49.61 31.83 12.35
N GLY A 2829 49.87 32.30 11.12
CA GLY A 2829 49.44 33.65 10.72
C GLY A 2829 47.93 33.67 10.46
N PHE A 2830 47.27 34.78 10.85
CA PHE A 2830 45.81 34.80 11.01
C PHE A 2830 45.00 34.96 9.71
N VAL A 2831 45.35 34.21 8.66
CA VAL A 2831 44.53 34.09 7.44
C VAL A 2831 43.44 33.02 7.59
N MET B 33 65.38 -59.15 30.87
CA MET B 33 66.51 -59.24 29.92
C MET B 33 66.30 -58.32 28.71
N THR B 34 67.40 -57.92 28.07
CA THR B 34 67.36 -57.02 26.93
C THR B 34 68.17 -57.61 25.79
N SER B 35 68.00 -57.02 24.61
CA SER B 35 68.76 -57.40 23.42
C SER B 35 69.37 -56.16 22.79
N ILE B 36 70.52 -56.34 22.13
CA ILE B 36 71.24 -55.21 21.53
C ILE B 36 71.13 -55.28 20.01
N HIS B 37 70.63 -54.19 19.43
CA HIS B 37 70.43 -54.11 17.98
C HIS B 37 71.19 -52.92 17.40
N PHE B 38 71.72 -53.11 16.20
CA PHE B 38 72.53 -52.09 15.54
C PHE B 38 71.84 -51.54 14.30
N VAL B 39 71.81 -50.22 14.17
CA VAL B 39 71.12 -49.53 13.08
C VAL B 39 72.07 -48.53 12.44
N VAL B 40 71.98 -48.37 11.11
CA VAL B 40 72.87 -47.48 10.36
C VAL B 40 72.04 -46.60 9.43
N HIS B 41 72.39 -45.31 9.34
CA HIS B 41 71.62 -44.34 8.53
C HIS B 41 72.52 -43.27 7.89
N PRO B 42 72.54 -43.16 6.54
CA PRO B 42 73.38 -42.14 5.89
C PRO B 42 72.99 -40.71 6.24
N LEU B 43 73.97 -39.81 6.16
CA LEU B 43 73.79 -38.41 6.55
C LEU B 43 74.32 -37.45 5.48
N PRO B 44 73.55 -36.39 5.13
CA PRO B 44 72.16 -36.12 5.54
C PRO B 44 71.16 -37.16 4.99
N GLY B 45 70.01 -37.21 5.65
CA GLY B 45 68.90 -38.09 5.29
C GLY B 45 67.59 -37.46 5.80
N THR B 46 66.59 -38.29 6.13
CA THR B 46 65.28 -37.77 6.54
C THR B 46 64.68 -38.55 7.73
N GLU B 47 63.76 -37.89 8.43
CA GLU B 47 63.11 -38.51 9.59
C GLU B 47 62.37 -39.77 9.21
N ASP B 48 61.60 -39.73 8.11
CA ASP B 48 60.87 -40.93 7.71
C ASP B 48 61.79 -42.03 7.20
N GLN B 49 62.92 -41.70 6.56
CA GLN B 49 63.92 -42.73 6.28
C GLN B 49 64.34 -43.40 7.57
N LEU B 50 64.61 -42.60 8.60
CA LEU B 50 65.01 -43.14 9.89
C LEU B 50 63.90 -43.98 10.51
N ASN B 51 62.66 -43.47 10.48
CA ASN B 51 61.52 -44.24 10.97
C ASN B 51 61.40 -45.56 10.22
N ASP B 52 61.74 -45.55 8.93
CA ASP B 52 61.72 -46.79 8.17
C ASP B 52 62.87 -47.71 8.55
N ARG B 53 64.05 -47.19 8.88
CA ARG B 53 65.06 -48.06 9.50
C ARG B 53 64.47 -48.75 10.72
N LEU B 54 63.86 -47.97 11.62
CA LEU B 54 63.30 -48.55 12.84
C LEU B 54 62.19 -49.53 12.52
N ARG B 55 61.39 -49.22 11.51
CA ARG B 55 60.35 -50.14 11.05
C ARG B 55 60.96 -51.45 10.56
N GLU B 56 61.98 -51.35 9.69
CA GLU B 56 62.68 -52.52 9.17
C GLU B 56 63.19 -53.39 10.32
N VAL B 57 63.83 -52.75 11.30
CA VAL B 57 64.28 -53.46 12.50
C VAL B 57 63.08 -54.11 13.21
N SER B 58 62.00 -53.35 13.36
CA SER B 58 60.84 -53.82 14.10
C SER B 58 60.21 -55.06 13.47
N GLU B 59 60.32 -55.23 12.15
CA GLU B 59 59.87 -56.48 11.52
C GLU B 59 60.54 -57.69 12.15
N LYS B 60 61.87 -57.63 12.29
CA LYS B 60 62.66 -58.84 12.50
C LYS B 60 62.35 -59.49 13.84
N LEU B 61 62.12 -58.67 14.86
CA LEU B 61 61.75 -59.15 16.19
C LEU B 61 60.48 -60.00 16.16
N ASN B 62 59.57 -59.75 15.20
CA ASN B 62 58.33 -60.52 15.11
C ASN B 62 58.26 -61.47 13.92
N LYS B 63 59.32 -61.55 13.11
CA LYS B 63 59.34 -62.46 11.97
C LYS B 63 60.41 -63.53 12.08
N TYR B 64 61.59 -63.18 12.57
CA TYR B 64 62.71 -64.11 12.56
C TYR B 64 62.99 -64.70 13.95
N ASN B 65 62.87 -63.90 15.01
CA ASN B 65 63.12 -64.35 16.38
C ASN B 65 64.45 -65.09 16.47
N LEU B 66 65.48 -64.51 15.87
CA LEU B 66 66.78 -65.16 15.78
C LEU B 66 67.57 -65.00 17.07
N ASN B 67 68.45 -65.97 17.31
CA ASN B 67 69.30 -65.95 18.50
C ASN B 67 70.37 -64.87 18.38
N SER B 68 70.59 -64.15 19.48
CA SER B 68 71.60 -63.09 19.50
C SER B 68 73.01 -63.64 19.38
N HIS B 69 73.87 -62.86 18.73
CA HIS B 69 75.25 -63.28 18.50
C HIS B 69 76.03 -63.39 19.82
N PRO B 70 76.89 -64.39 19.96
CA PRO B 70 77.60 -64.69 21.25
C PRO B 70 78.32 -63.49 21.86
N PRO B 71 79.06 -62.71 21.07
CA PRO B 71 79.94 -61.66 21.66
C PRO B 71 79.26 -60.75 22.67
N LEU B 72 77.99 -60.44 22.45
CA LEU B 72 77.26 -59.54 23.34
C LEU B 72 76.17 -60.25 24.12
N ASN B 73 76.14 -61.57 24.09
CA ASN B 73 75.11 -62.30 24.83
C ASN B 73 75.33 -62.20 26.33
N VAL B 74 76.56 -61.91 26.74
CA VAL B 74 76.86 -61.70 28.16
C VAL B 74 76.12 -60.49 28.68
N LEU B 75 75.75 -59.57 27.81
CA LEU B 75 75.09 -58.34 28.22
C LEU B 75 73.57 -58.46 28.25
N GLU B 76 73.02 -59.61 27.85
CA GLU B 76 71.56 -59.75 27.87
C GLU B 76 71.03 -59.75 29.28
N GLN B 77 71.74 -60.37 30.21
CA GLN B 77 71.31 -60.40 31.60
C GLN B 77 71.90 -59.27 32.40
N ALA B 78 72.76 -58.48 31.79
CA ALA B 78 73.39 -57.34 32.44
C ALA B 78 72.49 -56.11 32.34
N THR B 79 72.68 -55.18 33.27
CA THR B 79 71.96 -53.92 33.26
C THR B 79 72.87 -52.82 32.72
N ILE B 80 72.44 -52.17 31.65
CA ILE B 80 73.24 -51.17 30.95
C ILE B 80 72.78 -49.78 31.36
N LYS B 81 73.72 -48.97 31.83
CA LYS B 81 73.43 -47.59 32.22
C LYS B 81 73.66 -46.61 31.08
N GLN B 82 74.70 -46.81 30.29
CA GLN B 82 75.05 -45.88 29.21
C GLN B 82 75.76 -46.63 28.09
N CYS B 83 75.56 -46.17 26.86
CA CYS B 83 76.14 -46.80 25.68
C CYS B 83 76.68 -45.71 24.75
N VAL B 84 77.86 -45.92 24.14
CA VAL B 84 78.49 -44.87 23.32
C VAL B 84 79.22 -45.45 22.11
N VAL B 85 79.46 -44.59 21.12
CA VAL B 85 80.18 -44.92 19.89
C VAL B 85 81.39 -44.00 19.76
N GLY B 86 82.60 -44.58 19.74
CA GLY B 86 83.78 -43.89 19.24
C GLY B 86 83.97 -44.17 17.74
N PRO B 87 84.97 -43.55 17.09
CA PRO B 87 85.07 -43.65 15.61
C PRO B 87 85.30 -45.07 15.07
N ASN B 88 85.76 -46.02 15.89
CA ASN B 88 85.96 -47.40 15.44
C ASN B 88 85.52 -48.44 16.46
N HIS B 89 85.08 -48.02 17.65
CA HIS B 89 84.69 -48.93 18.72
C HIS B 89 83.38 -48.48 19.35
N ALA B 90 82.54 -49.44 19.72
CA ALA B 90 81.48 -49.20 20.70
C ALA B 90 82.03 -49.33 22.12
N ALA B 91 81.32 -48.76 23.09
CA ALA B 91 81.65 -49.01 24.50
C ALA B 91 80.38 -48.94 25.37
N PHE B 92 80.39 -49.69 26.48
CA PHE B 92 79.21 -49.83 27.35
C PHE B 92 79.59 -49.65 28.81
N LEU B 93 78.72 -48.96 29.56
CA LEU B 93 78.81 -48.90 31.01
C LEU B 93 77.63 -49.65 31.64
N LEU B 94 77.94 -50.52 32.59
CA LEU B 94 76.94 -51.30 33.29
C LEU B 94 76.64 -50.67 34.65
N GLU B 95 75.41 -50.90 35.14
CA GLU B 95 75.03 -50.36 36.44
C GLU B 95 75.83 -50.98 37.57
N ASP B 96 76.46 -52.13 37.33
CA ASP B 96 77.31 -52.76 38.33
C ASP B 96 78.69 -52.12 38.41
N GLY B 97 78.94 -51.10 37.60
CA GLY B 97 80.19 -50.36 37.61
C GLY B 97 81.22 -50.81 36.59
N ARG B 98 80.99 -51.92 35.91
CA ARG B 98 81.95 -52.43 34.93
C ARG B 98 81.83 -51.68 33.60
N VAL B 99 82.96 -51.63 32.89
CA VAL B 99 83.03 -50.98 31.58
C VAL B 99 83.73 -51.91 30.59
N CYS B 100 83.32 -51.87 29.32
CA CYS B 100 84.02 -52.60 28.28
C CYS B 100 83.86 -51.90 26.93
N ARG B 101 84.74 -52.24 25.98
CA ARG B 101 84.76 -51.62 24.64
C ARG B 101 84.99 -52.71 23.59
N ILE B 102 84.59 -52.42 22.34
CA ILE B 102 84.77 -53.40 21.26
C ILE B 102 84.80 -52.73 19.89
N GLY B 103 85.77 -53.13 19.06
CA GLY B 103 85.86 -52.60 17.70
C GLY B 103 84.76 -53.14 16.79
N PHE B 104 84.38 -52.35 15.78
CA PHE B 104 83.23 -52.70 14.93
C PHE B 104 83.51 -52.53 13.43
N SER B 105 82.66 -53.15 12.61
CA SER B 105 82.76 -53.05 11.15
C SER B 105 81.36 -52.88 10.54
N VAL B 106 81.24 -51.97 9.56
CA VAL B 106 80.00 -51.84 8.79
C VAL B 106 79.96 -52.93 7.74
N GLN B 107 78.83 -53.63 7.63
CA GLN B 107 78.70 -54.68 6.61
C GLN B 107 78.56 -54.07 5.22
N PRO B 108 79.32 -54.55 4.22
CA PRO B 108 79.14 -54.03 2.85
C PRO B 108 77.71 -54.21 2.36
N ASP B 109 77.04 -55.26 2.85
CA ASP B 109 75.62 -55.52 2.64
C ASP B 109 74.72 -54.31 2.94
N ARG B 110 75.20 -53.31 3.72
CA ARG B 110 74.52 -52.02 3.74
C ARG B 110 75.48 -50.81 3.67
N LEU B 111 76.76 -51.02 3.33
CA LEU B 111 77.50 -49.94 2.65
C LEU B 111 76.86 -49.66 1.30
N GLU B 112 76.31 -50.70 0.68
CA GLU B 112 75.35 -50.57 -0.43
C GLU B 112 74.13 -49.75 -0.02
N SER B 384 72.34 -58.30 8.80
CA SER B 384 72.65 -57.12 9.62
C SER B 384 73.49 -56.09 8.83
N PRO B 385 73.27 -54.78 9.06
CA PRO B 385 74.17 -53.76 8.50
C PRO B 385 75.49 -53.62 9.27
N VAL B 386 75.63 -54.28 10.43
CA VAL B 386 76.82 -54.14 11.28
C VAL B 386 77.33 -55.52 11.68
N SER B 387 78.66 -55.67 11.71
CA SER B 387 79.29 -56.89 12.24
C SER B 387 80.35 -56.53 13.27
N LEU B 388 80.34 -57.26 14.38
CA LEU B 388 81.27 -57.07 15.50
C LEU B 388 82.36 -58.13 15.47
N GLY B 389 83.49 -57.77 16.08
CA GLY B 389 84.51 -58.76 16.38
C GLY B 389 84.08 -59.64 17.54
N GLU B 390 84.73 -60.80 17.66
CA GLU B 390 84.42 -61.69 18.78
C GLU B 390 85.24 -61.37 20.02
N ASP B 391 86.17 -60.43 19.91
CA ASP B 391 87.06 -60.07 21.01
C ASP B 391 86.51 -58.83 21.71
N LEU B 392 85.95 -59.02 22.89
CA LEU B 392 85.45 -57.92 23.71
C LEU B 392 86.45 -57.64 24.83
N GLN B 393 86.72 -56.36 25.07
CA GLN B 393 87.76 -55.93 26.01
C GLN B 393 87.12 -55.30 27.25
N TRP B 394 87.28 -55.94 28.40
CA TRP B 394 86.83 -55.37 29.66
C TRP B 394 87.88 -54.41 30.22
N TRP B 395 87.42 -53.34 30.84
CA TRP B 395 88.33 -52.35 31.40
C TRP B 395 89.41 -53.04 32.24
N PRO B 396 90.69 -52.79 31.97
CA PRO B 396 91.78 -53.32 32.81
C PRO B 396 91.74 -52.76 34.22
N ASP B 397 90.72 -53.16 34.98
CA ASP B 397 90.49 -52.64 36.33
C ASP B 397 91.40 -53.36 37.32
N LYS B 398 92.65 -52.89 37.38
CA LYS B 398 93.61 -53.46 38.33
C LYS B 398 93.46 -52.85 39.72
N ASP B 399 92.72 -51.77 39.83
CA ASP B 399 92.50 -51.11 41.12
C ASP B 399 91.26 -51.64 41.82
N GLY B 400 90.31 -52.20 41.07
CA GLY B 400 89.05 -52.60 41.67
C GLY B 400 88.13 -51.43 41.89
N THR B 401 88.24 -50.40 41.05
CA THR B 401 87.49 -49.16 41.19
C THR B 401 86.38 -49.11 40.14
N LYS B 402 85.15 -48.90 40.58
CA LYS B 402 84.00 -48.89 39.69
C LYS B 402 83.79 -47.51 39.08
N PHE B 403 83.09 -47.49 37.94
CA PHE B 403 82.86 -46.26 37.19
C PHE B 403 81.42 -45.78 37.30
N ILE B 404 81.24 -44.45 37.17
CA ILE B 404 79.93 -43.82 37.28
C ILE B 404 79.40 -43.25 35.96
N CYS B 405 80.28 -42.85 35.02
CA CYS B 405 79.82 -42.45 33.68
C CYS B 405 81.01 -42.51 32.70
N ILE B 406 80.70 -42.44 31.39
CA ILE B 406 81.70 -42.53 30.31
C ILE B 406 81.39 -41.49 29.21
N GLY B 407 82.36 -41.28 28.30
CA GLY B 407 82.21 -40.34 27.19
C GLY B 407 83.30 -40.54 26.15
N ALA B 408 83.28 -39.74 25.06
CA ALA B 408 84.16 -40.03 23.92
C ALA B 408 84.80 -38.80 23.27
N LEU B 409 86.04 -38.98 22.81
CA LEU B 409 86.79 -38.02 22.00
C LEU B 409 87.42 -38.75 20.83
N TYR B 410 87.83 -37.98 19.82
CA TYR B 410 88.32 -38.57 18.56
C TYR B 410 89.49 -39.52 18.77
N SER B 411 90.48 -39.13 19.58
CA SER B 411 91.64 -39.98 19.87
C SER B 411 91.41 -40.99 21.01
N GLU B 412 90.39 -40.81 21.86
CA GLU B 412 90.41 -41.56 23.11
C GLU B 412 89.02 -41.73 23.74
N LEU B 413 88.87 -42.85 24.46
CA LEU B 413 87.73 -43.04 25.36
C LEU B 413 87.95 -42.25 26.66
N LEU B 414 86.85 -41.76 27.26
CA LEU B 414 86.89 -41.08 28.54
C LEU B 414 86.02 -41.81 29.56
N ALA B 415 86.44 -41.79 30.83
CA ALA B 415 85.63 -42.40 31.89
C ALA B 415 85.83 -41.65 33.20
N VAL B 416 84.79 -41.64 34.03
CA VAL B 416 84.84 -41.03 35.38
C VAL B 416 84.56 -42.11 36.41
N SER B 417 85.50 -42.31 37.33
CA SER B 417 85.34 -43.31 38.37
C SER B 417 84.46 -42.79 39.50
N SER B 418 84.01 -43.73 40.33
CA SER B 418 83.23 -43.37 41.52
C SER B 418 84.05 -42.55 42.51
N LYS B 419 85.37 -42.56 42.37
CA LYS B 419 86.23 -41.70 43.17
C LYS B 419 86.35 -40.29 42.60
N GLY B 420 85.67 -40.02 41.47
CA GLY B 420 85.78 -38.74 40.77
C GLY B 420 87.03 -38.60 39.93
N GLU B 421 87.82 -39.66 39.81
CA GLU B 421 89.06 -39.62 39.04
C GLU B 421 88.78 -39.66 37.54
N LEU B 422 89.59 -38.92 36.78
CA LEU B 422 89.45 -38.85 35.31
C LEU B 422 90.38 -39.87 34.67
N TYR B 423 89.82 -40.69 33.78
CA TYR B 423 90.59 -41.73 33.09
C TYR B 423 90.72 -41.44 31.60
N GLN B 424 91.91 -41.66 31.07
CA GLN B 424 92.18 -41.56 29.64
C GLN B 424 92.55 -42.93 29.09
N TRP B 425 91.92 -43.32 27.99
CA TRP B 425 92.23 -44.59 27.32
C TRP B 425 92.13 -44.39 25.81
N LYS B 426 93.27 -44.31 25.14
CA LYS B 426 93.25 -44.14 23.69
C LYS B 426 92.75 -45.41 23.01
N TRP B 427 92.01 -45.22 21.90
CA TRP B 427 91.40 -46.38 21.25
C TRP B 427 92.45 -47.35 20.71
N SER B 428 93.63 -46.84 20.35
CA SER B 428 94.78 -47.63 19.88
C SER B 428 95.60 -48.28 21.00
N GLU B 429 95.31 -47.95 22.27
CA GLU B 429 96.03 -48.51 23.42
C GLU B 429 95.29 -49.71 24.00
N SER B 430 96.05 -50.69 24.48
CA SER B 430 95.47 -51.85 25.14
C SER B 430 95.09 -51.57 26.58
N GLU B 431 95.63 -50.50 27.17
CA GLU B 431 95.36 -50.17 28.56
C GLU B 431 95.18 -48.67 28.74
N PRO B 432 94.42 -48.27 29.76
CA PRO B 432 94.25 -46.85 30.09
C PRO B 432 95.53 -46.24 30.66
N TYR B 433 95.64 -44.92 30.51
CA TYR B 433 96.83 -44.21 30.99
C TYR B 433 96.91 -44.24 32.51
N ARG B 434 98.12 -44.43 33.02
CA ARG B 434 98.37 -44.40 34.46
C ARG B 434 99.67 -43.68 34.74
N ASN B 435 99.65 -42.81 35.76
CA ASN B 435 100.86 -42.08 36.15
C ASN B 435 101.57 -42.84 37.25
N ALA B 436 102.75 -43.39 36.92
CA ALA B 436 103.50 -44.18 37.90
C ALA B 436 103.87 -43.34 39.11
N GLN B 437 104.00 -42.03 38.94
CA GLN B 437 104.35 -41.13 40.05
C GLN B 437 103.12 -40.61 40.78
N ASN B 438 101.94 -40.98 40.33
CA ASN B 438 100.70 -40.52 40.94
C ASN B 438 99.59 -41.50 40.65
N PRO B 439 99.33 -42.43 41.58
CA PRO B 439 98.42 -43.56 41.31
C PRO B 439 96.96 -43.14 41.12
N SER B 440 96.61 -41.93 41.49
CA SER B 440 95.24 -41.43 41.32
C SER B 440 95.09 -40.57 40.07
N LEU B 441 96.17 -40.42 39.30
CA LEU B 441 96.16 -39.60 38.09
C LEU B 441 96.11 -40.55 36.90
N HIS B 442 94.93 -40.64 36.29
CA HIS B 442 94.69 -41.53 35.17
C HIS B 442 94.45 -40.77 33.88
N HIS B 443 94.76 -39.48 33.87
CA HIS B 443 94.65 -38.63 32.70
C HIS B 443 95.78 -37.61 32.74
N PRO B 444 96.63 -37.60 31.72
CA PRO B 444 97.90 -36.83 31.77
C PRO B 444 97.72 -35.34 31.90
N ARG B 445 96.56 -34.81 31.55
CA ARG B 445 96.30 -33.38 31.63
C ARG B 445 95.39 -33.02 32.80
N ALA B 446 95.09 -33.98 33.67
CA ALA B 446 94.25 -33.69 34.82
C ALA B 446 94.90 -32.65 35.73
N THR B 447 96.24 -32.65 35.81
CA THR B 447 96.94 -31.65 36.61
C THR B 447 96.69 -30.25 36.07
N PHE B 448 96.83 -30.09 34.76
CA PHE B 448 96.59 -28.79 34.13
C PHE B 448 95.18 -28.30 34.45
N LEU B 449 94.20 -29.20 34.35
CA LEU B 449 92.80 -28.84 34.63
C LEU B 449 92.52 -28.64 36.11
N GLY B 450 93.46 -28.94 37.01
CA GLY B 450 93.22 -28.91 38.45
C GLY B 450 92.41 -30.09 38.97
N LEU B 451 91.97 -30.99 38.08
CA LEU B 451 91.04 -32.08 38.41
C LEU B 451 91.68 -33.21 39.24
N THR B 452 92.98 -33.12 39.52
CA THR B 452 93.64 -34.10 40.37
C THR B 452 93.26 -33.92 41.84
N ASN B 453 92.68 -32.77 42.17
CA ASN B 453 92.25 -32.44 43.52
C ASN B 453 90.75 -32.18 43.60
N GLU B 454 90.03 -32.30 42.48
CA GLU B 454 88.59 -32.07 42.38
C GLU B 454 87.88 -33.35 41.97
N LYS B 455 86.89 -33.75 42.76
CA LYS B 455 86.05 -34.92 42.42
C LYS B 455 85.12 -34.56 41.25
N ILE B 456 85.31 -35.21 40.08
CA ILE B 456 84.36 -35.01 38.97
C ILE B 456 83.07 -35.76 39.29
N VAL B 457 81.92 -35.17 38.91
CA VAL B 457 80.62 -35.82 39.12
C VAL B 457 79.75 -35.85 37.86
N LEU B 458 80.01 -35.02 36.85
CA LEU B 458 79.30 -35.07 35.56
C LEU B 458 80.27 -34.78 34.43
N LEU B 459 80.00 -35.39 33.27
CA LEU B 459 80.83 -35.26 32.08
C LEU B 459 79.94 -35.16 30.84
N SER B 460 80.36 -34.35 29.86
CA SER B 460 79.83 -34.44 28.51
C SER B 460 80.97 -34.19 27.54
N ALA B 461 81.09 -35.04 26.51
CA ALA B 461 82.20 -34.92 25.56
C ALA B 461 81.81 -35.56 24.23
N ASN B 462 82.00 -34.82 23.13
CA ASN B 462 81.64 -35.30 21.78
C ASN B 462 82.80 -34.93 20.82
N SER B 463 83.64 -35.92 20.48
CA SER B 463 84.73 -35.84 19.50
C SER B 463 85.78 -34.77 19.82
N ILE B 464 85.39 -33.50 19.75
CA ILE B 464 86.28 -32.34 19.76
C ILE B 464 86.44 -31.76 21.17
N ARG B 465 85.34 -31.64 21.91
CA ARG B 465 85.30 -30.92 23.19
C ARG B 465 84.87 -31.87 24.32
N ALA B 466 85.41 -31.62 25.52
CA ALA B 466 84.99 -32.32 26.74
C ALA B 466 84.84 -31.33 27.89
N THR B 467 83.68 -31.36 28.57
CA THR B 467 83.39 -30.46 29.69
C THR B 467 82.96 -31.29 30.89
N VAL B 468 83.40 -30.89 32.09
CA VAL B 468 83.04 -31.60 33.33
C VAL B 468 82.54 -30.63 34.39
N ALA B 469 81.70 -31.16 35.28
CA ALA B 469 81.34 -30.49 36.53
C ALA B 469 81.95 -31.28 37.69
N THR B 470 82.60 -30.56 38.60
CA THR B 470 83.10 -31.15 39.83
C THR B 470 82.02 -31.12 40.91
N GLU B 471 82.21 -31.94 41.95
CA GLU B 471 81.31 -31.85 43.11
C GLU B 471 81.32 -30.44 43.71
N ASN B 472 82.45 -29.75 43.61
CA ASN B 472 82.61 -28.37 44.08
C ASN B 472 82.07 -27.32 43.08
N ASN B 473 81.13 -27.72 42.21
CA ASN B 473 80.49 -26.85 41.20
C ASN B 473 81.47 -26.19 40.21
N LYS B 474 82.77 -26.45 40.33
CA LYS B 474 83.73 -25.94 39.34
C LYS B 474 83.48 -26.62 37.99
N VAL B 475 83.34 -25.80 36.95
CA VAL B 475 83.38 -26.24 35.55
C VAL B 475 84.84 -26.40 35.16
N ALA B 476 85.13 -27.38 34.31
CA ALA B 476 86.41 -27.42 33.60
C ALA B 476 86.15 -27.89 32.18
N THR B 477 87.03 -27.54 31.24
CA THR B 477 86.83 -27.95 29.85
C THR B 477 88.16 -28.16 29.14
N TRP B 478 88.27 -29.26 28.40
CA TRP B 478 89.44 -29.57 27.60
C TRP B 478 89.02 -30.02 26.21
N VAL B 479 90.00 -30.17 25.31
CA VAL B 479 89.75 -30.56 23.92
C VAL B 479 90.69 -31.69 23.51
N ASP B 480 90.35 -32.36 22.40
CA ASP B 480 91.14 -33.47 21.88
C ASP B 480 92.59 -33.05 21.59
N GLU B 481 93.51 -34.02 21.72
CA GLU B 481 94.96 -33.72 21.63
C GLU B 481 95.33 -33.01 20.34
N THR B 482 94.66 -33.35 19.24
CA THR B 482 95.01 -32.75 17.94
C THR B 482 94.65 -31.27 17.90
N LEU B 483 93.87 -30.80 18.87
CA LEU B 483 93.44 -29.42 18.97
C LEU B 483 94.30 -28.63 19.97
N SER B 484 95.36 -29.26 20.50
CA SER B 484 96.16 -28.64 21.54
C SER B 484 96.78 -27.32 21.09
N SER B 485 96.96 -27.14 19.79
CA SER B 485 97.55 -25.91 19.25
C SER B 485 96.57 -24.74 19.26
N VAL B 486 95.27 -25.03 19.34
CA VAL B 486 94.24 -24.00 19.47
C VAL B 486 93.58 -24.04 20.84
N ALA B 487 93.88 -25.06 21.61
CA ALA B 487 93.25 -25.29 22.90
C ALA B 487 93.51 -24.14 23.87
N SER B 488 94.61 -23.42 23.67
CA SER B 488 94.99 -22.36 24.62
C SER B 488 93.93 -21.28 24.76
N LYS B 489 93.04 -21.16 23.77
CA LYS B 489 91.95 -20.18 23.83
C LYS B 489 90.59 -20.83 24.04
N LEU B 490 90.52 -22.15 24.13
CA LEU B 490 89.26 -22.88 24.22
C LEU B 490 89.08 -23.57 25.57
N GLU B 491 90.20 -23.95 26.19
CA GLU B 491 90.17 -24.70 27.44
C GLU B 491 90.22 -23.79 28.65
N HIS B 492 89.66 -24.30 29.76
CA HIS B 492 89.72 -23.59 31.04
C HIS B 492 89.78 -24.59 32.18
N THR B 493 90.52 -24.21 33.22
CA THR B 493 90.74 -25.06 34.39
C THR B 493 89.49 -25.09 35.28
N ALA B 494 89.52 -25.93 36.33
CA ALA B 494 88.41 -26.02 37.30
C ALA B 494 88.06 -24.66 37.93
N GLN B 495 86.93 -24.05 37.50
CA GLN B 495 86.50 -22.71 37.92
C GLN B 495 85.00 -22.71 38.20
N THR B 496 84.54 -22.09 39.31
CA THR B 496 83.08 -21.96 39.58
C THR B 496 82.61 -20.55 39.21
N TYR B 497 82.16 -20.40 37.97
CA TYR B 497 81.65 -19.11 37.46
C TYR B 497 80.50 -18.55 38.31
N SER B 498 80.55 -17.23 38.57
CA SER B 498 79.50 -16.57 39.34
C SER B 498 78.12 -16.75 38.71
N GLU B 499 78.08 -16.87 37.38
CA GLU B 499 76.81 -17.09 36.69
C GLU B 499 76.22 -18.45 37.00
N LEU B 500 77.04 -19.40 37.47
CA LEU B 500 76.58 -20.75 37.80
C LEU B 500 76.46 -20.96 39.30
N GLN B 501 77.14 -20.15 40.11
CA GLN B 501 76.87 -20.12 41.55
C GLN B 501 75.40 -19.84 41.81
N GLY B 502 74.84 -20.49 42.84
CA GLY B 502 73.42 -20.41 43.15
C GLY B 502 72.56 -21.54 42.61
N GLU B 503 73.08 -22.37 41.68
CA GLU B 503 72.41 -23.60 41.26
C GLU B 503 73.42 -24.73 41.04
N ARG B 504 72.99 -25.98 41.25
CA ARG B 504 73.81 -27.15 40.92
C ARG B 504 73.68 -27.49 39.44
N ILE B 505 74.78 -27.95 38.82
CA ILE B 505 74.70 -28.46 37.45
C ILE B 505 74.03 -29.84 37.49
N VAL B 506 72.87 -29.96 36.85
CA VAL B 506 72.12 -31.23 36.82
C VAL B 506 72.52 -32.08 35.60
N SER B 507 72.87 -31.46 34.47
CA SER B 507 73.45 -32.21 33.34
C SER B 507 74.23 -31.27 32.42
N LEU B 508 75.03 -31.87 31.51
CA LEU B 508 75.90 -31.14 30.57
C LEU B 508 75.61 -31.56 29.14
N HIS B 509 75.70 -30.60 28.20
CA HIS B 509 75.40 -30.85 26.77
C HIS B 509 76.47 -30.18 25.92
N CYS B 510 77.50 -30.96 25.63
CA CYS B 510 78.70 -30.50 24.94
C CYS B 510 78.58 -30.68 23.42
N CYS B 511 79.27 -29.82 22.66
CA CYS B 511 79.39 -29.96 21.21
C CYS B 511 80.70 -29.29 20.77
N ALA B 512 81.02 -29.39 19.46
CA ALA B 512 82.30 -28.86 18.94
C ALA B 512 82.50 -27.37 19.26
N LEU B 513 81.44 -26.55 19.19
CA LEU B 513 81.57 -25.10 19.36
C LEU B 513 81.34 -24.62 20.81
N TYR B 514 80.48 -25.30 21.59
CA TYR B 514 80.09 -24.76 22.90
C TYR B 514 79.60 -25.90 23.81
N THR B 515 79.36 -25.55 25.08
CA THR B 515 78.68 -26.46 26.01
C THR B 515 77.56 -25.69 26.69
N CYS B 516 76.44 -26.37 26.89
CA CYS B 516 75.38 -25.86 27.76
C CYS B 516 75.35 -26.69 29.03
N ALA B 517 75.12 -26.03 30.15
CA ALA B 517 74.86 -26.71 31.43
C ALA B 517 73.39 -26.55 31.77
N GLN B 518 72.76 -27.66 32.14
CA GLN B 518 71.37 -27.65 32.59
C GLN B 518 71.38 -27.64 34.11
N LEU B 519 70.90 -26.56 34.71
CA LEU B 519 70.93 -26.37 36.16
C LEU B 519 69.52 -26.49 36.75
N GLU B 520 69.48 -26.56 38.09
CA GLU B 520 68.28 -27.00 38.83
C GLU B 520 67.00 -26.27 38.39
N ASN B 521 67.12 -24.98 38.07
CA ASN B 521 65.96 -24.19 37.68
C ASN B 521 66.23 -23.28 36.48
N SER B 522 67.32 -23.50 35.75
CA SER B 522 67.66 -22.60 34.65
C SER B 522 68.66 -23.27 33.72
N LEU B 523 68.89 -22.63 32.56
CA LEU B 523 69.85 -23.08 31.55
C LEU B 523 70.91 -22.01 31.33
N TYR B 524 72.17 -22.44 31.27
CA TYR B 524 73.30 -21.57 30.98
C TYR B 524 74.24 -22.20 29.96
N TRP B 525 74.90 -21.35 29.16
CA TRP B 525 75.79 -21.87 28.12
C TRP B 525 76.97 -20.93 27.87
N TRP B 526 78.07 -21.49 27.36
CA TRP B 526 79.28 -20.71 27.03
C TRP B 526 80.10 -21.42 25.94
N GLY B 527 81.01 -20.65 25.32
CA GLY B 527 81.83 -21.15 24.20
C GLY B 527 81.61 -20.33 22.94
N VAL B 528 81.96 -20.89 21.77
CA VAL B 528 81.74 -20.18 20.49
C VAL B 528 80.27 -20.31 20.09
N VAL B 529 79.65 -19.19 19.72
CA VAL B 529 78.23 -19.16 19.29
C VAL B 529 78.01 -20.08 18.08
N PRO B 530 76.84 -20.76 17.94
CA PRO B 530 76.54 -21.58 16.74
C PRO B 530 76.71 -20.82 15.41
N CYS B 762 83.25 -13.87 18.85
CA CYS B 762 82.26 -14.95 18.75
C CYS B 762 82.22 -15.81 20.03
N PHE B 763 83.09 -15.49 20.99
CA PHE B 763 83.20 -16.23 22.26
C PHE B 763 82.21 -15.70 23.30
N GLN B 764 81.24 -16.54 23.68
CA GLN B 764 80.50 -16.29 24.92
C GLN B 764 81.41 -16.72 26.06
N ARG B 765 82.20 -15.77 26.56
CA ARG B 765 83.28 -16.08 27.49
C ARG B 765 82.77 -16.52 28.85
N THR B 766 81.61 -16.02 29.26
CA THR B 766 81.03 -16.41 30.53
C THR B 766 79.62 -16.96 30.31
N PRO B 767 79.18 -17.86 31.17
CA PRO B 767 77.87 -18.52 30.99
C PRO B 767 76.75 -17.51 30.80
N LYS B 768 75.94 -17.72 29.76
CA LYS B 768 74.82 -16.83 29.46
C LYS B 768 73.49 -17.52 29.77
N LYS B 769 72.63 -16.83 30.53
CA LYS B 769 71.29 -17.32 30.86
C LYS B 769 70.38 -17.27 29.63
N LEU B 770 69.51 -18.29 29.48
CA LEU B 770 68.51 -18.29 28.40
C LEU B 770 67.14 -17.83 28.90
N CYS B 771 66.30 -17.37 27.96
CA CYS B 771 65.00 -16.76 28.29
C CYS B 771 63.94 -17.84 28.54
N ILE B 772 64.08 -18.48 29.71
CA ILE B 772 63.18 -19.56 30.12
C ILE B 772 61.89 -18.95 30.68
N PRO B 773 60.70 -19.40 30.23
CA PRO B 773 59.47 -18.85 30.81
C PRO B 773 59.26 -19.32 32.26
N GLU B 774 58.65 -18.43 33.03
CA GLU B 774 58.54 -18.58 34.48
C GLU B 774 57.53 -19.66 34.85
N LYS B 775 57.77 -20.31 35.99
CA LYS B 775 56.94 -21.42 36.49
C LYS B 775 56.91 -22.62 35.53
N THR B 776 57.89 -22.77 34.64
CA THR B 776 57.93 -23.91 33.71
C THR B 776 58.94 -24.95 34.17
N GLU B 777 58.63 -26.21 33.88
CA GLU B 777 59.50 -27.33 34.19
C GLU B 777 60.14 -27.83 32.89
N ILE B 778 61.45 -28.04 32.91
CA ILE B 778 62.20 -28.46 31.73
C ILE B 778 62.41 -29.97 31.82
N LEU B 779 61.96 -30.71 30.81
CA LEU B 779 61.98 -32.18 30.86
C LEU B 779 63.28 -32.76 30.32
N ALA B 780 63.80 -32.23 29.21
CA ALA B 780 65.08 -32.66 28.66
C ALA B 780 65.61 -31.61 27.68
N VAL B 781 66.91 -31.70 27.37
CA VAL B 781 67.60 -30.69 26.54
C VAL B 781 68.69 -31.39 25.70
N ASN B 782 68.98 -30.85 24.51
CA ASN B 782 70.17 -31.29 23.76
C ASN B 782 70.57 -30.22 22.73
N VAL B 783 71.74 -30.43 22.08
CA VAL B 783 72.40 -29.42 21.26
C VAL B 783 72.84 -29.95 19.89
N ASP B 784 72.91 -29.03 18.91
CA ASP B 784 73.47 -29.28 17.57
C ASP B 784 73.89 -27.92 17.00
N SER B 785 74.64 -27.93 15.90
CA SER B 785 74.96 -26.73 15.12
C SER B 785 73.77 -25.79 14.90
N LYS B 786 72.54 -26.33 14.84
CA LYS B 786 71.33 -25.52 14.68
C LYS B 786 70.99 -24.70 15.92
N GLY B 787 71.48 -25.08 17.09
CA GLY B 787 71.11 -24.42 18.36
C GLY B 787 70.70 -25.41 19.44
N VAL B 788 69.88 -24.95 20.39
CA VAL B 788 69.38 -25.79 21.49
C VAL B 788 68.00 -26.33 21.14
N HIS B 789 67.76 -27.60 21.50
CA HIS B 789 66.43 -28.22 21.44
C HIS B 789 66.05 -28.63 22.86
N ALA B 790 64.81 -28.33 23.27
CA ALA B 790 64.38 -28.68 24.62
C ALA B 790 62.88 -28.93 24.66
N VAL B 791 62.44 -29.77 25.62
CA VAL B 791 61.02 -30.08 25.79
C VAL B 791 60.54 -29.41 27.07
N LEU B 792 59.56 -28.51 26.94
CA LEU B 792 59.06 -27.70 28.05
C LEU B 792 57.67 -28.16 28.46
N LYS B 793 57.50 -28.40 29.76
CA LYS B 793 56.18 -28.58 30.34
C LYS B 793 55.62 -27.20 30.75
N THR B 794 54.28 -27.11 30.85
CA THR B 794 53.65 -25.91 31.44
C THR B 794 52.30 -26.34 32.03
N GLY B 795 52.26 -26.55 33.35
CA GLY B 795 51.09 -27.17 33.95
C GLY B 795 50.87 -28.56 33.34
N ASN B 796 49.72 -28.76 32.67
CA ASN B 796 49.42 -30.00 31.96
C ASN B 796 49.92 -30.02 30.51
N TRP B 797 50.39 -28.89 29.97
CA TRP B 797 50.81 -28.84 28.57
C TRP B 797 52.27 -29.24 28.39
N VAL B 798 52.59 -29.68 27.16
CA VAL B 798 53.98 -29.95 26.74
C VAL B 798 54.16 -29.38 25.34
N ARG B 799 55.30 -28.71 25.11
CA ARG B 799 55.61 -28.19 23.78
C ARG B 799 57.09 -28.44 23.48
N TYR B 800 57.39 -28.65 22.20
CA TYR B 800 58.75 -28.88 21.75
C TYR B 800 59.33 -27.57 21.20
N CYS B 801 60.56 -27.23 21.60
CA CYS B 801 61.08 -25.87 21.44
C CYS B 801 62.50 -25.86 20.87
N ILE B 802 62.75 -25.03 19.85
CA ILE B 802 64.11 -24.71 19.40
C ILE B 802 64.48 -23.34 19.97
N PHE B 803 65.62 -23.26 20.66
CA PHE B 803 66.10 -21.99 21.19
C PHE B 803 67.30 -21.47 20.41
N ASP B 804 67.29 -20.15 20.21
CA ASP B 804 68.34 -19.41 19.51
C ASP B 804 69.22 -18.70 20.54
N LEU B 805 70.53 -18.95 20.52
CA LEU B 805 71.42 -18.33 21.53
C LEU B 805 71.58 -16.82 21.32
N ALA B 806 71.29 -16.32 20.12
CA ALA B 806 71.42 -14.88 19.85
C ALA B 806 70.34 -14.08 20.60
N THR B 807 69.07 -14.42 20.40
CA THR B 807 68.00 -13.76 21.16
C THR B 807 67.88 -14.35 22.56
N GLY B 808 68.30 -15.61 22.74
CA GLY B 808 68.12 -16.34 23.99
C GLY B 808 66.71 -16.88 24.18
N LYS B 809 65.81 -16.59 23.24
CA LYS B 809 64.40 -17.02 23.26
C LYS B 809 64.15 -18.20 22.31
N ALA B 810 62.99 -18.83 22.47
CA ALA B 810 62.60 -19.90 21.56
C ALA B 810 62.32 -19.30 20.17
N GLU B 811 62.99 -19.85 19.15
CA GLU B 811 62.78 -19.42 17.76
C GLU B 811 61.62 -20.18 17.11
N GLN B 812 61.33 -21.39 17.59
CA GLN B 812 60.11 -22.11 17.23
C GLN B 812 59.56 -22.89 18.42
N GLU B 813 58.24 -22.92 18.56
CA GLU B 813 57.56 -23.93 19.38
C GLU B 813 56.49 -24.64 18.57
N ASN B 814 56.28 -25.93 18.88
CA ASN B 814 55.18 -26.71 18.31
C ASN B 814 54.47 -27.50 19.39
N ASN B 815 53.15 -27.65 19.26
CA ASN B 815 52.42 -28.65 20.04
C ASN B 815 52.57 -30.04 19.40
N PHE B 816 52.48 -31.09 20.23
CA PHE B 816 52.38 -32.44 19.67
C PHE B 816 50.94 -32.72 19.20
N PRO B 817 50.77 -33.56 18.16
CA PRO B 817 49.39 -33.90 17.71
C PRO B 817 48.68 -34.87 18.65
N THR B 818 49.42 -35.67 19.42
CA THR B 818 48.83 -36.61 20.38
C THR B 818 48.33 -35.89 21.63
N SER B 819 47.70 -36.65 22.53
CA SER B 819 47.51 -36.18 23.92
C SER B 819 48.86 -35.83 24.55
N SER B 820 48.88 -34.78 25.39
CA SER B 820 50.11 -34.47 26.15
C SER B 820 50.38 -35.53 27.21
N ILE B 821 49.34 -35.98 27.92
CA ILE B 821 49.52 -36.97 28.99
C ILE B 821 50.18 -38.23 28.43
N ALA B 822 49.79 -38.64 27.23
CA ALA B 822 50.40 -39.79 26.58
C ALA B 822 51.92 -39.61 26.40
N PHE B 823 52.37 -38.39 26.08
CA PHE B 823 53.81 -38.15 25.97
C PHE B 823 54.48 -38.19 27.34
N LEU B 824 53.83 -37.64 28.36
CA LEU B 824 54.38 -37.65 29.72
C LEU B 824 54.47 -39.06 30.33
N GLY B 825 53.68 -40.02 29.83
CA GLY B 825 53.79 -41.45 30.24
C GLY B 825 53.63 -41.70 31.75
N GLN B 826 54.13 -42.86 32.19
CA GLN B 826 54.01 -43.30 33.59
C GLN B 826 55.13 -42.77 34.48
N ASN B 827 56.30 -42.46 33.92
CA ASN B 827 57.39 -41.86 34.68
C ASN B 827 58.04 -40.77 33.82
N GLU B 828 57.73 -39.51 34.12
CA GLU B 828 58.17 -38.38 33.29
C GLU B 828 59.69 -38.35 33.11
N ARG B 829 60.44 -38.81 34.13
CA ARG B 829 61.91 -38.79 34.08
C ARG B 829 62.47 -39.57 32.89
N ASN B 830 61.69 -40.49 32.32
CA ASN B 830 62.15 -41.23 31.14
C ASN B 830 62.34 -40.32 29.92
N VAL B 831 61.72 -39.14 29.89
CA VAL B 831 61.83 -38.27 28.71
C VAL B 831 63.28 -37.94 28.42
N ALA B 832 63.60 -37.84 27.13
CA ALA B 832 64.97 -37.60 26.69
C ALA B 832 64.93 -36.89 25.35
N ILE B 833 66.10 -36.73 24.75
CA ILE B 833 66.21 -36.25 23.38
C ILE B 833 67.57 -36.68 22.85
N PHE B 834 67.74 -37.99 22.64
CA PHE B 834 69.01 -38.49 22.13
C PHE B 834 69.27 -37.86 20.75
N THR B 835 70.53 -37.53 20.47
CA THR B 835 70.89 -36.95 19.17
C THR B 835 72.27 -37.45 18.77
N ALA B 836 72.50 -37.58 17.46
CA ALA B 836 73.75 -38.18 16.97
C ALA B 836 74.97 -37.30 17.21
N GLY B 837 74.79 -35.98 17.32
CA GLY B 837 75.88 -35.02 17.48
C GLY B 837 75.58 -33.78 16.67
N GLN B 838 76.51 -33.37 15.82
CA GLN B 838 76.23 -32.34 14.80
C GLN B 838 75.41 -32.95 13.65
N GLU B 839 74.71 -32.06 12.90
CA GLU B 839 74.04 -32.42 11.63
C GLU B 839 73.02 -33.56 11.81
N SER B 840 72.42 -33.66 13.00
CA SER B 840 71.97 -34.97 13.48
C SER B 840 70.49 -35.28 13.20
N PRO B 841 70.17 -36.57 13.10
CA PRO B 841 68.80 -37.04 13.37
C PRO B 841 68.52 -36.94 14.87
N ILE B 842 67.23 -37.01 15.20
CA ILE B 842 66.75 -36.85 16.58
C ILE B 842 65.94 -38.08 16.96
N ILE B 843 65.92 -38.38 18.26
CA ILE B 843 65.05 -39.42 18.80
C ILE B 843 64.43 -38.90 20.10
N LEU B 844 63.19 -38.41 20.05
CA LEU B 844 62.47 -38.18 21.30
C LEU B 844 62.18 -39.52 21.98
N ARG B 845 61.85 -39.46 23.28
CA ARG B 845 61.42 -40.66 24.00
C ARG B 845 60.29 -40.30 24.95
N ASP B 846 59.27 -41.15 25.06
CA ASP B 846 58.12 -40.84 25.93
C ASP B 846 58.36 -41.29 27.38
N GLY B 847 57.39 -40.96 28.25
CA GLY B 847 57.44 -41.33 29.67
C GLY B 847 57.34 -42.82 30.00
N ASN B 848 57.34 -43.70 28.99
CA ASN B 848 57.41 -45.15 29.18
C ASN B 848 58.64 -45.77 28.53
N GLY B 849 59.33 -45.05 27.65
CA GLY B 849 60.53 -45.53 26.97
C GLY B 849 60.36 -45.79 25.46
N THR B 850 59.20 -45.43 24.90
CA THR B 850 58.93 -45.49 23.46
C THR B 850 59.83 -44.55 22.66
N ILE B 851 60.32 -44.98 21.49
CA ILE B 851 60.73 -43.96 20.51
C ILE B 851 59.47 -43.30 19.96
N TYR B 852 59.35 -41.99 20.16
CA TYR B 852 58.21 -41.27 19.60
C TYR B 852 58.47 -40.98 18.11
N PRO B 853 57.62 -41.46 17.18
CA PRO B 853 57.99 -41.50 15.74
C PRO B 853 57.76 -40.18 15.02
N MET B 854 58.61 -39.19 15.33
CA MET B 854 58.44 -37.85 14.76
C MET B 854 58.65 -37.80 13.25
N ALA B 855 57.91 -36.89 12.61
CA ALA B 855 58.28 -36.31 11.32
C ALA B 855 57.64 -34.93 11.19
N LYS B 856 58.29 -34.01 10.47
CA LYS B 856 57.63 -32.75 10.11
C LYS B 856 56.45 -33.01 9.17
N ASP B 857 55.42 -32.15 9.25
CA ASP B 857 54.44 -32.07 8.16
C ASP B 857 54.93 -31.08 7.09
N CYS B 858 54.21 -30.99 5.97
CA CYS B 858 54.65 -30.10 4.88
C CYS B 858 54.34 -28.62 5.13
N MET B 859 53.75 -28.27 6.30
CA MET B 859 53.78 -26.90 6.80
C MET B 859 55.02 -26.63 7.65
N GLY B 860 55.66 -27.67 8.18
CA GLY B 860 56.73 -27.52 9.17
C GLY B 860 56.28 -27.72 10.60
N GLY B 861 55.00 -28.10 10.83
CA GLY B 861 54.54 -28.63 12.11
C GLY B 861 54.89 -30.10 12.23
N ILE B 862 54.12 -30.83 13.05
CA ILE B 862 54.42 -32.23 13.39
C ILE B 862 53.37 -33.17 12.78
N ARG B 863 53.79 -34.15 11.98
CA ARG B 863 52.88 -35.18 11.45
C ARG B 863 52.34 -36.09 12.55
N ASP B 864 51.18 -36.70 12.30
CA ASP B 864 50.67 -37.74 13.22
C ASP B 864 51.68 -38.87 13.38
N PRO B 865 51.66 -39.57 14.55
CA PRO B 865 52.67 -40.61 14.83
C PRO B 865 52.51 -41.88 13.99
N ASP B 866 53.42 -41.99 13.03
CA ASP B 866 53.54 -43.16 12.14
C ASP B 866 54.11 -44.36 12.91
N TRP B 867 53.24 -45.10 13.62
CA TRP B 867 53.70 -46.07 14.63
C TRP B 867 54.65 -47.13 14.09
N LEU B 868 55.48 -47.66 15.01
CA LEU B 868 56.62 -48.54 14.73
C LEU B 868 56.52 -49.90 15.42
N ASP B 869 55.56 -50.08 16.33
CA ASP B 869 55.29 -51.38 17.01
C ASP B 869 56.52 -51.93 17.76
N LEU B 870 57.09 -51.15 18.69
CA LEU B 870 58.33 -51.55 19.39
C LEU B 870 58.20 -51.62 20.91
N PRO B 871 58.83 -52.61 21.57
CA PRO B 871 59.03 -52.54 23.04
C PRO B 871 59.82 -51.30 23.42
N PRO B 872 59.77 -50.88 24.69
CA PRO B 872 60.54 -49.70 25.13
C PRO B 872 62.03 -49.95 25.00
N ILE B 873 62.78 -48.86 24.82
CA ILE B 873 64.23 -48.94 24.76
C ILE B 873 64.80 -48.49 26.09
N SER B 874 65.47 -49.42 26.79
CA SER B 874 65.98 -49.16 28.13
C SER B 874 67.09 -48.09 28.09
N SER B 875 67.98 -48.18 27.11
CA SER B 875 68.93 -47.10 26.83
C SER B 875 69.36 -47.20 25.37
N LEU B 876 69.83 -46.07 24.83
CA LEU B 876 70.17 -45.99 23.41
C LEU B 876 71.46 -45.20 23.22
N GLY B 877 72.40 -45.78 22.46
CA GLY B 877 73.61 -45.08 22.06
C GLY B 877 73.48 -44.51 20.65
N MET B 878 74.18 -43.41 20.38
CA MET B 878 74.27 -42.87 19.02
C MET B 878 75.70 -42.41 18.75
N GLY B 879 76.06 -42.31 17.47
CA GLY B 879 77.33 -41.67 17.12
C GLY B 879 77.44 -41.43 15.62
N VAL B 880 78.33 -40.49 15.25
CA VAL B 880 78.58 -40.17 13.84
C VAL B 880 79.84 -40.89 13.38
N HIS B 881 79.74 -41.52 12.20
CA HIS B 881 80.82 -42.32 11.63
C HIS B 881 81.16 -41.80 10.23
N SER B 882 82.46 -41.58 9.98
CA SER B 882 82.92 -41.26 8.63
C SER B 882 82.84 -42.48 7.73
N LEU B 883 82.47 -42.26 6.47
CA LEU B 883 82.37 -43.31 5.45
C LEU B 883 83.33 -43.08 4.28
N ILE B 884 84.46 -42.39 4.53
CA ILE B 884 85.53 -42.27 3.53
C ILE B 884 86.06 -43.64 3.10
N ASN B 885 85.76 -44.69 3.88
CA ASN B 885 86.07 -46.09 3.54
C ASN B 885 85.35 -46.59 2.28
N LEU B 886 84.30 -45.90 1.82
CA LEU B 886 83.56 -46.28 0.60
C LEU B 886 84.38 -46.03 -0.67
N PRO B 887 84.02 -46.69 -1.79
CA PRO B 887 84.49 -46.22 -3.11
C PRO B 887 83.92 -44.84 -3.42
N ALA B 888 84.73 -44.00 -4.08
CA ALA B 888 84.38 -42.57 -4.27
C ALA B 888 83.13 -42.35 -5.14
N ASN B 889 82.62 -43.37 -5.83
CA ASN B 889 81.43 -43.29 -6.67
C ASN B 889 80.10 -43.42 -5.90
N SER B 890 80.14 -43.54 -4.57
CA SER B 890 79.01 -44.08 -3.78
C SER B 890 77.77 -43.19 -3.75
N THR B 891 76.59 -43.86 -3.62
CA THR B 891 75.30 -43.19 -3.38
C THR B 891 75.10 -42.88 -1.89
N ILE B 892 75.49 -43.80 -1.01
CA ILE B 892 75.60 -43.50 0.43
C ILE B 892 76.71 -42.45 0.61
N LYS B 893 76.46 -41.43 1.44
CA LYS B 893 77.33 -40.25 1.58
C LYS B 893 78.54 -40.54 2.50
N LYS B 894 79.46 -39.56 2.62
CA LYS B 894 80.68 -39.74 3.45
C LYS B 894 80.41 -39.81 4.96
N LYS B 895 79.14 -39.85 5.40
CA LYS B 895 78.79 -39.90 6.81
C LYS B 895 77.58 -40.81 7.04
N ALA B 896 77.56 -41.49 8.19
CA ALA B 896 76.33 -42.11 8.67
C ALA B 896 76.28 -42.06 10.20
N ALA B 897 75.07 -42.10 10.74
CA ALA B 897 74.90 -42.37 12.17
C ALA B 897 74.95 -43.88 12.42
N VAL B 898 75.59 -44.27 13.53
CA VAL B 898 75.46 -45.62 14.08
C VAL B 898 74.65 -45.52 15.37
N ILE B 899 73.61 -46.34 15.48
CA ILE B 899 72.72 -46.29 16.63
C ILE B 899 72.67 -47.68 17.26
N ILE B 900 72.76 -47.72 18.58
CA ILE B 900 72.89 -48.95 19.35
C ILE B 900 71.73 -48.98 20.32
N MET B 901 70.91 -50.03 20.26
CA MET B 901 69.64 -50.02 20.99
C MET B 901 69.53 -51.19 21.95
N ALA B 902 69.43 -50.87 23.25
CA ALA B 902 69.15 -51.88 24.29
C ALA B 902 67.64 -52.10 24.37
N VAL B 903 67.13 -52.86 23.38
CA VAL B 903 65.69 -53.14 23.25
C VAL B 903 65.26 -54.17 24.29
N GLU B 904 64.14 -53.91 24.97
CA GLU B 904 63.70 -54.76 26.08
C GLU B 904 62.89 -55.97 25.57
N LYS B 905 63.02 -57.12 26.25
CA LYS B 905 62.37 -58.35 25.77
C LYS B 905 60.99 -58.51 26.41
N GLN B 906 59.95 -58.18 25.66
CA GLN B 906 58.57 -58.39 26.10
C GLN B 906 58.06 -59.69 25.47
N THR B 907 58.30 -60.81 26.17
CA THR B 907 58.15 -62.15 25.56
C THR B 907 56.71 -62.43 25.10
N LEU B 908 55.73 -62.19 25.98
CA LEU B 908 54.35 -62.50 25.61
C LEU B 908 53.79 -61.46 24.63
N MET B 909 54.23 -60.20 24.76
CA MET B 909 53.84 -59.19 23.79
C MET B 909 54.27 -59.60 22.39
N GLN B 910 55.47 -60.16 22.28
CA GLN B 910 55.95 -60.62 20.99
C GLN B 910 55.12 -61.79 20.47
N HIS B 911 54.71 -62.72 21.33
CA HIS B 911 53.88 -63.80 20.79
C HIS B 911 52.55 -63.28 20.26
N ILE B 912 51.91 -62.36 20.98
CA ILE B 912 50.68 -61.73 20.48
C ILE B 912 50.94 -61.10 19.11
N LEU B 913 52.03 -60.33 19.00
CA LEU B 913 52.31 -59.66 17.73
C LEU B 913 52.70 -60.63 16.64
N ARG B 914 53.32 -61.75 17.00
CA ARG B 914 53.68 -62.80 16.06
C ARG B 914 52.50 -63.68 15.67
N CYS B 915 51.34 -63.51 16.29
CA CYS B 915 50.18 -64.39 16.06
C CYS B 915 50.48 -65.87 16.32
N ASP B 916 51.43 -66.17 17.21
CA ASP B 916 51.70 -67.56 17.60
C ASP B 916 50.70 -67.97 18.68
N TYR B 917 49.53 -68.43 18.22
CA TYR B 917 48.43 -68.79 19.12
C TYR B 917 48.85 -69.81 20.17
N GLU B 918 49.58 -70.85 19.76
CA GLU B 918 50.04 -71.87 20.70
C GLU B 918 51.00 -71.30 21.72
N ALA B 919 51.92 -70.44 21.27
CA ALA B 919 52.86 -69.82 22.22
C ALA B 919 52.11 -68.96 23.23
N CYS B 920 51.13 -68.20 22.76
CA CYS B 920 50.32 -67.40 23.68
C CYS B 920 49.61 -68.29 24.68
N ARG B 921 49.00 -69.37 24.19
CA ARG B 921 48.30 -70.32 25.07
C ARG B 921 49.25 -70.90 26.10
N GLN B 922 50.45 -71.31 25.68
CA GLN B 922 51.41 -71.90 26.61
C GLN B 922 51.83 -70.89 27.66
N TYR B 923 52.05 -69.64 27.25
CA TYR B 923 52.42 -68.61 28.21
C TYR B 923 51.31 -68.38 29.22
N LEU B 924 50.07 -68.35 28.75
CA LEU B 924 48.94 -68.18 29.66
C LEU B 924 48.83 -69.37 30.62
N MET B 925 49.09 -70.58 30.12
CA MET B 925 49.07 -71.76 30.98
C MET B 925 50.15 -71.69 32.05
N ASN B 926 51.33 -71.22 31.67
CA ASN B 926 52.41 -71.06 32.65
C ASN B 926 52.12 -69.93 33.63
N LEU B 927 51.52 -68.84 33.15
CA LEU B 927 51.16 -67.73 34.04
C LEU B 927 49.98 -68.10 34.93
N GLU B 928 49.12 -69.01 34.45
CA GLU B 928 48.06 -69.59 35.28
C GLU B 928 48.66 -70.42 36.42
N GLN B 929 49.62 -71.29 36.10
CA GLN B 929 50.33 -72.02 37.14
C GLN B 929 51.03 -71.06 38.10
N ALA B 930 51.60 -69.99 37.55
CA ALA B 930 52.26 -68.98 38.39
C ALA B 930 51.29 -68.38 39.40
N VAL B 931 50.06 -68.11 38.97
CA VAL B 931 49.04 -67.56 39.87
C VAL B 931 48.67 -68.60 40.93
N VAL B 932 48.41 -69.84 40.51
CA VAL B 932 48.01 -70.90 41.45
C VAL B 932 49.12 -71.17 42.47
N LEU B 933 50.37 -71.19 42.00
CA LEU B 933 51.50 -71.49 42.85
C LEU B 933 52.02 -70.26 43.60
N GLU B 934 51.41 -69.10 43.39
CA GLU B 934 51.82 -67.86 44.02
C GLU B 934 53.30 -67.57 43.78
N GLN B 935 53.73 -67.75 42.53
CA GLN B 935 55.12 -67.52 42.16
C GLN B 935 55.17 -66.70 40.87
N ASN B 936 56.25 -65.92 40.73
CA ASN B 936 56.42 -65.08 39.55
C ASN B 936 55.19 -64.20 39.33
N LEU B 937 54.61 -63.73 40.44
CA LEU B 937 53.44 -62.86 40.35
C LEU B 937 53.85 -61.49 39.82
N GLN B 938 55.06 -61.06 40.16
CA GLN B 938 55.58 -59.80 39.62
C GLN B 938 55.74 -59.91 38.11
N MET B 939 56.06 -61.09 37.61
CA MET B 939 56.19 -61.27 36.17
C MET B 939 54.85 -61.03 35.48
N LEU B 940 53.76 -61.51 36.08
CA LEU B 940 52.43 -61.22 35.57
C LEU B 940 52.12 -59.72 35.62
N GLN B 941 52.32 -59.08 36.78
CA GLN B 941 52.08 -57.63 36.86
C GLN B 941 52.92 -56.87 35.84
N THR B 942 54.15 -57.32 35.63
CA THR B 942 55.06 -56.65 34.71
C THR B 942 54.52 -56.74 33.29
N PHE B 943 54.07 -57.94 32.91
CA PHE B 943 53.47 -58.12 31.59
C PHE B 943 52.23 -57.24 31.41
N ILE B 944 51.33 -57.21 32.41
CA ILE B 944 50.13 -56.37 32.36
C ILE B 944 50.49 -54.90 32.21
N SER B 945 51.60 -54.49 32.83
CA SER B 945 52.12 -53.12 32.72
C SER B 945 52.95 -52.88 31.46
N HIS B 946 53.24 -53.92 30.66
CA HIS B 946 53.98 -53.70 29.42
C HIS B 946 53.26 -52.68 28.54
N ARG B 947 54.06 -51.91 27.81
CA ARG B 947 53.56 -51.02 26.76
C ARG B 947 54.49 -51.13 25.56
N CYS B 948 53.97 -50.90 24.37
CA CYS B 948 54.80 -50.53 23.22
C CYS B 948 54.49 -49.07 22.85
N ASP B 949 54.92 -48.65 21.65
CA ASP B 949 54.76 -47.25 21.25
C ASP B 949 53.29 -46.84 21.08
N GLY B 950 53.03 -45.53 21.18
CA GLY B 950 51.66 -45.02 21.19
C GLY B 950 50.87 -45.31 22.46
N ASN B 951 51.55 -45.77 23.52
CA ASN B 951 50.93 -46.12 24.80
C ASN B 951 49.91 -47.27 24.67
N ARG B 952 50.08 -48.11 23.64
CA ARG B 952 49.21 -49.27 23.40
C ARG B 952 49.49 -50.37 24.42
N ASN B 953 48.45 -50.82 25.14
CA ASN B 953 48.59 -52.03 25.95
C ASN B 953 48.30 -53.28 25.09
N ILE B 954 48.36 -54.47 25.69
CA ILE B 954 48.23 -55.72 24.89
C ILE B 954 46.96 -55.72 24.04
N LEU B 955 45.82 -55.29 24.58
CA LEU B 955 44.58 -55.38 23.81
C LEU B 955 44.58 -54.43 22.61
N HIS B 956 45.20 -53.24 22.75
CA HIS B 956 45.43 -52.41 21.56
C HIS B 956 46.31 -53.12 20.54
N ALA B 957 47.30 -53.90 20.99
CA ALA B 957 48.15 -54.61 20.04
C ALA B 957 47.34 -55.68 19.29
N CYS B 958 46.55 -56.46 20.01
CA CYS B 958 45.69 -57.45 19.35
C CYS B 958 44.82 -56.77 18.30
N VAL B 959 44.12 -55.71 18.72
CA VAL B 959 43.18 -55.02 17.82
C VAL B 959 43.89 -54.50 16.58
N SER B 960 45.09 -53.91 16.74
CA SER B 960 45.83 -53.43 15.57
C SER B 960 46.16 -54.58 14.62
N VAL B 961 46.50 -55.73 15.19
CA VAL B 961 46.81 -56.91 14.36
C VAL B 961 45.60 -57.33 13.54
N CYS B 962 44.41 -57.26 14.14
CA CYS B 962 43.18 -57.74 13.48
C CYS B 962 42.76 -56.86 12.30
N PHE B 963 43.45 -55.75 12.06
CA PHE B 963 43.02 -54.83 11.01
C PHE B 963 43.14 -55.47 9.63
N PRO B 964 42.18 -55.22 8.75
CA PRO B 964 42.27 -55.66 7.35
C PRO B 964 43.29 -54.83 6.59
N THR B 965 43.80 -55.38 5.49
CA THR B 965 44.79 -54.67 4.68
C THR B 965 44.40 -54.46 3.23
N SER B 966 43.39 -55.15 2.70
CA SER B 966 43.05 -54.98 1.29
C SER B 966 41.58 -55.35 1.03
N ASN B 967 41.00 -54.75 -0.03
CA ASN B 967 39.65 -55.15 -0.44
C ASN B 967 39.67 -56.48 -1.16
N LYS B 968 40.82 -56.87 -1.71
CA LYS B 968 40.92 -58.20 -2.30
C LYS B 968 40.59 -59.25 -1.26
N GLU B 969 40.99 -59.01 -0.02
CA GLU B 969 40.74 -59.96 1.05
C GLU B 969 39.23 -60.12 1.29
N THR B 970 38.52 -59.00 1.33
CA THR B 970 37.08 -59.05 1.56
C THR B 970 36.34 -59.57 0.33
N LYS B 971 36.85 -59.23 -0.85
CA LYS B 971 36.25 -59.73 -2.09
C LYS B 971 36.39 -61.25 -2.18
N GLU B 972 37.56 -61.76 -1.83
CA GLU B 972 37.77 -63.21 -1.83
C GLU B 972 36.88 -63.89 -0.80
N GLU B 973 36.73 -63.29 0.37
CA GLU B 973 35.87 -63.86 1.39
C GLU B 973 34.42 -63.94 0.90
N VAL B 1107 57.23 -67.63 9.21
CA VAL B 1107 56.30 -66.50 9.34
C VAL B 1107 54.86 -66.94 9.08
N VAL B 1108 53.92 -66.34 9.81
CA VAL B 1108 52.51 -66.71 9.72
C VAL B 1108 51.89 -66.12 8.46
N GLU B 1109 51.13 -66.95 7.74
CA GLU B 1109 50.45 -66.50 6.53
C GLU B 1109 49.33 -65.52 6.88
N SER B 1110 49.01 -64.62 5.95
CA SER B 1110 48.02 -63.58 6.22
C SER B 1110 46.65 -64.18 6.58
N LYS B 1111 46.29 -65.30 5.93
CA LYS B 1111 45.02 -65.96 6.24
C LYS B 1111 45.03 -66.46 7.68
N ASP B 1112 46.11 -67.17 8.05
CA ASP B 1112 46.26 -67.63 9.41
C ASP B 1112 46.52 -66.47 10.36
N ARG B 1113 47.15 -65.41 9.86
CA ARG B 1113 47.43 -64.24 10.69
C ARG B 1113 46.14 -63.68 11.27
N LYS B 1114 45.14 -63.43 10.43
CA LYS B 1114 43.88 -62.90 10.95
C LYS B 1114 43.20 -63.91 11.85
N ALA B 1115 43.11 -65.17 11.39
CA ALA B 1115 42.46 -66.21 12.18
C ALA B 1115 43.09 -66.33 13.56
N ASN B 1116 44.40 -66.56 13.60
CA ASN B 1116 45.14 -66.64 14.86
C ASN B 1116 44.96 -65.38 15.70
N ALA B 1117 45.07 -64.20 15.10
CA ALA B 1117 44.89 -62.97 15.87
C ALA B 1117 43.54 -62.94 16.56
N HIS B 1118 42.49 -63.33 15.83
CA HIS B 1118 41.15 -63.35 16.44
C HIS B 1118 41.06 -64.42 17.53
N PHE B 1119 41.64 -65.60 17.29
CA PHE B 1119 41.68 -66.65 18.33
C PHE B 1119 42.45 -66.16 19.56
N ILE B 1120 43.56 -65.45 19.35
CA ILE B 1120 44.35 -64.89 20.45
C ILE B 1120 43.52 -63.88 21.23
N LEU B 1121 42.86 -62.97 20.52
CA LEU B 1121 41.98 -61.99 21.18
C LEU B 1121 40.94 -62.72 22.03
N LYS B 1122 40.29 -63.74 21.46
CA LYS B 1122 39.27 -64.48 22.20
C LYS B 1122 39.89 -65.17 23.42
N LEU B 1123 41.02 -65.86 23.22
CA LEU B 1123 41.75 -66.52 24.29
C LEU B 1123 42.12 -65.56 25.41
N LEU B 1124 42.66 -64.38 25.07
CA LEU B 1124 43.01 -63.37 26.07
C LEU B 1124 41.76 -62.92 26.83
N CYS B 1125 40.67 -62.66 26.11
CA CYS B 1125 39.41 -62.28 26.76
C CYS B 1125 38.86 -63.38 27.67
N ASP B 1126 39.21 -64.64 27.40
CA ASP B 1126 38.69 -65.78 28.15
C ASP B 1126 39.58 -66.19 29.34
N SER B 1127 40.88 -65.89 29.30
CA SER B 1127 41.83 -66.49 30.25
C SER B 1127 41.67 -65.98 31.68
N VAL B 1128 41.60 -66.91 32.64
CA VAL B 1128 41.56 -66.57 34.08
C VAL B 1128 42.83 -65.85 34.53
N VAL B 1129 43.92 -65.93 33.75
CA VAL B 1129 45.08 -65.06 33.97
C VAL B 1129 44.68 -63.59 33.87
N LEU B 1130 44.00 -63.22 32.79
CA LEU B 1130 43.73 -61.81 32.50
C LEU B 1130 42.45 -61.27 33.13
N GLN B 1131 41.52 -62.13 33.57
CA GLN B 1131 40.18 -61.64 33.97
C GLN B 1131 40.18 -60.41 34.86
N PRO B 1132 40.95 -60.32 35.96
CA PRO B 1132 40.89 -59.10 36.80
C PRO B 1132 41.38 -57.84 36.09
N TYR B 1133 42.19 -57.98 35.02
CA TYR B 1133 42.87 -56.87 34.37
C TYR B 1133 42.17 -56.38 33.10
N LEU B 1134 41.21 -57.14 32.59
CA LEU B 1134 40.55 -56.76 31.35
C LEU B 1134 39.89 -55.39 31.44
N ARG B 1135 39.19 -55.08 32.56
CA ARG B 1135 38.56 -53.76 32.66
C ARG B 1135 39.60 -52.67 32.48
N GLU B 1136 40.73 -52.78 33.17
CA GLU B 1136 41.77 -51.76 33.04
C GLU B 1136 42.25 -51.69 31.59
N LEU B 1137 42.61 -52.83 31.01
CA LEU B 1137 43.17 -52.84 29.65
C LEU B 1137 42.18 -52.27 28.62
N LEU B 1138 40.87 -52.47 28.83
CA LEU B 1138 39.84 -51.96 27.92
C LEU B 1138 39.42 -50.53 28.23
N SER B 1139 39.71 -50.01 29.42
CA SER B 1139 39.42 -48.61 29.72
C SER B 1139 40.64 -47.70 29.55
N ALA B 1140 41.83 -48.30 29.44
CA ALA B 1140 43.04 -47.54 29.12
C ALA B 1140 42.95 -46.89 27.73
N LYS B 1141 43.47 -45.67 27.60
CA LYS B 1141 43.39 -44.89 26.37
C LYS B 1141 44.75 -44.80 25.67
N ASP B 1142 44.77 -44.98 24.35
CA ASP B 1142 46.03 -44.83 23.60
C ASP B 1142 46.38 -43.35 23.43
N ALA B 1143 47.46 -43.10 22.67
CA ALA B 1143 47.99 -41.75 22.43
C ALA B 1143 47.02 -40.80 21.73
N ARG B 1144 45.91 -41.31 21.18
CA ARG B 1144 44.87 -40.49 20.57
C ARG B 1144 43.56 -40.53 21.37
N GLY B 1145 43.60 -41.09 22.57
CA GLY B 1145 42.48 -41.11 23.50
C GLY B 1145 41.56 -42.32 23.37
N MET B 1146 41.87 -43.27 22.48
CA MET B 1146 40.94 -44.34 22.11
C MET B 1146 41.15 -45.59 22.98
N THR B 1147 40.04 -46.17 23.48
CA THR B 1147 40.12 -47.51 24.08
C THR B 1147 40.41 -48.54 22.96
N PRO B 1148 40.75 -49.79 23.33
CA PRO B 1148 40.87 -50.83 22.29
C PRO B 1148 39.59 -50.98 21.49
N PHE B 1149 38.42 -50.90 22.14
CA PHE B 1149 37.16 -50.97 21.39
C PHE B 1149 37.09 -49.90 20.31
N MET B 1150 37.24 -48.63 20.71
CA MET B 1150 37.19 -47.52 19.74
C MET B 1150 38.23 -47.70 18.64
N SER B 1151 39.36 -48.33 18.97
CA SER B 1151 40.39 -48.59 17.96
C SER B 1151 39.92 -49.65 16.97
N ALA B 1152 39.23 -50.67 17.46
CA ALA B 1152 38.73 -51.72 16.57
C ALA B 1152 37.73 -51.13 15.58
N VAL B 1153 36.90 -50.18 16.04
CA VAL B 1153 35.97 -49.51 15.14
C VAL B 1153 36.74 -48.65 14.12
N SER B 1154 37.70 -47.86 14.61
CA SER B 1154 38.47 -46.97 13.73
C SER B 1154 39.22 -47.73 12.63
N GLY B 1155 39.66 -48.96 12.91
CA GLY B 1155 40.40 -49.78 11.99
C GLY B 1155 39.56 -50.71 11.14
N ARG B 1156 38.24 -50.60 11.22
CA ARG B 1156 37.30 -51.44 10.46
C ARG B 1156 37.37 -52.92 10.86
N ALA B 1157 37.94 -53.22 12.02
CA ALA B 1157 37.97 -54.60 12.51
C ALA B 1157 36.68 -54.92 13.23
N TYR B 1158 35.56 -54.85 12.49
CA TYR B 1158 34.24 -55.02 13.11
C TYR B 1158 34.08 -56.30 13.92
N PRO B 1159 34.58 -57.48 13.49
CA PRO B 1159 34.44 -58.67 14.36
C PRO B 1159 35.21 -58.54 15.67
N ALA B 1160 36.37 -57.89 15.66
CA ALA B 1160 37.08 -57.61 16.90
C ALA B 1160 36.30 -56.63 17.77
N ALA B 1161 35.74 -55.58 17.15
CA ALA B 1161 34.90 -54.64 17.89
C ALA B 1161 33.72 -55.36 18.54
N ILE B 1162 33.08 -56.25 17.78
CA ILE B 1162 31.99 -57.07 18.32
C ILE B 1162 32.48 -57.92 19.50
N THR B 1163 33.61 -58.62 19.32
CA THR B 1163 34.15 -59.47 20.36
C THR B 1163 34.38 -58.68 21.65
N ILE B 1164 35.01 -57.53 21.52
CA ILE B 1164 35.31 -56.69 22.67
C ILE B 1164 34.03 -56.13 23.27
N LEU B 1165 33.07 -55.71 22.44
CA LEU B 1165 31.84 -55.08 22.92
C LEU B 1165 30.99 -56.07 23.72
N GLU B 1166 30.85 -57.30 23.21
CA GLU B 1166 30.27 -58.38 24.00
C GLU B 1166 31.01 -58.53 25.33
N THR B 1167 32.35 -58.59 25.26
CA THR B 1167 33.15 -58.79 26.46
C THR B 1167 32.99 -57.64 27.46
N ALA B 1168 32.94 -56.41 26.95
CA ALA B 1168 32.77 -55.23 27.78
C ALA B 1168 31.44 -55.27 28.51
N GLN B 1169 30.38 -55.74 27.83
CA GLN B 1169 29.10 -55.92 28.54
C GLN B 1169 29.24 -56.97 29.64
N LYS B 1170 29.95 -58.07 29.36
CA LYS B 1170 30.18 -59.08 30.41
C LYS B 1170 30.90 -58.48 31.60
N ILE B 1171 31.96 -57.70 31.34
CA ILE B 1171 32.77 -57.09 32.40
C ILE B 1171 31.94 -56.14 33.25
N ALA B 1172 31.23 -55.23 32.59
CA ALA B 1172 30.34 -54.32 33.31
C ALA B 1172 29.31 -55.10 34.14
N LYS B 1173 28.76 -56.19 33.57
CA LYS B 1173 27.81 -57.03 34.32
C LYS B 1173 28.48 -57.89 35.38
N ALA B 1174 29.80 -58.03 35.37
CA ALA B 1174 30.50 -58.78 36.40
C ALA B 1174 30.77 -57.91 37.62
N GLU B 1175 31.05 -56.62 37.41
CA GLU B 1175 31.36 -55.70 38.51
C GLU B 1175 30.11 -55.01 39.10
N ILE B 1176 28.92 -55.58 38.91
CA ILE B 1176 27.69 -55.03 39.53
C ILE B 1176 27.76 -55.02 41.06
N SER B 1177 28.71 -55.76 41.65
CA SER B 1177 28.96 -55.76 43.09
C SER B 1177 29.65 -54.47 43.59
N SER B 1178 30.09 -53.60 42.68
CA SER B 1178 30.76 -52.34 43.04
C SER B 1178 29.73 -51.23 43.35
N SER B 1179 30.21 -50.14 43.98
CA SER B 1179 29.37 -48.97 44.27
C SER B 1179 29.20 -48.02 43.06
N GLU B 1180 29.69 -48.42 41.89
CA GLU B 1180 29.41 -47.74 40.62
C GLU B 1180 28.15 -48.33 39.99
N LYS B 1181 27.46 -47.54 39.15
CA LYS B 1181 26.40 -48.11 38.32
C LYS B 1181 26.98 -48.90 37.15
N GLU B 1182 26.31 -49.99 36.78
CA GLU B 1182 26.73 -50.85 35.67
C GLU B 1182 27.11 -50.02 34.44
N GLU B 1183 26.29 -49.02 34.13
CA GLU B 1183 26.52 -48.18 32.96
C GLU B 1183 27.83 -47.42 33.04
N ASP B 1184 28.25 -46.95 34.22
CA ASP B 1184 29.39 -46.02 34.24
C ASP B 1184 30.62 -46.72 33.68
N VAL B 1185 30.80 -47.96 34.13
CA VAL B 1185 31.86 -48.86 33.72
C VAL B 1185 31.74 -49.14 32.23
N PHE B 1186 30.53 -49.47 31.79
CA PHE B 1186 30.34 -49.79 30.37
C PHE B 1186 30.67 -48.60 29.47
N MET B 1187 30.10 -47.42 29.78
CA MET B 1187 30.40 -46.21 29.03
C MET B 1187 31.90 -45.90 29.08
N GLY B 1188 32.52 -46.09 30.24
CA GLY B 1188 33.97 -45.92 30.33
C GLY B 1188 34.73 -46.76 29.31
N MET B 1189 34.32 -48.01 29.11
CA MET B 1189 35.07 -48.87 28.19
C MET B 1189 34.74 -48.58 26.74
N VAL B 1190 33.50 -48.19 26.47
CA VAL B 1190 33.02 -48.02 25.08
C VAL B 1190 33.33 -46.62 24.55
N CYS B 1191 33.03 -45.60 25.33
CA CYS B 1191 33.12 -44.22 24.87
C CYS B 1191 33.32 -43.32 26.10
N PRO B 1192 34.57 -43.11 26.52
CA PRO B 1192 34.82 -42.55 27.87
C PRO B 1192 34.43 -41.10 28.00
N SER B 1193 34.06 -40.71 29.23
CA SER B 1193 33.72 -39.31 29.53
C SER B 1193 34.86 -38.37 29.15
N GLY B 1194 34.51 -37.21 28.57
CA GLY B 1194 35.51 -36.30 28.01
C GLY B 1194 35.97 -36.63 26.60
N THR B 1195 35.40 -37.66 25.97
CA THR B 1195 35.65 -37.92 24.55
C THR B 1195 35.16 -36.75 23.68
N ASN B 1196 36.02 -36.26 22.80
CA ASN B 1196 35.61 -35.30 21.76
C ASN B 1196 34.46 -35.91 20.94
N PRO B 1197 33.31 -35.21 20.80
CA PRO B 1197 32.15 -35.84 20.12
C PRO B 1197 32.44 -36.38 18.74
N ASP B 1198 33.39 -35.79 18.02
CA ASP B 1198 33.77 -36.27 16.69
C ASP B 1198 34.31 -37.70 16.70
N ASP B 1199 34.70 -38.23 17.86
CA ASP B 1199 35.21 -39.61 17.99
C ASP B 1199 34.21 -40.58 18.62
N SER B 1200 32.99 -40.17 18.90
CA SER B 1200 32.04 -41.09 19.55
C SER B 1200 31.72 -42.28 18.63
N PRO B 1201 31.86 -43.54 19.11
CA PRO B 1201 31.87 -44.71 18.19
C PRO B 1201 30.70 -44.80 17.23
N LEU B 1202 29.47 -44.60 17.71
CA LEU B 1202 28.31 -44.73 16.85
C LEU B 1202 28.40 -43.80 15.64
N TYR B 1203 28.88 -42.58 15.87
CA TYR B 1203 29.17 -41.66 14.76
C TYR B 1203 30.32 -42.19 13.86
N VAL B 1204 31.42 -42.67 14.47
CA VAL B 1204 32.58 -43.12 13.67
C VAL B 1204 32.19 -44.26 12.73
N LEU B 1205 31.35 -45.18 13.22
CA LEU B 1205 30.92 -46.33 12.42
C LEU B 1205 30.20 -45.89 11.15
N CYS B 1206 29.42 -44.80 11.24
CA CYS B 1206 28.72 -44.29 10.07
C CYS B 1206 29.67 -43.57 9.11
N CYS B 1207 30.68 -42.86 9.65
CA CYS B 1207 31.66 -42.20 8.78
C CYS B 1207 32.52 -43.18 7.96
N ASN B 1208 32.64 -44.44 8.41
CA ASN B 1208 33.55 -45.42 7.80
C ASN B 1208 33.13 -45.94 6.42
N ASP B 1209 32.90 -45.07 5.44
CA ASP B 1209 32.56 -45.52 4.09
C ASP B 1209 33.84 -45.64 3.23
N THR B 1210 33.72 -46.19 2.01
CA THR B 1210 34.90 -46.30 1.14
C THR B 1210 35.04 -45.06 0.27
N CYS B 1211 36.29 -44.79 -0.14
CA CYS B 1211 36.53 -43.70 -1.09
C CYS B 1211 35.81 -43.98 -2.41
N SER B 1212 35.24 -42.94 -3.04
CA SER B 1212 34.53 -43.13 -4.31
C SER B 1212 35.37 -43.90 -5.31
N PHE B 1213 36.68 -43.66 -5.30
CA PHE B 1213 37.60 -44.32 -6.23
C PHE B 1213 37.48 -45.84 -6.24
N THR B 1214 37.04 -46.45 -5.13
CA THR B 1214 36.89 -47.92 -5.11
C THR B 1214 35.84 -48.40 -6.11
N TRP B 1215 34.89 -47.54 -6.50
CA TRP B 1215 33.88 -47.91 -7.50
C TRP B 1215 33.91 -47.06 -8.77
N THR B 1216 34.39 -45.80 -8.70
CA THR B 1216 34.55 -45.00 -9.93
C THR B 1216 35.85 -45.28 -10.65
N GLY B 1217 36.86 -45.79 -9.94
CA GLY B 1217 38.21 -45.85 -10.52
C GLY B 1217 38.66 -44.45 -10.94
N ALA B 1218 39.42 -44.36 -12.03
CA ALA B 1218 39.96 -43.08 -12.50
C ALA B 1218 39.00 -42.29 -13.39
N GLU B 1219 37.73 -42.73 -13.46
CA GLU B 1219 36.70 -41.99 -14.19
C GLU B 1219 36.29 -40.75 -13.42
N HIS B 1220 35.83 -39.74 -14.16
CA HIS B 1220 35.44 -38.45 -13.58
C HIS B 1220 33.92 -38.40 -13.43
N ILE B 1221 33.44 -38.24 -12.20
CA ILE B 1221 32.02 -38.12 -11.92
C ILE B 1221 31.76 -36.83 -11.15
N ASN B 1222 30.51 -36.37 -11.22
CA ASN B 1222 30.11 -35.12 -10.55
C ASN B 1222 29.89 -35.41 -9.07
N GLN B 1223 30.84 -34.98 -8.24
CA GLN B 1223 30.75 -35.20 -6.80
C GLN B 1223 31.36 -34.00 -6.06
N ASP B 1224 31.03 -33.87 -4.77
CA ASP B 1224 31.66 -32.84 -3.92
C ASP B 1224 33.15 -33.12 -3.72
N ILE B 1225 33.95 -32.06 -3.60
CA ILE B 1225 35.41 -32.19 -3.49
C ILE B 1225 36.00 -31.15 -2.54
N PHE B 1226 37.13 -31.51 -1.92
CA PHE B 1226 37.77 -30.68 -0.90
C PHE B 1226 39.25 -30.55 -1.17
N GLU B 1227 39.80 -29.36 -0.88
CA GLU B 1227 41.25 -29.19 -0.77
C GLU B 1227 41.68 -29.43 0.68
N CYS B 1228 42.97 -29.77 0.87
CA CYS B 1228 43.51 -30.05 2.21
C CYS B 1228 44.91 -29.41 2.33
N ARG B 1229 44.95 -28.18 2.87
CA ARG B 1229 46.18 -27.38 2.82
C ARG B 1229 47.27 -27.93 3.73
N THR B 1230 46.88 -28.49 4.89
CA THR B 1230 47.82 -29.18 5.78
C THR B 1230 48.67 -30.22 5.05
N CYS B 1231 48.15 -30.77 3.96
CA CYS B 1231 48.77 -31.90 3.27
C CYS B 1231 49.33 -31.54 1.91
N GLY B 1232 49.35 -30.25 1.55
CA GLY B 1232 49.80 -29.83 0.23
C GLY B 1232 48.82 -30.14 -0.90
N LEU B 1233 47.63 -30.67 -0.59
CA LEU B 1233 46.54 -30.82 -1.56
C LEU B 1233 45.89 -29.45 -1.79
N LEU B 1234 46.66 -28.56 -2.40
CA LEU B 1234 46.23 -27.20 -2.75
C LEU B 1234 45.32 -27.22 -4.00
N GLU B 1235 44.82 -26.03 -4.38
CA GLU B 1235 43.54 -25.88 -5.11
C GLU B 1235 43.44 -26.63 -6.46
N SER B 1236 44.55 -26.94 -7.14
CA SER B 1236 44.44 -27.79 -8.34
C SER B 1236 44.05 -29.23 -7.98
N LEU B 1237 44.59 -29.77 -6.89
CA LEU B 1237 44.36 -31.14 -6.40
C LEU B 1237 43.09 -31.21 -5.52
N CYS B 1238 42.64 -32.42 -5.17
CA CYS B 1238 41.53 -32.53 -4.20
C CYS B 1238 41.28 -33.97 -3.74
N CYS B 1239 40.47 -34.09 -2.68
CA CYS B 1239 39.90 -35.38 -2.26
C CYS B 1239 38.36 -35.32 -2.18
N CYS B 1240 37.73 -36.49 -2.27
CA CYS B 1240 36.27 -36.63 -2.13
C CYS B 1240 35.85 -36.52 -0.65
N THR B 1241 34.53 -36.39 -0.42
CA THR B 1241 33.99 -36.13 0.92
C THR B 1241 34.49 -37.12 1.97
N GLU B 1242 34.48 -38.43 1.67
CA GLU B 1242 34.86 -39.41 2.69
C GLU B 1242 36.31 -39.27 3.12
N CYS B 1243 37.21 -39.08 2.16
CA CYS B 1243 38.61 -38.86 2.54
C CYS B 1243 38.72 -37.63 3.42
N ALA B 1244 38.01 -36.57 3.05
CA ALA B 1244 38.09 -35.33 3.82
C ALA B 1244 37.61 -35.55 5.25
N ARG B 1245 36.57 -36.38 5.42
CA ARG B 1245 36.02 -36.66 6.74
C ARG B 1245 36.91 -37.59 7.57
N VAL B 1246 37.65 -38.52 6.96
CA VAL B 1246 38.41 -39.50 7.75
C VAL B 1246 39.91 -39.47 7.46
N CYS B 1247 40.30 -39.50 6.19
CA CYS B 1247 41.73 -39.47 5.88
C CYS B 1247 42.38 -38.14 6.25
N HIS B 1248 41.60 -37.05 6.24
CA HIS B 1248 42.13 -35.73 6.57
C HIS B 1248 41.44 -35.15 7.81
N LYS B 1249 40.91 -36.00 8.66
CA LYS B 1249 40.25 -35.53 9.87
C LYS B 1249 41.20 -34.66 10.70
N GLY B 1250 40.74 -33.48 11.11
CA GLY B 1250 41.52 -32.55 11.91
C GLY B 1250 42.50 -31.66 11.14
N HIS B 1251 42.64 -31.85 9.83
CA HIS B 1251 43.45 -30.95 8.99
C HIS B 1251 42.67 -29.68 8.63
N ASP B 1252 43.39 -28.71 8.07
CA ASP B 1252 42.76 -27.63 7.30
C ASP B 1252 42.21 -28.21 6.00
N CYS B 1253 40.88 -28.38 5.93
CA CYS B 1253 40.21 -28.76 4.68
C CYS B 1253 39.06 -27.81 4.39
N LYS B 1254 38.87 -27.47 3.10
CA LYS B 1254 37.84 -26.53 2.68
C LYS B 1254 37.12 -27.07 1.44
N LEU B 1255 35.83 -26.77 1.35
CA LEU B 1255 35.03 -27.21 0.20
C LEU B 1255 35.46 -26.45 -1.06
N LYS B 1256 35.93 -27.18 -2.08
CA LYS B 1256 36.58 -26.56 -3.25
C LYS B 1256 35.54 -26.03 -4.25
N ARG B 1257 35.98 -25.08 -5.11
CA ARG B 1257 35.07 -24.38 -6.02
C ARG B 1257 35.25 -24.76 -7.48
N THR B 1258 36.16 -25.68 -7.80
CA THR B 1258 36.35 -26.11 -9.18
C THR B 1258 35.21 -27.04 -9.60
N SER B 1259 35.27 -27.45 -10.86
CA SER B 1259 34.26 -28.33 -11.42
C SER B 1259 34.20 -29.66 -10.65
N PRO B 1260 32.99 -30.17 -10.41
CA PRO B 1260 32.81 -31.41 -9.61
C PRO B 1260 33.20 -32.68 -10.33
N THR B 1261 33.45 -32.62 -11.65
CA THR B 1261 33.75 -33.81 -12.45
C THR B 1261 35.19 -34.23 -12.22
N ALA B 1262 35.43 -34.96 -11.12
CA ALA B 1262 36.79 -35.33 -10.74
C ALA B 1262 36.81 -36.62 -9.94
N TYR B 1263 37.91 -37.38 -10.08
CA TYR B 1263 38.24 -38.42 -9.10
C TYR B 1263 39.05 -37.82 -7.94
N CYS B 1264 39.46 -38.68 -7.01
CA CYS B 1264 40.00 -38.26 -5.72
C CYS B 1264 41.49 -38.63 -5.60
N ASP B 1265 42.37 -37.63 -5.42
CA ASP B 1265 43.84 -37.84 -5.47
C ASP B 1265 44.42 -38.51 -4.21
N CYS B 1266 43.61 -38.62 -3.16
CA CYS B 1266 44.10 -39.02 -1.84
C CYS B 1266 44.76 -40.41 -1.80
N TRP B 1267 44.29 -41.37 -2.60
CA TRP B 1267 44.97 -42.69 -2.62
C TRP B 1267 46.38 -42.60 -3.20
N GLU B 1268 46.64 -41.60 -4.03
CA GLU B 1268 47.93 -41.50 -4.71
C GLU B 1268 48.93 -40.61 -3.97
N LYS B 1269 48.45 -39.54 -3.34
CA LYS B 1269 49.31 -38.56 -2.69
C LYS B 1269 49.57 -38.83 -1.22
N CYS B 1270 48.84 -39.76 -0.60
CA CYS B 1270 48.85 -39.91 0.85
C CYS B 1270 48.52 -41.37 1.21
N LYS B 1271 48.60 -41.69 2.51
CA LYS B 1271 48.28 -43.06 2.98
C LYS B 1271 46.80 -43.15 3.32
N CYS B 1272 46.00 -43.28 2.26
CA CYS B 1272 44.54 -43.24 2.27
C CYS B 1272 43.88 -44.39 3.04
N LYS B 1273 43.14 -44.04 4.10
CA LYS B 1273 42.54 -44.99 5.06
C LYS B 1273 41.13 -45.40 4.69
N THR B 1274 40.58 -44.89 3.60
CA THR B 1274 39.22 -45.22 3.17
C THR B 1274 39.21 -46.21 2.00
N LEU B 1275 40.37 -46.72 1.61
CA LEU B 1275 40.42 -47.71 0.52
C LEU B 1275 39.79 -49.05 0.91
N ILE B 1276 39.74 -49.42 2.20
CA ILE B 1276 39.32 -50.76 2.61
C ILE B 1276 37.87 -50.78 3.08
N ALA B 1277 37.05 -51.64 2.46
CA ALA B 1277 35.64 -51.77 2.80
C ALA B 1277 35.44 -52.46 4.16
N GLY B 1278 36.18 -53.54 4.39
CA GLY B 1278 35.97 -54.41 5.54
C GLY B 1278 34.84 -55.39 5.29
N GLN B 1279 34.35 -56.00 6.38
CA GLN B 1279 33.26 -56.97 6.28
C GLN B 1279 31.92 -56.26 6.47
N LYS B 1280 31.14 -56.17 5.39
CA LYS B 1280 29.91 -55.37 5.40
C LYS B 1280 28.89 -55.92 6.40
N SER B 1281 28.74 -57.24 6.45
CA SER B 1281 27.75 -57.83 7.36
C SER B 1281 28.11 -57.56 8.81
N ALA B 1282 29.41 -57.54 9.11
CA ALA B 1282 29.84 -57.24 10.47
C ALA B 1282 29.63 -55.77 10.80
N ARG B 1283 29.84 -54.89 9.82
CA ARG B 1283 29.60 -53.45 10.02
C ARG B 1283 28.14 -53.20 10.40
N LEU B 1284 27.23 -53.89 9.73
CA LEU B 1284 25.81 -53.71 10.00
C LEU B 1284 25.42 -54.32 11.35
N ASP B 1285 25.95 -55.51 11.66
CA ASP B 1285 25.64 -56.13 12.94
C ASP B 1285 26.11 -55.25 14.09
N LEU B 1286 27.31 -54.68 13.96
CA LEU B 1286 27.83 -53.81 15.00
C LEU B 1286 26.95 -52.59 15.20
N LEU B 1287 26.46 -52.02 14.09
CA LEU B 1287 25.56 -50.87 14.21
C LEU B 1287 24.32 -51.23 15.03
N TYR B 1288 23.70 -52.36 14.70
CA TYR B 1288 22.49 -52.76 15.43
C TYR B 1288 22.77 -52.87 16.93
N ARG B 1289 23.90 -53.50 17.26
CA ARG B 1289 24.25 -53.69 18.67
C ARG B 1289 24.44 -52.35 19.38
N LEU B 1290 25.19 -51.44 18.76
CA LEU B 1290 25.43 -50.13 19.38
C LEU B 1290 24.13 -49.40 19.64
N LEU B 1291 23.20 -49.43 18.66
CA LEU B 1291 21.95 -48.70 18.81
C LEU B 1291 21.17 -49.17 20.02
N THR B 1292 21.23 -50.47 20.32
CA THR B 1292 20.52 -50.95 21.52
C THR B 1292 21.37 -50.96 22.79
N ALA B 1293 22.70 -50.95 22.67
CA ALA B 1293 23.56 -51.00 23.85
C ALA B 1293 23.73 -49.63 24.52
N THR B 1294 23.74 -48.54 23.75
CA THR B 1294 24.24 -47.25 24.22
C THR B 1294 23.26 -46.11 23.95
N ASN B 1295 23.40 -45.01 24.71
CA ASN B 1295 22.62 -43.78 24.47
C ASN B 1295 23.31 -42.84 23.48
N LEU B 1296 24.35 -43.29 22.77
CA LEU B 1296 25.15 -42.42 21.91
C LEU B 1296 24.32 -41.76 20.79
N VAL B 1297 23.16 -42.34 20.45
CA VAL B 1297 22.33 -41.76 19.39
C VAL B 1297 21.91 -40.33 19.73
N THR B 1298 21.88 -39.98 21.02
CA THR B 1298 21.42 -38.66 21.44
C THR B 1298 22.45 -37.54 21.23
N LEU B 1299 23.73 -37.86 20.97
CA LEU B 1299 24.73 -36.78 20.87
C LEU B 1299 24.72 -36.12 19.49
N PRO B 1300 24.91 -34.81 19.40
CA PRO B 1300 25.26 -34.18 18.12
C PRO B 1300 26.74 -34.36 17.83
N ASN B 1301 27.09 -34.28 16.54
CA ASN B 1301 28.49 -34.31 16.15
C ASN B 1301 29.15 -32.93 16.39
N SER B 1302 30.41 -32.78 15.94
CA SER B 1302 31.22 -31.56 16.11
C SER B 1302 30.72 -30.36 15.30
N ARG B 1303 29.65 -30.49 14.51
CA ARG B 1303 29.02 -29.37 13.79
C ARG B 1303 27.56 -29.22 14.21
N GLY B 1304 27.18 -29.80 15.34
CA GLY B 1304 25.81 -29.71 15.83
C GLY B 1304 24.80 -30.58 15.07
N GLU B 1305 25.24 -31.39 14.10
CA GLU B 1305 24.33 -32.26 13.38
C GLU B 1305 23.98 -33.48 14.23
N HIS B 1306 22.70 -33.63 14.56
CA HIS B 1306 22.21 -34.89 15.14
C HIS B 1306 22.42 -36.02 14.13
N LEU B 1307 22.62 -37.24 14.64
CA LEU B 1307 23.01 -38.36 13.78
C LEU B 1307 22.06 -38.52 12.59
N LEU B 1308 20.76 -38.39 12.84
CA LEU B 1308 19.77 -38.56 11.77
C LEU B 1308 19.96 -37.53 10.65
N LEU B 1309 20.16 -36.26 11.03
CA LEU B 1309 20.36 -35.20 10.03
C LEU B 1309 21.62 -35.48 9.20
N PHE B 1310 22.60 -36.14 9.80
CA PHE B 1310 23.81 -36.55 9.10
C PHE B 1310 23.52 -37.67 8.10
N LEU B 1311 22.81 -38.71 8.55
CA LEU B 1311 22.48 -39.83 7.67
C LEU B 1311 21.62 -39.39 6.48
N VAL B 1312 20.58 -38.58 6.71
CA VAL B 1312 19.69 -38.22 5.60
C VAL B 1312 20.42 -37.34 4.59
N GLN B 1313 21.28 -36.42 5.05
CA GLN B 1313 22.11 -35.72 4.06
C GLN B 1313 23.00 -36.68 3.29
N THR B 1314 23.51 -37.72 3.95
CA THR B 1314 24.38 -38.68 3.27
C THR B 1314 23.63 -39.40 2.16
N VAL B 1315 22.42 -39.87 2.47
CA VAL B 1315 21.62 -40.60 1.48
C VAL B 1315 21.29 -39.71 0.30
N ALA B 1316 20.87 -38.46 0.57
CA ALA B 1316 20.58 -37.52 -0.51
C ALA B 1316 21.81 -37.31 -1.40
N ARG B 1317 23.00 -37.25 -0.82
CA ARG B 1317 24.21 -37.02 -1.61
C ARG B 1317 24.56 -38.26 -2.45
N GLN B 1318 24.51 -39.43 -1.82
CA GLN B 1318 24.82 -40.66 -2.53
C GLN B 1318 23.86 -40.87 -3.68
N THR B 1319 22.59 -40.49 -3.50
CA THR B 1319 21.59 -40.73 -4.55
C THR B 1319 22.03 -40.14 -5.88
N VAL B 1320 22.68 -38.98 -5.85
CA VAL B 1320 23.16 -38.36 -7.07
C VAL B 1320 24.46 -39.00 -7.53
N GLU B 1321 25.37 -39.25 -6.59
CA GLU B 1321 26.69 -39.75 -6.99
C GLU B 1321 26.62 -41.18 -7.53
N HIS B 1322 25.80 -42.03 -6.91
CA HIS B 1322 25.78 -43.45 -7.28
C HIS B 1322 25.06 -43.71 -8.59
N CYS B 1323 24.23 -42.76 -9.04
CA CYS B 1323 23.55 -42.91 -10.33
C CYS B 1323 24.50 -42.75 -11.50
N GLN B 1324 25.72 -42.31 -11.24
CA GLN B 1324 26.73 -42.17 -12.28
C GLN B 1324 27.60 -43.41 -12.40
N TYR B 1325 27.34 -44.42 -11.57
CA TYR B 1325 28.11 -45.65 -11.59
C TYR B 1325 27.72 -46.53 -12.78
N ARG B 1326 28.73 -47.14 -13.40
CA ARG B 1326 28.47 -48.09 -14.48
C ARG B 1326 29.26 -49.39 -14.29
N PRO B 1327 28.65 -50.52 -14.63
CA PRO B 1327 29.38 -51.78 -14.67
C PRO B 1327 30.49 -51.73 -15.70
N PRO B 1328 31.53 -52.58 -15.55
CA PRO B 1328 32.66 -52.67 -16.48
C PRO B 1328 32.29 -53.41 -17.78
N ASP B 1345 50.28 -50.54 -9.72
CA ASP B 1345 50.49 -49.67 -8.55
C ASP B 1345 49.16 -49.01 -8.11
N MET B 1346 48.18 -49.00 -8.99
CA MET B 1346 46.90 -48.33 -8.73
C MET B 1346 45.97 -49.19 -7.85
N PRO B 1347 45.28 -48.58 -6.86
CA PRO B 1347 44.40 -49.36 -5.94
C PRO B 1347 43.27 -50.09 -6.65
N ASP B 1348 42.75 -51.11 -5.97
CA ASP B 1348 41.62 -51.90 -6.47
C ASP B 1348 40.43 -51.00 -6.79
N HIS B 1349 40.01 -51.00 -8.06
CA HIS B 1349 38.81 -50.27 -8.48
C HIS B 1349 37.73 -51.26 -8.92
N ASP B 1350 36.65 -50.76 -9.55
CA ASP B 1350 35.55 -51.59 -10.06
C ASP B 1350 34.75 -52.32 -8.97
N LEU B 1351 34.70 -51.78 -7.75
CA LEU B 1351 33.85 -52.36 -6.69
C LEU B 1351 32.42 -51.78 -6.78
N GLU B 1352 31.45 -52.47 -6.15
CA GLU B 1352 30.07 -51.94 -6.16
C GLU B 1352 29.88 -50.83 -5.10
N PRO B 1353 29.14 -49.74 -5.41
CA PRO B 1353 29.01 -48.63 -4.45
C PRO B 1353 28.34 -49.04 -3.15
N PRO B 1354 28.60 -48.31 -2.05
CA PRO B 1354 28.07 -48.65 -0.70
C PRO B 1354 26.58 -48.30 -0.53
N ARG B 1355 25.81 -49.23 0.02
CA ARG B 1355 24.41 -48.95 0.39
C ARG B 1355 24.22 -48.84 1.90
N PHE B 1356 25.31 -48.71 2.64
CA PHE B 1356 25.21 -48.74 4.10
C PHE B 1356 24.42 -47.54 4.63
N ALA B 1357 24.62 -46.34 4.09
CA ALA B 1357 23.90 -45.18 4.62
C ALA B 1357 22.38 -45.38 4.52
N GLN B 1358 21.89 -45.97 3.43
CA GLN B 1358 20.45 -46.17 3.29
C GLN B 1358 19.95 -47.21 4.30
N LEU B 1359 20.70 -48.29 4.46
CA LEU B 1359 20.32 -49.33 5.43
C LEU B 1359 20.34 -48.77 6.84
N ALA B 1360 21.38 -47.99 7.14
CA ALA B 1360 21.52 -47.40 8.47
C ALA B 1360 20.42 -46.39 8.73
N LEU B 1361 20.07 -45.60 7.73
CA LEU B 1361 19.01 -44.60 7.90
C LEU B 1361 17.69 -45.29 8.17
N GLU B 1362 17.39 -46.34 7.39
CA GLU B 1362 16.16 -47.10 7.57
C GLU B 1362 16.07 -47.72 8.96
N ARG B 1363 17.17 -48.26 9.48
CA ARG B 1363 17.15 -48.90 10.82
C ARG B 1363 17.06 -47.86 11.94
N VAL B 1364 17.84 -46.79 11.85
CA VAL B 1364 17.84 -45.77 12.89
C VAL B 1364 16.45 -45.15 13.02
N LEU B 1365 15.78 -44.94 11.90
CA LEU B 1365 14.43 -44.34 11.89
C LEU B 1365 13.40 -45.22 12.59
N GLN B 1366 13.73 -46.47 12.90
CA GLN B 1366 12.84 -47.37 13.62
C GLN B 1366 13.01 -47.25 15.13
N ASP B 1367 14.02 -46.53 15.59
CA ASP B 1367 14.32 -46.38 17.01
C ASP B 1367 13.61 -45.15 17.55
N TRP B 1368 12.68 -45.39 18.49
CA TRP B 1368 11.94 -44.28 19.10
C TRP B 1368 12.86 -43.24 19.69
N ASN B 1369 13.94 -43.68 20.34
CA ASN B 1369 14.83 -42.73 21.00
C ASN B 1369 15.52 -41.84 19.98
N ALA B 1370 15.99 -42.42 18.88
CA ALA B 1370 16.60 -41.64 17.82
C ALA B 1370 15.62 -40.60 17.27
N LEU B 1371 14.38 -41.04 17.03
CA LEU B 1371 13.37 -40.16 16.42
C LEU B 1371 12.96 -39.05 17.38
N LYS B 1372 12.66 -39.42 18.63
CA LYS B 1372 12.32 -38.42 19.65
C LYS B 1372 13.47 -37.44 19.83
N SER B 1373 14.69 -37.95 19.95
CA SER B 1373 15.87 -37.11 20.13
C SER B 1373 16.06 -36.16 18.96
N MET B 1374 15.75 -36.59 17.73
CA MET B 1374 15.87 -35.67 16.60
C MET B 1374 14.75 -34.64 16.57
N ILE B 1375 13.50 -35.06 16.79
CA ILE B 1375 12.40 -34.09 16.70
C ILE B 1375 12.46 -33.05 17.83
N MET B 1376 12.83 -33.48 19.05
CA MET B 1376 12.96 -32.51 20.15
C MET B 1376 14.22 -31.65 20.07
N PHE B 1377 15.07 -31.85 19.06
CA PHE B 1377 16.29 -31.05 18.90
C PHE B 1377 15.95 -29.56 18.82
N GLY B 1378 16.72 -28.72 19.53
CA GLY B 1378 16.47 -27.28 19.58
C GLY B 1378 15.50 -26.84 20.67
N SER B 1379 14.88 -27.77 21.39
CA SER B 1379 14.15 -27.46 22.61
C SER B 1379 15.12 -27.00 23.73
N GLN B 1380 14.58 -26.33 24.75
CA GLN B 1380 15.39 -25.83 25.88
C GLN B 1380 16.14 -26.95 26.59
N GLU B 1381 15.53 -28.13 26.68
CA GLU B 1381 16.18 -29.33 27.21
C GLU B 1381 17.31 -29.80 26.28
N ASN B 1382 16.97 -30.00 25.01
CA ASN B 1382 17.87 -30.52 23.97
C ASN B 1382 18.71 -29.37 23.39
N LYS B 1383 19.47 -28.73 24.29
CA LYS B 1383 20.27 -27.54 24.00
C LYS B 1383 21.40 -27.84 23.00
N ASP B 1384 21.32 -27.27 21.79
CA ASP B 1384 22.37 -27.46 20.79
C ASP B 1384 23.69 -26.83 21.27
N PRO B 1385 24.78 -27.59 21.39
CA PRO B 1385 26.04 -27.01 21.92
C PRO B 1385 26.63 -25.93 21.05
N LEU B 1386 26.43 -25.99 19.73
CA LEU B 1386 27.28 -25.23 18.82
C LEU B 1386 26.46 -24.30 17.92
N SER B 1387 27.03 -23.11 17.69
CA SER B 1387 26.48 -22.08 16.81
C SER B 1387 25.05 -21.64 17.17
N ALA B 1388 24.61 -21.81 18.42
CA ALA B 1388 23.18 -21.71 18.75
C ALA B 1388 22.92 -21.09 20.13
N SER B 1389 23.38 -19.84 20.33
CA SER B 1389 23.13 -19.06 21.55
C SER B 1389 23.20 -19.92 22.81
N SER B 1390 24.21 -20.78 22.89
CA SER B 1390 24.28 -21.82 23.92
C SER B 1390 24.91 -21.33 25.22
N ARG B 1391 25.70 -20.25 25.19
CA ARG B 1391 26.26 -19.59 26.37
C ARG B 1391 25.49 -18.29 26.62
N ILE B 1392 24.89 -18.15 27.81
CA ILE B 1392 23.97 -17.04 28.09
C ILE B 1392 24.15 -16.45 29.50
N GLY B 1393 24.65 -17.25 30.45
CA GLY B 1393 24.68 -16.84 31.87
C GLY B 1393 25.43 -15.53 32.14
N HIS B 1394 26.33 -15.12 31.25
CA HIS B 1394 27.11 -13.89 31.43
C HIS B 1394 26.37 -12.61 31.04
N LEU B 1395 25.21 -12.69 30.38
CA LEU B 1395 24.42 -11.51 30.03
C LEU B 1395 23.49 -11.09 31.17
N LEU B 1396 23.17 -9.79 31.22
CA LEU B 1396 22.35 -9.25 32.31
C LEU B 1396 20.91 -9.81 32.27
N PRO B 1397 20.26 -9.97 33.43
CA PRO B 1397 19.09 -10.88 33.54
C PRO B 1397 17.96 -10.60 32.56
N GLU B 1398 17.71 -9.32 32.27
CA GLU B 1398 16.61 -8.95 31.38
C GLU B 1398 16.74 -9.65 30.02
N GLU B 1399 17.94 -9.61 29.43
CA GLU B 1399 18.13 -10.22 28.11
C GLU B 1399 18.01 -11.74 28.17
N GLN B 1400 18.30 -12.35 29.33
CA GLN B 1400 18.06 -13.78 29.47
C GLN B 1400 16.57 -14.09 29.42
N VAL B 1401 15.76 -13.32 30.16
CA VAL B 1401 14.33 -13.66 30.25
C VAL B 1401 13.66 -13.53 28.89
N TYR B 1402 14.09 -12.58 28.05
CA TYR B 1402 13.64 -12.61 26.65
C TYR B 1402 14.20 -13.83 25.92
N LEU B 1403 15.53 -13.99 25.92
CA LEU B 1403 16.18 -14.88 24.99
C LEU B 1403 15.99 -16.38 25.32
N ASN B 1404 15.58 -16.70 26.55
CA ASN B 1404 15.15 -18.07 26.87
C ASN B 1404 13.82 -18.46 26.24
N GLN B 1405 12.99 -17.50 25.83
CA GLN B 1405 11.59 -17.80 25.54
C GLN B 1405 11.41 -18.48 24.17
N GLN B 1406 12.17 -18.06 23.16
CA GLN B 1406 12.12 -18.71 21.85
C GLN B 1406 12.72 -20.12 21.90
N SER B 1407 12.47 -20.89 20.84
CA SER B 1407 13.04 -22.23 20.67
C SER B 1407 13.44 -22.41 19.21
N GLY B 1408 14.33 -23.37 18.94
CA GLY B 1408 14.94 -23.51 17.61
C GLY B 1408 14.29 -24.57 16.74
N THR B 1409 14.26 -24.34 15.41
CA THR B 1409 13.83 -25.39 14.48
C THR B 1409 14.67 -25.46 13.20
N ILE B 1410 15.71 -24.64 13.04
CA ILE B 1410 16.38 -24.56 11.75
C ILE B 1410 16.83 -25.94 11.28
N ARG B 1411 17.37 -26.74 12.21
CA ARG B 1411 17.82 -28.07 11.84
C ARG B 1411 16.66 -29.05 11.65
N LEU B 1412 15.65 -29.03 12.54
CA LEU B 1412 14.48 -29.88 12.33
C LEU B 1412 13.80 -29.58 11.00
N ASP B 1413 13.71 -28.29 10.63
CA ASP B 1413 13.16 -27.92 9.33
C ASP B 1413 14.07 -28.37 8.19
N CYS B 1414 15.40 -28.22 8.34
CA CYS B 1414 16.30 -28.64 7.27
C CYS B 1414 16.25 -30.16 7.04
N PHE B 1415 16.16 -30.93 8.12
CA PHE B 1415 15.91 -32.38 8.01
C PHE B 1415 14.61 -32.67 7.28
N THR B 1416 13.49 -32.12 7.79
CA THR B 1416 12.18 -32.43 7.22
C THR B 1416 12.07 -32.00 5.77
N HIS B 1417 12.69 -30.88 5.44
CA HIS B 1417 12.83 -30.47 4.05
C HIS B 1417 13.58 -31.52 3.24
N CYS B 1418 14.77 -31.90 3.68
CA CYS B 1418 15.65 -32.70 2.83
C CYS B 1418 15.10 -34.12 2.60
N LEU B 1419 14.56 -34.73 3.66
CA LEU B 1419 13.89 -36.04 3.54
C LEU B 1419 12.79 -36.04 2.47
N ILE B 1420 12.05 -34.93 2.34
CA ILE B 1420 10.88 -34.88 1.45
C ILE B 1420 11.26 -34.41 0.05
N VAL B 1421 12.02 -33.32 -0.05
CA VAL B 1421 12.30 -32.69 -1.36
C VAL B 1421 13.51 -33.30 -2.05
N LYS B 1422 14.43 -33.90 -1.29
CA LYS B 1422 15.73 -34.30 -1.85
C LYS B 1422 15.97 -35.80 -1.96
N CYS B 1423 15.23 -36.63 -1.23
CA CYS B 1423 15.13 -38.05 -1.59
C CYS B 1423 14.25 -38.24 -2.82
N THR B 1424 14.69 -37.70 -3.98
CA THR B 1424 13.90 -37.69 -5.26
C THR B 1424 13.82 -39.07 -5.95
N ALA B 1425 14.24 -40.14 -5.28
CA ALA B 1425 14.16 -41.49 -5.86
C ALA B 1425 13.68 -42.52 -4.82
N ASP B 1426 13.02 -42.09 -3.74
CA ASP B 1426 12.64 -42.99 -2.65
C ASP B 1426 11.38 -42.54 -1.94
N ILE B 1427 10.73 -43.49 -1.23
CA ILE B 1427 9.59 -43.17 -0.36
C ILE B 1427 9.51 -44.06 0.90
N LEU B 1428 10.15 -45.25 0.87
CA LEU B 1428 10.10 -46.15 2.03
C LEU B 1428 10.65 -45.51 3.31
N LEU B 1429 11.65 -44.63 3.19
CA LEU B 1429 12.17 -43.90 4.35
C LEU B 1429 11.04 -43.15 5.06
N LEU B 1430 10.31 -42.33 4.30
CA LEU B 1430 9.20 -41.56 4.84
C LEU B 1430 8.12 -42.47 5.44
N ASP B 1431 7.79 -43.57 4.73
CA ASP B 1431 6.83 -44.55 5.25
C ASP B 1431 7.27 -45.14 6.59
N THR B 1432 8.57 -45.44 6.74
CA THR B 1432 9.09 -46.00 7.98
C THR B 1432 8.92 -45.02 9.13
N LEU B 1433 9.24 -43.75 8.86
CA LEU B 1433 9.07 -42.70 9.85
C LEU B 1433 7.62 -42.62 10.33
N LEU B 1434 6.68 -42.55 9.37
CA LEU B 1434 5.25 -42.49 9.73
C LEU B 1434 4.79 -43.73 10.49
N GLY B 1435 5.20 -44.92 10.04
CA GLY B 1435 4.84 -46.14 10.77
C GLY B 1435 5.32 -46.08 12.21
N THR B 1436 6.51 -45.53 12.43
CA THR B 1436 7.05 -45.41 13.79
C THR B 1436 6.20 -44.48 14.63
N LEU B 1437 5.87 -43.31 14.08
CA LEU B 1437 5.03 -42.37 14.82
C LEU B 1437 3.68 -43.01 15.17
N VAL B 1438 3.06 -43.69 14.20
CA VAL B 1438 1.75 -44.30 14.44
C VAL B 1438 1.83 -45.38 15.52
N LYS B 1439 2.84 -46.23 15.46
CA LYS B 1439 2.98 -47.29 16.47
C LYS B 1439 3.09 -46.68 17.86
N GLU B 1440 3.95 -45.67 18.01
CA GLU B 1440 4.12 -45.07 19.33
C GLU B 1440 2.88 -44.31 19.78
N LEU B 1441 2.18 -43.65 18.85
CA LEU B 1441 0.90 -43.01 19.20
C LEU B 1441 -0.13 -44.01 19.70
N GLN B 1442 0.02 -45.29 19.33
CA GLN B 1442 -0.86 -46.36 19.81
C GLN B 1442 -0.26 -47.13 20.98
N ASN B 1443 0.86 -46.67 21.54
CA ASN B 1443 1.54 -47.31 22.67
C ASN B 1443 0.81 -46.99 23.99
N LYS B 1444 -0.53 -47.18 24.01
CA LYS B 1444 -1.38 -46.78 25.15
C LYS B 1444 -1.00 -47.47 26.45
N TYR B 1445 -0.45 -48.68 26.37
CA TYR B 1445 -0.12 -49.49 27.54
C TYR B 1445 1.13 -49.00 28.27
N THR B 1446 1.91 -48.06 27.70
CA THR B 1446 3.12 -47.52 28.34
C THR B 1446 2.82 -46.15 28.94
N PRO B 1447 3.09 -45.90 30.22
CA PRO B 1447 2.69 -44.63 30.84
C PRO B 1447 3.46 -43.44 30.30
N GLY B 1448 2.77 -42.31 30.16
CA GLY B 1448 3.35 -41.06 29.67
C GLY B 1448 3.71 -41.01 28.20
N ARG B 1449 4.20 -42.15 27.70
CA ARG B 1449 4.60 -42.33 26.31
C ARG B 1449 3.57 -41.81 25.30
N ARG B 1450 2.28 -41.96 25.62
CA ARG B 1450 1.21 -41.47 24.75
C ARG B 1450 1.36 -39.97 24.50
N GLU B 1451 1.41 -39.19 25.59
CA GLU B 1451 1.44 -37.74 25.51
C GLU B 1451 2.75 -37.26 24.90
N GLU B 1452 3.85 -37.87 25.32
CA GLU B 1452 5.15 -37.63 24.70
C GLU B 1452 5.07 -37.77 23.20
N ALA B 1453 4.48 -38.88 22.73
CA ALA B 1453 4.36 -39.12 21.29
C ALA B 1453 3.51 -38.04 20.63
N ILE B 1454 2.43 -37.61 21.26
CA ILE B 1454 1.60 -36.56 20.66
C ILE B 1454 2.41 -35.26 20.53
N ALA B 1455 3.11 -34.87 21.59
CA ALA B 1455 3.94 -33.67 21.55
C ALA B 1455 4.99 -33.75 20.44
N VAL B 1456 5.70 -34.89 20.36
CA VAL B 1456 6.66 -35.14 19.28
C VAL B 1456 5.99 -34.99 17.91
N THR B 1457 4.85 -35.65 17.73
CA THR B 1457 4.16 -35.66 16.44
C THR B 1457 3.83 -34.23 16.00
N MET B 1458 3.22 -33.45 16.90
CA MET B 1458 2.84 -32.08 16.55
C MET B 1458 4.04 -31.26 16.13
N ARG B 1459 5.12 -31.35 16.90
CA ARG B 1459 6.32 -30.58 16.57
C ARG B 1459 6.86 -30.96 15.19
N PHE B 1460 6.76 -32.24 14.82
CA PHE B 1460 7.12 -32.64 13.46
C PHE B 1460 6.15 -32.02 12.42
N LEU B 1461 4.83 -32.15 12.67
CA LEU B 1461 3.83 -31.73 11.69
C LEU B 1461 3.96 -30.26 11.32
N ARG B 1462 4.23 -29.37 12.28
CA ARG B 1462 4.39 -27.95 11.91
C ARG B 1462 5.57 -27.75 10.95
N SER B 1463 6.64 -28.54 11.12
CA SER B 1463 7.74 -28.48 10.18
C SER B 1463 7.30 -28.96 8.79
N VAL B 1464 6.56 -30.08 8.74
CA VAL B 1464 6.01 -30.55 7.46
C VAL B 1464 5.19 -29.44 6.82
N ALA B 1465 4.34 -28.79 7.61
CA ALA B 1465 3.45 -27.75 7.11
C ALA B 1465 4.23 -26.59 6.49
N ARG B 1466 5.30 -26.13 7.15
CA ARG B 1466 6.13 -25.08 6.54
C ARG B 1466 6.69 -25.54 5.18
N VAL B 1467 7.27 -26.74 5.14
CA VAL B 1467 7.80 -27.27 3.88
C VAL B 1467 6.72 -27.26 2.79
N PHE B 1468 5.53 -27.76 3.15
CA PHE B 1468 4.41 -27.85 2.21
C PHE B 1468 4.01 -26.46 1.67
N VAL B 1469 3.80 -25.48 2.56
CA VAL B 1469 3.35 -24.15 2.12
C VAL B 1469 4.38 -23.52 1.18
N ILE B 1470 5.65 -23.56 1.57
CA ILE B 1470 6.72 -22.96 0.76
C ILE B 1470 6.66 -23.54 -0.67
N LEU B 1471 6.62 -24.88 -0.78
CA LEU B 1471 6.54 -25.51 -2.10
C LEU B 1471 5.30 -25.07 -2.87
N SER B 1472 4.14 -25.14 -2.20
CA SER B 1472 2.85 -24.87 -2.86
C SER B 1472 2.79 -23.44 -3.39
N VAL B 1473 3.36 -22.49 -2.67
CA VAL B 1473 3.34 -21.09 -3.09
C VAL B 1473 4.23 -20.86 -4.30
N GLU B 1474 5.35 -21.60 -4.38
CA GLU B 1474 6.28 -21.35 -5.50
C GLU B 1474 5.79 -21.93 -6.82
N MET B 1475 5.34 -23.18 -6.81
CA MET B 1475 4.94 -23.86 -8.06
C MET B 1475 3.69 -23.21 -8.64
N ALA B 1476 3.81 -22.69 -9.87
CA ALA B 1476 2.66 -22.09 -10.56
C ALA B 1476 1.58 -23.14 -10.88
N SER B 1477 0.33 -22.84 -10.53
CA SER B 1477 -0.81 -23.72 -10.86
C SER B 1477 -0.91 -23.88 -12.38
N SER B 1478 -0.94 -25.13 -12.88
CA SER B 1478 -0.97 -25.34 -14.33
C SER B 1478 -2.35 -24.93 -14.89
N LYS B 1479 -2.37 -23.96 -15.83
CA LYS B 1479 -3.66 -23.46 -16.32
C LYS B 1479 -4.40 -24.50 -17.15
N LYS B 1480 -3.69 -25.34 -17.90
CA LYS B 1480 -4.26 -26.64 -18.28
C LYS B 1480 -4.32 -27.54 -17.04
N LYS B 1481 -5.52 -28.05 -16.72
CA LYS B 1481 -5.68 -28.94 -15.57
C LYS B 1481 -4.91 -30.24 -15.78
N ASN B 1482 -3.84 -30.40 -15.00
CA ASN B 1482 -2.92 -31.53 -15.13
C ASN B 1482 -2.67 -32.13 -13.74
N ASN B 1483 -2.34 -33.42 -13.71
CA ASN B 1483 -2.01 -34.12 -12.47
C ASN B 1483 -0.49 -34.14 -12.22
N PHE B 1484 0.21 -33.08 -12.67
CA PHE B 1484 1.66 -32.98 -12.47
C PHE B 1484 2.02 -33.06 -10.98
N ILE B 1485 1.25 -32.36 -10.14
CA ILE B 1485 1.22 -32.47 -8.68
C ILE B 1485 2.55 -33.03 -8.16
N PRO B 1486 3.66 -32.27 -8.25
CA PRO B 1486 4.98 -32.90 -8.18
C PRO B 1486 5.21 -33.66 -6.88
N GLN B 1487 6.00 -34.72 -6.97
CA GLN B 1487 6.08 -35.71 -5.89
C GLN B 1487 6.37 -35.11 -4.51
N PRO B 1488 7.17 -34.04 -4.37
CA PRO B 1488 7.30 -33.39 -3.03
C PRO B 1488 5.94 -33.11 -2.40
N ILE B 1489 5.04 -32.49 -3.16
CA ILE B 1489 3.74 -32.10 -2.64
C ILE B 1489 2.85 -33.34 -2.44
N GLY B 1490 2.96 -34.33 -3.34
CA GLY B 1490 2.25 -35.60 -3.13
C GLY B 1490 2.63 -36.26 -1.81
N LYS B 1491 3.92 -36.27 -1.51
CA LYS B 1491 4.41 -36.81 -0.23
C LYS B 1491 3.82 -36.04 0.95
N CYS B 1492 3.77 -34.71 0.86
CA CYS B 1492 3.15 -33.92 1.93
C CYS B 1492 1.70 -34.38 2.16
N LYS B 1493 0.94 -34.53 1.06
CA LYS B 1493 -0.44 -35.00 1.18
C LYS B 1493 -0.49 -36.37 1.84
N ARG B 1494 0.43 -37.27 1.49
CA ARG B 1494 0.48 -38.60 2.12
C ARG B 1494 0.63 -38.49 3.64
N VAL B 1495 1.55 -37.63 4.10
CA VAL B 1495 1.72 -37.45 5.55
C VAL B 1495 0.41 -37.00 6.18
N PHE B 1496 -0.19 -35.92 5.63
CA PHE B 1496 -1.40 -35.39 6.23
C PHE B 1496 -2.55 -36.41 6.18
N GLN B 1497 -2.63 -37.22 5.11
CA GLN B 1497 -3.64 -38.27 5.04
C GLN B 1497 -3.41 -39.36 6.09
N ALA B 1498 -2.14 -39.64 6.40
CA ALA B 1498 -1.84 -40.68 7.39
C ALA B 1498 -2.03 -40.18 8.83
N LEU B 1499 -1.85 -38.89 9.09
CA LEU B 1499 -1.94 -38.30 10.43
C LEU B 1499 -3.13 -37.33 10.57
N LEU B 1500 -4.23 -37.64 9.89
CA LEU B 1500 -5.33 -36.68 9.62
C LEU B 1500 -5.80 -35.83 10.81
N PRO B 1501 -6.28 -36.42 11.93
CA PRO B 1501 -6.87 -35.56 12.99
C PRO B 1501 -5.90 -34.52 13.51
N TYR B 1502 -4.61 -34.86 13.63
CA TYR B 1502 -3.61 -33.88 14.07
C TYR B 1502 -3.30 -32.87 12.96
N ALA B 1503 -3.15 -33.39 11.73
CA ALA B 1503 -2.78 -32.54 10.60
C ALA B 1503 -3.76 -31.38 10.44
N VAL B 1504 -5.06 -31.68 10.57
CA VAL B 1504 -6.10 -30.64 10.46
C VAL B 1504 -5.84 -29.50 11.44
N GLU B 1505 -5.62 -29.83 12.72
CA GLU B 1505 -5.43 -28.78 13.73
C GLU B 1505 -4.23 -27.89 13.39
N GLU B 1506 -3.08 -28.51 13.09
CA GLU B 1506 -1.93 -27.65 12.80
C GLU B 1506 -2.16 -26.80 11.55
N LEU B 1507 -2.88 -27.34 10.56
CA LEU B 1507 -3.16 -26.56 9.36
C LEU B 1507 -4.01 -25.32 9.68
N CYS B 1508 -4.99 -25.44 10.58
CA CYS B 1508 -5.74 -24.26 11.00
C CYS B 1508 -4.80 -23.18 11.49
N ASN B 1509 -3.84 -23.58 12.33
CA ASN B 1509 -2.95 -22.58 12.92
C ASN B 1509 -2.04 -21.94 11.88
N VAL B 1510 -1.53 -22.72 10.92
CA VAL B 1510 -0.75 -22.10 9.84
C VAL B 1510 -1.60 -21.11 9.04
N ALA B 1511 -2.83 -21.50 8.69
CA ALA B 1511 -3.74 -20.60 7.97
C ALA B 1511 -3.92 -19.28 8.75
N GLU B 1512 -4.28 -19.40 10.02
CA GLU B 1512 -4.49 -18.25 10.89
C GLU B 1512 -3.26 -17.33 10.90
N SER B 1513 -2.07 -17.89 11.08
CA SER B 1513 -0.86 -17.06 11.15
C SER B 1513 -0.58 -16.34 9.84
N LEU B 1514 -0.99 -16.91 8.71
CA LEU B 1514 -0.72 -16.27 7.42
C LEU B 1514 -1.63 -15.08 7.13
N ILE B 1515 -2.86 -15.09 7.64
CA ILE B 1515 -3.82 -14.04 7.25
C ILE B 1515 -3.77 -12.77 8.12
N VAL B 1516 -3.45 -12.89 9.40
CA VAL B 1516 -3.58 -11.77 10.37
C VAL B 1516 -2.82 -10.50 9.96
N PRO B 1517 -1.58 -10.57 9.47
CA PRO B 1517 -0.90 -9.32 9.03
C PRO B 1517 -1.66 -8.54 7.97
N VAL B 1518 -2.43 -9.24 7.12
CA VAL B 1518 -3.26 -8.56 6.12
C VAL B 1518 -4.59 -8.12 6.73
N ARG B 1519 -5.23 -9.00 7.49
CA ARG B 1519 -6.54 -8.69 8.07
C ARG B 1519 -6.50 -7.51 9.05
N MET B 1520 -5.34 -7.22 9.67
CA MET B 1520 -5.15 -6.01 10.47
C MET B 1520 -4.57 -4.82 9.68
N GLY B 1521 -4.25 -5.01 8.40
CA GLY B 1521 -3.72 -3.93 7.57
C GLY B 1521 -2.23 -3.61 7.75
N ILE B 1522 -1.48 -4.47 8.45
CA ILE B 1522 -0.11 -4.16 8.91
C ILE B 1522 0.99 -4.47 7.86
N ALA B 1523 0.78 -5.46 6.99
CA ALA B 1523 1.87 -6.20 6.31
C ALA B 1523 2.89 -5.32 5.58
N ARG B 1524 4.14 -5.83 5.47
CA ARG B 1524 5.24 -5.16 4.75
C ARG B 1524 4.95 -5.01 3.25
N PRO B 1525 5.46 -3.95 2.61
CA PRO B 1525 5.55 -3.92 1.13
C PRO B 1525 6.63 -4.86 0.61
N THR B 1526 6.43 -5.37 -0.61
CA THR B 1526 7.48 -6.12 -1.33
C THR B 1526 7.33 -5.88 -2.83
N ALA B 1527 8.40 -6.14 -3.57
CA ALA B 1527 8.30 -6.25 -5.03
C ALA B 1527 7.52 -7.53 -5.41
N PRO B 1528 7.05 -7.65 -6.67
CA PRO B 1528 6.36 -8.88 -7.11
C PRO B 1528 7.34 -9.96 -7.56
N PHE B 1529 6.81 -11.18 -7.75
CA PHE B 1529 7.63 -12.28 -8.31
C PHE B 1529 6.78 -13.22 -9.16
N THR B 1530 7.42 -13.82 -10.19
CA THR B 1530 6.76 -14.84 -11.03
C THR B 1530 6.68 -16.18 -10.29
N LEU B 1531 5.51 -16.83 -10.35
CA LEU B 1531 5.43 -18.21 -9.89
C LEU B 1531 6.28 -19.11 -10.80
N ALA B 1532 6.93 -20.12 -10.20
CA ALA B 1532 7.88 -20.94 -10.94
C ALA B 1532 7.15 -22.04 -11.74
N SER B 1533 7.49 -22.15 -13.04
CA SER B 1533 6.81 -23.10 -13.94
C SER B 1533 7.35 -24.52 -13.80
N THR B 1534 8.67 -24.71 -13.88
CA THR B 1534 9.28 -26.05 -13.76
C THR B 1534 9.33 -26.49 -12.31
N SER B 1535 9.26 -27.82 -12.10
CA SER B 1535 9.50 -28.37 -10.75
C SER B 1535 10.90 -27.98 -10.24
N ILE B 1536 11.92 -28.08 -11.10
CA ILE B 1536 13.31 -27.81 -10.69
C ILE B 1536 13.46 -26.38 -10.12
N ASP B 1537 13.05 -25.38 -10.90
CA ASP B 1537 13.23 -23.98 -10.48
C ASP B 1537 12.30 -23.60 -9.33
N ALA B 1538 11.18 -24.31 -9.15
CA ALA B 1538 10.42 -24.16 -7.91
C ALA B 1538 11.23 -24.69 -6.73
N MET B 1539 11.76 -25.92 -6.85
CA MET B 1539 12.45 -26.57 -5.73
C MET B 1539 13.68 -25.79 -5.28
N GLN B 1540 14.48 -25.30 -6.24
CA GLN B 1540 15.75 -24.65 -5.90
C GLN B 1540 15.58 -23.49 -4.90
N GLY B 1541 14.53 -22.67 -5.05
CA GLY B 1541 14.34 -21.55 -4.13
C GLY B 1541 14.21 -21.99 -2.68
N SER B 1542 13.57 -23.14 -2.45
CA SER B 1542 13.42 -23.62 -1.07
C SER B 1542 14.75 -24.15 -0.50
N GLU B 1543 15.63 -24.68 -1.34
CA GLU B 1543 16.95 -25.13 -0.85
C GLU B 1543 17.69 -23.97 -0.19
N GLU B 1544 17.79 -22.84 -0.89
CA GLU B 1544 18.54 -21.70 -0.36
C GLU B 1544 17.89 -21.13 0.89
N LEU B 1545 16.62 -21.47 1.14
CA LEU B 1545 15.91 -21.03 2.34
C LEU B 1545 16.06 -22.01 3.51
N PHE B 1546 16.22 -23.32 3.24
CA PHE B 1546 16.42 -24.29 4.33
C PHE B 1546 17.89 -24.67 4.57
N SER B 1547 18.81 -24.30 3.68
CA SER B 1547 20.26 -24.55 3.85
C SER B 1547 20.88 -23.46 4.76
N VAL B 1548 20.55 -23.51 6.05
CA VAL B 1548 20.86 -22.39 6.96
C VAL B 1548 21.40 -22.88 8.30
N GLU B 1549 22.36 -22.10 8.89
CA GLU B 1549 22.90 -22.35 10.24
C GLU B 1549 22.38 -21.29 11.22
N PRO B 1550 22.01 -21.65 12.46
CA PRO B 1550 21.69 -20.63 13.46
C PRO B 1550 22.91 -19.74 13.74
N LEU B 1551 22.65 -18.52 14.20
CA LEU B 1551 23.73 -17.53 14.40
C LEU B 1551 24.65 -17.90 15.59
N PRO B 1552 25.97 -18.03 15.40
CA PRO B 1552 26.83 -18.62 16.46
C PRO B 1552 26.97 -17.71 17.66
N PRO B 1553 27.22 -18.27 18.85
CA PRO B 1553 27.48 -17.44 20.04
C PRO B 1553 28.83 -16.75 19.94
N ARG B 1554 28.96 -15.63 20.65
CA ARG B 1554 30.18 -14.84 20.66
C ARG B 1554 31.38 -15.71 21.07
N PRO B 1555 32.48 -15.71 20.30
CA PRO B 1555 33.61 -16.62 20.61
C PRO B 1555 34.30 -16.27 21.92
N SER B 1556 34.76 -17.30 22.62
CA SER B 1556 35.49 -17.11 23.88
C SER B 1556 36.77 -16.33 23.61
N SER B 1557 36.88 -15.16 24.24
CA SER B 1557 37.85 -14.13 23.80
C SER B 1557 38.09 -13.09 24.88
N ALA B 1739 -6.51 -8.31 -16.41
CA ALA B 1739 -7.75 -7.82 -15.80
C ALA B 1739 -8.71 -7.23 -16.87
N ALA B 1740 -9.57 -8.08 -17.44
CA ALA B 1740 -10.53 -7.63 -18.46
C ALA B 1740 -11.45 -6.54 -17.91
N GLN B 1741 -11.70 -5.51 -18.72
CA GLN B 1741 -12.29 -4.26 -18.20
C GLN B 1741 -13.83 -4.34 -18.06
N ALA B 1742 -14.34 -3.66 -17.02
CA ALA B 1742 -15.74 -3.76 -16.58
C ALA B 1742 -16.72 -3.08 -17.55
N PRO B 1743 -18.01 -3.46 -17.53
CA PRO B 1743 -19.03 -2.76 -18.35
C PRO B 1743 -19.41 -1.39 -17.77
N ARG B 1744 -19.98 -0.53 -18.63
CA ARG B 1744 -20.22 0.89 -18.25
C ARG B 1744 -21.07 1.04 -16.98
N SER B 1745 -22.04 0.16 -16.73
CA SER B 1745 -22.83 0.27 -15.49
C SER B 1745 -21.99 0.13 -14.22
N MET B 1746 -20.74 -0.32 -14.34
CA MET B 1746 -19.86 -0.49 -13.17
C MET B 1746 -18.51 0.24 -13.32
N GLN B 1747 -18.20 0.79 -14.49
CA GLN B 1747 -16.90 1.46 -14.71
C GLN B 1747 -16.63 2.62 -13.75
N TRP B 1748 -17.69 3.36 -13.37
CA TRP B 1748 -17.51 4.49 -12.45
C TRP B 1748 -16.86 4.06 -11.12
N ALA B 1749 -17.04 2.80 -10.73
CA ALA B 1749 -16.52 2.27 -9.47
C ALA B 1749 -15.07 1.76 -9.56
N VAL B 1750 -14.36 2.01 -10.66
CA VAL B 1750 -12.98 1.51 -10.86
C VAL B 1750 -12.04 2.69 -11.00
N ARG B 1751 -10.85 2.61 -10.36
CA ARG B 1751 -9.80 3.60 -10.65
C ARG B 1751 -9.19 3.32 -12.03
N ASN B 1752 -9.75 3.94 -13.07
CA ASN B 1752 -9.32 3.72 -14.47
C ASN B 1752 -9.58 5.01 -15.28
N THR B 1753 -9.10 5.02 -16.54
CA THR B 1753 -8.83 6.26 -17.31
C THR B 1753 -10.06 6.91 -17.98
N GLN B 1754 -11.30 6.59 -17.60
CA GLN B 1754 -12.48 7.24 -18.21
C GLN B 1754 -12.42 8.77 -18.14
N ASN B 1805 11.87 -4.17 -9.89
CA ASN B 1805 10.64 -3.39 -9.70
C ASN B 1805 10.61 -2.72 -8.31
N ALA B 1806 9.77 -1.69 -8.16
CA ALA B 1806 9.49 -1.11 -6.85
C ALA B 1806 8.66 -2.07 -5.98
N SER B 1807 8.77 -1.93 -4.66
CA SER B 1807 7.86 -2.66 -3.76
C SER B 1807 6.50 -1.97 -3.71
N SER B 1808 5.47 -2.74 -3.36
CA SER B 1808 4.17 -2.15 -3.02
C SER B 1808 3.53 -2.96 -1.90
N TYR B 1809 2.72 -2.26 -1.09
CA TYR B 1809 1.97 -2.93 -0.03
C TYR B 1809 1.02 -3.97 -0.62
N LEU B 1810 0.32 -3.58 -1.69
CA LEU B 1810 -0.74 -4.42 -2.24
C LEU B 1810 -0.20 -5.75 -2.78
N THR B 1811 1.03 -5.76 -3.32
CA THR B 1811 1.64 -7.02 -3.74
C THR B 1811 1.62 -8.02 -2.61
N SER B 1812 2.15 -7.62 -1.46
CA SER B 1812 2.36 -8.55 -0.34
C SER B 1812 1.03 -8.91 0.31
N ALA B 1813 0.13 -7.93 0.42
CA ALA B 1813 -1.22 -8.23 0.91
C ALA B 1813 -1.90 -9.29 0.03
N SER B 1814 -1.73 -9.17 -1.29
CA SER B 1814 -2.37 -10.11 -2.21
C SER B 1814 -1.75 -11.50 -2.09
N SER B 1815 -0.42 -11.56 -2.13
CA SER B 1815 0.23 -12.88 -2.15
C SER B 1815 -0.04 -13.65 -0.85
N LEU B 1816 -0.09 -12.96 0.31
CA LEU B 1816 -0.50 -13.68 1.53
C LEU B 1816 -1.93 -14.22 1.41
N ALA B 1817 -2.85 -13.47 0.78
CA ALA B 1817 -4.19 -14.04 0.60
C ALA B 1817 -4.16 -15.27 -0.34
N ARG B 1818 -3.41 -15.16 -1.45
CA ARG B 1818 -3.20 -16.32 -2.33
C ARG B 1818 -2.73 -17.53 -1.53
N ALA B 1819 -1.69 -17.34 -0.71
CA ALA B 1819 -1.16 -18.43 0.11
C ALA B 1819 -2.20 -18.99 1.08
N TYR B 1820 -3.00 -18.11 1.70
CA TYR B 1820 -4.04 -18.57 2.64
C TYR B 1820 -5.03 -19.53 1.97
N SER B 1821 -5.44 -19.19 0.75
CA SER B 1821 -6.46 -20.01 0.07
C SER B 1821 -6.02 -21.48 -0.04
N ILE B 1822 -4.73 -21.71 -0.32
CA ILE B 1822 -4.22 -23.06 -0.51
C ILE B 1822 -4.51 -23.93 0.70
N VAL B 1823 -4.21 -23.40 1.88
CA VAL B 1823 -4.39 -24.16 3.12
C VAL B 1823 -5.87 -24.44 3.35
N ILE B 1824 -6.74 -23.45 3.06
CA ILE B 1824 -8.18 -23.70 3.25
C ILE B 1824 -8.67 -24.81 2.32
N ARG B 1825 -8.22 -24.81 1.06
CA ARG B 1825 -8.57 -25.92 0.17
C ARG B 1825 -8.09 -27.25 0.73
N GLN B 1826 -6.83 -27.31 1.15
CA GLN B 1826 -6.28 -28.58 1.66
C GLN B 1826 -7.05 -29.07 2.90
N ILE B 1827 -7.43 -28.17 3.82
CA ILE B 1827 -8.23 -28.58 4.98
C ILE B 1827 -9.56 -29.16 4.52
N SER B 1828 -10.21 -28.48 3.57
CA SER B 1828 -11.47 -28.98 3.03
C SER B 1828 -11.30 -30.37 2.43
N ASP B 1829 -10.23 -30.56 1.65
CA ASP B 1829 -9.98 -31.86 1.01
C ASP B 1829 -9.86 -32.96 2.05
N LEU B 1830 -9.07 -32.72 3.10
CA LEU B 1830 -8.95 -33.71 4.17
C LEU B 1830 -10.28 -33.99 4.85
N MET B 1831 -11.08 -32.95 5.12
CA MET B 1831 -12.44 -33.18 5.62
C MET B 1831 -13.25 -34.00 4.62
N GLY B 1832 -12.99 -33.79 3.32
CA GLY B 1832 -13.65 -34.57 2.28
C GLY B 1832 -13.36 -36.07 2.34
N LEU B 1833 -12.15 -36.46 2.77
CA LEU B 1833 -11.82 -37.89 2.83
C LEU B 1833 -12.50 -38.63 3.98
N ILE B 1834 -12.93 -37.93 5.02
CA ILE B 1834 -13.34 -38.61 6.26
C ILE B 1834 -14.36 -39.72 6.03
N PRO B 1835 -15.44 -39.54 5.25
CA PRO B 1835 -16.43 -40.62 5.15
C PRO B 1835 -15.86 -41.92 4.61
N LYS B 1836 -14.97 -41.84 3.63
CA LYS B 1836 -14.40 -43.02 2.98
C LYS B 1836 -13.20 -43.61 3.74
N TYR B 1837 -12.81 -43.01 4.86
CA TYR B 1837 -11.48 -43.28 5.43
C TYR B 1837 -11.26 -44.74 5.82
N ASN B 1838 -12.26 -45.41 6.41
CA ASN B 1838 -12.12 -46.84 6.75
C ASN B 1838 -11.84 -47.71 5.53
N HIS B 1839 -11.90 -47.16 4.32
CA HIS B 1839 -11.40 -47.82 3.12
C HIS B 1839 -10.12 -47.16 2.63
N LEU B 1840 -10.08 -45.84 2.59
CA LEU B 1840 -8.94 -45.11 2.04
C LEU B 1840 -7.71 -45.05 2.96
N VAL B 1841 -7.75 -45.67 4.14
CA VAL B 1841 -6.52 -46.03 4.86
C VAL B 1841 -5.98 -47.33 4.28
N TYR B 1842 -6.67 -48.43 4.60
CA TYR B 1842 -6.09 -49.76 4.45
C TYR B 1842 -5.86 -50.17 2.99
N SER B 1843 -6.65 -49.62 2.06
CA SER B 1843 -6.45 -49.89 0.62
C SER B 1843 -5.37 -49.02 -0.02
N GLN B 1844 -4.69 -48.14 0.74
CA GLN B 1844 -3.76 -47.17 0.15
C GLN B 1844 -2.40 -47.08 0.83
N ILE B 1845 -2.35 -47.12 2.16
CA ILE B 1845 -1.13 -46.76 2.91
C ILE B 1845 -0.81 -47.83 3.96
N PRO B 1846 0.46 -48.21 4.17
CA PRO B 1846 0.79 -49.26 5.17
C PRO B 1846 0.28 -48.96 6.58
N ALA B 1847 0.31 -47.70 7.02
CA ALA B 1847 -0.11 -47.34 8.37
C ALA B 1847 -0.73 -45.94 8.40
N ALA B 1848 -1.74 -45.74 9.26
CA ALA B 1848 -2.37 -44.43 9.48
C ALA B 1848 -3.19 -44.45 10.78
N VAL B 1849 -3.51 -43.24 11.28
CA VAL B 1849 -4.21 -43.06 12.57
C VAL B 1849 -5.65 -43.57 12.47
N LYS B 1850 -6.07 -44.39 13.45
CA LYS B 1850 -7.50 -44.73 13.56
C LYS B 1850 -8.30 -43.52 14.06
N LEU B 1851 -9.50 -43.31 13.49
CA LEU B 1851 -10.37 -42.22 13.95
C LEU B 1851 -11.83 -42.62 13.79
N THR B 1852 -12.72 -41.85 14.45
CA THR B 1852 -14.10 -42.27 14.69
C THR B 1852 -15.05 -41.08 14.54
N TYR B 1853 -16.36 -41.37 14.41
CA TYR B 1853 -17.35 -40.31 14.17
C TYR B 1853 -17.25 -39.20 15.22
N GLN B 1854 -17.15 -39.58 16.49
CA GLN B 1854 -17.00 -38.61 17.59
C GLN B 1854 -15.84 -37.65 17.33
N ASP B 1855 -14.74 -38.14 16.75
CA ASP B 1855 -13.57 -37.31 16.48
C ASP B 1855 -13.85 -36.35 15.34
N ALA B 1856 -14.55 -36.83 14.31
CA ALA B 1856 -14.92 -35.97 13.20
C ALA B 1856 -15.74 -34.78 13.68
N VAL B 1857 -16.71 -35.03 14.58
CA VAL B 1857 -17.49 -33.94 15.18
C VAL B 1857 -16.57 -32.90 15.78
N ASN B 1858 -15.66 -33.33 16.65
CA ASN B 1858 -14.83 -32.38 17.38
C ASN B 1858 -13.86 -31.64 16.46
N LEU B 1859 -13.31 -32.35 15.46
CA LEU B 1859 -12.53 -31.68 14.44
C LEU B 1859 -13.35 -30.58 13.76
N GLN B 1860 -14.57 -30.92 13.35
CA GLN B 1860 -15.39 -29.92 12.65
C GLN B 1860 -15.69 -28.73 13.57
N ASN B 1861 -16.02 -28.98 14.85
CA ASN B 1861 -16.21 -27.89 15.80
C ASN B 1861 -14.99 -26.98 15.82
N TYR B 1862 -13.82 -27.59 15.94
CA TYR B 1862 -12.58 -26.83 16.01
C TYR B 1862 -12.36 -26.01 14.73
N VAL B 1863 -12.56 -26.64 13.58
CA VAL B 1863 -12.29 -25.96 12.30
C VAL B 1863 -13.19 -24.76 12.12
N GLU B 1864 -14.48 -24.88 12.48
CA GLU B 1864 -15.38 -23.75 12.29
C GLU B 1864 -14.94 -22.54 13.09
N GLU B 1865 -14.63 -22.76 14.37
CA GLU B 1865 -14.25 -21.65 15.24
C GLU B 1865 -13.09 -20.85 14.64
N LYS B 1866 -12.04 -21.56 14.18
CA LYS B 1866 -10.85 -20.89 13.66
C LYS B 1866 -11.11 -20.06 12.41
N LEU B 1867 -12.28 -20.18 11.78
CA LEU B 1867 -12.57 -19.44 10.56
C LEU B 1867 -13.46 -18.22 10.80
N ILE B 1868 -14.19 -18.19 11.92
CA ILE B 1868 -15.15 -17.11 12.20
C ILE B 1868 -14.56 -15.71 12.03
N PRO B 1869 -13.37 -15.39 12.57
CA PRO B 1869 -12.84 -14.01 12.39
C PRO B 1869 -12.69 -13.61 10.93
N THR B 1870 -12.03 -14.45 10.13
CA THR B 1870 -11.86 -14.12 8.72
C THR B 1870 -13.20 -14.09 7.98
N TRP B 1871 -14.12 -14.98 8.37
CA TRP B 1871 -15.46 -14.94 7.79
C TRP B 1871 -16.14 -13.59 8.04
N ASN B 1872 -16.18 -13.14 9.31
CA ASN B 1872 -16.81 -11.84 9.61
C ASN B 1872 -16.18 -10.73 8.79
N TRP B 1873 -14.84 -10.71 8.75
CA TRP B 1873 -14.14 -9.67 7.99
C TRP B 1873 -14.54 -9.71 6.51
N MET B 1874 -14.56 -10.90 5.90
CA MET B 1874 -15.00 -11.04 4.51
C MET B 1874 -16.43 -10.50 4.34
N VAL B 1875 -17.36 -11.02 5.14
CA VAL B 1875 -18.80 -10.73 4.96
C VAL B 1875 -19.05 -9.23 5.06
N SER B 1876 -18.53 -8.61 6.12
CA SER B 1876 -18.81 -7.19 6.34
C SER B 1876 -18.34 -6.34 5.16
N ILE B 1877 -17.14 -6.64 4.65
CA ILE B 1877 -16.65 -5.85 3.50
C ILE B 1877 -17.49 -6.11 2.26
N MET B 1878 -17.85 -7.38 2.01
CA MET B 1878 -18.63 -7.70 0.81
C MET B 1878 -19.99 -6.99 0.83
N ASP B 1879 -20.73 -7.12 1.92
CA ASP B 1879 -22.03 -6.41 2.02
C ASP B 1879 -21.85 -4.93 1.74
N SER B 1880 -20.88 -4.29 2.42
CA SER B 1880 -20.67 -2.86 2.20
C SER B 1880 -20.39 -2.53 0.73
N THR B 1881 -19.65 -3.41 0.06
CA THR B 1881 -19.30 -3.15 -1.35
C THR B 1881 -20.53 -3.29 -2.25
N GLU B 1882 -21.30 -4.37 -2.03
CA GLU B 1882 -22.47 -4.63 -2.87
C GLU B 1882 -23.48 -3.50 -2.72
N ALA B 1883 -23.70 -3.02 -1.50
CA ALA B 1883 -24.59 -1.88 -1.27
C ALA B 1883 -24.16 -0.68 -2.10
N GLN B 1884 -22.87 -0.30 -2.02
CA GLN B 1884 -22.40 0.86 -2.78
C GLN B 1884 -22.61 0.70 -4.28
N LEU B 1885 -22.38 -0.51 -4.79
CA LEU B 1885 -22.57 -0.76 -6.23
C LEU B 1885 -24.04 -0.63 -6.63
N ARG B 1886 -24.94 -1.28 -5.89
CA ARG B 1886 -26.37 -1.27 -6.26
C ARG B 1886 -26.95 0.13 -6.18
N TYR B 1887 -26.59 0.88 -5.13
CA TYR B 1887 -27.05 2.26 -5.04
C TYR B 1887 -26.58 3.08 -6.23
N GLY B 1888 -25.28 2.98 -6.58
CA GLY B 1888 -24.81 3.72 -7.76
C GLY B 1888 -25.57 3.37 -9.03
N SER B 1889 -25.96 2.10 -9.18
CA SER B 1889 -26.79 1.70 -10.33
C SER B 1889 -28.20 2.32 -10.28
N ALA B 1890 -28.87 2.26 -9.12
CA ALA B 1890 -30.20 2.87 -9.00
C ALA B 1890 -30.15 4.36 -9.33
N LEU B 1891 -29.14 5.06 -8.82
CA LEU B 1891 -28.98 6.48 -9.14
C LEU B 1891 -28.75 6.67 -10.63
N ALA B 1892 -27.98 5.78 -11.27
CA ALA B 1892 -27.78 5.88 -12.73
C ALA B 1892 -29.09 5.73 -13.50
N SER B 1893 -30.03 4.97 -12.95
CA SER B 1893 -31.34 4.84 -13.60
C SER B 1893 -32.21 6.08 -13.43
N ALA B 1894 -32.30 6.61 -12.20
CA ALA B 1894 -33.17 7.76 -11.91
C ALA B 1894 -32.61 9.10 -12.41
N GLY B 1895 -31.28 9.25 -12.47
CA GLY B 1895 -30.67 10.53 -12.81
C GLY B 1895 -30.72 10.86 -14.31
N ASP B 1896 -30.20 12.05 -14.66
CA ASP B 1896 -30.17 12.52 -16.04
C ASP B 1896 -28.79 12.29 -16.69
N PRO B 1897 -28.65 11.41 -17.69
CA PRO B 1897 -27.34 11.23 -18.37
C PRO B 1897 -26.82 12.46 -19.09
N GLY B 1898 -27.65 13.50 -19.28
CA GLY B 1898 -27.16 14.75 -19.84
C GLY B 1898 -26.23 15.51 -18.90
N HIS B 1899 -26.30 15.23 -17.59
CA HIS B 1899 -25.47 15.94 -16.61
C HIS B 1899 -24.03 15.39 -16.61
N PRO B 1900 -23.00 16.25 -16.60
CA PRO B 1900 -21.61 15.75 -16.69
C PRO B 1900 -21.17 14.88 -15.52
N ASN B 1901 -21.91 14.86 -14.40
CA ASN B 1901 -21.56 14.03 -13.25
C ASN B 1901 -22.30 12.68 -13.25
N HIS B 1902 -23.11 12.37 -14.27
CA HIS B 1902 -23.80 11.07 -14.31
C HIS B 1902 -22.80 9.93 -14.51
N PRO B 1903 -22.98 8.77 -13.83
CA PRO B 1903 -22.00 7.67 -13.95
C PRO B 1903 -21.74 7.20 -15.37
N LEU B 1904 -22.70 7.38 -16.29
CA LEU B 1904 -22.51 6.98 -17.68
C LEU B 1904 -21.82 8.06 -18.52
N HIS B 1905 -21.84 9.32 -18.06
CA HIS B 1905 -21.16 10.38 -18.80
C HIS B 1905 -19.67 10.39 -18.50
N ALA B 1906 -19.31 10.33 -17.23
CA ALA B 1906 -17.92 10.44 -16.77
C ALA B 1906 -17.06 9.26 -17.24
N GLN B 1940 -2.06 20.77 -12.40
CA GLN B 1940 -3.20 20.41 -11.55
C GLN B 1940 -2.81 19.50 -10.36
N GLY B 1941 -1.66 18.83 -10.49
CA GLY B 1941 -1.29 17.70 -9.63
C GLY B 1941 -1.75 17.76 -8.18
N MET B 1942 -1.00 18.46 -7.32
CA MET B 1942 -1.26 18.46 -5.88
C MET B 1942 -2.72 18.79 -5.56
N MET B 1943 -3.27 19.82 -6.22
CA MET B 1943 -4.62 20.25 -5.88
C MET B 1943 -5.67 19.25 -6.38
N SER B 1944 -5.42 18.62 -7.52
CA SER B 1944 -6.29 17.52 -7.97
C SER B 1944 -6.17 16.32 -7.03
N ALA B 1945 -4.96 16.01 -6.57
CA ALA B 1945 -4.77 14.92 -5.61
C ALA B 1945 -5.46 15.25 -4.28
N ARG B 1946 -5.32 16.49 -3.81
CA ARG B 1946 -6.02 16.92 -2.60
C ARG B 1946 -7.51 16.95 -2.84
N GLY B 1947 -7.93 17.22 -4.08
CA GLY B 1947 -9.32 17.03 -4.48
C GLY B 1947 -9.77 15.59 -4.29
N ASP B 1948 -9.06 14.65 -4.92
CA ASP B 1948 -9.37 13.22 -4.80
C ASP B 1948 -9.44 12.80 -3.33
N PHE B 1949 -8.42 13.16 -2.55
CA PHE B 1949 -8.42 12.76 -1.15
C PHE B 1949 -9.60 13.38 -0.39
N LEU B 1950 -9.90 14.66 -0.62
CA LEU B 1950 -11.00 15.30 0.09
C LEU B 1950 -12.35 14.72 -0.34
N ASN B 1951 -12.54 14.49 -1.64
CA ASN B 1951 -13.75 13.81 -2.11
C ASN B 1951 -13.93 12.50 -1.37
N TYR B 1952 -12.83 11.75 -1.21
CA TYR B 1952 -12.89 10.47 -0.52
C TYR B 1952 -13.26 10.63 0.95
N ALA B 1953 -12.56 11.51 1.66
CA ALA B 1953 -12.84 11.73 3.09
C ALA B 1953 -14.27 12.21 3.32
N LEU B 1954 -14.74 13.12 2.46
CA LEU B 1954 -16.11 13.62 2.58
C LEU B 1954 -17.13 12.53 2.28
N SER B 1955 -16.89 11.71 1.25
CA SER B 1955 -17.76 10.58 0.97
C SER B 1955 -17.77 9.60 2.14
N LEU B 1956 -16.61 9.34 2.74
CA LEU B 1956 -16.54 8.46 3.91
C LEU B 1956 -17.39 9.02 5.05
N MET B 1957 -17.17 10.27 5.44
CA MET B 1957 -17.95 10.86 6.54
C MET B 1957 -19.44 10.88 6.25
N ARG B 1958 -19.84 11.21 5.02
CA ARG B 1958 -21.27 11.21 4.67
C ARG B 1958 -21.87 9.83 4.83
N SER B 1959 -21.18 8.81 4.32
CA SER B 1959 -21.76 7.48 4.21
C SER B 1959 -22.16 6.89 5.56
N HIS B 1960 -21.49 7.30 6.64
CA HIS B 1960 -21.68 6.67 7.95
C HIS B 1960 -23.11 6.84 8.49
N ASN B 1961 -23.79 7.94 8.13
CA ASN B 1961 -25.10 8.29 8.68
C ASN B 1961 -26.19 8.37 7.60
N ASP B 1962 -25.95 7.75 6.43
CA ASP B 1962 -26.88 7.83 5.28
C ASP B 1962 -27.15 9.26 4.84
N GLU B 1963 -26.16 10.13 4.99
CA GLU B 1963 -26.21 11.50 4.46
C GLU B 1963 -25.55 11.57 3.08
N HIS B 1964 -25.96 10.67 2.16
CA HIS B 1964 -25.25 10.54 0.87
C HIS B 1964 -26.22 10.38 -0.32
N SER B 1965 -27.29 11.19 -0.40
CA SER B 1965 -28.38 10.80 -1.32
C SER B 1965 -28.18 11.15 -2.80
N ASP B 1966 -27.28 12.07 -3.20
CA ASP B 1966 -27.33 12.51 -4.60
C ASP B 1966 -25.97 12.66 -5.29
N VAL B 1967 -24.97 11.92 -4.85
CA VAL B 1967 -23.67 11.83 -5.54
C VAL B 1967 -23.17 10.39 -5.45
N LEU B 1968 -22.44 9.95 -6.47
CA LEU B 1968 -21.87 8.59 -6.48
C LEU B 1968 -20.95 8.39 -5.27
N PRO B 1969 -21.04 7.24 -4.57
CA PRO B 1969 -20.04 6.91 -3.54
C PRO B 1969 -18.64 6.83 -4.13
N VAL B 1970 -17.66 7.43 -3.45
CA VAL B 1970 -16.26 7.32 -3.90
C VAL B 1970 -15.75 5.93 -3.53
N LEU B 1971 -15.26 5.20 -4.54
CA LEU B 1971 -14.91 3.79 -4.39
C LEU B 1971 -13.91 3.37 -5.47
N ASP B 1972 -13.02 2.43 -5.13
CA ASP B 1972 -12.29 1.65 -6.13
C ASP B 1972 -12.22 0.20 -5.66
N VAL B 1973 -12.45 -0.74 -6.60
CA VAL B 1973 -12.44 -2.18 -6.26
C VAL B 1973 -11.07 -2.83 -6.43
N CYS B 1974 -10.15 -2.22 -7.19
CA CYS B 1974 -8.86 -2.87 -7.48
C CYS B 1974 -8.03 -3.17 -6.23
N SER B 1975 -8.24 -2.43 -5.14
CA SER B 1975 -7.56 -2.76 -3.89
C SER B 1975 -8.04 -4.08 -3.29
N LEU B 1976 -9.28 -4.48 -3.58
CA LEU B 1976 -9.98 -5.54 -2.84
C LEU B 1976 -9.54 -6.96 -3.26
N LYS B 1977 -8.44 -7.08 -4.01
CA LYS B 1977 -7.99 -8.37 -4.50
C LYS B 1977 -7.84 -9.39 -3.38
N HIS B 1978 -7.38 -8.95 -2.20
CA HIS B 1978 -7.24 -9.89 -1.07
C HIS B 1978 -8.60 -10.41 -0.56
N VAL B 1979 -9.65 -9.58 -0.51
CA VAL B 1979 -10.95 -10.17 -0.16
C VAL B 1979 -11.48 -11.08 -1.28
N ALA B 1980 -11.10 -10.82 -2.53
CA ALA B 1980 -11.53 -11.72 -3.61
C ALA B 1980 -10.96 -13.13 -3.41
N TYR B 1981 -9.65 -13.23 -3.17
CA TYR B 1981 -9.04 -14.52 -2.84
C TYR B 1981 -9.70 -15.18 -1.63
N VAL B 1982 -9.90 -14.42 -0.56
CA VAL B 1982 -10.47 -15.01 0.66
C VAL B 1982 -11.89 -15.50 0.39
N PHE B 1983 -12.70 -14.68 -0.28
CA PHE B 1983 -14.06 -15.08 -0.61
C PHE B 1983 -14.06 -16.38 -1.42
N GLN B 1984 -13.25 -16.45 -2.48
CA GLN B 1984 -13.19 -17.64 -3.32
C GLN B 1984 -12.89 -18.88 -2.47
N ALA B 1985 -11.91 -18.76 -1.57
CA ALA B 1985 -11.55 -19.90 -0.71
C ALA B 1985 -12.67 -20.27 0.27
N LEU B 1986 -13.36 -19.27 0.86
CA LEU B 1986 -14.40 -19.58 1.85
C LEU B 1986 -15.62 -20.23 1.18
N ILE B 1987 -15.91 -19.88 -0.09
CA ILE B 1987 -16.92 -20.65 -0.81
C ILE B 1987 -16.45 -22.06 -1.02
N TYR B 1988 -15.18 -22.25 -1.39
CA TYR B 1988 -14.66 -23.60 -1.60
C TYR B 1988 -15.04 -24.49 -0.42
N TRP B 1989 -14.74 -24.02 0.80
CA TRP B 1989 -15.08 -24.76 2.02
C TRP B 1989 -16.58 -25.11 2.07
N ILE B 1990 -17.46 -24.11 1.91
CA ILE B 1990 -18.90 -24.39 2.03
C ILE B 1990 -19.41 -25.30 0.90
N LYS B 1991 -18.86 -25.12 -0.30
CA LYS B 1991 -19.23 -25.93 -1.45
C LYS B 1991 -18.90 -27.40 -1.21
N ALA B 1992 -17.68 -27.66 -0.74
CA ALA B 1992 -17.30 -29.02 -0.34
C ALA B 1992 -18.27 -29.58 0.72
N MET B 1993 -18.55 -28.77 1.76
CA MET B 1993 -19.52 -29.23 2.77
C MET B 1993 -20.86 -29.58 2.14
N ASN B 1994 -21.32 -28.76 1.19
CA ASN B 1994 -22.61 -29.04 0.57
C ASN B 1994 -22.57 -30.36 -0.21
N GLN B 1995 -21.45 -30.66 -0.87
CA GLN B 1995 -21.37 -31.98 -1.52
C GLN B 1995 -21.47 -33.12 -0.51
N GLN B 1996 -20.95 -32.93 0.72
CA GLN B 1996 -21.23 -33.93 1.77
C GLN B 1996 -22.71 -33.94 2.19
N THR B 1997 -23.39 -32.77 2.18
CA THR B 1997 -24.82 -32.76 2.55
C THR B 1997 -25.69 -33.48 1.52
N THR B 1998 -25.42 -33.31 0.22
CA THR B 1998 -26.30 -33.89 -0.80
C THR B 1998 -26.05 -35.39 -1.00
N LEU B 1999 -24.84 -35.87 -0.71
CA LEU B 1999 -24.53 -37.30 -0.80
C LEU B 1999 -25.18 -38.07 0.35
N GLU B 2047 -47.79 -34.63 -16.09
CA GLU B 2047 -48.47 -33.40 -15.66
C GLU B 2047 -48.88 -32.53 -16.85
N THR B 2048 -49.99 -31.79 -16.75
CA THR B 2048 -50.19 -30.57 -17.54
C THR B 2048 -50.03 -29.33 -16.65
N GLY B 2049 -49.35 -29.46 -15.50
CA GLY B 2049 -49.15 -28.29 -14.64
C GLY B 2049 -48.26 -27.25 -15.29
N GLN B 2050 -48.37 -25.98 -14.85
CA GLN B 2050 -47.31 -25.03 -15.20
C GLN B 2050 -45.96 -25.48 -14.60
N ASN B 2051 -45.99 -26.42 -13.66
CA ASN B 2051 -44.77 -27.00 -13.09
C ASN B 2051 -44.15 -28.09 -13.96
N HIS B 2052 -44.76 -28.47 -15.09
CA HIS B 2052 -44.16 -29.50 -15.96
C HIS B 2052 -42.89 -28.98 -16.63
N PRO B 2053 -41.84 -29.83 -16.81
CA PRO B 2053 -40.54 -29.36 -17.36
C PRO B 2053 -40.62 -28.56 -18.66
N PHE B 2054 -41.65 -28.75 -19.49
CA PHE B 2054 -41.76 -27.95 -20.71
C PHE B 2054 -41.91 -26.46 -20.39
N PHE B 2055 -42.68 -26.13 -19.34
CA PHE B 2055 -42.94 -24.73 -19.00
C PHE B 2055 -41.84 -24.07 -18.18
N ARG B 2056 -40.98 -24.86 -17.52
CA ARG B 2056 -39.91 -24.32 -16.67
C ARG B 2056 -38.89 -23.52 -17.48
N ARG B 2057 -38.29 -22.51 -16.84
CA ARG B 2057 -37.18 -21.76 -17.45
C ARG B 2057 -35.98 -22.68 -17.68
N SER B 2058 -35.20 -22.37 -18.73
CA SER B 2058 -34.14 -23.28 -19.20
C SER B 2058 -32.73 -22.71 -18.99
N ASP B 2059 -31.76 -23.37 -19.63
CA ASP B 2059 -30.37 -22.88 -19.76
C ASP B 2059 -30.31 -21.39 -20.10
N SER B 2060 -29.35 -20.69 -19.48
CA SER B 2060 -29.18 -19.23 -19.49
C SER B 2060 -30.27 -18.45 -18.74
N MET B 2061 -31.49 -19.00 -18.61
CA MET B 2061 -32.63 -18.25 -18.08
C MET B 2061 -32.74 -18.24 -16.54
N THR B 2062 -32.28 -19.31 -15.87
CA THR B 2062 -32.43 -19.47 -14.42
C THR B 2062 -31.29 -18.76 -13.68
N PHE B 2063 -31.53 -17.52 -13.24
CA PHE B 2063 -30.50 -16.71 -12.58
C PHE B 2063 -30.09 -17.25 -11.20
N LEU B 2064 -28.93 -16.77 -10.72
CA LEU B 2064 -28.24 -17.29 -9.54
C LEU B 2064 -29.07 -17.21 -8.25
N GLY B 2065 -29.50 -18.37 -7.74
CA GLY B 2065 -30.40 -18.46 -6.59
C GLY B 2065 -31.77 -17.83 -6.78
N CYS B 2066 -32.19 -17.57 -8.03
CA CYS B 2066 -33.42 -16.82 -8.34
C CYS B 2066 -34.61 -17.73 -8.67
N ILE B 2067 -35.80 -17.14 -8.68
CA ILE B 2067 -37.08 -17.84 -8.99
C ILE B 2067 -37.74 -17.13 -10.19
N PRO B 2068 -38.34 -17.85 -11.14
CA PRO B 2068 -38.72 -17.22 -12.45
C PRO B 2068 -39.72 -16.08 -12.32
N PRO B 2069 -39.53 -14.98 -13.10
CA PRO B 2069 -40.67 -14.12 -13.46
C PRO B 2069 -41.60 -14.94 -14.36
N ASN B 2070 -42.71 -15.40 -13.80
CA ASN B 2070 -43.51 -16.46 -14.45
C ASN B 2070 -43.99 -16.04 -15.85
N PRO B 2071 -43.71 -16.85 -16.90
CA PRO B 2071 -44.00 -16.43 -18.29
C PRO B 2071 -45.48 -16.31 -18.61
N PHE B 2072 -46.36 -16.92 -17.81
CA PHE B 2072 -47.80 -16.80 -18.00
C PHE B 2072 -48.38 -15.59 -17.28
N GLU B 2073 -47.65 -15.02 -16.33
CA GLU B 2073 -48.02 -13.75 -15.73
C GLU B 2073 -47.30 -12.55 -16.36
N VAL B 2074 -46.11 -12.74 -16.92
CA VAL B 2074 -45.28 -11.65 -17.45
C VAL B 2074 -45.33 -11.63 -18.99
N PRO B 2075 -45.47 -10.47 -19.67
CA PRO B 2075 -45.52 -10.45 -21.15
C PRO B 2075 -44.27 -11.05 -21.78
N LEU B 2076 -44.42 -11.67 -22.96
CA LEU B 2076 -43.24 -12.22 -23.63
C LEU B 2076 -42.20 -11.12 -23.85
N ALA B 2077 -42.65 -10.00 -24.41
CA ALA B 2077 -41.86 -8.77 -24.55
C ALA B 2077 -40.99 -8.45 -23.33
N GLU B 2078 -41.49 -8.73 -22.13
CA GLU B 2078 -40.83 -8.37 -20.87
C GLU B 2078 -40.05 -9.53 -20.28
N ALA B 2079 -40.60 -10.74 -20.40
CA ALA B 2079 -39.94 -11.95 -19.87
C ALA B 2079 -38.60 -12.22 -20.54
N ILE B 2080 -38.50 -11.96 -21.84
CA ILE B 2080 -37.24 -12.19 -22.58
C ILE B 2080 -37.01 -11.07 -23.60
N PRO B 2081 -36.34 -9.97 -23.21
CA PRO B 2081 -36.06 -8.88 -24.17
C PRO B 2081 -35.25 -9.33 -25.37
N LEU B 2082 -34.45 -10.40 -25.25
CA LEU B 2082 -33.82 -10.98 -26.43
C LEU B 2082 -34.85 -11.68 -27.35
N ALA B 2083 -35.80 -12.45 -26.79
CA ALA B 2083 -36.81 -13.09 -27.65
C ALA B 2083 -37.75 -12.05 -28.25
N ASP B 2084 -37.93 -10.94 -27.53
CA ASP B 2084 -38.65 -9.78 -28.08
C ASP B 2084 -37.86 -9.11 -29.20
N GLN B 2085 -36.57 -8.84 -28.97
CA GLN B 2085 -35.73 -8.09 -29.91
C GLN B 2085 -34.47 -8.90 -30.19
N PRO B 2086 -34.39 -9.57 -31.34
CA PRO B 2086 -33.34 -10.59 -31.54
C PRO B 2086 -31.97 -9.99 -31.75
N HIS B 2087 -31.90 -8.73 -32.19
CA HIS B 2087 -30.66 -8.05 -32.53
C HIS B 2087 -30.04 -7.41 -31.29
N LEU B 2088 -30.67 -7.64 -30.14
CA LEU B 2088 -30.20 -7.12 -28.86
C LEU B 2088 -28.98 -7.90 -28.34
N LEU B 2089 -28.79 -9.15 -28.78
CA LEU B 2089 -27.62 -9.94 -28.38
C LEU B 2089 -26.31 -9.28 -28.82
N GLN B 2090 -25.37 -9.15 -27.89
CA GLN B 2090 -24.03 -8.65 -28.12
C GLN B 2090 -23.09 -9.62 -27.42
N PRO B 2091 -21.80 -9.64 -27.78
CA PRO B 2091 -20.89 -10.63 -27.13
C PRO B 2091 -20.68 -10.36 -25.65
N ASN B 2092 -20.69 -9.07 -25.27
CA ASN B 2092 -20.37 -8.61 -23.93
C ASN B 2092 -21.56 -7.94 -23.25
N ALA B 2093 -22.78 -8.22 -23.72
CA ALA B 2093 -23.99 -7.82 -22.99
C ALA B 2093 -24.09 -8.58 -21.66
N ARG B 2094 -24.69 -7.93 -20.66
CA ARG B 2094 -24.96 -8.58 -19.37
C ARG B 2094 -26.17 -9.51 -19.48
N LYS B 2095 -25.99 -10.74 -18.97
CA LYS B 2095 -27.00 -11.81 -19.08
C LYS B 2095 -28.36 -11.37 -18.54
N GLU B 2096 -28.34 -10.55 -17.49
CA GLU B 2096 -29.52 -9.92 -16.89
C GLU B 2096 -30.45 -9.25 -17.91
N ASP B 2097 -29.89 -8.50 -18.88
CA ASP B 2097 -30.70 -7.86 -19.93
C ASP B 2097 -31.46 -8.89 -20.74
N LEU B 2098 -30.74 -9.85 -21.28
CA LEU B 2098 -31.24 -10.69 -22.36
C LEU B 2098 -32.42 -11.55 -21.91
N PHE B 2099 -32.38 -12.03 -20.67
CA PHE B 2099 -33.43 -12.89 -20.11
C PHE B 2099 -34.25 -12.20 -19.02
N GLY B 2100 -34.18 -10.87 -18.93
CA GLY B 2100 -34.96 -10.06 -17.98
C GLY B 2100 -34.37 -10.05 -16.56
N ARG B 2101 -34.26 -8.85 -15.98
CA ARG B 2101 -33.63 -8.68 -14.66
C ARG B 2101 -34.38 -9.46 -13.56
N PRO B 2102 -33.66 -10.22 -12.69
CA PRO B 2102 -34.31 -10.94 -11.58
C PRO B 2102 -35.09 -10.01 -10.65
N ASN B 2125 -32.69 -12.75 9.52
CA ASN B 2125 -31.93 -13.74 8.75
C ASN B 2125 -30.74 -13.07 8.00
N CYS B 2126 -29.59 -13.76 8.01
CA CYS B 2126 -28.32 -13.16 7.54
C CYS B 2126 -28.30 -12.90 6.03
N LEU B 2127 -29.03 -13.68 5.22
CA LEU B 2127 -28.99 -13.58 3.77
C LEU B 2127 -30.24 -12.94 3.16
N GLU B 2128 -31.39 -13.06 3.83
CA GLU B 2128 -32.65 -12.57 3.28
C GLU B 2128 -32.68 -11.04 3.22
N VAL B 2129 -32.24 -10.36 4.28
CA VAL B 2129 -32.13 -8.90 4.27
C VAL B 2129 -30.98 -8.50 3.35
N LEU B 2130 -31.24 -7.60 2.41
CA LEU B 2130 -30.23 -7.20 1.43
C LEU B 2130 -29.12 -6.35 2.05
N PRO B 2131 -27.95 -6.23 1.36
CA PRO B 2131 -26.92 -5.25 1.76
C PRO B 2131 -27.40 -3.82 1.51
N THR B 2132 -28.11 -3.25 2.49
CA THR B 2132 -28.68 -1.91 2.40
C THR B 2132 -27.69 -0.81 2.81
N LYS B 2133 -26.98 -1.00 3.93
CA LYS B 2133 -26.09 0.03 4.51
C LYS B 2133 -24.74 0.08 3.80
N MET B 2134 -24.15 1.28 3.68
CA MET B 2134 -22.89 1.48 2.95
C MET B 2134 -21.64 1.62 3.83
N SER B 2135 -21.75 1.51 5.16
CA SER B 2135 -20.80 2.18 6.06
C SER B 2135 -19.60 1.35 6.55
N TYR B 2136 -19.45 0.09 6.13
CA TYR B 2136 -18.53 -0.87 6.80
C TYR B 2136 -18.94 -1.15 8.25
N ALA B 2137 -18.84 -0.13 9.13
CA ALA B 2137 -18.99 -0.36 10.57
C ALA B 2137 -20.36 -0.93 10.93
N ALA B 2138 -21.45 -0.35 10.40
CA ALA B 2138 -22.77 -0.86 10.74
C ALA B 2138 -22.95 -2.28 10.23
N ASN B 2139 -22.45 -2.58 9.03
CA ASN B 2139 -22.49 -3.97 8.56
C ASN B 2139 -21.76 -4.90 9.50
N LEU B 2140 -20.56 -4.51 9.97
CA LEU B 2140 -19.82 -5.37 10.91
C LEU B 2140 -20.64 -5.61 12.17
N LYS B 2141 -21.19 -4.54 12.73
CA LYS B 2141 -21.99 -4.64 13.96
C LYS B 2141 -23.21 -5.54 13.75
N ASN B 2142 -23.91 -5.36 12.63
CA ASN B 2142 -25.05 -6.22 12.29
C ASN B 2142 -24.62 -7.67 12.11
N VAL B 2143 -23.50 -7.90 11.43
CA VAL B 2143 -22.97 -9.26 11.24
C VAL B 2143 -22.80 -9.93 12.60
N MET B 2144 -22.18 -9.22 13.53
CA MET B 2144 -21.97 -9.79 14.86
C MET B 2144 -23.28 -9.99 15.62
N ASN B 2145 -24.24 -9.08 15.45
CA ASN B 2145 -25.54 -9.28 16.10
C ASN B 2145 -26.28 -10.49 15.53
N MET B 2146 -26.22 -10.67 14.20
CA MET B 2146 -26.84 -11.82 13.54
C MET B 2146 -26.17 -13.12 13.99
N GLN B 2147 -24.85 -13.10 14.08
CA GLN B 2147 -24.09 -14.22 14.62
C GLN B 2147 -24.51 -14.51 16.07
N ASN B 2148 -24.79 -13.45 16.85
CA ASN B 2148 -25.33 -13.62 18.20
C ASN B 2148 -26.76 -14.20 18.19
N ARG B 2149 -27.57 -13.90 17.16
CA ARG B 2149 -28.90 -14.54 17.08
C ARG B 2149 -28.77 -16.06 16.98
N GLN B 2150 -27.84 -16.54 16.13
CA GLN B 2150 -27.65 -18.00 16.06
C GLN B 2150 -26.97 -18.56 17.33
N LYS B 2151 -26.08 -17.77 17.97
CA LYS B 2151 -25.51 -18.15 19.27
C LYS B 2151 -26.60 -18.35 20.33
N LYS B 2152 -27.55 -17.42 20.40
CA LYS B 2152 -28.65 -17.43 21.39
C LYS B 2152 -29.61 -18.60 21.19
N GLU B 2192 -13.43 -47.03 17.13
CA GLU B 2192 -14.87 -47.33 17.06
C GLU B 2192 -15.72 -46.11 17.38
N SER B 2193 -16.81 -45.91 16.64
CA SER B 2193 -17.89 -45.03 17.10
C SER B 2193 -19.22 -45.79 17.15
N GLU B 2194 -19.83 -45.80 18.33
CA GLU B 2194 -21.19 -46.34 18.48
C GLU B 2194 -22.16 -45.58 17.58
N GLY B 2195 -23.22 -46.26 17.15
CA GLY B 2195 -24.05 -45.74 16.08
C GLY B 2195 -23.23 -45.51 14.81
N PRO B 2196 -23.06 -44.26 14.36
CA PRO B 2196 -22.50 -43.99 12.99
C PRO B 2196 -21.05 -44.42 12.82
N PRO B 2197 -20.75 -45.23 11.79
CA PRO B 2197 -19.37 -45.31 11.25
C PRO B 2197 -19.11 -44.12 10.33
N LEU B 2198 -17.82 -43.93 9.97
CA LEU B 2198 -17.43 -42.73 9.19
C LEU B 2198 -18.21 -42.61 7.88
N THR B 2199 -18.44 -43.73 7.20
CA THR B 2199 -19.21 -43.73 5.96
C THR B 2199 -20.60 -43.11 6.13
N SER B 2200 -21.12 -43.03 7.35
CA SER B 2200 -22.43 -42.44 7.63
C SER B 2200 -22.36 -41.01 8.19
N PHE B 2201 -21.18 -40.38 8.12
CA PHE B 2201 -20.98 -39.03 8.67
C PHE B 2201 -21.83 -37.98 7.92
N ARG B 2202 -22.56 -37.15 8.67
CA ARG B 2202 -23.52 -36.19 8.09
C ARG B 2202 -23.16 -34.75 8.44
N PRO B 2203 -22.03 -34.23 7.93
CA PRO B 2203 -21.61 -32.86 8.21
C PRO B 2203 -22.34 -31.88 7.30
N GLN B 2204 -22.12 -30.60 7.58
CA GLN B 2204 -22.75 -29.49 6.86
C GLN B 2204 -21.97 -28.24 7.19
N CYS B 2205 -22.39 -27.11 6.63
CA CYS B 2205 -22.10 -25.83 7.25
C CYS B 2205 -23.34 -25.35 7.99
N SER B 2206 -23.25 -25.27 9.33
CA SER B 2206 -24.31 -24.65 10.13
C SER B 2206 -23.69 -23.87 11.29
N PHE B 2207 -23.34 -22.63 11.00
CA PHE B 2207 -23.13 -21.51 11.91
C PHE B 2207 -23.00 -20.27 11.03
N MET B 2208 -23.14 -19.08 11.62
CA MET B 2208 -23.15 -17.81 10.86
C MET B 2208 -24.48 -17.63 10.12
N GLY B 2209 -24.93 -18.67 9.39
CA GLY B 2209 -26.33 -18.85 9.06
C GLY B 2209 -26.75 -20.26 9.44
N MET B 2210 -28.06 -20.50 9.47
CA MET B 2210 -28.53 -21.84 9.84
C MET B 2210 -28.26 -22.86 8.73
N VAL B 2211 -28.47 -22.48 7.47
CA VAL B 2211 -27.96 -23.25 6.31
C VAL B 2211 -27.43 -22.26 5.29
N ILE B 2212 -26.22 -22.50 4.79
CA ILE B 2212 -25.69 -21.77 3.64
C ILE B 2212 -25.60 -22.74 2.47
N SER B 2213 -26.13 -22.34 1.32
CA SER B 2213 -25.78 -22.99 0.06
C SER B 2213 -25.27 -21.89 -0.87
N HIS B 2214 -24.26 -22.23 -1.69
CA HIS B 2214 -23.49 -21.17 -2.33
C HIS B 2214 -24.33 -20.36 -3.31
N ASP B 2215 -25.36 -20.97 -3.90
CA ASP B 2215 -26.32 -20.24 -4.73
C ASP B 2215 -26.89 -19.01 -4.00
N MET B 2216 -27.22 -19.12 -2.71
CA MET B 2216 -27.71 -17.95 -1.98
C MET B 2216 -26.69 -16.82 -2.02
N LEU B 2217 -25.43 -17.14 -1.73
CA LEU B 2217 -24.40 -16.10 -1.69
C LEU B 2217 -24.13 -15.53 -3.07
N LEU B 2218 -24.12 -16.39 -4.10
CA LEU B 2218 -24.07 -15.89 -5.47
C LEU B 2218 -25.28 -15.02 -5.80
N GLY B 2219 -26.39 -15.19 -5.07
CA GLY B 2219 -27.55 -14.30 -5.22
C GLY B 2219 -27.34 -12.96 -4.51
N ARG B 2220 -26.74 -13.03 -3.32
CA ARG B 2220 -26.53 -11.84 -2.49
C ARG B 2220 -25.53 -10.87 -3.12
N TRP B 2221 -24.30 -11.30 -3.40
CA TRP B 2221 -23.23 -10.40 -3.85
C TRP B 2221 -23.13 -10.34 -5.37
N ARG B 2222 -24.28 -10.44 -6.04
CA ARG B 2222 -24.35 -10.64 -7.49
C ARG B 2222 -23.47 -9.66 -8.27
N LEU B 2223 -23.54 -8.36 -7.96
CA LEU B 2223 -22.78 -7.39 -8.76
C LEU B 2223 -21.29 -7.46 -8.46
N SER B 2224 -20.93 -7.53 -7.18
CA SER B 2224 -19.52 -7.67 -6.80
C SER B 2224 -18.92 -8.85 -7.52
N LEU B 2225 -19.65 -9.97 -7.50
CA LEU B 2225 -19.23 -11.18 -8.19
C LEU B 2225 -19.04 -10.94 -9.68
N GLU B 2226 -20.03 -10.35 -10.35
CA GLU B 2226 -19.91 -10.13 -11.79
C GLU B 2226 -18.70 -9.24 -12.12
N LEU B 2227 -18.50 -8.20 -11.30
CA LEU B 2227 -17.37 -7.31 -11.50
C LEU B 2227 -16.04 -8.04 -11.29
N PHE B 2228 -15.92 -8.81 -10.20
CA PHE B 2228 -14.75 -9.68 -10.04
C PHE B 2228 -14.60 -10.59 -11.26
N GLY B 2229 -15.72 -11.13 -11.74
CA GLY B 2229 -15.81 -12.00 -12.91
C GLY B 2229 -15.42 -11.34 -14.22
N ARG B 2230 -15.09 -10.05 -14.17
CA ARG B 2230 -14.37 -9.42 -15.29
C ARG B 2230 -12.96 -9.02 -14.87
N VAL B 2231 -12.81 -8.36 -13.72
CA VAL B 2231 -11.54 -7.71 -13.34
C VAL B 2231 -10.49 -8.72 -12.87
N PHE B 2232 -10.87 -9.74 -12.09
CA PHE B 2232 -9.88 -10.63 -11.46
C PHE B 2232 -9.73 -11.99 -12.16
N MET B 2233 -10.37 -12.16 -13.33
CA MET B 2233 -10.46 -13.49 -13.95
C MET B 2233 -9.09 -14.09 -14.25
N GLU B 2234 -8.10 -13.26 -14.62
CA GLU B 2234 -6.78 -13.79 -15.00
C GLU B 2234 -6.05 -14.42 -13.82
N ASP B 2235 -6.41 -14.04 -12.59
CA ASP B 2235 -5.62 -14.34 -11.39
C ASP B 2235 -6.42 -15.19 -10.43
N VAL B 2236 -7.47 -14.64 -9.78
CA VAL B 2236 -8.29 -15.46 -8.89
C VAL B 2236 -8.98 -16.57 -9.69
N GLY B 2237 -9.24 -16.35 -10.98
CA GLY B 2237 -9.78 -17.39 -11.86
C GLY B 2237 -8.80 -18.52 -12.18
N ALA B 2238 -7.51 -18.37 -11.83
CA ALA B 2238 -6.51 -19.41 -12.05
C ALA B 2238 -6.45 -20.44 -10.90
N GLU B 2239 -7.10 -20.17 -9.78
CA GLU B 2239 -7.29 -21.19 -8.74
C GLU B 2239 -8.00 -22.41 -9.33
N PRO B 2240 -7.68 -23.63 -8.87
CA PRO B 2240 -8.30 -24.84 -9.46
C PRO B 2240 -9.81 -24.83 -9.23
N GLY B 2241 -10.57 -24.87 -10.33
CA GLY B 2241 -12.03 -24.80 -10.24
C GLY B 2241 -12.53 -23.49 -9.65
N SER B 2242 -11.80 -22.40 -9.83
CA SER B 2242 -12.18 -21.10 -9.26
C SER B 2242 -13.61 -20.72 -9.64
N ILE B 2243 -14.41 -20.35 -8.64
CA ILE B 2243 -15.82 -20.03 -8.90
C ILE B 2243 -16.00 -18.83 -9.85
N LEU B 2244 -14.96 -18.02 -10.05
CA LEU B 2244 -15.08 -16.92 -11.02
C LEU B 2244 -15.34 -17.42 -12.44
N THR B 2245 -14.77 -18.57 -12.85
CA THR B 2245 -15.00 -19.03 -14.23
C THR B 2245 -16.46 -19.37 -14.50
N GLU B 2246 -17.26 -19.62 -13.45
CA GLU B 2246 -18.68 -19.90 -13.65
C GLU B 2246 -19.44 -18.64 -14.05
N LEU B 2247 -18.93 -17.47 -13.70
CA LEU B 2247 -19.38 -16.19 -14.22
C LEU B 2247 -18.70 -15.85 -15.56
N GLY B 2248 -17.98 -16.80 -16.14
CA GLY B 2248 -17.29 -16.58 -17.42
C GLY B 2248 -18.28 -16.49 -18.59
N GLY B 2249 -18.29 -15.34 -19.28
CA GLY B 2249 -19.18 -15.13 -20.41
C GLY B 2249 -18.71 -15.81 -21.69
N PHE B 2250 -19.17 -15.25 -22.80
CA PHE B 2250 -18.84 -15.77 -24.14
C PHE B 2250 -17.34 -16.05 -24.31
N GLU B 2251 -16.50 -15.07 -23.98
CA GLU B 2251 -15.07 -15.18 -24.34
C GLU B 2251 -14.36 -16.32 -23.59
N VAL B 2252 -14.80 -16.64 -22.38
CA VAL B 2252 -14.22 -17.77 -21.65
C VAL B 2252 -14.48 -19.08 -22.43
N LYS B 2253 -15.73 -19.28 -22.83
CA LYS B 2253 -16.06 -20.45 -23.65
C LYS B 2253 -15.28 -20.44 -24.96
N GLU B 2254 -15.16 -19.27 -25.60
CA GLU B 2254 -14.39 -19.18 -26.85
C GLU B 2254 -12.91 -19.49 -26.66
N SER B 2255 -12.36 -19.16 -25.48
CA SER B 2255 -10.97 -19.48 -25.18
C SER B 2255 -10.76 -20.99 -25.20
N LYS B 2256 -11.74 -21.73 -24.65
CA LYS B 2256 -11.72 -23.19 -24.81
C LYS B 2256 -11.97 -23.61 -26.26
N PHE B 2257 -12.87 -22.91 -26.96
CA PHE B 2257 -13.22 -23.24 -28.36
C PHE B 2257 -11.99 -23.28 -29.27
N ARG B 2258 -11.19 -22.20 -29.31
CA ARG B 2258 -9.98 -22.25 -30.16
C ARG B 2258 -9.11 -23.45 -29.80
N ARG B 2259 -8.88 -23.67 -28.51
CA ARG B 2259 -7.97 -24.74 -28.09
C ARG B 2259 -8.48 -26.10 -28.57
N GLU B 2260 -9.78 -26.37 -28.38
CA GLU B 2260 -10.37 -27.65 -28.82
C GLU B 2260 -10.43 -27.76 -30.35
N MET B 2261 -10.87 -26.70 -31.04
CA MET B 2261 -11.03 -26.79 -32.49
C MET B 2261 -9.68 -26.88 -33.19
N GLU B 2262 -8.68 -26.10 -32.74
CA GLU B 2262 -7.34 -26.20 -33.30
C GLU B 2262 -6.71 -27.56 -32.98
N LYS B 2263 -6.94 -28.09 -31.78
CA LYS B 2263 -6.52 -29.45 -31.44
C LYS B 2263 -7.16 -30.49 -32.36
N LEU B 2264 -8.45 -30.34 -32.67
CA LEU B 2264 -9.13 -31.27 -33.57
C LEU B 2264 -8.66 -31.09 -35.03
N ARG B 2265 -8.36 -29.85 -35.43
CA ARG B 2265 -7.83 -29.54 -36.77
C ARG B 2265 -6.41 -30.09 -36.97
N ASN B 2266 -5.52 -29.84 -36.00
CA ASN B 2266 -4.10 -30.22 -36.11
C ASN B 2266 -3.83 -31.72 -35.90
N GLN B 2267 -4.81 -32.52 -35.46
CA GLN B 2267 -4.59 -33.96 -35.33
C GLN B 2267 -4.68 -34.71 -36.66
N GLN B 2268 -5.17 -34.09 -37.72
CA GLN B 2268 -5.31 -34.73 -39.03
C GLN B 2268 -4.52 -34.00 -40.12
N SER B 2269 -3.97 -34.77 -41.05
CA SER B 2269 -3.19 -34.28 -42.19
C SER B 2269 -3.96 -34.34 -43.51
N ARG B 2270 -5.27 -34.58 -43.47
CA ARG B 2270 -6.11 -34.80 -44.65
C ARG B 2270 -7.09 -33.64 -44.85
N ASP B 2271 -7.04 -33.01 -46.04
CA ASP B 2271 -7.88 -31.86 -46.40
C ASP B 2271 -9.28 -32.23 -46.92
N LEU B 2272 -10.14 -31.21 -46.99
CA LEU B 2272 -11.42 -31.23 -47.70
C LEU B 2272 -11.31 -30.26 -48.88
N SER B 2273 -11.53 -30.76 -50.10
CA SER B 2273 -11.53 -29.89 -51.29
C SER B 2273 -12.88 -29.95 -51.99
N LEU B 2274 -13.46 -28.78 -52.24
CA LEU B 2274 -14.74 -28.66 -52.92
C LEU B 2274 -14.59 -27.78 -54.16
N GLU B 2275 -14.98 -28.31 -55.32
CA GLU B 2275 -14.99 -27.55 -56.57
C GLU B 2275 -16.44 -27.36 -57.00
N VAL B 2276 -16.90 -26.11 -56.96
CA VAL B 2276 -18.32 -25.82 -57.17
C VAL B 2276 -18.50 -24.64 -58.11
N ASP B 2277 -19.71 -24.55 -58.67
CA ASP B 2277 -20.14 -23.38 -59.44
C ASP B 2277 -20.68 -22.31 -58.50
N ARG B 2278 -20.92 -21.11 -59.05
CA ARG B 2278 -21.63 -20.02 -58.35
C ARG B 2278 -23.15 -20.12 -58.53
N ASP B 2279 -23.61 -20.81 -59.58
CA ASP B 2279 -25.04 -20.99 -59.84
C ASP B 2279 -25.69 -21.74 -58.68
N ARG B 2280 -26.84 -21.24 -58.22
CA ARG B 2280 -27.48 -21.81 -57.04
C ARG B 2280 -27.75 -23.31 -57.19
N ASP B 2281 -28.31 -23.71 -58.32
CA ASP B 2281 -28.70 -25.11 -58.49
C ASP B 2281 -27.47 -26.02 -58.54
N LEU B 2282 -26.49 -25.61 -59.34
CA LEU B 2282 -25.26 -26.36 -59.45
C LEU B 2282 -24.50 -26.36 -58.13
N LEU B 2283 -24.52 -25.21 -57.45
CA LEU B 2283 -23.79 -25.08 -56.19
C LEU B 2283 -24.28 -26.09 -55.16
N ILE B 2284 -25.60 -26.18 -54.99
CA ILE B 2284 -26.13 -27.11 -54.00
C ILE B 2284 -25.80 -28.55 -54.38
N GLN B 2285 -26.10 -28.94 -55.62
CA GLN B 2285 -25.89 -30.35 -55.99
C GLN B 2285 -24.42 -30.73 -55.90
N GLN B 2286 -23.54 -29.86 -56.40
CA GLN B 2286 -22.11 -30.18 -56.43
C GLN B 2286 -21.52 -30.24 -55.03
N THR B 2287 -21.91 -29.30 -54.17
CA THR B 2287 -21.40 -29.30 -52.80
C THR B 2287 -21.80 -30.58 -52.08
N MET B 2288 -23.08 -30.93 -52.16
CA MET B 2288 -23.57 -32.08 -51.41
C MET B 2288 -22.99 -33.39 -51.94
N ARG B 2289 -22.83 -33.48 -53.27
CA ARG B 2289 -22.28 -34.70 -53.85
C ARG B 2289 -20.83 -34.90 -53.41
N GLN B 2290 -20.03 -33.83 -53.46
CA GLN B 2290 -18.62 -33.97 -53.09
C GLN B 2290 -18.47 -34.23 -51.59
N LEU B 2291 -19.35 -33.64 -50.77
CA LEU B 2291 -19.31 -33.93 -49.33
C LEU B 2291 -19.61 -35.41 -49.07
N ASN B 2292 -20.54 -36.00 -49.83
CA ASN B 2292 -20.85 -37.42 -49.64
C ASN B 2292 -19.71 -38.31 -50.11
N ASN B 2293 -19.05 -37.95 -51.21
CA ASN B 2293 -17.91 -38.75 -51.67
C ASN B 2293 -16.73 -38.63 -50.71
N HIS B 2294 -16.56 -37.45 -50.09
CA HIS B 2294 -15.50 -37.26 -49.09
C HIS B 2294 -15.83 -38.00 -47.79
N PHE B 2295 -17.08 -37.86 -47.34
CA PHE B 2295 -17.57 -38.49 -46.11
C PHE B 2295 -17.54 -40.02 -46.19
N GLY B 2296 -18.08 -40.57 -47.28
CA GLY B 2296 -18.30 -42.01 -47.40
C GLY B 2296 -17.03 -42.80 -47.69
N ARG B 2297 -16.00 -42.15 -48.20
CA ARG B 2297 -14.73 -42.80 -48.49
C ARG B 2297 -13.76 -42.69 -47.32
N ARG B 2298 -14.20 -42.02 -46.25
CA ARG B 2298 -13.62 -41.92 -44.92
C ARG B 2298 -14.59 -42.66 -43.99
N CYS B 2299 -14.15 -43.12 -42.82
CA CYS B 2299 -15.10 -43.88 -41.99
C CYS B 2299 -16.24 -43.00 -41.48
N ALA B 2300 -17.49 -43.39 -41.80
CA ALA B 2300 -18.72 -42.63 -41.51
C ALA B 2300 -19.11 -42.60 -40.02
N THR B 2301 -18.41 -43.35 -39.15
CA THR B 2301 -18.66 -43.36 -37.71
C THR B 2301 -17.64 -42.54 -36.94
N THR B 2302 -16.68 -41.92 -37.64
CA THR B 2302 -15.63 -41.10 -37.04
C THR B 2302 -15.79 -39.66 -37.53
N PRO B 2303 -15.59 -38.65 -36.67
CA PRO B 2303 -15.77 -37.27 -37.11
C PRO B 2303 -14.78 -36.90 -38.22
N MET B 2304 -15.26 -36.09 -39.17
CA MET B 2304 -14.50 -35.64 -40.33
C MET B 2304 -13.43 -34.59 -39.99
N ALA B 2305 -12.62 -34.84 -38.96
CA ALA B 2305 -11.52 -33.93 -38.66
C ALA B 2305 -10.57 -33.83 -39.87
N VAL B 2306 -10.25 -32.59 -40.30
CA VAL B 2306 -9.42 -32.33 -41.48
C VAL B 2306 -8.34 -31.30 -41.13
N HIS B 2307 -7.26 -31.31 -41.91
CA HIS B 2307 -6.24 -30.27 -41.72
C HIS B 2307 -6.78 -28.93 -42.22
N ARG B 2308 -6.97 -28.78 -43.53
CA ARG B 2308 -7.54 -27.55 -44.08
C ARG B 2308 -8.77 -27.79 -44.94
N VAL B 2309 -9.68 -26.82 -44.94
CA VAL B 2309 -10.84 -26.83 -45.84
C VAL B 2309 -10.52 -25.86 -46.98
N LYS B 2310 -10.48 -26.40 -48.19
CA LYS B 2310 -10.11 -25.65 -49.38
C LYS B 2310 -11.27 -25.67 -50.37
N VAL B 2311 -11.53 -24.53 -50.99
CA VAL B 2311 -12.63 -24.40 -51.95
C VAL B 2311 -12.14 -23.70 -53.22
N THR B 2312 -12.58 -24.20 -54.38
CA THR B 2312 -12.27 -23.60 -55.68
C THR B 2312 -13.53 -23.46 -56.54
N PHE B 2313 -13.68 -22.33 -57.22
CA PHE B 2313 -14.83 -22.16 -58.10
C PHE B 2313 -14.55 -22.56 -59.55
N LYS B 2314 -15.58 -23.09 -60.22
CA LYS B 2314 -15.45 -23.39 -61.64
C LYS B 2314 -15.32 -22.09 -62.42
N ASP B 2315 -14.40 -22.08 -63.38
CA ASP B 2315 -14.06 -20.88 -64.15
C ASP B 2315 -13.41 -19.80 -63.30
N GLU B 2316 -13.09 -20.09 -62.02
CA GLU B 2316 -12.42 -19.17 -61.09
C GLU B 2316 -11.74 -20.01 -59.99
N PRO B 2317 -10.86 -20.97 -60.34
CA PRO B 2317 -10.44 -21.99 -59.37
C PRO B 2317 -9.37 -21.52 -58.36
N GLY B 2318 -9.36 -20.22 -58.04
CA GLY B 2318 -8.63 -19.74 -56.86
C GLY B 2318 -9.04 -20.52 -55.62
N GLU B 2319 -8.18 -20.57 -54.59
CA GLU B 2319 -8.25 -21.67 -53.62
C GLU B 2319 -8.08 -21.19 -52.17
N GLY B 2320 -8.50 -22.04 -51.22
CA GLY B 2320 -8.21 -21.81 -49.80
C GLY B 2320 -9.21 -20.88 -49.09
N SER B 2321 -8.67 -20.08 -48.14
CA SER B 2321 -9.48 -19.49 -47.06
C SER B 2321 -10.54 -18.51 -47.56
N GLY B 2322 -10.14 -17.41 -48.23
CA GLY B 2322 -11.13 -16.41 -48.66
C GLY B 2322 -12.14 -16.97 -49.64
N VAL B 2323 -11.67 -17.83 -50.54
CA VAL B 2323 -12.58 -18.54 -51.45
C VAL B 2323 -13.55 -19.40 -50.64
N ALA B 2324 -13.03 -20.12 -49.65
CA ALA B 2324 -13.90 -20.92 -48.78
C ALA B 2324 -14.87 -20.04 -47.98
N ARG B 2325 -14.46 -18.84 -47.57
CA ARG B 2325 -15.41 -17.95 -46.89
C ARG B 2325 -16.51 -17.51 -47.84
N SER B 2326 -16.12 -17.13 -49.07
CA SER B 2326 -17.11 -16.76 -50.07
C SER B 2326 -18.07 -17.92 -50.32
N PHE B 2327 -17.55 -19.15 -50.27
CA PHE B 2327 -18.38 -20.34 -50.42
C PHE B 2327 -19.34 -20.54 -49.25
N TYR B 2328 -18.85 -20.47 -48.00
CA TYR B 2328 -19.77 -20.64 -46.86
C TYR B 2328 -20.91 -19.64 -46.97
N THR B 2329 -20.59 -18.42 -47.42
CA THR B 2329 -21.60 -17.38 -47.60
C THR B 2329 -22.59 -17.79 -48.68
N ALA B 2330 -22.07 -18.12 -49.86
CA ALA B 2330 -22.89 -18.40 -51.04
C ALA B 2330 -23.74 -19.65 -50.86
N ILE B 2331 -23.20 -20.68 -50.22
CA ILE B 2331 -23.94 -21.92 -50.01
C ILE B 2331 -25.07 -21.67 -49.01
N ALA B 2332 -24.80 -20.85 -47.98
CA ALA B 2332 -25.88 -20.45 -47.07
C ALA B 2332 -26.97 -19.66 -47.81
N GLN B 2333 -26.57 -18.72 -48.68
CA GLN B 2333 -27.52 -17.97 -49.49
C GLN B 2333 -28.36 -18.89 -50.37
N ALA B 2334 -27.73 -19.97 -50.86
CA ALA B 2334 -28.43 -20.92 -51.74
C ALA B 2334 -29.51 -21.67 -50.98
N PHE B 2335 -29.22 -22.00 -49.71
CA PHE B 2335 -30.20 -22.75 -48.92
C PHE B 2335 -31.36 -21.86 -48.47
N LEU B 2336 -31.09 -20.58 -48.23
CA LEU B 2336 -32.07 -19.64 -47.67
C LEU B 2336 -32.92 -18.99 -48.76
N SER B 2337 -32.66 -19.29 -50.03
CA SER B 2337 -33.36 -18.67 -51.14
C SER B 2337 -34.78 -19.21 -51.25
N ASN B 2338 -35.69 -18.37 -51.73
CA ASN B 2338 -37.07 -18.79 -51.93
C ASN B 2338 -37.30 -19.43 -53.28
N GLU B 2339 -36.25 -19.62 -54.06
CA GLU B 2339 -36.35 -20.29 -55.35
C GLU B 2339 -36.45 -21.80 -55.14
N LYS B 2340 -37.02 -22.47 -56.15
CA LYS B 2340 -37.19 -23.91 -56.07
C LYS B 2340 -35.87 -24.65 -56.23
N LEU B 2341 -35.74 -25.77 -55.53
CA LEU B 2341 -34.52 -26.56 -55.59
C LEU B 2341 -34.43 -27.38 -56.88
N PRO B 2342 -33.22 -27.75 -57.27
CA PRO B 2342 -33.03 -28.86 -58.20
C PRO B 2342 -33.31 -30.18 -57.50
N ASN B 2343 -33.50 -31.23 -58.28
CA ASN B 2343 -33.79 -32.53 -57.67
C ASN B 2343 -32.63 -32.98 -56.79
N LEU B 2344 -32.89 -33.14 -55.50
CA LEU B 2344 -31.85 -33.51 -54.54
C LEU B 2344 -31.46 -34.98 -54.64
N GLU B 2345 -32.22 -35.77 -55.41
CA GLU B 2345 -31.87 -37.17 -55.61
C GLU B 2345 -30.52 -37.31 -56.30
N CYS B 2346 -30.09 -36.25 -56.99
CA CYS B 2346 -28.76 -36.26 -57.61
C CYS B 2346 -27.66 -36.42 -56.58
N ILE B 2347 -27.94 -36.06 -55.34
CA ILE B 2347 -26.96 -36.14 -54.25
C ILE B 2347 -26.79 -37.56 -53.74
N GLN B 2348 -27.75 -38.44 -54.04
CA GLN B 2348 -27.69 -39.81 -53.55
C GLN B 2348 -26.61 -40.61 -54.28
N ASN B 2349 -26.28 -40.22 -55.51
CA ASN B 2349 -25.27 -40.95 -56.30
C ASN B 2349 -23.87 -40.45 -55.93
N ALA B 2350 -23.47 -40.76 -54.70
CA ALA B 2350 -22.19 -40.29 -54.18
C ALA B 2350 -21.68 -41.22 -53.08
N ASP B 2531 -40.63 -34.57 -57.65
CA ASP B 2531 -39.32 -34.30 -57.08
C ASP B 2531 -39.46 -33.46 -55.81
N ASP B 2532 -38.65 -33.76 -54.79
CA ASP B 2532 -38.70 -33.07 -53.51
C ASP B 2532 -37.90 -31.77 -53.59
N ASN B 2533 -38.49 -30.80 -54.28
CA ASN B 2533 -37.79 -29.54 -54.58
C ASN B 2533 -38.18 -28.39 -53.66
N ALA B 2534 -38.85 -28.66 -52.56
CA ALA B 2534 -39.24 -27.58 -51.67
C ALA B 2534 -38.01 -26.90 -51.09
N PRO B 2535 -38.06 -25.57 -50.93
CA PRO B 2535 -36.93 -24.84 -50.33
C PRO B 2535 -36.48 -25.45 -49.01
N LEU B 2536 -35.16 -25.42 -48.77
CA LEU B 2536 -34.59 -26.13 -47.63
C LEU B 2536 -35.02 -25.53 -46.29
N PHE B 2537 -35.13 -24.21 -46.20
CA PHE B 2537 -35.44 -23.55 -44.93
C PHE B 2537 -36.58 -22.57 -45.11
N TYR B 2538 -37.31 -22.31 -44.02
CA TYR B 2538 -38.32 -21.27 -44.02
C TYR B 2538 -38.20 -20.49 -42.70
N GLN B 2539 -38.87 -19.34 -42.63
CA GLN B 2539 -38.87 -18.57 -41.40
C GLN B 2539 -40.15 -18.89 -40.62
N PRO B 2540 -40.12 -19.73 -39.57
CA PRO B 2540 -41.32 -19.92 -38.76
C PRO B 2540 -41.61 -18.67 -37.95
N GLY B 2541 -42.88 -18.37 -37.88
CA GLY B 2541 -43.36 -17.34 -37.00
C GLY B 2541 -42.95 -15.95 -37.44
N LYS B 2542 -43.11 -15.01 -36.50
CA LYS B 2542 -42.90 -13.60 -36.80
C LYS B 2542 -41.48 -13.17 -36.38
N ARG B 2543 -40.52 -14.04 -36.79
CA ARG B 2543 -39.09 -13.76 -36.98
C ARG B 2543 -38.56 -13.67 -38.42
N GLY B 2544 -37.49 -12.90 -38.59
CA GLY B 2544 -36.54 -13.01 -39.71
C GLY B 2544 -35.65 -14.28 -39.74
N PHE B 2545 -35.95 -15.31 -38.90
CA PHE B 2545 -34.99 -16.37 -38.52
C PHE B 2545 -35.53 -17.79 -38.80
N TYR B 2546 -34.64 -18.75 -39.12
CA TYR B 2546 -34.98 -19.91 -39.96
C TYR B 2546 -35.11 -21.26 -39.23
N THR B 2547 -36.01 -22.12 -39.74
CA THR B 2547 -36.13 -23.55 -39.43
C THR B 2547 -36.27 -24.36 -40.72
N PRO B 2548 -35.80 -25.63 -40.76
CA PRO B 2548 -35.86 -26.40 -42.03
C PRO B 2548 -37.30 -26.66 -42.47
N ARG B 2549 -37.55 -26.47 -43.78
CA ARG B 2549 -38.84 -26.76 -44.39
C ARG B 2549 -38.88 -28.25 -44.80
N PRO B 2550 -39.89 -29.04 -44.38
CA PRO B 2550 -39.78 -30.51 -44.50
C PRO B 2550 -40.00 -31.06 -45.91
N GLY B 2551 -40.59 -30.27 -46.82
CA GLY B 2551 -40.80 -30.74 -48.19
C GLY B 2551 -41.62 -32.03 -48.25
N LYS B 2552 -41.17 -32.96 -49.10
CA LYS B 2552 -41.82 -34.27 -49.26
C LYS B 2552 -41.19 -35.33 -48.37
N ASN B 2553 -40.23 -34.94 -47.52
CA ASN B 2553 -39.53 -35.83 -46.57
C ASN B 2553 -38.89 -37.06 -47.23
N THR B 2554 -38.36 -36.90 -48.45
CA THR B 2554 -37.65 -38.00 -49.10
C THR B 2554 -36.25 -38.15 -48.53
N GLU B 2555 -35.66 -39.33 -48.75
CA GLU B 2555 -34.31 -39.58 -48.25
C GLU B 2555 -33.31 -38.60 -48.83
N ALA B 2556 -33.47 -38.26 -50.11
CA ALA B 2556 -32.56 -37.33 -50.76
C ALA B 2556 -32.52 -35.99 -50.02
N ARG B 2557 -33.66 -35.55 -49.50
CA ARG B 2557 -33.73 -34.31 -48.72
C ARG B 2557 -32.97 -34.45 -47.41
N LEU B 2558 -33.24 -35.53 -46.66
CA LEU B 2558 -32.51 -35.77 -45.41
C LEU B 2558 -31.01 -35.92 -45.66
N ASN B 2559 -30.63 -36.51 -46.80
CA ASN B 2559 -29.21 -36.63 -47.14
C ASN B 2559 -28.59 -35.26 -47.33
N CYS B 2560 -29.32 -34.38 -48.02
CA CYS B 2560 -28.86 -32.99 -48.15
C CYS B 2560 -28.72 -32.32 -46.78
N PHE B 2561 -29.73 -32.47 -45.91
CA PHE B 2561 -29.66 -31.85 -44.58
C PHE B 2561 -28.49 -32.40 -43.76
N ARG B 2562 -28.24 -33.71 -43.87
CA ARG B 2562 -27.11 -34.32 -43.15
C ARG B 2562 -25.79 -33.72 -43.63
N ASN B 2563 -25.71 -33.39 -44.93
CA ASN B 2563 -24.52 -32.70 -45.40
C ASN B 2563 -24.45 -31.25 -44.88
N ILE B 2564 -25.60 -30.57 -44.79
CA ILE B 2564 -25.61 -29.19 -44.25
C ILE B 2564 -25.08 -29.16 -42.81
N GLY B 2565 -25.47 -30.17 -42.02
CA GLY B 2565 -24.92 -30.28 -40.66
C GLY B 2565 -23.40 -30.43 -40.69
N ARG B 2566 -22.88 -31.18 -41.68
CA ARG B 2566 -21.42 -31.28 -41.80
C ARG B 2566 -20.80 -29.91 -42.04
N ILE B 2567 -21.46 -29.06 -42.83
CA ILE B 2567 -20.92 -27.72 -43.12
C ILE B 2567 -20.77 -26.90 -41.83
N LEU B 2568 -21.76 -26.97 -40.93
CA LEU B 2568 -21.59 -26.28 -39.62
C LEU B 2568 -20.33 -26.79 -38.90
N GLY B 2569 -20.19 -28.11 -38.80
CA GLY B 2569 -19.02 -28.67 -38.12
C GLY B 2569 -17.70 -28.21 -38.75
N LEU B 2570 -17.67 -28.16 -40.09
CA LEU B 2570 -16.45 -27.77 -40.82
C LEU B 2570 -16.09 -26.31 -40.58
N CYS B 2571 -17.07 -25.40 -40.66
CA CYS B 2571 -16.78 -23.98 -40.47
C CYS B 2571 -16.21 -23.74 -39.08
N LEU B 2572 -16.88 -24.31 -38.05
CA LEU B 2572 -16.40 -24.14 -36.68
C LEU B 2572 -15.00 -24.75 -36.48
N LEU B 2573 -14.76 -25.93 -37.05
CA LEU B 2573 -13.44 -26.57 -36.89
C LEU B 2573 -12.34 -25.65 -37.41
N GLN B 2574 -12.62 -24.92 -38.48
CA GLN B 2574 -11.69 -23.98 -39.09
C GLN B 2574 -11.76 -22.58 -38.46
N ASN B 2575 -12.66 -22.36 -37.49
CA ASN B 2575 -12.91 -21.02 -36.92
C ASN B 2575 -13.37 -20.03 -38.01
N GLU B 2576 -14.12 -20.52 -39.00
CA GLU B 2576 -14.66 -19.70 -40.10
C GLU B 2576 -16.16 -19.51 -39.87
N LEU B 2577 -16.70 -18.35 -40.25
CA LEU B 2577 -18.12 -18.09 -40.01
C LEU B 2577 -19.02 -18.73 -41.08
N CYS B 2578 -20.20 -19.15 -40.64
CA CYS B 2578 -21.22 -19.72 -41.51
C CYS B 2578 -22.51 -18.90 -41.31
N PRO B 2579 -22.99 -18.12 -42.30
CA PRO B 2579 -24.08 -17.17 -42.03
C PRO B 2579 -25.50 -17.76 -42.00
N ILE B 2580 -25.71 -18.91 -41.33
CA ILE B 2580 -27.01 -19.60 -41.31
C ILE B 2580 -27.70 -19.28 -39.98
N THR B 2581 -28.72 -18.41 -40.02
CA THR B 2581 -29.33 -17.85 -38.80
C THR B 2581 -30.48 -18.74 -38.33
N LEU B 2582 -30.14 -19.80 -37.57
CA LEU B 2582 -31.13 -20.78 -37.10
C LEU B 2582 -31.84 -20.35 -35.80
N ASN B 2583 -33.07 -20.81 -35.65
CA ASN B 2583 -33.89 -20.54 -34.46
C ASN B 2583 -33.41 -21.31 -33.22
N ARG B 2584 -33.70 -20.74 -32.02
CA ARG B 2584 -33.20 -21.29 -30.75
C ARG B 2584 -33.59 -22.75 -30.53
N HIS B 2585 -34.84 -23.13 -30.81
CA HIS B 2585 -35.25 -24.52 -30.61
C HIS B 2585 -34.51 -25.47 -31.56
N VAL B 2586 -34.25 -25.02 -32.81
CA VAL B 2586 -33.44 -25.81 -33.74
C VAL B 2586 -32.05 -26.01 -33.16
N ILE B 2587 -31.47 -24.95 -32.63
CA ILE B 2587 -30.10 -25.00 -32.11
C ILE B 2587 -30.03 -25.86 -30.85
N LYS B 2588 -31.02 -25.76 -29.95
CA LYS B 2588 -31.08 -26.63 -28.77
C LYS B 2588 -31.11 -28.10 -29.19
N VAL B 2589 -31.92 -28.44 -30.20
CA VAL B 2589 -31.93 -29.81 -30.72
C VAL B 2589 -30.56 -30.18 -31.27
N LEU B 2590 -29.92 -29.30 -32.04
CA LEU B 2590 -28.57 -29.58 -32.56
C LEU B 2590 -27.59 -29.85 -31.43
N LEU B 2591 -27.64 -29.03 -30.36
CA LEU B 2591 -26.87 -29.25 -29.15
C LEU B 2591 -27.25 -30.54 -28.42
N GLY B 2592 -28.37 -31.15 -28.78
CA GLY B 2592 -28.83 -32.38 -28.14
C GLY B 2592 -29.41 -32.18 -26.74
N ARG B 2593 -30.10 -31.07 -26.48
CA ARG B 2593 -30.68 -30.81 -25.15
C ARG B 2593 -32.06 -30.14 -25.26
N LYS B 2594 -32.80 -30.14 -24.13
CA LYS B 2594 -34.27 -30.01 -24.11
C LYS B 2594 -34.79 -28.63 -24.53
N VAL B 2595 -35.97 -28.65 -25.16
CA VAL B 2595 -36.67 -27.45 -25.66
C VAL B 2595 -37.91 -27.20 -24.81
N ASN B 2596 -38.13 -25.92 -24.45
CA ASN B 2596 -39.12 -25.50 -23.47
C ASN B 2596 -40.08 -24.48 -24.08
N TRP B 2597 -41.15 -24.19 -23.34
CA TRP B 2597 -42.11 -23.14 -23.72
C TRP B 2597 -41.41 -21.84 -24.13
N HIS B 2598 -40.37 -21.45 -23.39
CA HIS B 2598 -39.57 -20.24 -23.69
C HIS B 2598 -38.98 -20.27 -25.10
N ASP B 2599 -38.63 -21.46 -25.61
CA ASP B 2599 -38.11 -21.56 -26.98
C ASP B 2599 -39.20 -21.38 -28.03
N PHE B 2600 -40.47 -21.62 -27.68
CA PHE B 2600 -41.57 -21.26 -28.58
C PHE B 2600 -41.61 -19.75 -28.83
N ALA B 2601 -41.16 -18.93 -27.87
CA ALA B 2601 -41.00 -17.51 -28.16
C ALA B 2601 -39.95 -17.29 -29.24
N PHE B 2602 -38.95 -18.17 -29.29
CA PHE B 2602 -37.92 -18.14 -30.34
C PHE B 2602 -38.38 -18.83 -31.63
N PHE B 2603 -39.42 -19.65 -31.55
CA PHE B 2603 -40.12 -20.15 -32.73
C PHE B 2603 -41.03 -19.07 -33.34
N ASP B 2604 -41.91 -18.46 -32.51
CA ASP B 2604 -42.84 -17.42 -33.00
C ASP B 2604 -43.25 -16.50 -31.84
N PRO B 2605 -42.69 -15.30 -31.72
CA PRO B 2605 -43.01 -14.46 -30.54
C PRO B 2605 -44.46 -14.01 -30.53
N VAL B 2606 -45.06 -13.77 -31.70
CA VAL B 2606 -46.46 -13.31 -31.74
C VAL B 2606 -47.41 -14.44 -31.36
N MET B 2607 -47.15 -15.65 -31.84
CA MET B 2607 -47.97 -16.79 -31.39
C MET B 2607 -47.74 -17.12 -29.92
N TYR B 2608 -46.49 -17.12 -29.45
CA TYR B 2608 -46.26 -17.31 -28.01
C TYR B 2608 -47.08 -16.31 -27.21
N GLU B 2609 -47.00 -15.02 -27.55
CA GLU B 2609 -47.77 -14.03 -26.81
C GLU B 2609 -49.28 -14.24 -26.98
N SER B 2610 -49.75 -14.65 -28.16
CA SER B 2610 -51.20 -14.88 -28.31
C SER B 2610 -51.64 -16.04 -27.44
N LEU B 2611 -50.83 -17.10 -27.35
CA LEU B 2611 -51.17 -18.21 -26.45
C LEU B 2611 -51.03 -17.79 -24.99
N ARG B 2612 -50.11 -16.88 -24.67
CA ARG B 2612 -50.07 -16.31 -23.32
C ARG B 2612 -51.38 -15.57 -23.04
N GLN B 2613 -51.85 -14.79 -24.01
CA GLN B 2613 -53.13 -14.09 -23.87
C GLN B 2613 -54.28 -15.09 -23.74
N LEU B 2614 -54.19 -16.21 -24.46
CA LEU B 2614 -55.19 -17.28 -24.34
C LEU B 2614 -55.18 -17.87 -22.93
N ILE B 2615 -54.00 -17.96 -22.32
CA ILE B 2615 -53.88 -18.44 -20.95
C ILE B 2615 -54.35 -17.38 -19.95
N LEU B 2616 -54.10 -16.09 -20.24
CA LEU B 2616 -54.66 -15.03 -19.40
C LEU B 2616 -56.18 -15.06 -19.47
N ALA B 2617 -56.72 -15.36 -20.67
CA ALA B 2617 -58.16 -15.51 -20.81
C ALA B 2617 -58.67 -16.75 -20.05
N SER B 2618 -57.83 -17.79 -19.92
CA SER B 2618 -58.25 -18.97 -19.14
C SER B 2618 -58.32 -18.65 -17.65
N GLN B 2619 -57.72 -17.54 -17.24
CA GLN B 2619 -57.76 -17.04 -15.86
C GLN B 2619 -58.78 -15.91 -15.67
N SER B 2620 -59.57 -15.61 -16.70
CA SER B 2620 -60.63 -14.58 -16.63
C SER B 2620 -61.96 -15.19 -16.17
N SER B 2621 -62.80 -14.38 -15.52
CA SER B 2621 -64.09 -14.85 -14.98
C SER B 2621 -65.05 -15.42 -16.04
N ASP B 2622 -64.87 -15.06 -17.32
CA ASP B 2622 -65.73 -15.55 -18.42
C ASP B 2622 -65.00 -16.59 -19.30
N ALA B 2623 -63.99 -17.28 -18.75
CA ALA B 2623 -63.16 -18.18 -19.55
C ALA B 2623 -63.98 -19.26 -20.30
N ASP B 2624 -65.02 -19.83 -19.67
CA ASP B 2624 -65.80 -20.87 -20.37
C ASP B 2624 -66.53 -20.27 -21.57
N ALA B 2625 -67.07 -19.06 -21.41
CA ALA B 2625 -67.74 -18.38 -22.52
C ALA B 2625 -66.73 -17.91 -23.58
N VAL B 2626 -65.55 -17.41 -23.17
CA VAL B 2626 -64.54 -16.92 -24.14
C VAL B 2626 -63.97 -18.08 -24.97
N PHE B 2627 -63.67 -19.21 -24.32
CA PHE B 2627 -63.17 -20.38 -25.05
C PHE B 2627 -64.27 -21.00 -25.90
N SER B 2628 -65.55 -20.90 -25.48
CA SER B 2628 -66.64 -21.29 -26.38
C SER B 2628 -66.71 -20.37 -27.61
N ALA B 2629 -66.56 -19.06 -27.41
CA ALA B 2629 -66.67 -18.09 -28.50
C ALA B 2629 -65.51 -18.19 -29.51
N MET B 2630 -64.30 -18.57 -29.06
CA MET B 2630 -63.15 -18.68 -29.97
C MET B 2630 -63.21 -19.91 -30.90
N ASP B 2631 -64.00 -20.92 -30.56
CA ASP B 2631 -64.20 -22.13 -31.40
C ASP B 2631 -62.90 -22.90 -31.68
N LEU B 2632 -61.96 -22.91 -30.73
CA LEU B 2632 -60.70 -23.65 -30.87
C LEU B 2632 -60.87 -25.14 -30.57
N ALA B 2633 -60.12 -25.97 -31.31
CA ALA B 2633 -60.05 -27.42 -31.11
C ALA B 2633 -58.59 -27.86 -31.13
N PHE B 2634 -58.31 -29.11 -30.72
CA PHE B 2634 -56.95 -29.66 -30.74
C PHE B 2634 -56.47 -30.00 -32.17
N ALA B 2635 -56.63 -29.06 -33.10
CA ALA B 2635 -56.12 -29.20 -34.47
C ALA B 2635 -55.58 -27.84 -34.95
N ILE B 2636 -54.48 -27.85 -35.70
CA ILE B 2636 -53.75 -26.63 -36.06
C ILE B 2636 -53.53 -26.56 -37.57
N ASP B 2637 -53.63 -25.35 -38.15
CA ASP B 2637 -53.23 -25.14 -39.53
C ASP B 2637 -51.71 -24.98 -39.63
N LEU B 2638 -51.12 -25.68 -40.60
CA LEU B 2638 -49.71 -25.52 -40.95
C LEU B 2638 -49.60 -24.75 -42.26
N CYS B 2639 -48.59 -23.86 -42.35
CA CYS B 2639 -48.33 -23.17 -43.62
C CYS B 2639 -47.68 -24.14 -44.63
N LYS B 2640 -47.62 -23.72 -45.90
CA LYS B 2640 -47.03 -24.55 -46.97
C LYS B 2640 -45.58 -24.93 -46.65
N GLU B 2641 -44.84 -24.02 -46.01
CA GLU B 2641 -43.45 -24.26 -45.59
C GLU B 2641 -43.34 -25.24 -44.42
N GLU B 2642 -44.43 -25.53 -43.73
CA GLU B 2642 -44.48 -26.55 -42.68
C GLU B 2642 -45.16 -27.83 -43.15
N GLY B 2643 -45.44 -27.94 -44.46
CA GLY B 2643 -46.10 -29.10 -45.03
C GLY B 2643 -47.60 -28.95 -45.28
N GLY B 2644 -48.22 -27.85 -44.82
CA GLY B 2644 -49.58 -27.50 -45.22
C GLY B 2644 -50.70 -28.26 -44.51
N GLY B 2645 -51.94 -27.77 -44.75
CA GLY B 2645 -53.18 -28.42 -44.27
C GLY B 2645 -53.44 -28.24 -42.77
N GLN B 2646 -54.43 -28.99 -42.28
CA GLN B 2646 -54.81 -28.99 -40.86
C GLN B 2646 -54.41 -30.31 -40.20
N VAL B 2647 -53.69 -30.24 -39.07
CA VAL B 2647 -53.12 -31.42 -38.40
C VAL B 2647 -53.64 -31.50 -36.96
N GLU B 2648 -54.06 -32.69 -36.54
CA GLU B 2648 -54.52 -32.90 -35.17
C GLU B 2648 -53.35 -33.01 -34.19
N LEU B 2649 -53.41 -32.24 -33.09
CA LEU B 2649 -52.39 -32.30 -32.05
C LEU B 2649 -52.46 -33.59 -31.23
N ILE B 2650 -53.67 -34.16 -31.12
CA ILE B 2650 -53.95 -35.48 -30.53
C ILE B 2650 -54.99 -36.16 -31.41
N PRO B 2651 -55.02 -37.51 -31.44
CA PRO B 2651 -56.02 -38.19 -32.30
C PRO B 2651 -57.45 -37.74 -31.99
N ASN B 2652 -58.24 -37.53 -33.06
CA ASN B 2652 -59.60 -36.97 -33.00
C ASN B 2652 -59.62 -35.50 -32.50
N GLY B 2653 -58.46 -34.82 -32.51
CA GLY B 2653 -58.34 -33.46 -31.98
C GLY B 2653 -59.27 -32.41 -32.60
N VAL B 2654 -59.69 -32.60 -33.87
CA VAL B 2654 -60.65 -31.66 -34.49
C VAL B 2654 -61.96 -31.60 -33.69
N ASN B 2655 -62.35 -32.72 -33.09
CA ASN B 2655 -63.61 -32.81 -32.34
C ASN B 2655 -63.44 -32.60 -30.83
N ILE B 2656 -62.22 -32.32 -30.36
CA ILE B 2656 -61.96 -32.07 -28.94
C ILE B 2656 -61.78 -30.57 -28.75
N PRO B 2657 -62.70 -29.87 -28.07
CA PRO B 2657 -62.60 -28.41 -27.93
C PRO B 2657 -61.56 -28.01 -26.87
N VAL B 2658 -60.92 -26.86 -27.09
CA VAL B 2658 -60.05 -26.30 -26.05
C VAL B 2658 -60.94 -25.67 -24.97
N THR B 2659 -60.69 -26.04 -23.71
CA THR B 2659 -61.38 -25.51 -22.52
C THR B 2659 -60.37 -24.81 -21.63
N PRO B 2660 -60.82 -23.91 -20.73
CA PRO B 2660 -59.86 -23.27 -19.80
C PRO B 2660 -59.04 -24.26 -18.98
N GLN B 2661 -59.53 -25.50 -18.80
CA GLN B 2661 -58.85 -26.52 -18.01
C GLN B 2661 -57.91 -27.42 -18.81
N ASN B 2662 -58.17 -27.68 -20.10
CA ASN B 2662 -57.22 -28.43 -20.94
C ASN B 2662 -56.24 -27.54 -21.72
N VAL B 2663 -56.39 -26.20 -21.65
CA VAL B 2663 -55.58 -25.28 -22.48
C VAL B 2663 -54.08 -25.49 -22.29
N TYR B 2664 -53.62 -25.85 -21.08
CA TYR B 2664 -52.19 -26.03 -20.84
C TYR B 2664 -51.62 -27.17 -21.69
N GLU B 2665 -52.40 -28.24 -21.87
CA GLU B 2665 -52.01 -29.30 -22.80
C GLU B 2665 -52.06 -28.81 -24.24
N TYR B 2666 -53.11 -28.07 -24.61
CA TYR B 2666 -53.23 -27.57 -25.98
C TYR B 2666 -52.04 -26.69 -26.35
N VAL B 2667 -51.72 -25.71 -25.50
CA VAL B 2667 -50.60 -24.79 -25.73
C VAL B 2667 -49.28 -25.55 -25.78
N ARG B 2668 -49.13 -26.56 -24.91
CA ARG B 2668 -47.93 -27.42 -24.96
C ARG B 2668 -47.83 -28.12 -26.31
N LYS B 2669 -48.87 -28.85 -26.71
CA LYS B 2669 -48.83 -29.66 -27.95
C LYS B 2669 -48.67 -28.77 -29.17
N TYR B 2670 -49.36 -27.63 -29.20
CA TYR B 2670 -49.18 -26.63 -30.25
C TYR B 2670 -47.70 -26.29 -30.41
N ALA B 2671 -47.06 -25.91 -29.31
CA ALA B 2671 -45.66 -25.49 -29.36
C ALA B 2671 -44.72 -26.66 -29.71
N GLU B 2672 -44.88 -27.81 -29.02
CA GLU B 2672 -44.04 -28.99 -29.29
C GLU B 2672 -44.13 -29.42 -30.74
N HIS B 2673 -45.36 -29.49 -31.27
CA HIS B 2673 -45.57 -29.94 -32.65
C HIS B 2673 -44.89 -29.01 -33.63
N ARG B 2674 -45.12 -27.69 -33.47
CA ARG B 2674 -44.60 -26.73 -34.43
C ARG B 2674 -43.08 -26.63 -34.37
N MET B 2675 -42.48 -26.78 -33.18
CA MET B 2675 -41.02 -26.68 -33.11
C MET B 2675 -40.30 -27.97 -33.49
N LEU B 2676 -40.94 -29.14 -33.32
CA LEU B 2676 -40.18 -30.39 -33.38
C LEU B 2676 -40.80 -31.42 -34.33
N VAL B 2677 -42.09 -31.71 -34.16
CA VAL B 2677 -42.70 -32.79 -34.96
C VAL B 2677 -42.65 -32.46 -36.44
N VAL B 2678 -42.94 -31.19 -36.80
CA VAL B 2678 -42.89 -30.75 -38.21
C VAL B 2678 -41.53 -30.98 -38.86
N ALA B 2679 -40.43 -30.85 -38.11
CA ALA B 2679 -39.10 -30.89 -38.72
C ALA B 2679 -38.20 -31.98 -38.13
N GLU B 2680 -38.77 -32.98 -37.46
CA GLU B 2680 -37.95 -33.95 -36.72
C GLU B 2680 -36.93 -34.66 -37.63
N GLN B 2681 -37.35 -35.08 -38.84
CA GLN B 2681 -36.42 -35.75 -39.74
C GLN B 2681 -35.34 -34.81 -40.30
N PRO B 2682 -35.67 -33.61 -40.84
CA PRO B 2682 -34.62 -32.63 -41.17
C PRO B 2682 -33.66 -32.34 -40.02
N LEU B 2683 -34.20 -32.24 -38.79
CA LEU B 2683 -33.39 -32.00 -37.59
C LEU B 2683 -32.49 -33.20 -37.29
N HIS B 2684 -33.03 -34.41 -37.37
CA HIS B 2684 -32.27 -35.64 -37.19
C HIS B 2684 -31.12 -35.70 -38.21
N ALA B 2685 -31.41 -35.30 -39.45
CA ALA B 2685 -30.40 -35.25 -40.50
C ALA B 2685 -29.31 -34.21 -40.19
N MET B 2686 -29.68 -32.95 -39.96
CA MET B 2686 -28.67 -31.93 -39.65
C MET B 2686 -27.85 -32.28 -38.40
N ARG B 2687 -28.50 -32.78 -37.33
CA ARG B 2687 -27.73 -33.13 -36.14
C ARG B 2687 -26.74 -34.27 -36.43
N LYS B 2688 -27.19 -35.31 -37.14
CA LYS B 2688 -26.24 -36.34 -37.59
C LYS B 2688 -25.11 -35.69 -38.37
N GLY B 2689 -25.46 -34.73 -39.24
CA GLY B 2689 -24.45 -34.03 -40.05
C GLY B 2689 -23.40 -33.31 -39.22
N LEU B 2690 -23.83 -32.69 -38.11
CA LEU B 2690 -22.88 -31.98 -37.25
C LEU B 2690 -21.98 -32.98 -36.52
N LEU B 2691 -22.58 -34.04 -35.97
CA LEU B 2691 -21.82 -35.11 -35.33
C LEU B 2691 -20.95 -35.89 -36.33
N ASP B 2692 -21.29 -35.87 -37.62
CA ASP B 2692 -20.43 -36.48 -38.64
C ASP B 2692 -19.08 -35.76 -38.74
N VAL B 2693 -18.98 -34.52 -38.24
CA VAL B 2693 -17.76 -33.71 -38.35
C VAL B 2693 -17.11 -33.44 -37.00
N LEU B 2694 -17.91 -33.20 -35.94
CA LEU B 2694 -17.37 -32.79 -34.63
C LEU B 2694 -17.81 -33.75 -33.51
N PRO B 2695 -16.95 -34.00 -32.52
CA PRO B 2695 -17.32 -34.88 -31.39
C PRO B 2695 -18.28 -34.21 -30.42
N LYS B 2696 -19.13 -35.03 -29.78
CA LYS B 2696 -20.23 -34.53 -28.95
C LYS B 2696 -19.77 -33.57 -27.83
N ASN B 2697 -18.62 -33.86 -27.20
CA ASN B 2697 -18.13 -33.06 -26.07
C ASN B 2697 -18.10 -31.56 -26.39
N SER B 2698 -17.82 -31.20 -27.64
CA SER B 2698 -17.74 -29.79 -28.05
C SER B 2698 -19.07 -29.04 -27.89
N LEU B 2699 -20.21 -29.75 -27.83
CA LEU B 2699 -21.52 -29.13 -27.63
C LEU B 2699 -21.75 -28.72 -26.17
N GLU B 2700 -21.07 -29.38 -25.23
CA GLU B 2700 -21.44 -29.33 -23.82
C GLU B 2700 -21.23 -27.94 -23.20
N ASP B 2701 -20.30 -27.15 -23.73
CA ASP B 2701 -20.06 -25.80 -23.20
C ASP B 2701 -21.20 -24.82 -23.51
N LEU B 2702 -22.02 -25.09 -24.52
CA LEU B 2702 -22.76 -24.03 -25.22
C LEU B 2702 -24.26 -24.08 -24.98
N THR B 2703 -24.86 -22.89 -24.85
CA THR B 2703 -26.29 -22.71 -25.13
C THR B 2703 -26.41 -22.14 -26.56
N ALA B 2704 -27.65 -22.00 -27.02
CA ALA B 2704 -27.88 -21.53 -28.39
C ALA B 2704 -27.28 -20.14 -28.62
N GLU B 2705 -27.34 -19.27 -27.62
CA GLU B 2705 -26.77 -17.91 -27.73
C GLU B 2705 -25.25 -17.96 -28.01
N ASP B 2706 -24.56 -18.89 -27.35
CA ASP B 2706 -23.10 -19.03 -27.50
C ASP B 2706 -22.77 -19.59 -28.88
N PHE B 2707 -23.45 -20.67 -29.25
CA PHE B 2707 -23.39 -21.27 -30.58
C PHE B 2707 -23.63 -20.21 -31.67
N ARG B 2708 -24.55 -19.27 -31.43
CA ARG B 2708 -24.80 -18.16 -32.36
C ARG B 2708 -23.56 -17.29 -32.54
N LEU B 2709 -22.92 -16.91 -31.43
CA LEU B 2709 -21.73 -16.06 -31.52
C LEU B 2709 -20.56 -16.78 -32.22
N LEU B 2710 -20.47 -18.10 -32.08
CA LEU B 2710 -19.38 -18.86 -32.72
C LEU B 2710 -19.66 -19.16 -34.19
N VAL B 2711 -20.90 -19.56 -34.51
CA VAL B 2711 -21.30 -19.93 -35.87
C VAL B 2711 -21.44 -18.69 -36.74
N ASN B 2712 -22.27 -17.75 -36.31
CA ASN B 2712 -22.64 -16.60 -37.12
C ASN B 2712 -21.73 -15.41 -36.86
N GLY B 2713 -20.98 -15.43 -35.76
CA GLY B 2713 -20.28 -14.21 -35.35
C GLY B 2713 -21.26 -13.08 -35.04
N CYS B 2714 -20.75 -11.85 -35.06
CA CYS B 2714 -21.58 -10.65 -34.96
C CYS B 2714 -22.16 -10.33 -36.32
N GLY B 2715 -23.46 -10.56 -36.49
CA GLY B 2715 -24.12 -10.13 -37.72
C GLY B 2715 -24.21 -8.61 -37.83
N GLU B 2716 -24.50 -7.94 -36.70
CA GLU B 2716 -24.39 -6.48 -36.64
C GLU B 2716 -22.92 -6.06 -36.73
N VAL B 2717 -22.59 -5.33 -37.81
CA VAL B 2717 -21.24 -4.76 -37.95
C VAL B 2717 -21.13 -3.50 -37.08
N ASN B 2718 -20.72 -3.70 -35.84
CA ASN B 2718 -20.37 -2.60 -34.91
C ASN B 2718 -19.09 -1.93 -35.42
N VAL B 2719 -19.20 -0.65 -35.79
CA VAL B 2719 -18.08 0.05 -36.45
C VAL B 2719 -16.92 0.25 -35.49
N GLN B 2720 -17.22 0.53 -34.21
CA GLN B 2720 -16.19 0.66 -33.17
C GLN B 2720 -15.42 -0.66 -32.96
N MET B 2721 -16.15 -1.79 -32.99
CA MET B 2721 -15.51 -3.12 -32.96
C MET B 2721 -14.58 -3.34 -34.17
N LEU B 2722 -15.10 -3.07 -35.38
CA LEU B 2722 -14.28 -3.21 -36.59
C LEU B 2722 -13.05 -2.31 -36.53
N ILE B 2723 -13.22 -1.06 -36.07
CA ILE B 2723 -12.09 -0.14 -35.84
C ILE B 2723 -11.03 -0.81 -34.96
N SER B 2724 -11.45 -1.37 -33.81
CA SER B 2724 -10.48 -1.93 -32.86
C SER B 2724 -9.71 -3.13 -33.42
N PHE B 2725 -10.32 -3.91 -34.33
CA PHE B 2725 -9.58 -5.01 -34.96
C PHE B 2725 -8.80 -4.58 -36.22
N THR B 2726 -9.07 -3.40 -36.78
CA THR B 2726 -8.42 -2.95 -38.01
C THR B 2726 -7.05 -2.33 -37.76
N SER B 2727 -6.08 -2.70 -38.60
CA SER B 2727 -4.79 -2.00 -38.69
C SER B 2727 -4.70 -1.27 -40.05
N PHE B 2728 -4.06 -0.10 -40.06
CA PHE B 2728 -3.80 0.64 -41.31
C PHE B 2728 -2.32 0.60 -41.66
N ASN B 2729 -2.03 0.29 -42.93
CA ASN B 2729 -0.69 0.34 -43.50
C ASN B 2729 -0.66 1.42 -44.57
N ASP B 2730 0.47 2.12 -44.72
CA ASP B 2730 0.58 3.17 -45.72
C ASP B 2730 1.61 2.83 -46.81
N GLU B 2731 1.14 2.81 -48.06
CA GLU B 2731 2.00 2.75 -49.25
C GLU B 2731 1.99 4.05 -50.05
N SER B 2732 1.23 5.06 -49.59
CA SER B 2732 1.03 6.28 -50.38
C SER B 2732 2.18 7.29 -50.26
N GLY B 2733 2.95 7.27 -49.17
CA GLY B 2733 4.01 8.26 -48.95
C GLY B 2733 3.52 9.64 -48.51
N GLU B 2734 2.22 9.81 -48.27
CA GLU B 2734 1.65 11.09 -47.83
C GLU B 2734 1.71 11.26 -46.31
N ASN B 2735 1.60 12.52 -45.88
CA ASN B 2735 1.84 12.88 -44.48
C ASN B 2735 0.76 12.33 -43.52
N ALA B 2736 1.18 12.06 -42.28
CA ALA B 2736 0.31 11.50 -41.23
C ALA B 2736 -1.02 12.25 -41.06
N GLU B 2737 -1.05 13.59 -41.21
CA GLU B 2737 -2.34 14.30 -41.07
C GLU B 2737 -3.31 13.97 -42.20
N LYS B 2738 -2.85 13.98 -43.46
CA LYS B 2738 -3.73 13.54 -44.55
C LYS B 2738 -4.18 12.11 -44.33
N LEU B 2739 -3.25 11.25 -43.87
CA LEU B 2739 -3.61 9.86 -43.59
C LEU B 2739 -4.68 9.77 -42.49
N LEU B 2740 -4.53 10.56 -41.41
CA LEU B 2740 -5.51 10.54 -40.32
C LEU B 2740 -6.86 11.11 -40.77
N GLN B 2741 -6.85 12.18 -41.57
CA GLN B 2741 -8.07 12.72 -42.19
C GLN B 2741 -8.74 11.70 -43.12
N PHE B 2742 -7.95 10.96 -43.92
CA PHE B 2742 -8.50 9.91 -44.79
C PHE B 2742 -9.07 8.74 -43.97
N LYS B 2743 -8.36 8.35 -42.91
CA LYS B 2743 -8.88 7.32 -41.99
C LYS B 2743 -10.20 7.77 -41.35
N ARG B 2744 -10.28 9.04 -40.91
CA ARG B 2744 -11.54 9.62 -40.41
C ARG B 2744 -12.63 9.62 -41.49
N TRP B 2745 -12.29 10.03 -42.71
CA TRP B 2745 -13.24 9.98 -43.82
C TRP B 2745 -13.79 8.56 -44.01
N PHE B 2746 -12.89 7.57 -44.12
CA PHE B 2746 -13.31 6.19 -44.33
C PHE B 2746 -14.28 5.73 -43.25
N TRP B 2747 -13.90 5.91 -41.97
CA TRP B 2747 -14.79 5.46 -40.89
C TRP B 2747 -16.10 6.24 -40.84
N SER B 2748 -16.08 7.55 -41.15
CA SER B 2748 -17.33 8.32 -41.19
C SER B 2748 -18.24 7.86 -42.35
N ILE B 2749 -17.65 7.38 -43.45
CA ILE B 2749 -18.45 6.76 -44.53
C ILE B 2749 -19.04 5.43 -44.06
N VAL B 2750 -18.22 4.57 -43.44
CA VAL B 2750 -18.70 3.26 -42.95
C VAL B 2750 -19.75 3.43 -41.87
N GLU B 2751 -19.61 4.44 -41.01
CA GLU B 2751 -20.65 4.78 -40.03
C GLU B 2751 -21.97 5.11 -40.73
N LYS B 2752 -21.90 5.88 -41.84
CA LYS B 2752 -23.11 6.27 -42.59
C LYS B 2752 -23.64 5.18 -43.54
N MET B 2753 -22.86 4.13 -43.82
CA MET B 2753 -23.40 2.94 -44.50
C MET B 2753 -24.56 2.33 -43.72
N SER B 2754 -25.58 1.85 -44.44
CA SER B 2754 -26.60 0.98 -43.84
C SER B 2754 -25.96 -0.34 -43.41
N MET B 2755 -26.64 -1.07 -42.52
CA MET B 2755 -26.05 -2.32 -42.03
C MET B 2755 -25.75 -3.28 -43.17
N THR B 2756 -26.63 -3.32 -44.18
CA THR B 2756 -26.39 -4.10 -45.40
C THR B 2756 -25.08 -3.71 -46.09
N GLU B 2757 -24.88 -2.40 -46.28
CA GLU B 2757 -23.65 -1.93 -46.94
C GLU B 2757 -22.41 -2.22 -46.09
N ARG B 2758 -22.52 -2.15 -44.77
CA ARG B 2758 -21.41 -2.57 -43.91
C ARG B 2758 -21.13 -4.07 -44.09
N GLN B 2759 -22.19 -4.89 -44.11
CA GLN B 2759 -22.01 -6.33 -44.31
C GLN B 2759 -21.38 -6.62 -45.67
N ASP B 2760 -21.81 -5.90 -46.71
CA ASP B 2760 -21.17 -6.02 -48.02
C ASP B 2760 -19.71 -5.57 -47.95
N LEU B 2761 -19.41 -4.52 -47.19
CA LEU B 2761 -18.02 -4.08 -47.06
C LEU B 2761 -17.16 -5.18 -46.45
N VAL B 2762 -17.58 -5.75 -45.32
CA VAL B 2762 -16.79 -6.85 -44.73
C VAL B 2762 -16.75 -8.05 -45.68
N TYR B 2763 -17.87 -8.33 -46.38
CA TYR B 2763 -17.85 -9.43 -47.35
C TYR B 2763 -16.85 -9.17 -48.47
N PHE B 2764 -16.77 -7.92 -48.96
CA PHE B 2764 -15.80 -7.57 -50.00
C PHE B 2764 -14.37 -7.68 -49.47
N TRP B 2765 -14.16 -7.13 -48.27
CA TRP B 2765 -12.85 -7.04 -47.64
C TRP B 2765 -12.34 -8.41 -47.17
N THR B 2766 -13.23 -9.37 -46.88
CA THR B 2766 -12.84 -10.64 -46.22
C THR B 2766 -13.48 -11.90 -46.81
N SER B 2767 -14.43 -11.78 -47.73
CA SER B 2767 -15.29 -12.87 -48.20
C SER B 2767 -16.23 -13.42 -47.12
N SER B 2768 -16.48 -12.67 -46.03
CA SER B 2768 -17.59 -12.98 -45.10
C SER B 2768 -18.25 -11.69 -44.63
N PRO B 2769 -19.62 -11.65 -44.45
CA PRO B 2769 -20.30 -10.40 -44.04
C PRO B 2769 -20.28 -10.10 -42.54
N SER B 2770 -20.45 -11.12 -41.68
CA SER B 2770 -20.48 -10.91 -40.22
C SER B 2770 -19.09 -10.59 -39.66
N LEU B 2771 -19.03 -9.71 -38.65
CA LEU B 2771 -17.78 -9.57 -37.91
C LEU B 2771 -17.61 -10.81 -37.03
N PRO B 2772 -16.39 -11.30 -36.83
CA PRO B 2772 -16.17 -12.28 -35.74
C PRO B 2772 -16.45 -11.60 -34.41
N ALA B 2773 -16.95 -12.37 -33.43
CA ALA B 2773 -17.43 -11.76 -32.18
C ALA B 2773 -16.29 -11.41 -31.22
N SER B 2774 -15.03 -11.49 -31.66
CA SER B 2774 -13.88 -11.21 -30.81
C SER B 2774 -12.63 -11.07 -31.68
N GLU B 2775 -11.53 -10.63 -31.03
CA GLU B 2775 -10.20 -10.76 -31.61
C GLU B 2775 -9.88 -12.22 -31.97
N GLU B 2776 -10.15 -13.14 -31.04
CA GLU B 2776 -9.98 -14.57 -31.30
C GLU B 2776 -10.80 -15.06 -32.49
N GLY B 2777 -11.84 -14.32 -32.90
CA GLY B 2777 -12.63 -14.69 -34.07
C GLY B 2777 -11.92 -14.46 -35.41
N PHE B 2778 -10.84 -13.67 -35.44
CA PHE B 2778 -10.19 -13.28 -36.70
C PHE B 2778 -8.99 -14.17 -37.03
N GLN B 2779 -8.93 -14.63 -38.28
CA GLN B 2779 -7.84 -15.48 -38.78
C GLN B 2779 -7.69 -15.26 -40.30
N PRO B 2780 -6.80 -14.32 -40.74
CA PRO B 2780 -5.99 -13.35 -39.97
C PRO B 2780 -6.80 -12.08 -39.65
N MET B 2781 -6.12 -11.04 -39.13
CA MET B 2781 -6.78 -9.79 -38.75
C MET B 2781 -7.17 -8.93 -39.96
N PRO B 2782 -8.23 -8.12 -39.84
CA PRO B 2782 -8.59 -7.18 -40.93
C PRO B 2782 -7.59 -6.03 -40.97
N SER B 2783 -7.25 -5.60 -42.19
CA SER B 2783 -6.30 -4.50 -42.36
C SER B 2783 -6.61 -3.70 -43.62
N ILE B 2784 -6.19 -2.43 -43.63
CA ILE B 2784 -6.40 -1.51 -44.76
C ILE B 2784 -5.04 -0.97 -45.20
N THR B 2785 -4.71 -1.14 -46.48
CA THR B 2785 -3.51 -0.53 -47.08
C THR B 2785 -3.92 0.70 -47.90
N ILE B 2786 -3.36 1.86 -47.54
CA ILE B 2786 -3.59 3.09 -48.30
C ILE B 2786 -2.55 3.16 -49.43
N ARG B 2787 -3.02 3.07 -50.68
CA ARG B 2787 -2.17 3.14 -51.88
C ARG B 2787 -2.01 4.60 -52.35
N PRO B 2788 -1.01 4.90 -53.21
CA PRO B 2788 -0.79 6.31 -53.70
C PRO B 2788 -2.05 6.91 -54.33
N PRO B 2789 -2.14 8.25 -54.38
CA PRO B 2789 -3.39 8.91 -54.81
C PRO B 2789 -3.83 8.51 -56.21
N ASP B 2790 -5.08 8.02 -56.30
CA ASP B 2790 -5.67 7.70 -57.60
C ASP B 2790 -7.20 7.77 -57.48
N ASP B 2791 -7.82 8.66 -58.28
CA ASP B 2791 -9.28 8.80 -58.30
C ASP B 2791 -9.96 7.95 -59.37
N GLN B 2792 -9.21 7.29 -60.26
CA GLN B 2792 -9.80 6.39 -61.26
C GLN B 2792 -10.02 4.97 -60.70
N HIS B 2793 -8.98 4.40 -60.08
CA HIS B 2793 -8.98 3.01 -59.60
C HIS B 2793 -10.02 2.77 -58.49
N LEU B 2794 -10.55 1.52 -58.40
CA LEU B 2794 -11.43 1.09 -57.29
C LEU B 2794 -10.62 0.53 -56.10
N PRO B 2795 -11.23 0.44 -54.89
CA PRO B 2795 -10.60 -0.33 -53.79
C PRO B 2795 -10.70 -1.83 -54.07
N THR B 2796 -9.67 -2.59 -53.68
CA THR B 2796 -9.62 -4.04 -53.95
C THR B 2796 -9.15 -4.76 -52.70
N ALA B 2797 -9.74 -5.93 -52.40
CA ALA B 2797 -9.39 -6.63 -51.17
C ALA B 2797 -9.05 -8.10 -51.39
N ASN B 2798 -7.89 -8.52 -50.86
CA ASN B 2798 -7.47 -9.93 -50.88
C ASN B 2798 -8.18 -10.64 -49.73
N THR B 2799 -9.38 -11.19 -50.02
CA THR B 2799 -10.16 -11.89 -48.97
C THR B 2799 -9.46 -13.14 -48.45
N CYS B 2800 -8.56 -13.75 -49.24
CA CYS B 2800 -7.73 -14.85 -48.74
C CYS B 2800 -6.70 -14.40 -47.70
N ILE B 2801 -6.52 -13.09 -47.48
CA ILE B 2801 -5.85 -12.58 -46.27
C ILE B 2801 -6.69 -11.48 -45.61
N SER B 2802 -7.95 -11.36 -46.02
CA SER B 2802 -8.90 -10.35 -45.49
C SER B 2802 -8.33 -8.91 -45.42
N ARG B 2803 -7.52 -8.53 -46.41
CA ARG B 2803 -6.90 -7.20 -46.45
C ARG B 2803 -7.45 -6.36 -47.60
N LEU B 2804 -7.93 -5.15 -47.29
CA LEU B 2804 -8.38 -4.19 -48.30
C LEU B 2804 -7.24 -3.24 -48.67
N TYR B 2805 -7.20 -2.85 -49.95
CA TYR B 2805 -6.24 -1.86 -50.47
C TYR B 2805 -7.05 -0.73 -51.11
N VAL B 2806 -6.79 0.52 -50.68
CA VAL B 2806 -7.61 1.68 -51.08
C VAL B 2806 -6.71 2.77 -51.67
N PRO B 2807 -7.02 3.37 -52.84
CA PRO B 2807 -6.28 4.56 -53.28
C PRO B 2807 -6.52 5.73 -52.35
N LEU B 2808 -5.50 6.61 -52.21
CA LEU B 2808 -5.71 7.86 -51.47
C LEU B 2808 -6.52 8.85 -52.31
N TYR B 2809 -7.85 8.65 -52.31
CA TYR B 2809 -8.78 9.50 -53.08
C TYR B 2809 -8.72 10.96 -52.65
N SER B 2810 -8.89 11.87 -53.63
CA SER B 2810 -8.76 13.31 -53.36
C SER B 2810 -9.90 13.87 -52.51
N SER B 2811 -11.06 13.22 -52.47
CA SER B 2811 -12.18 13.71 -51.67
C SER B 2811 -12.99 12.56 -51.05
N LYS B 2812 -13.67 12.89 -49.95
CA LYS B 2812 -14.56 11.96 -49.26
C LYS B 2812 -15.68 11.47 -50.19
N GLN B 2813 -16.17 12.35 -51.08
CA GLN B 2813 -17.19 11.95 -52.06
C GLN B 2813 -16.68 10.83 -52.97
N ILE B 2814 -15.47 10.96 -53.51
CA ILE B 2814 -14.91 9.95 -54.41
C ILE B 2814 -14.65 8.65 -53.65
N LEU B 2815 -14.06 8.76 -52.46
CA LEU B 2815 -13.88 7.60 -51.59
C LEU B 2815 -15.21 6.86 -51.37
N LYS B 2816 -16.27 7.60 -51.02
CA LYS B 2816 -17.59 6.99 -50.81
C LYS B 2816 -18.12 6.34 -52.10
N GLN B 2817 -18.09 7.06 -53.22
CA GLN B 2817 -18.61 6.56 -54.49
C GLN B 2817 -17.87 5.30 -54.94
N LYS B 2818 -16.53 5.33 -54.90
CA LYS B 2818 -15.70 4.20 -55.33
C LYS B 2818 -15.85 3.00 -54.39
N LEU B 2819 -15.84 3.24 -53.07
CA LEU B 2819 -16.03 2.17 -52.11
C LEU B 2819 -17.39 1.50 -52.29
N LEU B 2820 -18.47 2.30 -52.29
CA LEU B 2820 -19.82 1.73 -52.43
C LEU B 2820 -19.99 1.02 -53.76
N LEU B 2821 -19.44 1.57 -54.86
CA LEU B 2821 -19.52 0.89 -56.15
C LEU B 2821 -18.80 -0.46 -56.10
N ALA B 2822 -17.62 -0.53 -55.46
CA ALA B 2822 -16.90 -1.79 -55.38
C ALA B 2822 -17.69 -2.85 -54.60
N ILE B 2823 -18.09 -2.52 -53.35
CA ILE B 2823 -18.79 -3.52 -52.52
C ILE B 2823 -20.16 -3.90 -53.09
N LYS B 2824 -20.80 -3.01 -53.87
CA LYS B 2824 -22.07 -3.33 -54.54
C LYS B 2824 -21.90 -3.99 -55.91
N THR B 2825 -20.67 -4.11 -56.42
CA THR B 2825 -20.39 -4.97 -57.58
C THR B 2825 -20.26 -6.41 -57.08
N LYS B 2826 -21.41 -6.98 -56.68
CA LYS B 2826 -21.46 -8.21 -55.86
C LYS B 2826 -20.86 -9.48 -56.50
N ASN B 2827 -20.38 -9.38 -57.74
CA ASN B 2827 -19.86 -10.51 -58.51
C ASN B 2827 -18.42 -10.88 -58.08
N PHE B 2828 -18.10 -10.77 -56.78
CA PHE B 2828 -16.69 -10.71 -56.35
C PHE B 2828 -15.82 -11.85 -56.90
N GLY B 2829 -14.69 -11.49 -57.50
CA GLY B 2829 -13.66 -12.48 -57.87
C GLY B 2829 -12.91 -12.95 -56.62
N PHE B 2830 -12.58 -14.25 -56.59
CA PHE B 2830 -12.19 -14.91 -55.32
C PHE B 2830 -10.74 -14.68 -54.88
N VAL B 2831 -10.26 -13.43 -54.92
CA VAL B 2831 -8.96 -13.03 -54.31
C VAL B 2831 -9.14 -12.70 -52.83
ZN ZN C . -27.55 46.88 -12.74
ZN ZN D . -31.56 47.01 -14.45
ZN ZN E . -33.09 40.82 -20.78
ZN ZN F . 38.62 -40.23 -1.76
ZN ZN G . 41.53 -41.00 1.38
ZN ZN H . 45.06 -33.59 5.05
#